data_7SPK
#
_entry.id   7SPK
#
loop_
_entity.id
_entity.type
_entity.pdbx_description
1 polymer TraV
2 polymer TraB
#
loop_
_entity_poly.entity_id
_entity_poly.type
_entity_poly.pdbx_seq_one_letter_code
_entity_poly.pdbx_strand_id
1 'polypeptide(L)'
;MKKITLLLAGSALLLSGCAGVKSSFDCDATTSDTCMTMTKANQLARDKAAKQAGKPAAGGLPSLVNLPATSAVEVPSASR
SAVTPPSGTRTVSTTPPVSAGTSAGVNTNTTTSTLTPRPVAGTPVTTTPSSVAYRPVVSVVTPTPSCQNVRCDNPGTVHP
QRSRDQIATVWIAPWVDSDNAFHQPGRVSFVVSPADWVLPARVN
;
AB1,AB2,AB3,AB4,AB5,AB6,AB7,AB8,AB9,AB10,AB11,AB12,AB13,AB14,AB15,AB16
2 'polypeptide(L)'
;MANVNKVVRRRQVALLIALVLGIGAGGAGTWMVSEMNLKKAPPAKAPKGEPAPDMTGVVNQSFDNKVQRSAIAEAQRLNK
ETQTEIKKLRTEMGLVSRDLKGSQDRIRELEDQNQLLQTQLEAGKNFDSLSAEPLPGALASQGKPAPAGNVPPPTSFWPA
GGGQAPAAPVMTPIQRPGMMDSQEFSLPDTGPKKPRFPWISSGSFVEAIVVEGADANASVTGDKNTAPMQLRLTGKVQMP
NDEEFDLTGCFVTLEAWGDVSSERAIVRSRSISCKLGDDDIDQKIAGHVSFMGKNGIKGEVVMRNGQILLYAGGAGFLDG
IGKGIEKASSTTVGVGATASMSAADIGQAGLGGGVSSAAKTLSDYYIKRAEQYHPVIPIGAGNEVTLVFQDGFQLETLEE
ARAKAAARKKQNQPSASSTPAAMPGNTPDMLKQLQDFRVGDTVDPATGQVVTQ
;
EF1,EF2,EF3,EF4,EF5,EF6,EF7,EF8,EF9,EF10,EF11,EF12,EF13,EF14,EF15,EF16
#
# COMPACT_ATOMS: atom_id res chain seq x y z
N CYS A 18 -45.22 -0.11 19.38
CA CYS A 18 -46.43 0.22 18.63
C CYS A 18 -46.02 1.16 17.50
N ALA A 19 -46.94 1.36 16.56
CA ALA A 19 -46.74 2.28 15.45
C ALA A 19 -47.35 3.62 15.81
N GLY A 20 -46.59 4.69 15.57
CA GLY A 20 -47.07 6.03 15.94
C GLY A 20 -48.35 6.41 15.21
N VAL A 21 -48.39 6.19 13.90
CA VAL A 21 -49.58 6.47 13.12
C VAL A 21 -50.50 5.26 13.24
N LYS A 22 -51.76 5.41 12.82
CA LYS A 22 -52.73 4.33 12.96
C LYS A 22 -52.27 3.08 12.22
N SER A 23 -52.56 1.92 12.81
CA SER A 23 -52.10 0.65 12.27
C SER A 23 -53.20 -0.20 11.65
N SER A 24 -54.39 0.35 11.45
CA SER A 24 -55.51 -0.40 10.91
C SER A 24 -55.99 0.23 9.62
N PHE A 25 -56.57 -0.60 8.76
CA PHE A 25 -57.23 -0.13 7.56
C PHE A 25 -58.72 0.11 7.82
N ASP A 26 -59.43 0.48 6.77
CA ASP A 26 -60.86 0.78 6.85
C ASP A 26 -61.73 -0.13 6.01
N CYS A 27 -61.19 -0.69 4.92
CA CYS A 27 -61.97 -1.59 4.08
C CYS A 27 -62.37 -2.85 4.85
N ASP A 28 -61.40 -3.46 5.55
CA ASP A 28 -61.64 -4.63 6.40
C ASP A 28 -62.26 -5.79 5.63
N ALA A 29 -62.13 -5.81 4.31
CA ALA A 29 -62.63 -6.90 3.48
C ALA A 29 -61.47 -7.52 2.72
N THR A 30 -61.44 -8.84 2.67
CA THR A 30 -60.34 -9.57 2.05
C THR A 30 -60.87 -10.77 1.28
N THR A 31 -59.97 -11.44 0.58
CA THR A 31 -60.32 -12.61 -0.21
C THR A 31 -60.39 -13.85 0.68
N SER A 32 -61.19 -14.82 0.24
CA SER A 32 -61.41 -16.06 0.98
C SER A 32 -60.96 -17.22 0.10
N ASP A 33 -59.84 -17.84 0.45
CA ASP A 33 -59.35 -19.04 -0.24
C ASP A 33 -60.10 -20.24 0.32
N THR A 34 -61.14 -20.68 -0.41
CA THR A 34 -62.04 -21.72 0.06
C THR A 34 -61.65 -23.10 -0.48
N CYS A 35 -60.35 -23.31 -0.71
CA CYS A 35 -59.81 -24.58 -1.21
C CYS A 35 -60.66 -25.19 -2.32
N MET A 36 -60.98 -24.34 -3.30
CA MET A 36 -61.90 -24.70 -4.36
C MET A 36 -61.14 -24.98 -5.64
N THR A 37 -61.40 -26.15 -6.23
CA THR A 37 -60.62 -26.63 -7.37
C THR A 37 -60.82 -25.74 -8.59
N MET A 38 -59.71 -25.37 -9.22
CA MET A 38 -59.75 -24.42 -10.33
C MET A 38 -60.57 -24.94 -11.50
N THR A 39 -60.74 -26.26 -11.58
CA THR A 39 -61.63 -26.83 -12.59
C THR A 39 -63.06 -26.34 -12.38
N LYS A 40 -63.53 -26.34 -11.14
CA LYS A 40 -64.85 -25.80 -10.85
C LYS A 40 -64.87 -24.28 -10.97
N ALA A 41 -63.72 -23.64 -10.82
CA ALA A 41 -63.64 -22.19 -10.96
C ALA A 41 -64.04 -21.75 -12.36
N ASN A 42 -63.57 -22.48 -13.38
CA ASN A 42 -63.98 -22.19 -14.75
C ASN A 42 -65.49 -22.40 -14.90
N GLN A 43 -66.01 -23.48 -14.33
CA GLN A 43 -67.45 -23.72 -14.38
C GLN A 43 -68.22 -22.64 -13.62
N LEU A 44 -67.68 -22.21 -12.47
CA LEU A 44 -68.35 -21.18 -11.68
C LEU A 44 -68.45 -19.87 -12.45
N ALA A 45 -67.38 -19.50 -13.16
CA ALA A 45 -67.42 -18.27 -13.95
C ALA A 45 -68.30 -18.43 -15.18
N ARG A 46 -68.44 -19.64 -15.69
CA ARG A 46 -69.21 -19.85 -16.92
C ARG A 46 -70.67 -19.50 -16.73
N ASP A 47 -71.31 -20.06 -15.69
CA ASP A 47 -72.74 -19.84 -15.51
C ASP A 47 -73.05 -18.43 -15.00
N LYS A 48 -72.17 -17.88 -14.17
CA LYS A 48 -72.39 -16.53 -13.65
C LYS A 48 -72.41 -15.50 -14.77
N ALA A 49 -71.50 -15.65 -15.74
CA ALA A 49 -71.41 -14.70 -16.84
C ALA A 49 -72.72 -14.63 -17.61
N ALA A 50 -73.31 -15.79 -17.91
CA ALA A 50 -74.61 -15.79 -18.57
C ALA A 50 -75.70 -15.21 -17.69
N LYS A 51 -75.66 -15.50 -16.39
CA LYS A 51 -76.68 -15.03 -15.46
C LYS A 51 -76.60 -13.52 -15.24
N GLN A 52 -75.40 -12.99 -15.00
CA GLN A 52 -75.26 -11.56 -14.79
C GLN A 52 -75.63 -10.78 -16.06
N ALA A 53 -75.27 -11.33 -17.22
CA ALA A 53 -75.68 -10.72 -18.48
C ALA A 53 -77.19 -10.83 -18.65
N GLY A 54 -77.72 -12.06 -18.65
CA GLY A 54 -79.14 -12.27 -18.78
C GLY A 54 -79.72 -11.72 -20.06
N CYS B 18 -42.59 -16.46 18.33
CA CYS B 18 -43.79 -16.64 17.53
C CYS B 18 -43.72 -15.66 16.37
N ALA B 19 -44.61 -15.86 15.39
CA ALA B 19 -44.73 -14.98 14.24
C ALA B 19 -45.82 -13.96 14.52
N GLY B 20 -45.51 -12.69 14.23
CA GLY B 20 -46.47 -11.63 14.52
C GLY B 20 -47.77 -11.79 13.75
N VAL B 21 -47.68 -12.07 12.45
CA VAL B 21 -48.85 -12.29 11.62
C VAL B 21 -49.24 -13.76 11.78
N LYS B 22 -50.45 -14.12 11.32
CA LYS B 22 -50.95 -15.47 11.50
C LYS B 22 -50.01 -16.48 10.84
N SER B 23 -49.87 -17.65 11.48
CA SER B 23 -48.93 -18.67 11.04
C SER B 23 -49.60 -19.89 10.44
N SER B 24 -50.91 -19.84 10.18
CA SER B 24 -51.64 -20.99 9.66
C SER B 24 -52.27 -20.64 8.32
N PHE B 25 -52.46 -21.66 7.49
CA PHE B 25 -53.20 -21.52 6.24
C PHE B 25 -54.66 -21.86 6.47
N ASP B 26 -55.44 -21.83 5.38
CA ASP B 26 -56.87 -22.10 5.42
C ASP B 26 -57.28 -23.31 4.60
N CYS B 27 -56.54 -23.65 3.55
CA CYS B 27 -56.87 -24.82 2.75
C CYS B 27 -56.80 -26.10 3.57
N ASP B 28 -55.70 -26.27 4.32
CA ASP B 28 -55.52 -27.41 5.23
C ASP B 28 -55.62 -28.76 4.52
N ALA B 29 -55.44 -28.77 3.21
CA ALA B 29 -55.45 -30.00 2.42
C ALA B 29 -54.12 -30.16 1.72
N THR B 30 -53.59 -31.38 1.74
CA THR B 30 -52.27 -31.66 1.20
C THR B 30 -52.28 -33.00 0.47
N THR B 31 -51.16 -33.31 -0.16
CA THR B 31 -51.01 -34.55 -0.89
C THR B 31 -50.64 -35.69 0.05
N SER B 32 -50.99 -36.91 -0.34
CA SER B 32 -50.76 -38.11 0.45
C SER B 32 -49.87 -39.05 -0.35
N ASP B 33 -48.61 -39.17 0.06
CA ASP B 33 -47.68 -40.13 -0.55
C ASP B 33 -47.94 -41.51 0.04
N THR B 34 -48.71 -42.33 -0.67
CA THR B 34 -49.16 -43.62 -0.17
C THR B 34 -48.25 -44.76 -0.64
N CYS B 35 -46.97 -44.48 -0.83
CA CYS B 35 -45.95 -45.46 -1.23
C CYS B 35 -46.48 -46.39 -2.32
N MET B 36 -47.05 -45.79 -3.36
CA MET B 36 -47.73 -46.51 -4.42
C MET B 36 -46.85 -46.53 -5.68
N THR B 37 -46.64 -47.73 -6.21
CA THR B 37 -45.68 -47.93 -7.29
C THR B 37 -46.16 -47.24 -8.57
N MET B 38 -45.23 -46.49 -9.19
CA MET B 38 -45.59 -45.67 -10.35
C MET B 38 -46.11 -46.52 -11.50
N THR B 39 -45.76 -47.81 -11.53
CA THR B 39 -46.32 -48.71 -12.52
C THR B 39 -47.84 -48.80 -12.38
N LYS B 40 -48.33 -48.92 -11.13
CA LYS B 40 -49.77 -48.91 -10.91
C LYS B 40 -50.35 -47.52 -11.12
N ALA B 41 -49.53 -46.48 -10.97
CA ALA B 41 -50.01 -45.12 -11.19
C ALA B 41 -50.48 -44.92 -12.63
N ASN B 42 -49.73 -45.46 -13.59
CA ASN B 42 -50.17 -45.41 -14.98
C ASN B 42 -51.47 -46.17 -15.16
N GLN B 43 -51.57 -47.35 -14.54
CA GLN B 43 -52.82 -48.12 -14.61
C GLN B 43 -53.95 -47.39 -13.93
N LEU B 44 -53.67 -46.74 -12.80
CA LEU B 44 -54.71 -46.02 -12.08
C LEU B 44 -55.27 -44.86 -12.91
N ALA B 45 -54.40 -44.14 -13.61
CA ALA B 45 -54.86 -43.06 -14.46
C ALA B 45 -55.57 -43.58 -15.71
N ARG B 46 -55.22 -44.78 -16.16
CA ARG B 46 -55.80 -45.33 -17.38
C ARG B 46 -57.30 -45.54 -17.25
N ASP B 47 -57.71 -46.26 -16.21
CA ASP B 47 -59.13 -46.59 -16.06
C ASP B 47 -59.96 -45.38 -15.64
N LYS B 48 -59.39 -44.50 -14.81
CA LYS B 48 -60.13 -43.32 -14.37
C LYS B 48 -60.48 -42.42 -15.55
N ALA B 49 -59.55 -42.26 -16.49
CA ALA B 49 -59.79 -41.39 -17.63
C ALA B 49 -60.99 -41.86 -18.44
N ALA B 50 -61.09 -43.17 -18.69
CA ALA B 50 -62.25 -43.69 -19.38
C ALA B 50 -63.52 -43.53 -18.55
N LYS B 51 -63.43 -43.72 -17.24
CA LYS B 51 -64.59 -43.64 -16.36
C LYS B 51 -65.10 -42.21 -16.22
N GLN B 52 -64.20 -41.26 -15.98
CA GLN B 52 -64.62 -39.86 -15.85
C GLN B 52 -65.19 -39.34 -17.16
N ALA B 53 -64.62 -39.76 -18.28
CA ALA B 53 -65.17 -39.40 -19.59
C ALA B 53 -66.52 -40.09 -19.79
N GLY B 54 -66.54 -41.41 -19.73
CA GLY B 54 -67.77 -42.16 -19.88
C GLY B 54 -68.47 -41.93 -21.20
N CYS C 18 -33.94 -30.61 18.26
CA CYS C 18 -34.95 -31.27 17.43
C CYS C 18 -35.20 -30.38 16.21
N ALA C 19 -35.91 -30.94 15.24
CA ALA C 19 -36.30 -30.22 14.05
C ALA C 19 -37.71 -29.68 14.23
N GLY C 20 -37.89 -28.41 13.89
CA GLY C 20 -39.19 -27.78 14.09
C GLY C 20 -40.30 -28.44 13.31
N VAL C 21 -40.05 -28.72 12.03
CA VAL C 21 -41.03 -29.41 11.18
C VAL C 21 -40.84 -30.90 11.41
N LYS C 22 -41.80 -31.71 10.95
CA LYS C 22 -41.76 -33.15 11.19
C LYS C 22 -40.48 -33.75 10.61
N SER C 23 -39.94 -34.74 11.32
CA SER C 23 -38.67 -35.36 10.94
C SER C 23 -38.80 -36.77 10.39
N SER C 24 -40.02 -37.22 10.10
CA SER C 24 -40.23 -38.59 9.63
C SER C 24 -40.89 -38.55 8.26
N PHE C 25 -40.65 -39.61 7.49
CA PHE C 25 -41.34 -39.81 6.22
C PHE C 25 -42.58 -40.66 6.43
N ASP C 26 -43.26 -40.97 5.31
CA ASP C 26 -44.48 -41.76 5.34
C ASP C 26 -44.38 -43.07 4.58
N CYS C 27 -43.51 -43.15 3.57
CA CYS C 27 -43.35 -44.40 2.83
C CYS C 27 -42.83 -45.51 3.72
N ASP C 28 -41.79 -45.23 4.50
CA ASP C 28 -41.23 -46.17 5.47
C ASP C 28 -40.78 -47.49 4.83
N ALA C 29 -40.55 -47.48 3.52
CA ALA C 29 -40.08 -48.65 2.80
C ALA C 29 -38.74 -48.32 2.14
N THR C 30 -37.79 -49.26 2.24
CA THR C 30 -36.44 -49.03 1.74
C THR C 30 -35.93 -50.31 1.10
N THR C 31 -34.74 -50.19 0.50
CA THR C 31 -34.10 -51.31 -0.16
C THR C 31 -33.37 -52.18 0.85
N SER C 32 -33.23 -53.47 0.51
CA SER C 32 -32.58 -54.45 1.37
C SER C 32 -31.37 -55.02 0.65
N ASP C 33 -30.18 -54.65 1.09
CA ASP C 33 -28.93 -55.20 0.55
C ASP C 33 -28.68 -56.55 1.22
N THR C 34 -29.05 -57.63 0.53
CA THR C 34 -29.01 -58.97 1.09
C THR C 34 -27.71 -59.70 0.70
N CYS C 35 -26.62 -58.95 0.53
CA CYS C 35 -25.30 -59.50 0.20
C CYS C 35 -25.39 -60.60 -0.85
N MET C 36 -26.10 -60.30 -1.93
CA MET C 36 -26.41 -61.27 -2.97
C MET C 36 -25.54 -61.01 -4.20
N THR C 37 -24.87 -62.05 -4.66
CA THR C 37 -23.87 -61.92 -5.71
C THR C 37 -24.51 -61.52 -7.03
N MET C 38 -23.92 -60.51 -7.68
CA MET C 38 -24.50 -59.93 -8.89
C MET C 38 -24.62 -60.96 -10.00
N THR C 39 -23.81 -62.02 -9.95
CA THR C 39 -23.95 -63.10 -10.91
C THR C 39 -25.32 -63.75 -10.79
N LYS C 40 -25.79 -64.00 -9.57
CA LYS C 40 -27.13 -64.53 -9.37
C LYS C 40 -28.18 -63.47 -9.66
N ALA C 41 -27.82 -62.19 -9.56
CA ALA C 41 -28.77 -61.12 -9.85
C ALA C 41 -29.21 -61.18 -11.31
N ASN C 42 -28.28 -61.43 -12.23
CA ASN C 42 -28.66 -61.61 -13.63
C ASN C 42 -29.56 -62.82 -13.79
N GLN C 43 -29.23 -63.92 -13.12
CA GLN C 43 -30.09 -65.10 -13.17
C GLN C 43 -31.45 -64.83 -12.55
N LEU C 44 -31.48 -64.08 -11.45
CA LEU C 44 -32.75 -63.77 -10.80
C LEU C 44 -33.66 -62.95 -11.71
N ALA C 45 -33.09 -61.98 -12.43
CA ALA C 45 -33.90 -61.19 -13.34
C ALA C 45 -34.30 -61.99 -14.57
N ARG C 46 -33.50 -62.99 -14.95
CA ARG C 46 -33.79 -63.76 -16.16
C ARG C 46 -35.10 -64.53 -16.04
N ASP C 47 -35.26 -65.31 -14.97
CA ASP C 47 -36.44 -66.14 -14.85
C ASP C 47 -37.69 -65.33 -14.50
N LYS C 48 -37.53 -64.26 -13.72
CA LYS C 48 -38.67 -63.43 -13.35
C LYS C 48 -39.29 -62.78 -14.59
N ALA C 49 -38.45 -62.31 -15.51
CA ALA C 49 -38.96 -61.64 -16.71
C ALA C 49 -39.86 -62.57 -17.52
N ALA C 50 -39.45 -63.83 -17.69
CA ALA C 50 -40.30 -64.78 -18.38
C ALA C 50 -41.56 -65.08 -17.60
N LYS C 51 -41.46 -65.17 -16.27
CA LYS C 51 -42.60 -65.50 -15.43
C LYS C 51 -43.62 -64.36 -15.37
N GLN C 52 -43.16 -63.13 -15.16
CA GLN C 52 -44.08 -62.00 -15.11
C GLN C 52 -44.75 -61.78 -16.46
N ALA C 53 -44.01 -62.00 -17.55
CA ALA C 53 -44.61 -61.93 -18.89
C ALA C 53 -45.59 -63.08 -19.09
N GLY C 54 -45.10 -64.32 -18.95
CA GLY C 54 -45.96 -65.48 -19.08
C GLY C 54 -46.63 -65.57 -20.44
N CYS D 18 -20.61 -40.44 19.10
CA CYS D 18 -21.26 -41.47 18.30
C CYS D 18 -21.78 -40.80 17.03
N ALA D 19 -22.18 -41.63 16.07
CA ALA D 19 -22.77 -41.16 14.82
C ALA D 19 -24.28 -41.18 14.95
N GLY D 20 -24.93 -40.08 14.54
CA GLY D 20 -26.37 -39.98 14.68
C GLY D 20 -27.11 -41.06 13.90
N VAL D 21 -26.72 -41.27 12.65
CA VAL D 21 -27.33 -42.31 11.83
C VAL D 21 -26.60 -43.62 12.14
N LYS D 22 -27.16 -44.75 11.70
CA LYS D 22 -26.59 -46.04 12.02
C LYS D 22 -25.16 -46.14 11.50
N SER D 23 -24.31 -46.82 12.26
CA SER D 23 -22.89 -46.93 11.95
C SER D 23 -22.46 -48.30 11.48
N SER D 24 -23.39 -49.21 11.19
CA SER D 24 -23.06 -50.56 10.79
C SER D 24 -23.63 -50.84 9.41
N PHE D 25 -22.97 -51.75 8.69
CA PHE D 25 -23.48 -52.24 7.43
C PHE D 25 -24.31 -53.50 7.64
N ASP D 26 -24.77 -54.10 6.54
CA ASP D 26 -25.61 -55.28 6.58
C ASP D 26 -24.99 -56.49 5.90
N CYS D 27 -24.12 -56.27 4.91
CA CYS D 27 -23.47 -57.39 4.23
C CYS D 27 -22.60 -58.19 5.20
N ASP D 28 -21.77 -57.49 5.98
CA ASP D 28 -20.94 -58.11 7.02
C ASP D 28 -20.00 -59.18 6.46
N ALA D 29 -19.74 -59.15 5.16
CA ALA D 29 -18.82 -60.08 4.52
C ALA D 29 -17.68 -59.30 3.87
N THR D 30 -16.46 -59.79 4.04
CA THR D 30 -15.28 -59.10 3.56
C THR D 30 -14.28 -60.11 2.99
N THR D 31 -13.21 -59.57 2.41
CA THR D 31 -12.17 -60.40 1.83
C THR D 31 -11.19 -60.88 2.91
N SER D 32 -10.57 -62.02 2.64
CA SER D 32 -9.63 -62.65 3.57
C SER D 32 -8.27 -62.75 2.90
N ASP D 33 -7.33 -61.92 3.35
CA ASP D 33 -5.95 -61.99 2.87
C ASP D 33 -5.23 -63.11 3.61
N THR D 34 -5.14 -64.28 2.97
CA THR D 34 -4.61 -65.48 3.60
C THR D 34 -3.13 -65.68 3.29
N CYS D 35 -2.38 -64.59 3.10
CA CYS D 35 -0.95 -64.60 2.83
C CYS D 35 -0.56 -65.69 1.84
N MET D 36 -1.30 -65.73 0.73
CA MET D 36 -1.17 -66.78 -0.26
C MET D 36 -0.42 -66.27 -1.49
N THR D 37 0.62 -66.99 -1.88
CA THR D 37 1.54 -66.54 -2.91
C THR D 37 0.85 -66.46 -4.26
N MET D 38 1.04 -65.32 -4.95
CA MET D 38 0.32 -65.07 -6.20
C MET D 38 0.66 -66.11 -7.26
N THR D 39 1.81 -66.77 -7.13
CA THR D 39 2.12 -67.87 -8.03
C THR D 39 1.09 -68.99 -7.91
N LYS D 40 0.71 -69.34 -6.69
CA LYS D 40 -0.34 -70.33 -6.50
C LYS D 40 -1.70 -69.77 -6.86
N ALA D 41 -1.85 -68.44 -6.82
CA ALA D 41 -3.13 -67.84 -7.19
C ALA D 41 -3.45 -68.12 -8.65
N ASN D 42 -2.46 -68.02 -9.53
CA ASN D 42 -2.68 -68.39 -10.94
C ASN D 42 -3.05 -69.86 -11.06
N GLN D 43 -2.37 -70.73 -10.31
CA GLN D 43 -2.70 -72.15 -10.32
C GLN D 43 -4.09 -72.39 -9.75
N LEU D 44 -4.45 -71.66 -8.69
CA LEU D 44 -5.76 -71.83 -8.08
C LEU D 44 -6.88 -71.45 -9.05
N ALA D 45 -6.70 -70.38 -9.81
CA ALA D 45 -7.70 -69.99 -10.79
C ALA D 45 -7.72 -70.93 -11.99
N ARG D 46 -6.58 -71.58 -12.29
CA ARG D 46 -6.51 -72.44 -13.46
C ARG D 46 -7.43 -73.64 -13.33
N ASP D 47 -7.33 -74.38 -12.23
CA ASP D 47 -8.12 -75.60 -12.09
C ASP D 47 -9.59 -75.30 -11.81
N LYS D 48 -9.88 -74.22 -11.08
CA LYS D 48 -11.26 -73.87 -10.79
C LYS D 48 -12.04 -73.56 -12.06
N ALA D 49 -11.40 -72.85 -12.99
CA ALA D 49 -12.07 -72.47 -14.24
C ALA D 49 -12.52 -73.70 -15.02
N ALA D 50 -11.65 -74.71 -15.12
CA ALA D 50 -12.05 -75.95 -15.78
C ALA D 50 -13.14 -76.67 -14.99
N LYS D 51 -13.06 -76.66 -13.67
CA LYS D 51 -14.04 -77.36 -12.83
C LYS D 51 -15.41 -76.69 -12.86
N GLN D 52 -15.45 -75.37 -12.72
CA GLN D 52 -16.74 -74.67 -12.75
C GLN D 52 -17.38 -74.79 -14.11
N ALA D 53 -16.57 -74.75 -15.18
CA ALA D 53 -17.09 -74.98 -16.52
C ALA D 53 -17.55 -76.41 -16.68
N GLY D 54 -16.65 -77.36 -16.47
CA GLY D 54 -16.99 -78.77 -16.56
C GLY D 54 -17.52 -79.17 -17.92
N CYS E 18 -4.59 -44.37 20.75
CA CYS E 18 -4.77 -45.61 20.00
C CYS E 18 -5.44 -45.24 18.68
N ALA E 19 -5.47 -46.19 17.76
CA ALA E 19 -6.13 -46.04 16.47
C ALA E 19 -7.53 -46.62 16.57
N GLY E 20 -8.52 -45.87 16.08
CA GLY E 20 -9.90 -46.32 16.19
C GLY E 20 -10.16 -47.62 15.46
N VAL E 21 -9.66 -47.72 14.22
CA VAL E 21 -9.79 -48.95 13.44
C VAL E 21 -8.65 -49.87 13.84
N LYS E 22 -8.72 -51.14 13.45
CA LYS E 22 -7.71 -52.11 13.85
C LYS E 22 -6.33 -51.69 13.37
N SER E 23 -5.33 -51.97 14.19
CA SER E 23 -3.96 -51.54 13.91
C SER E 23 -3.02 -52.66 13.52
N SER E 24 -3.53 -53.86 13.26
CA SER E 24 -2.70 -55.01 12.94
C SER E 24 -3.06 -55.54 11.56
N PHE E 25 -2.09 -56.16 10.92
CA PHE E 25 -2.31 -56.86 9.67
C PHE E 25 -2.63 -58.34 9.94
N ASP E 26 -2.78 -59.10 8.86
CA ASP E 26 -3.11 -60.51 8.93
C ASP E 26 -2.05 -61.42 8.33
N CYS E 27 -1.28 -60.93 7.36
CA CYS E 27 -0.24 -61.75 6.76
C CYS E 27 0.83 -62.13 7.78
N ASP E 28 1.30 -61.14 8.55
CA ASP E 28 2.26 -61.35 9.64
C ASP E 28 3.56 -62.00 9.16
N ALA E 29 3.84 -61.93 7.87
CA ALA E 29 5.07 -62.47 7.30
C ALA E 29 5.85 -61.35 6.63
N THR E 30 7.16 -61.34 6.86
CA THR E 30 8.02 -60.27 6.37
C THR E 30 9.33 -60.84 5.88
N THR E 31 10.15 -59.97 5.30
CA THR E 31 11.46 -60.36 4.78
C THR E 31 12.49 -60.40 5.90
N SER E 32 13.51 -61.23 5.71
CA SER E 32 14.58 -61.41 6.70
C SER E 32 15.90 -61.02 6.06
N ASP E 33 16.45 -59.89 6.49
CA ASP E 33 17.77 -59.44 6.05
C ASP E 33 18.82 -60.18 6.86
N THR E 34 19.37 -61.25 6.29
CA THR E 34 20.29 -62.13 6.99
C THR E 34 21.75 -61.77 6.72
N CYS E 35 22.03 -60.49 6.49
CA CYS E 35 23.38 -59.96 6.26
C CYS E 35 24.19 -60.88 5.33
N MET E 36 23.57 -61.23 4.22
CA MET E 36 24.13 -62.20 3.28
C MET E 36 24.67 -61.49 2.05
N THR E 37 25.93 -61.79 1.72
CA THR E 37 26.65 -61.06 0.69
C THR E 37 26.04 -61.30 -0.68
N MET E 38 25.81 -60.21 -1.42
CA MET E 38 25.10 -60.29 -2.69
C MET E 38 25.85 -61.17 -3.69
N THR E 39 27.16 -61.35 -3.50
CA THR E 39 27.90 -62.29 -4.34
C THR E 39 27.37 -63.70 -4.18
N LYS E 40 27.09 -64.12 -2.94
CA LYS E 40 26.49 -65.43 -2.72
C LYS E 40 25.03 -65.44 -3.16
N ALA E 41 24.39 -64.26 -3.18
CA ALA E 41 23.00 -64.19 -3.62
C ALA E 41 22.86 -64.65 -5.07
N ASN E 42 23.78 -64.22 -5.93
CA ASN E 42 23.77 -64.69 -7.31
C ASN E 42 23.99 -66.20 -7.37
N GLN E 43 24.92 -66.71 -6.56
CA GLN E 43 25.14 -68.16 -6.50
C GLN E 43 23.92 -68.88 -5.95
N LEU E 44 23.28 -68.30 -4.93
CA LEU E 44 22.09 -68.92 -4.36
C LEU E 44 20.97 -69.04 -5.37
N ALA E 45 20.76 -68.00 -6.18
CA ALA E 45 19.72 -68.07 -7.20
C ALA E 45 20.11 -69.00 -8.34
N ARG E 46 21.41 -69.17 -8.58
CA ARG E 46 21.86 -69.99 -9.71
C ARG E 46 21.45 -71.45 -9.54
N ASP E 47 21.77 -72.04 -8.38
CA ASP E 47 21.49 -73.46 -8.19
C ASP E 47 20.01 -73.73 -7.98
N LYS E 48 19.31 -72.82 -7.31
CA LYS E 48 17.88 -73.01 -7.07
C LYS E 48 17.10 -73.06 -8.38
N ALA E 49 17.46 -72.20 -9.33
CA ALA E 49 16.76 -72.16 -10.61
C ALA E 49 16.84 -73.49 -11.33
N ALA E 50 18.01 -74.11 -11.35
CA ALA E 50 18.15 -75.43 -11.95
C ALA E 50 17.38 -76.48 -11.16
N LYS E 51 17.39 -76.38 -9.84
CA LYS E 51 16.72 -77.37 -8.98
C LYS E 51 15.20 -77.26 -9.08
N GLN E 52 14.65 -76.05 -9.00
CA GLN E 52 13.20 -75.89 -9.10
C GLN E 52 12.70 -76.30 -10.49
N ALA E 53 13.49 -76.00 -11.53
CA ALA E 53 13.14 -76.46 -12.86
C ALA E 53 13.26 -77.97 -12.96
N GLY E 54 14.45 -78.51 -12.67
CA GLY E 54 14.66 -79.94 -12.69
C GLY E 54 14.38 -80.57 -14.05
N CYS F 18 11.65 -41.90 23.00
CA CYS F 18 11.98 -43.14 22.31
C CYS F 18 11.27 -43.10 20.96
N ALA F 19 11.64 -44.04 20.09
CA ALA F 19 11.02 -44.20 18.78
C ALA F 19 9.94 -45.27 18.88
N GLY F 20 8.76 -44.96 18.32
CA GLY F 20 7.66 -45.90 18.43
C GLY F 20 7.94 -47.23 17.76
N VAL F 21 8.49 -47.19 16.54
CA VAL F 21 8.86 -48.40 15.83
C VAL F 21 10.26 -48.80 16.31
N LYS F 22 10.68 -50.02 15.98
CA LYS F 22 11.96 -50.53 16.46
C LYS F 22 13.11 -49.62 15.99
N SER F 23 14.11 -49.46 16.85
CA SER F 23 15.22 -48.57 16.58
C SER F 23 16.53 -49.27 16.27
N SER F 24 16.51 -50.58 16.06
CA SER F 24 17.73 -51.33 15.82
C SER F 24 17.65 -52.01 14.47
N PHE F 25 18.83 -52.24 13.88
CA PHE F 25 18.93 -53.03 12.66
C PHE F 25 19.19 -54.50 13.00
N ASP F 26 19.38 -55.31 11.97
CA ASP F 26 19.61 -56.74 12.11
C ASP F 26 20.95 -57.21 11.58
N CYS F 27 21.52 -56.50 10.60
CA CYS F 27 22.82 -56.89 10.07
C CYS F 27 23.90 -56.79 11.14
N ASP F 28 23.94 -55.66 11.86
CA ASP F 28 24.86 -55.44 12.98
C ASP F 28 26.33 -55.59 12.56
N ALA F 29 26.62 -55.47 11.28
CA ALA F 29 27.98 -55.52 10.76
C ALA F 29 28.31 -54.21 10.06
N THR F 30 29.51 -53.69 10.31
CA THR F 30 29.91 -52.40 9.78
C THR F 30 31.36 -52.45 9.36
N THR F 31 31.81 -51.36 8.76
CA THR F 31 33.20 -51.24 8.29
C THR F 31 34.12 -50.84 9.43
N SER F 32 35.38 -51.24 9.32
CA SER F 32 36.39 -50.96 10.34
C SER F 32 37.50 -50.12 9.71
N ASP F 33 37.56 -48.85 10.08
CA ASP F 33 38.63 -47.95 9.65
C ASP F 33 39.84 -48.20 10.53
N THR F 34 40.79 -49.00 10.02
CA THR F 34 41.94 -49.45 10.80
C THR F 34 43.17 -48.56 10.55
N CYS F 35 42.95 -47.28 10.25
CA CYS F 35 44.01 -46.30 10.02
C CYS F 35 45.14 -46.87 9.16
N MET F 36 44.74 -47.49 8.05
CA MET F 36 45.67 -48.20 7.18
C MET F 36 45.95 -47.38 5.93
N THR F 37 47.25 -47.20 5.66
CA THR F 37 47.68 -46.30 4.59
C THR F 37 47.25 -46.81 3.22
N MET F 38 46.68 -45.92 2.42
CA MET F 38 46.10 -46.32 1.14
C MET F 38 47.17 -46.89 0.20
N THR F 39 48.43 -46.55 0.44
CA THR F 39 49.51 -47.16 -0.33
C THR F 39 49.55 -48.67 -0.11
N LYS F 40 49.40 -49.11 1.14
CA LYS F 40 49.32 -50.54 1.42
C LYS F 40 48.00 -51.12 0.96
N ALA F 41 46.96 -50.27 0.85
CA ALA F 41 45.67 -50.75 0.37
C ALA F 41 45.77 -51.29 -1.04
N ASN F 42 46.50 -50.58 -1.91
CA ASN F 42 46.73 -51.09 -3.26
C ASN F 42 47.50 -52.40 -3.23
N GLN F 43 48.52 -52.48 -2.38
CA GLN F 43 49.26 -53.72 -2.24
C GLN F 43 48.38 -54.83 -1.67
N LEU F 44 47.53 -54.50 -0.71
CA LEU F 44 46.65 -55.50 -0.13
C LEU F 44 45.69 -56.09 -1.16
N ALA F 45 45.14 -55.23 -2.02
CA ALA F 45 44.25 -55.73 -3.07
C ALA F 45 45.01 -56.49 -4.15
N ARG F 46 46.28 -56.16 -4.34
CA ARG F 46 47.05 -56.79 -5.41
C ARG F 46 47.21 -58.29 -5.18
N ASP F 47 47.69 -58.67 -3.99
CA ASP F 47 47.97 -60.09 -3.73
C ASP F 47 46.69 -60.88 -3.53
N LYS F 48 45.66 -60.28 -2.93
CA LYS F 48 44.41 -60.99 -2.71
C LYS F 48 43.76 -61.39 -4.03
N ALA F 49 43.81 -60.49 -5.02
CA ALA F 49 43.19 -60.77 -6.32
C ALA F 49 43.80 -62.00 -6.96
N ALA F 50 45.13 -62.12 -6.92
CA ALA F 50 45.76 -63.33 -7.45
C ALA F 50 45.41 -64.56 -6.62
N LYS F 51 45.34 -64.41 -5.30
CA LYS F 51 45.06 -65.54 -4.42
C LYS F 51 43.62 -66.03 -4.55
N GLN F 52 42.65 -65.10 -4.55
CA GLN F 52 41.25 -65.51 -4.69
C GLN F 52 41.00 -66.14 -6.06
N ALA F 53 41.65 -65.60 -7.10
CA ALA F 53 41.57 -66.21 -8.42
C ALA F 53 42.26 -67.57 -8.43
N GLY F 54 43.54 -67.60 -8.09
CA GLY F 54 44.28 -68.84 -8.03
C GLY F 54 44.31 -69.58 -9.36
N CYS G 18 25.64 -33.36 25.49
CA CYS G 18 26.44 -34.40 24.87
C CYS G 18 25.82 -34.70 23.51
N ALA G 19 26.56 -35.45 22.70
CA ALA G 19 26.10 -35.90 21.39
C ALA G 19 25.50 -37.29 21.52
N GLY G 20 24.33 -37.48 20.92
CA GLY G 20 23.65 -38.76 21.04
C GLY G 20 24.44 -39.91 20.46
N VAL G 21 24.98 -39.71 19.26
CA VAL G 21 25.82 -40.72 18.61
C VAL G 21 27.23 -40.55 19.14
N LYS G 22 28.10 -41.53 18.89
CA LYS G 22 29.45 -41.49 19.43
C LYS G 22 30.19 -40.24 18.93
N SER G 23 31.03 -39.68 19.80
CA SER G 23 31.72 -38.43 19.52
C SER G 23 33.21 -38.59 19.27
N SER G 24 33.70 -39.82 19.14
CA SER G 24 35.13 -40.07 18.97
C SER G 24 35.37 -40.78 17.64
N PHE G 25 36.56 -40.58 17.10
CA PHE G 25 37.01 -41.31 15.93
C PHE G 25 37.79 -42.56 16.35
N ASP G 26 38.31 -43.28 15.36
CA ASP G 26 39.05 -44.52 15.59
C ASP G 26 40.49 -44.46 15.12
N CYS G 27 40.79 -43.63 14.12
CA CYS G 27 42.17 -43.51 13.64
C CYS G 27 43.09 -42.96 14.73
N ASP G 28 42.67 -41.88 15.39
CA ASP G 28 43.39 -41.29 16.51
C ASP G 28 44.82 -40.88 16.14
N ALA G 29 45.08 -40.71 14.85
CA ALA G 29 46.39 -40.26 14.38
C ALA G 29 46.23 -38.96 13.61
N THR G 30 47.13 -38.01 13.86
CA THR G 30 47.04 -36.69 13.28
C THR G 30 48.43 -36.20 12.88
N THR G 31 48.46 -35.05 12.24
CA THR G 31 49.70 -34.44 11.80
C THR G 31 50.36 -33.66 12.94
N SER G 32 51.69 -33.55 12.87
CA SER G 32 52.48 -32.88 13.89
C SER G 32 53.21 -31.70 13.25
N ASP G 33 52.76 -30.49 13.56
CA ASP G 33 53.44 -29.27 13.10
C ASP G 33 54.62 -29.01 14.02
N THR G 34 55.82 -29.41 13.58
CA THR G 34 57.02 -29.35 14.40
C THR G 34 57.83 -28.08 14.12
N CYS G 35 57.15 -26.99 13.76
CA CYS G 35 57.77 -25.69 13.50
C CYS G 35 59.06 -25.83 12.70
N MET G 36 58.98 -26.59 11.61
CA MET G 36 60.14 -26.94 10.81
C MET G 36 60.15 -26.12 9.52
N THR G 37 61.29 -25.48 9.27
CA THR G 37 61.39 -24.52 8.17
C THR G 37 61.25 -25.21 6.82
N MET G 38 60.41 -24.64 5.95
CA MET G 38 60.09 -25.28 4.68
C MET G 38 61.32 -25.45 3.80
N THR G 39 62.35 -24.63 4.05
CA THR G 39 63.61 -24.83 3.34
C THR G 39 64.20 -26.20 3.64
N LYS G 40 64.19 -26.61 4.91
CA LYS G 40 64.65 -27.94 5.26
C LYS G 40 63.66 -29.01 4.81
N ALA G 41 62.39 -28.63 4.63
CA ALA G 41 61.39 -29.58 4.15
C ALA G 41 61.74 -30.09 2.76
N ASN G 42 62.19 -29.20 1.87
CA ASN G 42 62.64 -29.63 0.56
C ASN G 42 63.85 -30.55 0.69
N GLN G 43 64.79 -30.21 1.56
CA GLN G 43 65.95 -31.07 1.78
C GLN G 43 65.53 -32.40 2.39
N LEU G 44 64.57 -32.39 3.31
CA LEU G 44 64.11 -33.62 3.94
C LEU G 44 63.49 -34.56 2.91
N ALA G 45 62.69 -34.02 1.99
CA ALA G 45 62.10 -34.86 0.95
C ALA G 45 63.13 -35.32 -0.06
N ARG G 46 64.20 -34.55 -0.26
CA ARG G 46 65.19 -34.88 -1.27
C ARG G 46 65.90 -36.19 -0.95
N ASP G 47 66.44 -36.31 0.27
CA ASP G 47 67.21 -37.50 0.61
C ASP G 47 66.33 -38.71 0.82
N LYS G 48 65.12 -38.52 1.36
CA LYS G 48 64.22 -39.64 1.59
C LYS G 48 63.82 -40.31 0.28
N ALA G 49 63.57 -39.51 -0.75
CA ALA G 49 63.16 -40.05 -2.05
C ALA G 49 64.21 -40.99 -2.61
N ALA G 50 65.49 -40.60 -2.54
CA ALA G 50 66.56 -41.48 -2.97
C ALA G 50 66.66 -42.72 -2.09
N LYS G 51 66.48 -42.56 -0.78
CA LYS G 51 66.61 -43.67 0.16
C LYS G 51 65.47 -44.67 0.01
N GLN G 52 64.22 -44.19 -0.07
CA GLN G 52 63.09 -45.11 -0.22
C GLN G 52 63.15 -45.83 -1.55
N ALA G 53 63.59 -45.13 -2.60
CA ALA G 53 63.80 -45.78 -3.88
C ALA G 53 64.96 -46.78 -3.80
N GLY G 54 66.14 -46.31 -3.44
CA GLY G 54 67.30 -47.17 -3.29
C GLY G 54 67.65 -47.91 -4.57
N CYS H 18 35.30 -20.08 27.86
CA CYS H 18 36.46 -20.77 27.31
C CYS H 18 36.06 -21.33 25.95
N ALA H 19 37.06 -21.78 25.19
CA ALA H 19 36.85 -22.42 23.91
C ALA H 19 36.82 -23.92 24.10
N GLY H 20 35.83 -24.57 23.49
CA GLY H 20 35.68 -26.01 23.67
C GLY H 20 36.88 -26.79 23.16
N VAL H 21 37.35 -26.46 21.96
CA VAL H 21 38.53 -27.10 21.39
C VAL H 21 39.75 -26.38 21.94
N LYS H 22 40.94 -26.97 21.76
CA LYS H 22 42.15 -26.39 22.33
C LYS H 22 42.38 -24.98 21.78
N SER H 23 42.91 -24.10 22.64
CA SER H 23 43.09 -22.70 22.29
C SER H 23 44.54 -22.29 22.10
N SER H 24 45.46 -23.25 22.04
CA SER H 24 46.87 -22.95 21.91
C SER H 24 47.43 -23.57 20.64
N PHE H 25 48.47 -22.96 20.11
CA PHE H 25 49.21 -23.51 18.99
C PHE H 25 50.39 -24.34 19.50
N ASP H 26 51.19 -24.86 18.57
CA ASP H 26 52.33 -25.71 18.87
C ASP H 26 53.65 -25.12 18.43
N CYS H 27 53.66 -24.28 17.39
CA CYS H 27 54.91 -23.68 16.94
C CYS H 27 55.50 -22.77 18.01
N ASP H 28 54.68 -21.90 18.60
CA ASP H 28 55.08 -21.03 19.70
C ASP H 28 56.26 -20.13 19.35
N ALA H 29 56.50 -19.93 18.05
CA ALA H 29 57.55 -19.04 17.58
C ALA H 29 56.95 -17.93 16.74
N THR H 30 57.41 -16.70 16.96
CA THR H 30 56.84 -15.53 16.30
C THR H 30 57.96 -14.57 15.92
N THR H 31 57.58 -13.52 15.21
CA THR H 31 58.52 -12.51 14.77
C THR H 31 58.79 -11.49 15.88
N SER H 32 59.97 -10.89 15.84
CA SER H 32 60.41 -9.92 16.83
C SER H 32 60.67 -8.58 16.14
N ASP H 33 59.78 -7.61 16.38
CA ASP H 33 59.96 -6.26 15.87
C ASP H 33 60.93 -5.53 16.79
N THR H 34 62.20 -5.46 16.40
CA THR H 34 63.25 -4.92 17.25
C THR H 34 63.53 -3.45 16.93
N CYS H 35 62.52 -2.71 16.49
CA CYS H 35 62.61 -1.29 16.17
C CYS H 35 63.89 -0.95 15.41
N MET H 36 64.14 -1.73 14.36
CA MET H 36 65.37 -1.65 13.60
C MET H 36 65.14 -0.95 12.28
N THR H 37 65.94 0.06 12.01
CA THR H 37 65.72 0.94 10.86
C THR H 37 65.92 0.20 9.55
N MET H 38 64.95 0.37 8.63
CA MET H 38 64.94 -0.40 7.39
C MET H 38 66.19 -0.11 6.55
N THR H 39 66.83 1.03 6.77
CA THR H 39 68.10 1.30 6.10
C THR H 39 69.15 0.27 6.49
N LYS H 40 69.24 -0.06 7.79
CA LYS H 40 70.15 -1.11 8.22
C LYS H 40 69.65 -2.48 7.80
N ALA H 41 68.35 -2.62 7.57
CA ALA H 41 67.81 -3.90 7.12
C ALA H 41 68.38 -4.30 5.78
N ASN H 42 68.49 -3.34 4.85
CA ASN H 42 69.12 -3.62 3.57
C ASN H 42 70.59 -4.01 3.77
N GLN H 43 71.29 -3.30 4.65
CA GLN H 43 72.68 -3.64 4.95
C GLN H 43 72.77 -5.01 5.61
N LEU H 44 71.83 -5.32 6.51
CA LEU H 44 71.86 -6.61 7.19
C LEU H 44 71.67 -7.76 6.20
N ALA H 45 70.78 -7.60 5.23
CA ALA H 45 70.59 -8.64 4.23
C ALA H 45 71.75 -8.72 3.27
N ARG H 46 72.46 -7.61 3.06
CA ARG H 46 73.55 -7.58 2.08
C ARG H 46 74.68 -8.51 2.49
N ASP H 47 75.18 -8.36 3.73
CA ASP H 47 76.33 -9.16 4.15
C ASP H 47 75.96 -10.61 4.41
N LYS H 48 74.75 -10.87 4.91
CA LYS H 48 74.33 -12.24 5.18
C LYS H 48 74.27 -13.05 3.90
N ALA H 49 73.77 -12.44 2.81
CA ALA H 49 73.66 -13.17 1.56
C ALA H 49 75.00 -13.66 1.06
N ALA H 50 76.03 -12.81 1.15
CA ALA H 50 77.38 -13.24 0.77
C ALA H 50 77.91 -14.30 1.72
N LYS H 51 77.62 -14.17 3.02
CA LYS H 51 78.12 -15.11 4.02
C LYS H 51 77.45 -16.48 3.91
N GLN H 52 76.12 -16.50 3.78
CA GLN H 52 75.42 -17.78 3.65
C GLN H 52 75.82 -18.49 2.36
N ALA H 53 76.00 -17.72 1.28
CA ALA H 53 76.49 -18.30 0.03
C ALA H 53 77.93 -18.78 0.19
N GLY H 54 78.83 -17.87 0.56
CA GLY H 54 80.22 -18.23 0.78
C GLY H 54 80.89 -18.81 -0.45
N CYS I 18 39.04 -4.03 29.65
CA CYS I 18 40.40 -4.26 29.17
C CYS I 18 40.30 -4.99 27.84
N ALA I 19 41.42 -5.05 27.14
CA ALA I 19 41.52 -5.77 25.87
C ALA I 19 42.06 -7.17 26.15
N GLY I 20 41.41 -8.18 25.54
CA GLY I 20 41.80 -9.55 25.80
C GLY I 20 43.23 -9.84 25.36
N VAL I 21 43.59 -9.40 24.16
CA VAL I 21 44.94 -9.58 23.65
C VAL I 21 45.79 -8.42 24.18
N LYS I 22 47.10 -8.52 24.08
CA LYS I 22 47.99 -7.50 24.63
C LYS I 22 47.70 -6.14 24.01
N SER I 23 47.82 -5.10 24.83
CA SER I 23 47.47 -3.75 24.43
C SER I 23 48.67 -2.83 24.24
N SER I 24 49.89 -3.37 24.26
CA SER I 24 51.09 -2.55 24.14
C SER I 24 51.89 -2.98 22.91
N PHE I 25 52.64 -2.03 22.38
CA PHE I 25 53.58 -2.31 21.31
C PHE I 25 54.97 -2.62 21.88
N ASP I 26 55.93 -2.83 21.00
CA ASP I 26 57.30 -3.16 21.38
C ASP I 26 58.33 -2.13 20.94
N CYS I 27 58.06 -1.40 19.86
CA CYS I 27 59.00 -0.39 19.40
C CYS I 27 59.17 0.71 20.44
N ASP I 28 58.05 1.23 20.97
CA ASP I 28 58.05 2.23 22.03
C ASP I 28 58.82 3.49 21.65
N ALA I 29 59.02 3.72 20.36
CA ALA I 29 59.67 4.93 19.86
C ALA I 29 58.72 5.69 18.95
N THR I 30 58.69 7.01 19.12
CA THR I 30 57.76 7.84 18.37
C THR I 30 58.44 9.14 17.97
N THR I 31 57.72 9.94 17.19
CA THR I 31 58.22 11.23 16.73
C THR I 31 58.05 12.30 17.78
N SER I 32 58.91 13.30 17.73
CA SER I 32 58.92 14.41 18.69
C SER I 32 58.68 15.71 17.93
N ASP I 33 57.49 16.28 18.10
CA ASP I 33 57.16 17.58 17.52
C ASP I 33 57.73 18.67 18.43
N THR I 34 58.90 19.19 18.06
CA THR I 34 59.64 20.12 18.91
C THR I 34 59.36 21.58 18.51
N CYS I 35 58.16 21.85 18.01
CA CYS I 35 57.72 23.20 17.61
C CYS I 35 58.81 23.96 16.87
N MET I 36 59.38 23.29 15.88
CA MET I 36 60.53 23.80 15.14
C MET I 36 60.10 24.30 13.77
N THR I 37 60.48 25.54 13.46
CA THR I 37 59.99 26.23 12.28
C THR I 37 60.50 25.55 11.01
N MET I 38 59.58 25.31 10.07
CA MET I 38 59.92 24.55 8.86
C MET I 38 60.99 25.24 8.04
N THR I 39 61.15 26.56 8.21
CA THR I 39 62.25 27.26 7.56
C THR I 39 63.59 26.72 8.03
N LYS I 40 63.74 26.50 9.33
CA LYS I 40 64.97 25.89 9.84
C LYS I 40 65.04 24.42 9.48
N ALA I 41 63.90 23.78 9.23
CA ALA I 41 63.89 22.37 8.85
C ALA I 41 64.63 22.17 7.53
N ASN I 42 64.41 23.06 6.56
CA ASN I 42 65.16 22.99 5.31
C ASN I 42 66.64 23.19 5.57
N GLN I 43 66.99 24.15 6.43
CA GLN I 43 68.40 24.37 6.77
C GLN I 43 68.97 23.17 7.51
N LEU I 44 68.18 22.57 8.40
CA LEU I 44 68.66 21.41 9.15
C LEU I 44 68.96 20.24 8.22
N ALA I 45 68.11 20.01 7.22
CA ALA I 45 68.37 18.93 6.27
C ALA I 45 69.52 19.26 5.34
N ARG I 46 69.77 20.55 5.09
CA ARG I 46 70.80 20.94 4.15
C ARG I 46 72.18 20.53 4.63
N ASP I 47 72.53 20.90 5.86
CA ASP I 47 73.88 20.62 6.35
C ASP I 47 74.07 19.15 6.68
N LYS I 48 73.03 18.48 7.16
CA LYS I 48 73.15 17.06 7.50
C LYS I 48 73.46 16.23 6.26
N ALA I 49 72.82 16.56 5.13
CA ALA I 49 73.03 15.79 3.91
C ALA I 49 74.48 15.83 3.47
N ALA I 50 75.11 17.01 3.54
CA ALA I 50 76.53 17.10 3.22
C ALA I 50 77.38 16.36 4.23
N LYS I 51 77.01 16.43 5.52
CA LYS I 51 77.79 15.79 6.57
C LYS I 51 77.68 14.27 6.52
N GLN I 52 76.47 13.73 6.37
CA GLN I 52 76.31 12.28 6.29
C GLN I 52 76.99 11.73 5.05
N ALA I 53 76.92 12.46 3.94
CA ALA I 53 77.65 12.06 2.73
C ALA I 53 79.15 12.17 2.95
N GLY I 54 79.63 13.36 3.29
CA GLY I 54 81.04 13.57 3.56
C GLY I 54 81.93 13.22 2.38
N CYS J 18 36.43 12.31 30.70
CA CYS J 18 37.79 12.60 30.25
C CYS J 18 38.02 11.83 28.95
N ALA J 19 39.12 12.17 28.28
CA ALA J 19 39.54 11.49 27.06
C ALA J 19 40.55 10.41 27.42
N GLY J 20 40.35 9.22 26.87
CA GLY J 20 41.23 8.10 27.20
C GLY J 20 42.67 8.35 26.81
N VAL J 21 42.89 8.85 25.59
CA VAL J 21 44.23 9.18 25.13
C VAL J 21 44.54 10.59 25.62
N LYS J 22 45.81 11.00 25.54
CA LYS J 22 46.23 12.30 26.06
C LYS J 22 45.46 13.42 25.37
N SER J 23 45.14 14.46 26.14
CA SER J 23 44.33 15.56 25.64
C SER J 23 45.10 16.85 25.44
N SER J 24 46.43 16.83 25.51
CA SER J 24 47.23 18.03 25.38
C SER J 24 48.18 17.89 24.20
N PHE J 25 48.55 19.03 23.62
CA PHE J 25 49.57 19.08 22.59
C PHE J 25 50.94 19.34 23.22
N ASP J 26 51.95 19.48 22.37
CA ASP J 26 53.32 19.70 22.80
C ASP J 26 53.91 21.03 22.32
N CYS J 27 53.43 21.55 21.19
CA CYS J 27 53.94 22.83 20.71
C CYS J 27 53.63 23.96 21.69
N ASP J 28 52.39 24.03 22.16
CA ASP J 28 51.96 25.00 23.17
C ASP J 28 52.21 26.44 22.74
N ALA J 29 52.36 26.68 21.44
CA ALA J 29 52.53 28.02 20.90
C ALA J 29 51.41 28.33 19.92
N THR J 30 50.86 29.54 20.03
CA THR J 30 49.71 29.93 19.22
C THR J 30 49.88 31.37 18.76
N THR J 31 48.94 31.80 17.92
CA THR J 31 48.94 33.16 17.39
C THR J 31 48.33 34.13 18.39
N SER J 32 48.75 35.39 18.30
CA SER J 32 48.30 36.45 19.21
C SER J 32 47.62 37.53 18.37
N ASP J 33 46.30 37.61 18.48
CA ASP J 33 45.53 38.67 17.83
C ASP J 33 45.61 39.92 18.69
N THR J 34 46.51 40.83 18.32
CA THR J 34 46.80 42.01 19.12
C THR J 34 46.01 43.23 18.65
N CYS J 35 44.81 43.02 18.11
CA CYS J 35 43.92 44.08 17.63
C CYS J 35 44.67 45.16 16.88
N MET J 36 45.49 44.72 15.93
CA MET J 36 46.39 45.60 15.20
C MET J 36 45.85 45.84 13.79
N THR J 37 45.74 47.11 13.42
CA THR J 37 45.09 47.51 12.19
C THR J 37 45.87 47.03 10.97
N MET J 38 45.15 46.42 10.03
CA MET J 38 45.80 45.80 8.87
C MET J 38 46.56 46.81 8.03
N THR J 39 46.21 48.09 8.14
CA THR J 39 46.98 49.13 7.48
C THR J 39 48.41 49.16 8.01
N LYS J 40 48.58 49.06 9.32
CA LYS J 40 49.92 48.99 9.89
C LYS J 40 50.56 47.64 9.61
N ALA J 41 49.74 46.62 9.37
CA ALA J 41 50.29 45.29 9.06
C ALA J 41 51.10 45.33 7.78
N ASN J 42 50.61 46.03 6.75
CA ASN J 42 51.38 46.20 5.53
C ASN J 42 52.67 46.97 5.81
N GLN J 43 52.59 48.01 6.61
CA GLN J 43 53.79 48.76 6.98
C GLN J 43 54.74 47.90 7.80
N LEU J 44 54.21 47.08 8.70
CA LEU J 44 55.06 46.22 9.52
C LEU J 44 55.82 45.22 8.67
N ALA J 45 55.16 44.64 7.66
CA ALA J 45 55.85 43.70 6.78
C ALA J 45 56.82 44.40 5.86
N ARG J 46 56.57 45.68 5.54
CA ARG J 46 57.41 46.40 4.60
C ARG J 46 58.83 46.56 5.13
N ASP J 47 58.97 47.09 6.36
CA ASP J 47 60.30 47.36 6.89
C ASP J 47 61.03 46.08 7.31
N LYS J 48 60.29 45.09 7.80
CA LYS J 48 60.92 43.83 8.22
C LYS J 48 61.57 43.13 7.03
N ALA J 49 60.90 43.15 5.87
CA ALA J 49 61.43 42.47 4.70
C ALA J 49 62.78 43.05 4.29
N ALA J 50 62.92 44.38 4.31
CA ALA J 50 64.21 44.98 4.02
C ALA J 50 65.24 44.66 5.09
N LYS J 51 64.82 44.64 6.36
CA LYS J 51 65.73 44.39 7.46
C LYS J 51 66.22 42.94 7.48
N GLN J 52 65.30 41.97 7.34
CA GLN J 52 65.70 40.57 7.34
C GLN J 52 66.60 40.26 6.14
N ALA J 53 66.30 40.87 4.99
CA ALA J 53 67.17 40.73 3.83
C ALA J 53 68.51 41.40 4.07
N GLY J 54 68.49 42.71 4.36
CA GLY J 54 69.70 43.44 4.65
C GLY J 54 70.70 43.41 3.51
N CYS K 18 27.79 26.47 30.82
CA CYS K 18 28.95 27.23 30.40
C CYS K 18 29.51 26.56 29.15
N ALA K 19 30.43 27.25 28.48
CA ALA K 19 31.12 26.74 27.31
C ALA K 19 32.45 26.13 27.75
N GLY K 20 32.74 24.94 27.26
CA GLY K 20 33.96 24.25 27.67
C GLY K 20 35.22 25.01 27.30
N VAL K 21 35.28 25.51 26.06
CA VAL K 21 36.41 26.31 25.61
C VAL K 21 36.15 27.74 26.04
N LYS K 22 37.18 28.59 25.96
CA LYS K 22 37.04 29.97 26.42
C LYS K 22 35.94 30.69 25.65
N SER K 23 35.22 31.57 26.35
CA SER K 23 34.07 32.26 25.78
C SER K 23 34.31 33.74 25.52
N SER K 24 35.55 34.21 25.63
CA SER K 24 35.84 35.63 25.45
C SER K 24 36.82 35.81 24.30
N PHE K 25 36.75 36.98 23.68
CA PHE K 25 37.72 37.37 22.67
C PHE K 25 38.85 38.15 23.31
N ASP K 26 39.78 38.63 22.48
CA ASP K 26 40.95 39.38 22.92
C ASP K 26 41.01 40.80 22.39
N CYS K 27 40.41 41.06 21.22
CA CYS K 27 40.41 42.42 20.68
C CYS K 27 39.67 43.38 21.59
N ASP K 28 38.47 43.00 22.03
CA ASP K 28 37.66 43.77 22.98
C ASP K 28 37.37 45.18 22.47
N ALA K 29 37.47 45.40 21.17
CA ALA K 29 37.14 46.68 20.56
C ALA K 29 36.03 46.50 19.55
N THR K 30 35.07 47.42 19.56
CA THR K 30 33.89 47.31 18.72
C THR K 30 33.52 48.69 18.18
N THR K 31 32.52 48.69 17.31
CA THR K 31 32.03 49.93 16.70
C THR K 31 31.06 50.64 17.63
N SER K 32 30.97 51.96 17.49
CA SER K 32 30.12 52.79 18.31
C SER K 32 29.12 53.50 17.42
N ASP K 33 27.85 53.09 17.49
CA ASP K 33 26.77 53.74 16.76
C ASP K 33 26.34 54.97 17.56
N THR K 34 26.84 56.14 17.16
CA THR K 34 26.63 57.37 17.91
C THR K 34 25.46 58.18 17.34
N CYS K 35 24.45 57.51 16.79
CA CYS K 35 23.25 58.12 16.24
C CYS K 35 23.57 59.38 15.44
N MET K 36 24.53 59.24 14.53
CA MET K 36 25.07 60.36 13.78
C MET K 36 24.53 60.33 12.35
N THR K 37 23.97 61.46 11.92
CA THR K 37 23.26 61.52 10.64
C THR K 37 24.21 61.32 9.47
N MET K 38 23.82 60.44 8.54
CA MET K 38 24.70 60.06 7.44
C MET K 38 25.06 61.26 6.57
N THR K 39 24.23 62.31 6.60
CA THR K 39 24.59 63.53 5.89
C THR K 39 25.88 64.13 6.45
N LYS K 40 26.02 64.16 7.78
CA LYS K 40 27.26 64.62 8.38
C LYS K 40 28.38 63.61 8.20
N ALA K 41 28.02 62.33 7.99
CA ALA K 41 29.04 61.31 7.76
C ALA K 41 29.83 61.61 6.50
N ASN K 42 29.14 62.02 5.43
CA ASN K 42 29.84 62.41 4.21
C ASN K 42 30.74 63.62 4.48
N GLN K 43 30.24 64.60 5.23
CA GLN K 43 31.05 65.76 5.58
C GLN K 43 32.23 65.36 6.46
N LEU K 44 32.00 64.44 7.40
CA LEU K 44 33.08 64.00 8.28
C LEU K 44 34.20 63.32 7.50
N ALA K 45 33.85 62.50 6.51
CA ALA K 45 34.87 61.85 5.70
C ALA K 45 35.55 62.84 4.75
N ARG K 46 34.84 63.90 4.37
CA ARG K 46 35.40 64.85 3.41
C ARG K 46 36.63 65.56 3.97
N ASP K 47 36.50 66.15 5.16
CA ASP K 47 37.61 66.93 5.71
C ASP K 47 38.74 66.04 6.20
N LYS K 48 38.42 64.86 6.74
CA LYS K 48 39.46 63.96 7.23
C LYS K 48 40.36 63.51 6.10
N ALA K 49 39.79 63.22 4.93
CA ALA K 49 40.59 62.75 3.80
C ALA K 49 41.64 63.78 3.40
N ALA K 50 41.26 65.06 3.34
CA ALA K 50 42.24 66.10 3.05
C ALA K 50 43.26 66.23 4.17
N LYS K 51 42.83 66.10 5.42
CA LYS K 51 43.73 66.26 6.56
C LYS K 51 44.72 65.11 6.67
N GLN K 52 44.25 63.87 6.55
CA GLN K 52 45.15 62.73 6.64
C GLN K 52 46.14 62.73 5.48
N ALA K 53 45.68 63.14 4.29
CA ALA K 53 46.59 63.28 3.16
C ALA K 53 47.57 64.42 3.40
N GLY K 54 47.05 65.63 3.61
CA GLY K 54 47.88 66.78 3.89
C GLY K 54 48.85 67.08 2.78
N CYS L 18 14.43 36.27 29.99
CA CYS L 18 15.24 37.40 29.56
C CYS L 18 16.06 36.94 28.36
N ALA L 19 16.67 37.91 27.68
CA ALA L 19 17.56 37.64 26.56
C ALA L 19 18.99 37.61 27.06
N GLY L 20 19.74 36.58 26.64
CA GLY L 20 21.10 36.43 27.11
C GLY L 20 22.00 37.60 26.73
N VAL L 21 21.92 38.03 25.47
CA VAL L 21 22.68 39.17 25.01
C VAL L 21 21.88 40.43 25.35
N LYS L 22 22.51 41.60 25.25
CA LYS L 22 21.85 42.84 25.63
C LYS L 22 20.59 43.05 24.80
N SER L 23 19.57 43.62 25.43
CA SER L 23 18.27 43.80 24.80
C SER L 23 17.93 45.25 24.47
N SER L 24 18.89 46.16 24.57
CA SER L 24 18.64 47.57 24.33
C SER L 24 19.53 48.06 23.20
N PHE L 25 19.05 49.09 22.50
CA PHE L 25 19.84 49.78 21.50
C PHE L 25 20.57 50.97 22.13
N ASP L 26 21.27 51.72 21.29
CA ASP L 26 22.05 52.87 21.71
C ASP L 26 21.59 54.18 21.11
N CYS L 27 20.99 54.15 19.92
CA CYS L 27 20.51 55.39 19.31
C CYS L 27 19.41 56.03 20.14
N ASP L 28 18.43 55.24 20.58
CA ASP L 28 17.35 55.68 21.46
C ASP L 28 16.56 56.86 20.88
N ALA L 29 16.63 57.05 19.56
CA ALA L 29 15.89 58.08 18.87
C ALA L 29 14.96 57.45 17.85
N THR L 30 13.71 57.94 17.80
CA THR L 30 12.71 57.36 16.92
C THR L 30 11.87 58.46 16.32
N THR L 31 10.97 58.05 15.41
CA THR L 31 10.08 58.99 14.73
C THR L 31 8.88 59.31 15.60
N SER L 32 8.30 60.49 15.38
CA SER L 32 7.17 60.98 16.14
C SER L 32 6.01 61.22 15.17
N ASP L 33 4.99 60.35 15.25
CA ASP L 33 3.78 60.51 14.46
C ASP L 33 2.88 61.52 15.17
N THR L 34 2.92 62.77 14.72
CA THR L 34 2.23 63.87 15.40
C THR L 34 0.86 64.15 14.77
N CYS L 35 0.21 63.12 14.23
CA CYS L 35 -1.12 63.21 13.62
C CYS L 35 -1.26 64.45 12.75
N MET L 36 -0.29 64.67 11.88
CA MET L 36 -0.18 65.86 11.08
C MET L 36 -0.60 65.57 9.64
N THR L 37 -1.53 66.38 9.14
CA THR L 37 -2.15 66.12 7.85
C THR L 37 -1.14 66.25 6.71
N MET L 38 -1.15 65.25 5.83
CA MET L 38 -0.14 65.19 4.76
C MET L 38 -0.22 66.39 3.83
N THR L 39 -1.38 67.05 3.80
CA THR L 39 -1.48 68.30 3.04
C THR L 39 -0.54 69.35 3.59
N LYS L 40 -0.47 69.49 4.91
CA LYS L 40 0.47 70.42 5.52
C LYS L 40 1.90 69.89 5.41
N ALA L 41 2.06 68.58 5.27
CA ALA L 41 3.40 68.00 5.11
C ALA L 41 4.07 68.52 3.86
N ASN L 42 3.33 68.59 2.75
CA ASN L 42 3.87 69.18 1.53
C ASN L 42 4.23 70.64 1.75
N GLN L 43 3.36 71.39 2.43
CA GLN L 43 3.66 72.79 2.74
C GLN L 43 4.86 72.90 3.67
N LEU L 44 4.97 72.00 4.65
CA LEU L 44 6.10 72.04 5.58
C LEU L 44 7.42 71.80 4.87
N ALA L 45 7.45 70.86 3.91
CA ALA L 45 8.67 70.63 3.17
C ALA L 45 8.96 71.76 2.19
N ARG L 46 7.92 72.47 1.72
CA ARG L 46 8.12 73.51 0.73
C ARG L 46 8.97 74.65 1.28
N ASP L 47 8.57 75.20 2.43
CA ASP L 47 9.28 76.36 2.96
C ASP L 47 10.65 75.99 3.53
N LYS L 48 10.76 74.79 4.12
CA LYS L 48 12.04 74.38 4.69
C LYS L 48 13.11 74.26 3.61
N ALA L 49 12.74 73.73 2.44
CA ALA L 49 13.70 73.55 1.35
C ALA L 49 14.30 74.87 0.92
N ALA L 50 13.48 75.91 0.79
CA ALA L 50 13.98 77.23 0.47
C ALA L 50 14.84 77.79 1.59
N LYS L 51 14.44 77.57 2.84
CA LYS L 51 15.16 78.11 4.00
C LYS L 51 16.51 77.41 4.19
N GLN L 52 16.54 76.09 4.13
CA GLN L 52 17.81 75.37 4.29
C GLN L 52 18.78 75.70 3.15
N ALA L 53 18.25 75.85 1.94
CA ALA L 53 19.08 76.28 0.83
C ALA L 53 19.54 77.73 1.03
N GLY L 54 18.59 78.65 1.17
CA GLY L 54 18.91 80.05 1.40
C GLY L 54 19.76 80.65 0.29
N CYS M 18 -1.57 40.23 28.30
CA CYS M 18 -1.23 41.56 27.81
C CYS M 18 -0.24 41.40 26.66
N ALA M 19 -0.02 42.50 25.95
CA ALA M 19 0.94 42.54 24.86
C ALA M 19 2.27 43.07 25.40
N GLY M 20 3.36 42.39 25.04
CA GLY M 20 4.66 42.79 25.55
C GLY M 20 5.06 44.19 25.14
N VAL M 21 4.88 44.50 23.86
CA VAL M 21 5.18 45.83 23.34
C VAL M 21 3.95 46.70 23.59
N LYS M 22 4.09 48.02 23.45
CA LYS M 22 2.99 48.93 23.75
C LYS M 22 1.78 48.62 22.87
N SER M 23 0.60 48.78 23.46
CA SER M 23 -0.65 48.43 22.79
C SER M 23 -1.48 49.63 22.38
N SER M 24 -0.95 50.83 22.45
CA SER M 24 -1.70 52.03 22.12
C SER M 24 -1.02 52.78 20.98
N PHE M 25 -1.83 53.52 20.22
CA PHE M 25 -1.32 54.41 19.20
C PHE M 25 -1.11 55.82 19.78
N ASP M 26 -0.71 56.74 18.92
CA ASP M 26 -0.44 58.12 19.31
C ASP M 26 -1.33 59.13 18.62
N CYS M 27 -1.83 58.83 17.42
CA CYS M 27 -2.72 59.77 16.73
C CYS M 27 -4.01 59.98 17.51
N ASP M 28 -4.64 58.89 17.96
CA ASP M 28 -5.84 58.93 18.79
C ASP M 28 -6.98 59.70 18.13
N ALA M 29 -6.94 59.84 16.81
CA ALA M 29 -8.00 60.49 16.05
C ALA M 29 -8.57 59.51 15.04
N THR M 30 -9.89 59.48 14.93
CA THR M 30 -10.58 58.53 14.08
C THR M 30 -11.76 59.20 13.38
N THR M 31 -12.39 58.46 12.49
CA THR M 31 -13.53 58.95 11.74
C THR M 31 -14.81 58.83 12.56
N SER M 32 -15.77 59.70 12.27
CA SER M 32 -17.05 59.75 12.97
C SER M 32 -18.16 59.49 11.97
N ASP M 33 -18.78 58.31 12.07
CA ASP M 33 -19.93 57.96 11.24
C ASP M 33 -21.17 58.58 11.88
N THR M 34 -21.59 59.74 11.38
CA THR M 34 -22.67 60.52 11.98
C THR M 34 -24.02 60.24 11.30
N CYS M 35 -24.20 59.01 10.80
CA CYS M 35 -25.45 58.56 10.16
C CYS M 35 -26.01 59.63 9.22
N MET M 36 -25.14 60.16 8.37
CA MET M 36 -25.47 61.28 7.50
C MET M 36 -25.70 60.78 6.06
N THR M 37 -26.84 61.16 5.50
CA THR M 37 -27.26 60.62 4.22
C THR M 37 -26.33 61.08 3.10
N MET M 38 -25.92 60.12 2.26
CA MET M 38 -24.92 60.41 1.24
C MET M 38 -25.42 61.45 0.24
N THR M 39 -26.73 61.61 0.13
CA THR M 39 -27.27 62.69 -0.70
C THR M 39 -26.82 64.05 -0.18
N LYS M 40 -26.87 64.25 1.13
CA LYS M 40 -26.36 65.50 1.71
C LYS M 40 -24.84 65.55 1.66
N ALA M 41 -24.19 64.38 1.59
CA ALA M 41 -22.73 64.36 1.51
C ALA M 41 -22.25 65.04 0.23
N ASN M 42 -22.93 64.79 -0.89
CA ASN M 42 -22.58 65.48 -2.13
C ASN M 42 -22.81 66.98 -1.98
N GLN M 43 -23.93 67.37 -1.35
CA GLN M 43 -24.19 68.78 -1.12
C GLN M 43 -23.15 69.38 -0.17
N LEU M 44 -22.75 68.63 0.86
CA LEU M 44 -21.78 69.13 1.81
C LEU M 44 -20.44 69.39 1.14
N ALA M 45 -20.01 68.48 0.24
CA ALA M 45 -18.76 68.70 -0.46
C ALA M 45 -18.87 69.82 -1.50
N ARG M 46 -20.08 70.05 -2.02
CA ARG M 46 -20.26 71.06 -3.06
C ARG M 46 -19.93 72.46 -2.56
N ASP M 47 -20.54 72.86 -1.45
CA ASP M 47 -20.35 74.23 -0.97
C ASP M 47 -18.98 74.42 -0.34
N LYS M 48 -18.43 73.39 0.31
CA LYS M 48 -17.12 73.52 0.93
C LYS M 48 -16.04 73.76 -0.13
N ALA M 49 -16.14 73.08 -1.27
CA ALA M 49 -15.13 73.23 -2.32
C ALA M 49 -15.06 74.67 -2.81
N ALA M 50 -16.22 75.31 -3.02
CA ALA M 50 -16.22 76.71 -3.40
C ALA M 50 -15.69 77.60 -2.29
N LYS M 51 -16.03 77.29 -1.03
CA LYS M 51 -15.61 78.10 0.10
C LYS M 51 -14.11 77.99 0.37
N GLN M 52 -13.57 76.77 0.37
CA GLN M 52 -12.14 76.60 0.61
C GLN M 52 -11.33 77.22 -0.52
N ALA M 53 -11.82 77.11 -1.75
CA ALA M 53 -11.17 77.78 -2.88
C ALA M 53 -11.29 79.29 -2.75
N GLY M 54 -12.52 79.79 -2.68
CA GLY M 54 -12.76 81.21 -2.52
C GLY M 54 -12.17 82.05 -3.64
N CYS N 18 -17.83 37.76 26.02
CA CYS N 18 -18.01 39.11 25.49
C CYS N 18 -16.98 39.28 24.37
N ALA N 19 -17.16 40.35 23.60
CA ALA N 19 -16.24 40.71 22.53
C ALA N 19 -15.24 41.73 23.06
N GLY N 20 -13.95 41.50 22.78
CA GLY N 20 -12.92 42.38 23.30
C GLY N 20 -13.06 43.81 22.81
N VAL N 21 -13.30 43.98 21.51
CA VAL N 21 -13.50 45.30 20.93
C VAL N 21 -14.98 45.65 21.11
N LYS N 22 -15.33 46.92 20.90
CA LYS N 22 -16.71 47.36 21.12
C LYS N 22 -17.68 46.57 20.24
N SER N 23 -18.86 46.29 20.79
CA SER N 23 -19.85 45.47 20.11
C SER N 23 -21.06 46.24 19.61
N SER N 24 -21.03 47.56 19.63
CA SER N 24 -22.17 48.37 19.23
C SER N 24 -21.77 49.27 18.07
N PHE N 25 -22.76 49.62 17.25
CA PHE N 25 -22.58 50.60 16.20
C PHE N 25 -22.95 52.00 16.70
N ASP N 26 -22.89 52.97 15.80
CA ASP N 26 -23.17 54.36 16.12
C ASP N 26 -24.35 54.93 15.36
N CYS N 27 -24.65 54.41 14.16
CA CYS N 27 -25.80 54.91 13.40
C CYS N 27 -27.11 54.65 14.14
N ASP N 28 -27.29 53.43 14.64
CA ASP N 28 -28.45 53.04 15.44
C ASP N 28 -29.78 53.28 14.71
N ALA N 29 -29.74 53.37 13.39
CA ALA N 29 -30.93 53.54 12.57
C ALA N 29 -31.05 52.38 11.60
N THR N 30 -32.26 51.85 11.46
CA THR N 30 -32.50 50.67 10.65
C THR N 30 -33.80 50.82 9.89
N THR N 31 -34.07 49.85 9.02
CA THR N 31 -35.29 49.84 8.22
C THR N 31 -36.46 49.28 9.02
N SER N 32 -37.66 49.71 8.65
CA SER N 32 -38.89 49.29 9.33
C SER N 32 -39.79 48.59 8.32
N ASP N 33 -39.91 47.27 8.47
CA ASP N 33 -40.82 46.48 7.64
C ASP N 33 -42.22 46.61 8.21
N THR N 34 -43.02 47.50 7.63
CA THR N 34 -44.34 47.84 8.16
C THR N 34 -45.45 47.03 7.48
N CYS N 35 -45.14 45.81 7.04
CA CYS N 35 -46.10 44.89 6.39
C CYS N 35 -46.98 45.63 5.40
N MET N 36 -46.35 46.41 4.53
CA MET N 36 -47.04 47.28 3.60
C MET N 36 -46.99 46.69 2.19
N THR N 37 -48.17 46.58 1.58
CA THR N 37 -48.31 45.87 0.31
C THR N 37 -47.58 46.59 -0.82
N MET N 38 -46.80 45.84 -1.58
CA MET N 38 -45.94 46.43 -2.61
C MET N 38 -46.74 47.17 -3.67
N THR N 39 -48.02 46.81 -3.81
CA THR N 39 -48.89 47.58 -4.70
C THR N 39 -49.01 49.02 -4.25
N LYS N 40 -49.18 49.25 -2.95
CA LYS N 40 -49.22 50.61 -2.43
C LYS N 40 -47.82 51.23 -2.45
N ALA N 41 -46.78 50.40 -2.44
CA ALA N 41 -45.42 50.92 -2.50
C ALA N 41 -45.17 51.68 -3.79
N ASN N 42 -45.65 51.15 -4.91
CA ASN N 42 -45.55 51.87 -6.18
C ASN N 42 -46.35 53.17 -6.11
N GLN N 43 -47.54 53.14 -5.54
CA GLN N 43 -48.33 54.35 -5.38
C GLN N 43 -47.63 55.34 -4.44
N LEU N 44 -47.03 54.84 -3.37
CA LEU N 44 -46.35 55.71 -2.42
C LEU N 44 -45.18 56.44 -3.08
N ALA N 45 -44.41 55.72 -3.92
CA ALA N 45 -43.30 56.37 -4.61
C ALA N 45 -43.79 57.31 -5.70
N ARG N 46 -44.97 57.05 -6.26
CA ARG N 46 -45.47 57.86 -7.37
C ARG N 46 -45.71 59.30 -6.92
N ASP N 47 -46.48 59.49 -5.85
CA ASP N 47 -46.84 60.84 -5.44
C ASP N 47 -45.67 61.58 -4.79
N LYS N 48 -44.80 60.85 -4.08
CA LYS N 48 -43.66 61.50 -3.43
C LYS N 48 -42.72 62.09 -4.48
N ALA N 49 -42.50 61.37 -5.59
CA ALA N 49 -41.58 61.85 -6.61
C ALA N 49 -42.04 63.19 -7.18
N ALA N 50 -43.34 63.34 -7.45
CA ALA N 50 -43.86 64.62 -7.91
C ALA N 50 -43.75 65.69 -6.83
N LYS N 51 -44.00 65.32 -5.57
CA LYS N 51 -43.97 66.28 -4.48
C LYS N 51 -42.55 66.75 -4.17
N GLN N 52 -41.59 65.83 -4.08
CA GLN N 52 -40.21 66.22 -3.81
C GLN N 52 -39.65 67.06 -4.95
N ALA N 53 -40.01 66.72 -6.19
CA ALA N 53 -39.62 67.54 -7.33
C ALA N 53 -40.30 68.89 -7.28
N GLY N 54 -41.64 68.89 -7.27
CA GLY N 54 -42.40 70.12 -7.19
C GLY N 54 -42.12 71.07 -8.34
N CYS O 18 -31.82 29.22 23.56
CA CYS O 18 -32.47 30.38 22.94
C CYS O 18 -31.54 30.88 21.84
N ALA O 19 -32.08 31.77 21.01
CA ALA O 19 -31.32 32.41 19.95
C ALA O 19 -30.80 33.75 20.45
N GLY O 20 -29.51 34.01 20.20
CA GLY O 20 -28.92 35.24 20.70
C GLY O 20 -29.57 36.48 20.13
N VAL O 21 -29.80 36.50 18.82
CA VAL O 21 -30.46 37.63 18.17
C VAL O 21 -31.96 37.39 18.29
N LYS O 22 -32.77 38.41 18.00
CA LYS O 22 -34.21 38.31 18.18
C LYS O 22 -34.77 37.18 17.31
N SER O 23 -35.78 36.50 17.85
CA SER O 23 -36.35 35.33 17.19
C SER O 23 -37.75 35.56 16.63
N SER O 24 -38.22 36.82 16.59
CA SER O 24 -39.55 37.11 16.10
C SER O 24 -39.48 38.03 14.90
N PHE O 25 -40.50 37.95 14.05
CA PHE O 25 -40.66 38.89 12.94
C PHE O 25 -41.55 40.05 13.37
N ASP O 26 -41.83 40.94 12.41
CA ASP O 26 -42.62 42.13 12.66
C ASP O 26 -43.90 42.18 11.83
N CYS O 27 -43.93 41.54 10.66
CA CYS O 27 -45.15 41.53 9.85
C CYS O 27 -46.29 40.82 10.58
N ASP O 28 -46.02 39.65 11.13
CA ASP O 28 -46.98 38.89 11.93
C ASP O 28 -48.26 38.57 11.15
N ALA O 29 -48.21 38.63 9.83
CA ALA O 29 -49.34 38.29 8.98
C ALA O 29 -48.97 37.13 8.07
N THR O 30 -49.89 36.17 7.93
CA THR O 30 -49.63 34.96 7.18
C THR O 30 -50.87 34.58 6.38
N THR O 31 -50.72 33.55 5.56
CA THR O 31 -51.80 33.04 4.74
C THR O 31 -52.70 32.10 5.54
N SER O 32 -53.97 32.03 5.13
CA SER O 32 -54.97 31.22 5.79
C SER O 32 -55.49 30.19 4.80
N ASP O 33 -55.11 28.92 5.02
CA ASP O 33 -55.63 27.81 4.21
C ASP O 33 -57.00 27.42 4.74
N THR O 34 -58.05 27.92 4.11
CA THR O 34 -59.41 27.75 4.59
C THR O 34 -60.12 26.56 3.91
N CYS O 35 -59.35 25.53 3.55
CA CYS O 35 -59.86 24.30 2.94
C CYS O 35 -60.92 24.60 1.88
N MET O 36 -60.59 25.52 0.99
CA MET O 36 -61.51 26.03 -0.01
C MET O 36 -61.18 25.44 -1.38
N THR O 37 -62.21 24.87 -2.01
CA THR O 37 -62.02 24.10 -3.24
C THR O 37 -61.58 25.01 -4.38
N MET O 38 -60.52 24.57 -5.09
CA MET O 38 -59.91 25.40 -6.12
C MET O 38 -60.90 25.74 -7.24
N THR O 39 -61.95 24.93 -7.40
CA THR O 39 -63.00 25.25 -8.35
C THR O 39 -63.67 26.57 -7.98
N LYS O 40 -63.98 26.76 -6.70
CA LYS O 40 -64.53 28.04 -6.26
C LYS O 40 -63.48 29.14 -6.27
N ALA O 41 -62.20 28.76 -6.19
CA ALA O 41 -61.14 29.76 -6.24
C ALA O 41 -61.15 30.50 -7.57
N ASN O 42 -61.34 29.78 -8.67
CA ASN O 42 -61.47 30.43 -9.98
C ASN O 42 -62.69 31.34 -10.00
N GLN O 43 -63.81 30.87 -9.45
CA GLN O 43 -65.00 31.71 -9.38
C GLN O 43 -64.77 32.92 -8.48
N LEU O 44 -64.07 32.73 -7.37
CA LEU O 44 -63.81 33.84 -6.45
C LEU O 44 -62.96 34.92 -7.12
N ALA O 45 -61.96 34.52 -7.90
CA ALA O 45 -61.14 35.50 -8.60
C ALA O 45 -61.91 36.15 -9.75
N ARG O 46 -62.88 35.44 -10.33
CA ARG O 46 -63.61 35.95 -11.48
C ARG O 46 -64.40 37.21 -11.13
N ASP O 47 -65.22 37.14 -10.08
CA ASP O 47 -66.07 38.27 -9.75
C ASP O 47 -65.29 39.41 -9.12
N LYS O 48 -64.25 39.11 -8.35
CA LYS O 48 -63.46 40.16 -7.72
C LYS O 48 -62.77 41.03 -8.77
N ALA O 49 -62.25 40.40 -9.83
CA ALA O 49 -61.54 41.15 -10.86
C ALA O 49 -62.45 42.19 -11.50
N ALA O 50 -63.69 41.81 -11.81
CA ALA O 50 -64.64 42.78 -12.36
C ALA O 50 -64.98 43.86 -11.34
N LYS O 51 -65.13 43.48 -10.06
CA LYS O 51 -65.51 44.42 -9.02
C LYS O 51 -64.39 45.41 -8.70
N GLN O 52 -63.15 44.93 -8.55
CA GLN O 52 -62.04 45.82 -8.26
C GLN O 52 -61.78 46.76 -9.44
N ALA O 53 -61.95 46.25 -10.66
CA ALA O 53 -61.83 47.12 -11.84
C ALA O 53 -62.99 48.11 -11.88
N GLY O 54 -64.22 47.60 -11.90
CA GLY O 54 -65.40 48.46 -11.90
C GLY O 54 -65.44 49.40 -13.09
N CYS P 18 -41.46 15.92 21.25
CA CYS P 18 -42.45 16.71 20.55
C CYS P 18 -41.75 17.49 19.44
N ALA P 19 -42.55 18.08 18.55
CA ALA P 19 -42.04 18.92 17.49
C ALA P 19 -42.09 20.37 17.93
N GLY P 20 -40.99 21.09 17.69
CA GLY P 20 -40.92 22.47 18.14
C GLY P 20 -41.96 23.35 17.49
N VAL P 21 -42.13 23.23 16.17
CA VAL P 21 -43.14 23.98 15.44
C VAL P 21 -44.44 23.21 15.54
N LYS P 22 -45.56 23.84 15.19
CA LYS P 22 -46.87 23.20 15.33
C LYS P 22 -46.93 21.90 14.51
N SER P 23 -47.62 20.91 15.06
CA SER P 23 -47.69 19.59 14.46
C SER P 23 -49.04 19.25 13.85
N SER P 24 -49.95 20.23 13.73
CA SER P 24 -51.28 19.97 13.21
C SER P 24 -51.51 20.81 11.95
N PHE P 25 -52.18 20.18 10.99
CA PHE P 25 -52.36 20.86 9.69
C PHE P 25 -53.52 21.83 9.82
N ASP P 26 -53.53 22.84 8.96
CA ASP P 26 -54.53 23.91 9.12
C ASP P 26 -55.93 23.32 9.10
N CYS P 27 -56.29 22.65 8.01
CA CYS P 27 -57.67 22.15 7.88
C CYS P 27 -57.68 20.63 7.82
N ASP P 28 -58.81 20.04 8.14
CA ASP P 28 -58.86 18.56 8.18
C ASP P 28 -59.90 18.10 7.18
N ALA P 29 -59.52 17.16 6.32
CA ALA P 29 -60.45 16.57 5.33
C ALA P 29 -59.72 15.41 4.69
N THR P 30 -60.43 14.34 4.33
CA THR P 30 -59.65 13.21 3.79
C THR P 30 -60.50 12.36 2.84
N THR P 31 -59.83 11.70 1.90
CA THR P 31 -60.57 10.77 1.02
C THR P 31 -61.07 9.64 1.89
N SER P 32 -62.35 9.33 1.80
CA SER P 32 -62.93 8.30 2.69
C SER P 32 -63.02 6.98 1.93
N ASP P 33 -62.12 6.05 2.21
CA ASP P 33 -62.14 4.79 1.46
C ASP P 33 -63.28 3.93 1.99
N THR P 34 -64.41 3.97 1.29
CA THR P 34 -65.63 3.31 1.75
C THR P 34 -65.80 1.92 1.13
N CYS P 35 -64.68 1.24 0.84
CA CYS P 35 -64.66 -0.11 0.28
C CYS P 35 -65.72 -0.28 -0.82
N MET P 36 -65.72 0.66 -1.75
CA MET P 36 -66.73 0.73 -2.79
C MET P 36 -66.15 0.27 -4.12
N THR P 37 -66.85 -0.68 -4.75
CA THR P 37 -66.34 -1.36 -5.92
C THR P 37 -66.21 -0.41 -7.10
N MET P 38 -65.06 -0.44 -7.77
CA MET P 38 -64.76 0.52 -8.82
C MET P 38 -65.76 0.40 -9.98
N THR P 39 -66.41 -0.75 -10.12
CA THR P 39 -67.46 -0.88 -11.11
C THR P 39 -68.61 0.09 -10.83
N LYS P 40 -69.01 0.21 -9.55
CA LYS P 40 -70.02 1.19 -9.19
C LYS P 40 -69.47 2.60 -9.26
N ALA P 41 -68.14 2.75 -9.12
CA ALA P 41 -67.53 4.08 -9.20
C ALA P 41 -67.76 4.71 -10.56
N ASN P 42 -67.63 3.91 -11.64
CA ASN P 42 -67.94 4.41 -12.97
C ASN P 42 -69.41 4.79 -13.07
N GLN P 43 -70.29 3.96 -12.52
CA GLN P 43 -71.71 4.28 -12.52
C GLN P 43 -72.00 5.53 -11.69
N LEU P 44 -71.32 5.66 -10.55
CA LEU P 44 -71.53 6.82 -9.69
C LEU P 44 -71.14 8.11 -10.40
N ALA P 45 -70.03 8.09 -11.13
CA ALA P 45 -69.61 9.28 -11.87
C ALA P 45 -70.52 9.54 -13.06
N ARG P 46 -71.12 8.50 -13.62
CA ARG P 46 -71.94 8.65 -14.82
C ARG P 46 -73.16 9.53 -14.56
N ASP P 47 -73.94 9.19 -13.52
CA ASP P 47 -75.17 9.92 -13.27
C ASP P 47 -74.91 11.31 -12.69
N LYS P 48 -73.86 11.45 -11.87
CA LYS P 48 -73.56 12.75 -11.28
C LYS P 48 -73.20 13.77 -12.36
N ALA P 49 -72.44 13.34 -13.38
CA ALA P 49 -72.03 14.25 -14.43
C ALA P 49 -73.23 14.85 -15.16
N ALA P 50 -74.22 14.02 -15.46
CA ALA P 50 -75.44 14.54 -16.08
C ALA P 50 -76.21 15.43 -15.13
N LYS P 51 -76.25 15.08 -13.84
CA LYS P 51 -77.00 15.85 -12.86
C LYS P 51 -76.35 17.20 -12.57
N GLN P 52 -75.03 17.23 -12.36
CA GLN P 52 -74.36 18.49 -12.10
C GLN P 52 -74.43 19.41 -13.32
N ALA P 53 -74.33 18.84 -14.52
CA ALA P 53 -74.51 19.63 -15.73
C ALA P 53 -75.95 20.10 -15.86
N GLY P 54 -76.90 19.17 -15.87
CA GLY P 54 -78.30 19.51 -15.95
C GLY P 54 -78.66 20.31 -17.19
N LYS Q 194 -63.53 -0.73 -42.36
CA LYS Q 194 -63.42 -0.72 -40.91
C LYS Q 194 -63.19 -2.13 -40.37
N PRO Q 195 -62.52 -2.25 -39.23
CA PRO Q 195 -62.22 -3.57 -38.67
C PRO Q 195 -63.30 -4.08 -37.72
N ARG Q 196 -63.38 -5.41 -37.64
CA ARG Q 196 -64.36 -6.03 -36.76
C ARG Q 196 -64.00 -5.85 -35.30
N PHE Q 197 -62.73 -5.55 -35.02
CA PHE Q 197 -62.30 -5.34 -33.64
C PHE Q 197 -62.14 -3.86 -33.36
N PRO Q 198 -62.98 -3.26 -32.52
CA PRO Q 198 -62.81 -1.84 -32.19
C PRO Q 198 -61.52 -1.61 -31.42
N TRP Q 199 -60.96 -0.42 -31.60
CA TRP Q 199 -59.73 -0.07 -30.91
C TRP Q 199 -59.95 -0.03 -29.41
N ILE Q 200 -59.02 -0.62 -28.67
CA ILE Q 200 -59.07 -0.61 -27.21
C ILE Q 200 -58.25 0.58 -26.72
N SER Q 201 -58.89 1.46 -25.98
CA SER Q 201 -58.23 2.64 -25.46
C SER Q 201 -57.69 2.40 -24.06
N SER Q 202 -56.70 3.19 -23.67
CA SER Q 202 -56.10 3.07 -22.35
C SER Q 202 -57.12 3.39 -21.27
N GLY Q 203 -57.00 2.69 -20.14
CA GLY Q 203 -57.89 2.89 -19.02
C GLY Q 203 -59.18 2.11 -19.09
N SER Q 204 -59.42 1.37 -20.16
CA SER Q 204 -60.60 0.51 -20.23
C SER Q 204 -60.50 -0.60 -19.22
N PHE Q 205 -61.60 -0.89 -18.55
CA PHE Q 205 -61.61 -1.87 -17.47
C PHE Q 205 -62.73 -2.89 -17.69
N VAL Q 206 -62.55 -4.06 -17.10
CA VAL Q 206 -63.53 -5.13 -17.16
C VAL Q 206 -63.36 -6.03 -15.95
N GLU Q 207 -64.48 -6.48 -15.39
CA GLU Q 207 -64.44 -7.34 -14.22
C GLU Q 207 -64.33 -8.80 -14.63
N ALA Q 208 -63.78 -9.61 -13.72
CA ALA Q 208 -63.48 -11.00 -14.03
C ALA Q 208 -63.43 -11.83 -12.76
N ILE Q 209 -63.28 -13.13 -12.94
CA ILE Q 209 -63.16 -14.09 -11.85
C ILE Q 209 -61.81 -14.78 -11.97
N VAL Q 210 -61.07 -14.83 -10.86
CA VAL Q 210 -59.79 -15.52 -10.84
C VAL Q 210 -60.05 -17.03 -10.91
N VAL Q 211 -59.37 -17.70 -11.84
CA VAL Q 211 -59.55 -19.14 -11.99
C VAL Q 211 -58.70 -19.90 -10.99
N GLU Q 212 -57.38 -19.76 -11.09
CA GLU Q 212 -56.45 -20.39 -10.17
C GLU Q 212 -55.54 -19.30 -9.60
N GLY Q 213 -55.21 -19.43 -8.32
CA GLY Q 213 -54.43 -18.43 -7.64
C GLY Q 213 -53.00 -18.87 -7.40
N ALA Q 214 -52.16 -17.92 -7.00
CA ALA Q 214 -50.76 -18.17 -6.71
C ALA Q 214 -50.41 -17.54 -5.38
N ASP Q 215 -49.34 -18.04 -4.77
CA ASP Q 215 -48.82 -17.48 -3.52
C ASP Q 215 -47.74 -16.46 -3.87
N ALA Q 216 -47.97 -15.21 -3.49
CA ALA Q 216 -47.06 -14.13 -3.85
C ALA Q 216 -45.83 -14.17 -2.95
N ASN Q 217 -44.65 -14.09 -3.56
CA ASN Q 217 -43.40 -14.02 -2.81
C ASN Q 217 -43.21 -12.58 -2.32
N ALA Q 218 -43.83 -12.25 -1.21
CA ALA Q 218 -43.82 -10.89 -0.67
C ALA Q 218 -42.52 -10.66 0.09
N SER Q 219 -41.42 -10.58 -0.66
CA SER Q 219 -40.12 -10.29 -0.07
C SER Q 219 -39.54 -9.03 -0.70
N VAL Q 220 -38.29 -8.69 -0.35
CA VAL Q 220 -37.66 -7.52 -0.93
C VAL Q 220 -37.34 -7.73 -2.40
N THR Q 221 -37.25 -8.99 -2.85
CA THR Q 221 -36.99 -9.32 -4.24
C THR Q 221 -38.22 -9.95 -4.90
N GLY Q 222 -39.40 -9.44 -4.56
CA GLY Q 222 -40.63 -10.04 -5.07
C GLY Q 222 -40.76 -9.91 -6.57
N ASP Q 223 -40.42 -8.74 -7.12
CA ASP Q 223 -40.69 -8.45 -8.53
C ASP Q 223 -39.88 -9.30 -9.50
N LYS Q 224 -38.86 -10.01 -9.02
CA LYS Q 224 -38.05 -10.86 -9.88
C LYS Q 224 -38.50 -12.31 -9.89
N ASN Q 225 -38.55 -12.95 -8.72
CA ASN Q 225 -38.98 -14.33 -8.59
C ASN Q 225 -40.49 -14.39 -8.28
N THR Q 226 -41.29 -14.28 -9.34
CA THR Q 226 -42.74 -14.19 -9.24
C THR Q 226 -43.40 -15.51 -9.56
N ALA Q 227 -44.69 -15.60 -9.27
CA ALA Q 227 -45.49 -16.78 -9.49
C ALA Q 227 -46.67 -16.46 -10.40
N PRO Q 228 -46.82 -17.15 -11.52
CA PRO Q 228 -47.92 -16.82 -12.45
C PRO Q 228 -49.28 -17.23 -11.91
N MET Q 229 -50.31 -16.55 -12.41
CA MET Q 229 -51.69 -16.89 -12.13
C MET Q 229 -52.53 -16.57 -13.35
N GLN Q 230 -53.75 -17.11 -13.39
CA GLN Q 230 -54.62 -17.01 -14.55
C GLN Q 230 -56.06 -16.82 -14.11
N LEU Q 231 -56.79 -15.99 -14.87
CA LEU Q 231 -58.18 -15.67 -14.56
C LEU Q 231 -59.01 -15.63 -15.84
N ARG Q 232 -60.31 -15.79 -15.70
CA ARG Q 232 -61.25 -15.82 -16.82
C ARG Q 232 -62.18 -14.61 -16.77
N LEU Q 233 -62.56 -14.12 -17.95
CA LEU Q 233 -63.47 -13.01 -18.06
C LEU Q 233 -64.92 -13.46 -17.84
N THR Q 234 -65.71 -12.58 -17.23
CA THR Q 234 -67.12 -12.87 -16.99
C THR Q 234 -68.04 -11.67 -17.23
N GLY Q 235 -67.51 -10.60 -17.82
CA GLY Q 235 -68.31 -9.42 -18.08
C GLY Q 235 -68.11 -8.80 -19.44
N LYS Q 236 -68.51 -7.54 -19.61
CA LYS Q 236 -68.30 -6.84 -20.87
C LYS Q 236 -67.36 -5.70 -20.66
N VAL Q 237 -66.36 -5.56 -21.51
CA VAL Q 237 -65.36 -4.52 -21.28
C VAL Q 237 -66.02 -3.18 -21.34
N GLN Q 238 -65.66 -2.32 -20.40
CA GLN Q 238 -66.25 -1.01 -20.38
C GLN Q 238 -65.30 -0.04 -21.04
N MET Q 239 -65.68 0.47 -22.20
CA MET Q 239 -64.88 1.45 -22.88
C MET Q 239 -65.12 2.77 -22.19
N PRO Q 240 -64.24 3.75 -22.41
CA PRO Q 240 -64.42 4.98 -21.63
C PRO Q 240 -65.70 5.75 -21.79
N ASN Q 241 -66.16 6.03 -22.98
CA ASN Q 241 -67.37 6.83 -23.07
C ASN Q 241 -68.61 5.98 -23.11
N ASP Q 242 -68.88 5.23 -22.06
CA ASP Q 242 -70.09 4.43 -21.99
C ASP Q 242 -70.26 3.52 -23.18
N GLU Q 243 -69.18 2.85 -23.57
CA GLU Q 243 -69.24 1.96 -24.72
C GLU Q 243 -68.79 0.59 -24.29
N GLU Q 244 -69.24 -0.43 -24.99
CA GLU Q 244 -68.91 -1.79 -24.60
C GLU Q 244 -68.58 -2.69 -25.76
N PHE Q 245 -67.74 -3.70 -25.53
CA PHE Q 245 -67.43 -4.68 -26.57
C PHE Q 245 -67.58 -5.97 -25.84
N ASP Q 246 -67.86 -7.06 -26.55
CA ASP Q 246 -68.10 -8.29 -25.82
C ASP Q 246 -66.97 -9.28 -25.87
N LEU Q 247 -66.27 -9.43 -24.75
CA LEU Q 247 -65.25 -10.44 -24.67
C LEU Q 247 -65.68 -11.14 -23.41
N THR Q 248 -65.96 -12.43 -23.51
CA THR Q 248 -66.31 -13.18 -22.32
C THR Q 248 -65.69 -14.53 -22.45
N GLY Q 249 -65.49 -15.22 -21.34
CA GLY Q 249 -64.85 -16.51 -21.36
C GLY Q 249 -63.41 -16.50 -21.83
N CYS Q 250 -62.87 -15.34 -22.22
CA CYS Q 250 -61.48 -15.27 -22.64
C CYS Q 250 -60.57 -15.40 -21.42
N PHE Q 251 -59.39 -15.99 -21.64
CA PHE Q 251 -58.42 -16.19 -20.57
C PHE Q 251 -57.35 -15.10 -20.61
N VAL Q 252 -56.84 -14.74 -19.43
CA VAL Q 252 -55.72 -13.82 -19.30
C VAL Q 252 -54.66 -14.48 -18.44
N THR Q 253 -53.43 -14.51 -18.93
CA THR Q 253 -52.30 -15.00 -18.16
C THR Q 253 -51.64 -13.84 -17.44
N LEU Q 254 -51.36 -14.04 -16.15
CA LEU Q 254 -50.78 -12.99 -15.32
C LEU Q 254 -49.46 -13.45 -14.73
N GLU Q 255 -48.80 -12.52 -14.06
CA GLU Q 255 -47.49 -12.75 -13.47
C GLU Q 255 -47.32 -11.75 -12.33
N ALA Q 256 -47.43 -12.23 -11.09
CA ALA Q 256 -47.65 -11.34 -9.96
C ALA Q 256 -46.65 -11.62 -8.84
N TRP Q 257 -46.41 -10.60 -8.03
CA TRP Q 257 -45.60 -10.70 -6.83
C TRP Q 257 -46.36 -10.12 -5.64
N GLY Q 258 -45.70 -9.97 -4.49
CA GLY Q 258 -46.35 -9.52 -3.28
C GLY Q 258 -45.83 -8.18 -2.80
N ASP Q 259 -46.60 -7.57 -1.90
CA ASP Q 259 -46.23 -6.32 -1.25
C ASP Q 259 -46.72 -6.40 0.18
N VAL Q 260 -45.80 -6.61 1.11
CA VAL Q 260 -46.18 -6.90 2.49
C VAL Q 260 -46.74 -5.66 3.19
N SER Q 261 -46.27 -4.46 2.82
CA SER Q 261 -46.70 -3.25 3.52
C SER Q 261 -48.20 -3.02 3.38
N SER Q 262 -48.73 -3.18 2.18
CA SER Q 262 -50.16 -3.06 1.94
C SER Q 262 -50.86 -4.41 1.92
N GLU Q 263 -50.12 -5.50 2.17
CA GLU Q 263 -50.62 -6.88 2.06
C GLU Q 263 -51.57 -7.07 0.87
N ARG Q 264 -51.18 -6.49 -0.26
CA ARG Q 264 -51.87 -6.69 -1.52
C ARG Q 264 -50.90 -7.25 -2.55
N ALA Q 265 -51.40 -8.15 -3.39
CA ALA Q 265 -50.59 -8.83 -4.39
C ALA Q 265 -50.64 -8.02 -5.69
N ILE Q 266 -49.54 -7.35 -6.02
CA ILE Q 266 -49.44 -6.56 -7.24
C ILE Q 266 -49.29 -7.53 -8.41
N VAL Q 267 -50.11 -7.34 -9.44
CA VAL Q 267 -50.11 -8.22 -10.60
C VAL Q 267 -49.54 -7.46 -11.80
N ARG Q 268 -49.29 -8.20 -12.87
CA ARG Q 268 -48.88 -7.63 -14.14
C ARG Q 268 -49.33 -8.55 -15.26
N SER Q 269 -50.28 -8.07 -16.07
CA SER Q 269 -50.85 -8.88 -17.13
C SER Q 269 -49.78 -9.27 -18.15
N ARG Q 270 -49.84 -10.52 -18.60
CA ARG Q 270 -48.85 -11.05 -19.54
C ARG Q 270 -49.40 -11.15 -20.95
N SER Q 271 -50.53 -11.83 -21.12
CA SER Q 271 -51.09 -12.04 -22.46
C SER Q 271 -52.61 -12.15 -22.37
N ILE Q 272 -53.26 -11.84 -23.49
CA ILE Q 272 -54.71 -11.99 -23.64
C ILE Q 272 -54.96 -13.17 -24.57
N SER Q 273 -55.90 -14.03 -24.20
CA SER Q 273 -56.24 -15.21 -24.99
C SER Q 273 -57.74 -15.35 -25.08
N CYS Q 274 -58.23 -15.56 -26.29
CA CYS Q 274 -59.65 -15.73 -26.53
C CYS Q 274 -59.85 -16.39 -27.90
N LYS Q 275 -60.88 -17.21 -28.00
CA LYS Q 275 -61.14 -18.02 -29.20
C LYS Q 275 -62.59 -17.80 -29.62
N LEU Q 276 -62.84 -16.75 -30.39
CA LEU Q 276 -64.19 -16.40 -30.82
C LEU Q 276 -64.51 -17.17 -32.10
N GLY Q 277 -65.61 -17.93 -32.06
CA GLY Q 277 -66.07 -18.66 -33.22
C GLY Q 277 -65.03 -19.59 -33.80
N ASP Q 278 -64.50 -19.25 -34.96
CA ASP Q 278 -63.46 -20.03 -35.63
C ASP Q 278 -62.10 -19.34 -35.61
N ASP Q 279 -62.03 -18.08 -35.19
CA ASP Q 279 -60.80 -17.31 -35.24
C ASP Q 279 -60.20 -17.21 -33.84
N ASP Q 280 -58.89 -16.99 -33.77
CA ASP Q 280 -58.14 -17.09 -32.53
C ASP Q 280 -57.48 -15.76 -32.19
N ILE Q 281 -57.49 -15.41 -30.91
CA ILE Q 281 -56.87 -14.20 -30.39
C ILE Q 281 -55.79 -14.58 -29.39
N ASP Q 282 -54.59 -14.03 -29.59
CA ASP Q 282 -53.49 -14.23 -28.65
C ASP Q 282 -52.52 -13.07 -28.83
N GLN Q 283 -52.48 -12.17 -27.84
CA GLN Q 283 -51.70 -10.95 -27.94
C GLN Q 283 -51.02 -10.66 -26.61
N LYS Q 284 -49.98 -9.83 -26.67
CA LYS Q 284 -49.31 -9.33 -25.47
C LYS Q 284 -49.89 -7.99 -25.09
N ILE Q 285 -50.35 -7.87 -23.84
CA ILE Q 285 -50.97 -6.64 -23.35
C ILE Q 285 -50.34 -6.26 -22.02
N ALA Q 286 -50.60 -5.03 -21.60
CA ALA Q 286 -50.14 -4.50 -20.33
C ALA Q 286 -51.34 -4.03 -19.51
N GLY Q 287 -51.37 -4.41 -18.25
CA GLY Q 287 -52.48 -4.04 -17.39
C GLY Q 287 -52.28 -4.55 -15.99
N HIS Q 288 -53.24 -4.23 -15.13
CA HIS Q 288 -53.24 -4.64 -13.74
C HIS Q 288 -54.64 -5.07 -13.32
N VAL Q 289 -54.77 -5.47 -12.07
CA VAL Q 289 -56.03 -5.95 -11.51
C VAL Q 289 -56.33 -5.19 -10.23
N SER Q 290 -57.56 -4.72 -10.10
CA SER Q 290 -58.03 -4.00 -8.92
C SER Q 290 -59.12 -4.81 -8.23
N PHE Q 291 -59.00 -4.94 -6.91
CA PHE Q 291 -59.95 -5.68 -6.10
C PHE Q 291 -60.64 -4.75 -5.12
N MET Q 292 -61.96 -4.81 -5.06
CA MET Q 292 -62.77 -3.99 -4.15
C MET Q 292 -62.45 -2.50 -4.34
N GLY Q 293 -62.35 -2.09 -5.59
CA GLY Q 293 -62.12 -0.70 -5.92
C GLY Q 293 -60.74 -0.17 -5.63
N LYS Q 294 -59.77 -1.04 -5.32
CA LYS Q 294 -58.43 -0.61 -4.97
C LYS Q 294 -57.40 -1.47 -5.69
N ASN Q 295 -56.23 -0.89 -5.93
CA ASN Q 295 -55.20 -1.57 -6.69
C ASN Q 295 -54.73 -2.83 -5.97
N GLY Q 296 -54.37 -3.84 -6.75
CA GLY Q 296 -53.96 -5.12 -6.20
C GLY Q 296 -55.13 -5.93 -5.69
N ILE Q 297 -54.81 -7.05 -5.06
CA ILE Q 297 -55.79 -7.95 -4.47
C ILE Q 297 -55.51 -8.06 -2.98
N LYS Q 298 -56.52 -7.75 -2.17
CA LYS Q 298 -56.36 -7.78 -0.73
C LYS Q 298 -56.19 -9.21 -0.24
N GLY Q 299 -55.33 -9.40 0.75
CA GLY Q 299 -55.10 -10.70 1.35
C GLY Q 299 -54.32 -10.55 2.63
N GLU Q 300 -54.15 -11.66 3.33
CA GLU Q 300 -53.41 -11.67 4.57
C GLU Q 300 -52.01 -12.27 4.36
N VAL Q 301 -51.19 -12.17 5.41
CA VAL Q 301 -49.82 -12.65 5.38
C VAL Q 301 -49.72 -13.89 6.24
N VAL Q 302 -48.93 -14.86 5.81
CA VAL Q 302 -48.71 -16.10 6.55
C VAL Q 302 -47.21 -16.33 6.67
N MET Q 303 -46.78 -16.77 7.85
CA MET Q 303 -45.38 -17.06 8.12
C MET Q 303 -45.28 -18.39 8.84
N ARG Q 304 -44.15 -19.09 8.67
CA ARG Q 304 -43.97 -20.42 9.23
C ARG Q 304 -42.88 -20.46 10.29
N ASN Q 305 -42.53 -19.31 10.87
CA ASN Q 305 -41.42 -19.20 11.80
C ASN Q 305 -41.77 -19.66 13.22
N GLY Q 306 -43.04 -19.95 13.49
CA GLY Q 306 -43.51 -20.19 14.84
C GLY Q 306 -42.69 -21.17 15.66
N GLN Q 307 -42.67 -22.44 15.24
CA GLN Q 307 -41.94 -23.45 15.99
C GLN Q 307 -40.45 -23.16 16.04
N ILE Q 308 -39.87 -22.74 14.92
CA ILE Q 308 -38.43 -22.50 14.88
C ILE Q 308 -38.05 -21.35 15.80
N LEU Q 309 -38.82 -20.26 15.76
CA LEU Q 309 -38.56 -19.15 16.67
C LEU Q 309 -38.75 -19.56 18.12
N LEU Q 310 -39.75 -20.40 18.40
CA LEU Q 310 -39.94 -20.88 19.76
C LEU Q 310 -38.73 -21.68 20.23
N TYR Q 311 -38.19 -22.55 19.37
CA TYR Q 311 -37.01 -23.31 19.74
C TYR Q 311 -35.81 -22.40 19.97
N ALA Q 312 -35.62 -21.41 19.10
CA ALA Q 312 -34.50 -20.48 19.27
C ALA Q 312 -34.63 -19.71 20.59
N GLY Q 313 -35.84 -19.25 20.90
CA GLY Q 313 -36.06 -18.55 22.14
C GLY Q 313 -35.81 -19.43 23.35
N GLY Q 314 -36.24 -20.69 23.28
CA GLY Q 314 -35.96 -21.61 24.38
C GLY Q 314 -34.48 -21.85 24.57
N ALA Q 315 -33.74 -22.02 23.47
CA ALA Q 315 -32.30 -22.20 23.57
C ALA Q 315 -31.63 -20.98 24.20
N GLY Q 316 -32.00 -19.78 23.75
CA GLY Q 316 -31.42 -18.58 24.34
C GLY Q 316 -31.83 -18.38 25.78
N PHE Q 317 -33.04 -18.83 26.15
CA PHE Q 317 -33.46 -18.79 27.55
C PHE Q 317 -32.60 -19.71 28.40
N LEU Q 318 -32.25 -20.88 27.85
CA LEU Q 318 -31.29 -21.75 28.51
C LEU Q 318 -29.94 -21.05 28.66
N ASP Q 319 -29.53 -20.31 27.64
CA ASP Q 319 -28.30 -19.51 27.75
C ASP Q 319 -28.40 -18.51 28.89
N GLY Q 320 -29.54 -17.81 28.99
CA GLY Q 320 -29.69 -16.81 30.03
C GLY Q 320 -29.63 -17.40 31.42
N ILE Q 321 -30.37 -18.50 31.64
CA ILE Q 321 -30.34 -19.12 32.97
C ILE Q 321 -28.96 -19.68 33.27
N GLY Q 322 -28.28 -20.25 32.27
CA GLY Q 322 -26.93 -20.75 32.49
C GLY Q 322 -25.96 -19.65 32.87
N LYS Q 323 -26.04 -18.51 32.17
CA LYS Q 323 -25.14 -17.40 32.49
C LYS Q 323 -25.48 -16.81 33.85
N GLY Q 324 -26.77 -16.82 34.23
CA GLY Q 324 -27.14 -16.40 35.56
C GLY Q 324 -26.53 -17.29 36.63
N ILE Q 325 -26.61 -18.61 36.44
CA ILE Q 325 -25.94 -19.52 37.37
C ILE Q 325 -24.43 -19.42 37.23
N GLU Q 326 -23.95 -19.07 36.03
CA GLU Q 326 -22.51 -18.95 35.81
C GLU Q 326 -21.93 -17.72 36.49
N LYS Q 327 -22.77 -16.93 37.16
CA LYS Q 327 -22.29 -15.70 37.78
C LYS Q 327 -21.93 -15.89 39.25
N ALA Q 328 -22.81 -16.53 40.03
CA ALA Q 328 -22.62 -16.62 41.47
C ALA Q 328 -21.34 -17.38 41.81
N SER Q 329 -20.34 -16.67 42.32
CA SER Q 329 -19.02 -17.23 42.54
C SER Q 329 -18.42 -16.60 43.79
N SER Q 330 -17.12 -16.79 43.97
CA SER Q 330 -16.40 -16.25 45.11
C SER Q 330 -16.02 -14.78 44.84
N THR Q 331 -15.14 -14.25 45.69
CA THR Q 331 -14.67 -12.88 45.51
C THR Q 331 -13.62 -12.79 44.40
N VAL Q 355 -26.25 -23.87 31.17
CA VAL Q 355 -25.72 -24.15 29.84
C VAL Q 355 -25.69 -22.86 29.03
N SER Q 356 -24.59 -22.66 28.30
CA SER Q 356 -24.46 -21.54 27.38
C SER Q 356 -23.99 -21.93 25.99
N SER Q 357 -23.11 -22.92 25.87
CA SER Q 357 -22.52 -23.24 24.56
C SER Q 357 -23.54 -23.89 23.64
N ALA Q 358 -24.26 -24.91 24.13
CA ALA Q 358 -25.36 -25.48 23.34
C ALA Q 358 -26.32 -24.40 22.91
N ALA Q 359 -26.64 -23.49 23.83
CA ALA Q 359 -27.59 -22.44 23.53
C ALA Q 359 -27.09 -21.55 22.40
N LYS Q 360 -25.83 -21.10 22.47
CA LYS Q 360 -25.32 -20.21 21.44
C LYS Q 360 -25.26 -20.90 20.08
N THR Q 361 -24.74 -22.13 20.04
CA THR Q 361 -24.62 -22.82 18.75
C THR Q 361 -25.99 -23.11 18.14
N LEU Q 362 -26.89 -23.72 18.90
CA LEU Q 362 -28.21 -24.02 18.37
C LEU Q 362 -29.00 -22.76 18.04
N SER Q 363 -28.81 -21.70 18.81
CA SER Q 363 -29.49 -20.44 18.50
C SER Q 363 -29.00 -19.86 17.19
N ASP Q 364 -27.68 -19.87 16.96
CA ASP Q 364 -27.15 -19.38 15.71
C ASP Q 364 -27.66 -20.21 14.54
N TYR Q 365 -27.65 -21.55 14.70
CA TYR Q 365 -28.14 -22.41 13.64
C TYR Q 365 -29.61 -22.17 13.36
N TYR Q 366 -30.42 -22.03 14.41
CA TYR Q 366 -31.85 -21.80 14.23
C TYR Q 366 -32.13 -20.46 13.57
N ILE Q 367 -31.36 -19.42 13.93
CA ILE Q 367 -31.53 -18.13 13.27
C ILE Q 367 -31.19 -18.24 11.80
N LYS Q 368 -30.08 -18.90 11.48
CA LYS Q 368 -29.68 -19.03 10.08
C LYS Q 368 -30.71 -19.84 9.29
N ARG Q 369 -31.31 -20.84 9.93
CA ARG Q 369 -32.28 -21.69 9.24
C ARG Q 369 -33.63 -20.99 9.09
N ALA Q 370 -34.04 -20.22 10.10
CA ALA Q 370 -35.33 -19.53 10.05
C ALA Q 370 -35.27 -18.29 9.15
N GLU Q 371 -34.06 -17.75 8.91
CA GLU Q 371 -33.94 -16.60 8.02
C GLU Q 371 -34.38 -16.93 6.60
N GLN Q 372 -34.44 -18.21 6.24
CA GLN Q 372 -34.82 -18.59 4.89
C GLN Q 372 -36.25 -18.17 4.56
N TYR Q 373 -37.14 -18.23 5.55
CA TYR Q 373 -38.56 -18.00 5.30
C TYR Q 373 -38.82 -16.53 4.95
N HIS Q 374 -39.88 -16.31 4.17
CA HIS Q 374 -40.29 -14.97 3.77
C HIS Q 374 -41.82 -14.92 3.74
N PRO Q 375 -42.40 -13.72 3.86
CA PRO Q 375 -43.87 -13.61 3.85
C PRO Q 375 -44.48 -14.16 2.56
N VAL Q 376 -45.66 -14.77 2.70
CA VAL Q 376 -46.38 -15.37 1.58
C VAL Q 376 -47.82 -14.87 1.62
N ILE Q 377 -48.34 -14.48 0.46
CA ILE Q 377 -49.71 -13.96 0.33
C ILE Q 377 -50.57 -15.02 -0.35
N PRO Q 378 -51.47 -15.68 0.37
CA PRO Q 378 -52.35 -16.67 -0.28
C PRO Q 378 -53.56 -16.04 -0.95
N ILE Q 379 -53.56 -16.06 -2.29
CA ILE Q 379 -54.64 -15.49 -3.09
C ILE Q 379 -55.07 -16.51 -4.14
N GLY Q 380 -56.38 -16.68 -4.35
CA GLY Q 380 -56.81 -17.58 -5.44
C GLY Q 380 -58.27 -18.01 -5.34
N ALA Q 381 -58.52 -19.32 -5.34
CA ALA Q 381 -59.91 -19.87 -5.29
C ALA Q 381 -60.78 -19.21 -6.38
N GLY Q 382 -61.92 -18.62 -5.98
CA GLY Q 382 -62.84 -18.00 -6.97
C GLY Q 382 -63.29 -16.62 -6.52
N ASN Q 383 -62.37 -15.77 -6.08
CA ASN Q 383 -62.71 -14.41 -5.70
C ASN Q 383 -63.04 -13.56 -6.92
N GLU Q 384 -63.67 -12.42 -6.66
CA GLU Q 384 -64.06 -11.47 -7.68
C GLU Q 384 -63.05 -10.34 -7.76
N VAL Q 385 -62.56 -10.06 -8.97
CA VAL Q 385 -61.57 -9.03 -9.23
C VAL Q 385 -61.97 -8.28 -10.49
N THR Q 386 -61.26 -7.19 -10.76
CA THR Q 386 -61.51 -6.37 -11.95
C THR Q 386 -60.18 -6.12 -12.66
N LEU Q 387 -60.19 -6.25 -13.98
CA LEU Q 387 -59.00 -6.08 -14.79
C LEU Q 387 -59.08 -4.75 -15.53
N VAL Q 388 -57.93 -4.07 -15.62
CA VAL Q 388 -57.82 -2.79 -16.30
C VAL Q 388 -56.70 -2.87 -17.33
N PHE Q 389 -56.99 -2.45 -18.55
CA PHE Q 389 -55.99 -2.36 -19.60
C PHE Q 389 -55.29 -1.01 -19.48
N GLN Q 390 -54.09 -1.02 -18.90
CA GLN Q 390 -53.36 0.22 -18.65
C GLN Q 390 -52.97 0.94 -19.94
N ASP Q 391 -52.67 0.20 -21.00
CA ASP Q 391 -52.25 0.79 -22.27
C ASP Q 391 -53.16 0.32 -23.38
N GLY Q 392 -53.51 1.23 -24.28
CA GLY Q 392 -54.41 0.89 -25.37
C GLY Q 392 -53.72 0.03 -26.42
N PHE Q 393 -54.54 -0.72 -27.15
CA PHE Q 393 -54.05 -1.61 -28.20
C PHE Q 393 -55.18 -1.94 -29.16
N GLN Q 394 -54.86 -2.76 -30.16
CA GLN Q 394 -55.82 -3.16 -31.18
C GLN Q 394 -55.90 -4.68 -31.21
N LEU Q 395 -57.11 -5.21 -31.03
CA LEU Q 395 -57.31 -6.64 -31.18
C LEU Q 395 -57.17 -7.05 -32.64
N GLU Q 396 -56.46 -8.14 -32.88
CA GLU Q 396 -56.21 -8.61 -34.24
C GLU Q 396 -55.94 -10.11 -34.22
N THR Q 397 -56.48 -10.80 -35.22
CA THR Q 397 -56.48 -12.25 -35.26
C THR Q 397 -55.09 -12.80 -35.56
N LEU Q 398 -54.88 -14.08 -35.24
CA LEU Q 398 -53.55 -14.71 -35.46
C LEU Q 398 -53.29 -14.80 -36.97
N GLU Q 399 -54.31 -15.16 -37.75
CA GLU Q 399 -54.16 -15.20 -39.22
C GLU Q 399 -53.84 -13.79 -39.72
N GLU Q 400 -54.57 -12.79 -39.21
CA GLU Q 400 -54.28 -11.38 -39.59
C GLU Q 400 -52.83 -11.06 -39.25
N ALA Q 401 -52.39 -11.44 -38.05
CA ALA Q 401 -51.01 -11.15 -37.61
C ALA Q 401 -50.01 -11.77 -38.60
N ARG Q 402 -50.20 -13.04 -38.95
CA ARG Q 402 -49.21 -13.72 -39.84
C ARG Q 402 -49.24 -13.07 -41.23
N ALA Q 403 -50.43 -12.66 -41.70
CA ALA Q 403 -50.54 -11.99 -43.00
C ALA Q 403 -49.74 -10.68 -42.97
N LYS Q 404 -49.89 -9.92 -41.89
CA LYS Q 404 -49.13 -8.65 -41.74
C LYS Q 404 -47.63 -8.97 -41.71
N ALA Q 405 -47.21 -9.89 -40.83
CA ALA Q 405 -45.79 -10.20 -40.71
C ALA Q 405 -45.19 -10.53 -42.08
N ALA Q 406 -45.89 -11.33 -42.88
CA ALA Q 406 -45.40 -11.64 -44.22
C ALA Q 406 -45.34 -10.39 -45.09
N ALA Q 407 -46.35 -9.51 -44.99
CA ALA Q 407 -46.34 -8.28 -45.76
C ALA Q 407 -45.15 -7.41 -45.39
N ARG Q 408 -44.85 -7.29 -44.10
CA ARG Q 408 -43.68 -6.53 -43.67
C ARG Q 408 -42.39 -7.18 -44.16
N LYS Q 409 -42.30 -8.52 -44.05
CA LYS Q 409 -41.12 -9.23 -44.50
C LYS Q 409 -40.91 -9.10 -46.00
N LYS Q 410 -41.99 -8.85 -46.75
CA LYS Q 410 -41.86 -8.68 -48.20
C LYS Q 410 -40.98 -7.50 -48.58
N GLN Q 411 -40.85 -6.50 -47.70
CA GLN Q 411 -40.14 -5.25 -48.00
C GLN Q 411 -40.67 -4.63 -49.28
N ASN Q 412 -41.97 -4.36 -49.27
CA ASN Q 412 -42.68 -3.81 -50.44
C ASN Q 412 -42.33 -2.33 -50.56
N GLN Q 413 -41.12 -2.07 -51.05
CA GLN Q 413 -40.64 -0.71 -51.23
C GLN Q 413 -41.16 -0.13 -52.55
N LYS R 194 -56.73 -26.55 -43.69
CA LYS R 194 -56.69 -26.44 -42.24
C LYS R 194 -55.96 -27.63 -41.62
N PRO R 195 -55.35 -27.43 -40.46
CA PRO R 195 -54.60 -28.51 -39.83
C PRO R 195 -55.44 -29.35 -38.88
N ARG R 196 -55.02 -30.61 -38.73
CA ARG R 196 -55.73 -31.53 -37.83
C ARG R 196 -55.52 -31.16 -36.37
N PHE R 197 -54.46 -30.40 -36.08
CA PHE R 197 -54.21 -29.98 -34.70
C PHE R 197 -54.62 -28.53 -34.51
N PRO R 198 -55.67 -28.27 -33.73
CA PRO R 198 -56.06 -26.88 -33.47
C PRO R 198 -55.00 -26.14 -32.67
N TRP R 199 -54.91 -24.84 -32.91
CA TRP R 199 -53.93 -24.01 -32.21
C TRP R 199 -54.21 -24.00 -30.72
N ILE R 200 -53.17 -24.16 -29.92
CA ILE R 200 -53.27 -24.11 -28.47
C ILE R 200 -52.98 -22.69 -28.03
N SER R 201 -53.94 -22.08 -27.34
CA SER R 201 -53.81 -20.71 -26.88
C SER R 201 -53.27 -20.67 -25.45
N SER R 202 -52.67 -19.55 -25.10
CA SER R 202 -52.12 -19.38 -23.76
C SER R 202 -53.23 -19.43 -22.71
N GLY R 203 -52.89 -19.97 -21.55
CA GLY R 203 -53.84 -20.09 -20.46
C GLY R 203 -54.74 -21.30 -20.51
N SER R 204 -54.63 -22.12 -21.56
CA SER R 204 -55.40 -23.36 -21.61
C SER R 204 -54.93 -24.31 -20.53
N PHE R 205 -55.88 -24.98 -19.86
CA PHE R 205 -55.56 -25.84 -18.74
C PHE R 205 -56.19 -27.21 -18.94
N VAL R 206 -55.60 -28.20 -18.28
CA VAL R 206 -56.11 -29.57 -18.31
C VAL R 206 -55.66 -30.28 -17.04
N GLU R 207 -56.54 -31.09 -16.48
CA GLU R 207 -56.24 -31.83 -15.26
C GLU R 207 -55.56 -33.15 -15.59
N ALA R 208 -54.78 -33.66 -14.62
CA ALA R 208 -53.97 -34.84 -14.86
C ALA R 208 -53.66 -35.53 -13.54
N ILE R 209 -53.01 -36.69 -13.64
CA ILE R 209 -52.59 -37.48 -12.49
C ILE R 209 -51.08 -37.62 -12.55
N VAL R 210 -50.43 -37.33 -11.42
CA VAL R 210 -48.98 -37.48 -11.33
C VAL R 210 -48.64 -38.98 -11.34
N VAL R 211 -47.72 -39.38 -12.21
CA VAL R 211 -47.35 -40.79 -12.29
C VAL R 211 -46.30 -41.12 -11.23
N GLU R 212 -45.13 -40.50 -11.32
CA GLU R 212 -44.07 -40.68 -10.34
C GLU R 212 -43.67 -39.32 -9.80
N GLY R 213 -43.37 -39.26 -8.50
CA GLY R 213 -43.06 -37.99 -7.87
C GLY R 213 -41.56 -37.86 -7.57
N ALA R 214 -41.17 -36.64 -7.22
CA ALA R 214 -39.79 -36.33 -6.87
C ALA R 214 -39.76 -35.55 -5.57
N ASP R 215 -38.60 -35.59 -4.91
CA ASP R 215 -38.39 -34.83 -3.68
C ASP R 215 -37.77 -33.50 -4.05
N ALA R 216 -38.46 -32.41 -3.76
CA ALA R 216 -38.02 -31.08 -4.15
C ALA R 216 -36.90 -30.60 -3.23
N ASN R 217 -35.82 -30.11 -3.81
CA ASN R 217 -34.72 -29.54 -3.03
C ASN R 217 -35.10 -28.12 -2.63
N ALA R 218 -35.85 -28.00 -1.54
CA ALA R 218 -36.38 -26.72 -1.08
C ALA R 218 -35.30 -25.98 -0.30
N SER R 219 -34.28 -25.51 -1.03
CA SER R 219 -33.20 -24.73 -0.43
C SER R 219 -33.12 -23.37 -1.11
N VAL R 220 -32.12 -22.57 -0.74
CA VAL R 220 -31.94 -21.27 -1.38
C VAL R 220 -31.51 -21.41 -2.83
N THR R 221 -30.94 -22.55 -3.21
CA THR R 221 -30.51 -22.81 -4.58
C THR R 221 -31.38 -23.89 -5.22
N GLY R 222 -32.69 -23.86 -4.94
CA GLY R 222 -33.57 -24.90 -5.45
C GLY R 222 -33.67 -24.89 -6.96
N ASP R 223 -33.78 -23.71 -7.56
CA ASP R 223 -34.09 -23.60 -8.98
C ASP R 223 -32.97 -24.11 -9.88
N LYS R 224 -31.78 -24.38 -9.35
CA LYS R 224 -30.67 -24.88 -10.15
C LYS R 224 -30.54 -26.40 -10.08
N ASN R 225 -30.40 -26.94 -8.89
CA ASN R 225 -30.29 -28.40 -8.68
C ASN R 225 -31.66 -28.99 -8.41
N THR R 226 -32.40 -29.25 -9.49
CA THR R 226 -33.78 -29.70 -9.43
C THR R 226 -33.87 -31.20 -9.70
N ALA R 227 -35.05 -31.75 -9.42
CA ALA R 227 -35.33 -33.16 -9.61
C ALA R 227 -36.51 -33.35 -10.56
N PRO R 228 -36.35 -34.09 -11.64
CA PRO R 228 -37.44 -34.24 -12.61
C PRO R 228 -38.56 -35.11 -12.08
N MET R 229 -39.75 -34.90 -12.64
CA MET R 229 -40.91 -35.73 -12.38
C MET R 229 -41.77 -35.80 -13.63
N GLN R 230 -42.68 -36.76 -13.67
CA GLN R 230 -43.47 -37.05 -14.84
C GLN R 230 -44.91 -37.40 -14.45
N LEU R 231 -45.86 -36.95 -15.27
CA LEU R 231 -47.27 -37.16 -15.02
C LEU R 231 -48.00 -37.49 -16.32
N ARG R 232 -49.17 -38.14 -16.18
CA ARG R 232 -49.96 -38.56 -17.32
C ARG R 232 -51.28 -37.80 -17.36
N LEU R 233 -51.76 -37.54 -18.57
CA LEU R 233 -53.05 -36.86 -18.76
C LEU R 233 -54.21 -37.82 -18.55
N THR R 234 -55.30 -37.29 -18.01
CA THR R 234 -56.51 -38.08 -17.78
C THR R 234 -57.79 -37.32 -18.11
N GLY R 235 -57.69 -36.16 -18.76
CA GLY R 235 -58.87 -35.39 -19.08
C GLY R 235 -58.86 -34.78 -20.47
N LYS R 236 -59.68 -33.76 -20.71
CA LYS R 236 -59.70 -33.09 -22.01
C LYS R 236 -59.27 -31.66 -21.83
N VAL R 237 -58.36 -31.18 -22.67
CA VAL R 237 -57.85 -29.84 -22.47
C VAL R 237 -58.97 -28.85 -22.63
N GLN R 238 -59.01 -27.87 -21.73
CA GLN R 238 -60.06 -26.89 -21.80
C GLN R 238 -59.51 -25.66 -22.48
N MET R 239 -60.02 -25.35 -23.66
CA MET R 239 -59.61 -24.16 -24.37
C MET R 239 -60.36 -23.00 -23.76
N PRO R 240 -59.92 -21.77 -24.03
CA PRO R 240 -60.58 -20.67 -23.34
C PRO R 240 -62.06 -20.47 -23.55
N ASN R 241 -62.55 -20.45 -24.78
CA ASN R 241 -63.97 -20.19 -24.93
C ASN R 241 -64.78 -21.45 -24.96
N ASP R 242 -64.76 -22.20 -23.87
CA ASP R 242 -65.56 -23.41 -23.78
C ASP R 242 -65.32 -24.37 -24.92
N GLU R 243 -64.06 -24.57 -25.27
CA GLU R 243 -63.74 -25.45 -26.36
C GLU R 243 -62.82 -26.54 -25.86
N GLU R 244 -62.85 -27.70 -26.50
CA GLU R 244 -62.05 -28.81 -26.04
C GLU R 244 -61.35 -29.57 -27.15
N PHE R 245 -60.19 -30.14 -26.86
CA PHE R 245 -59.50 -30.96 -27.83
C PHE R 245 -59.16 -32.18 -27.02
N ASP R 246 -58.98 -33.31 -27.66
CA ASP R 246 -58.77 -34.51 -26.88
C ASP R 246 -57.36 -35.02 -26.83
N LEU R 247 -56.70 -34.87 -25.70
CA LEU R 247 -55.38 -35.43 -25.53
C LEU R 247 -55.58 -36.21 -24.25
N THR R 248 -55.34 -37.50 -24.28
CA THR R 248 -55.43 -38.28 -23.07
C THR R 248 -54.33 -39.29 -23.12
N GLY R 249 -53.93 -39.80 -21.96
CA GLY R 249 -52.84 -40.76 -21.90
C GLY R 249 -51.50 -40.22 -22.34
N CYS R 250 -51.42 -38.97 -22.79
CA CYS R 250 -50.15 -38.38 -23.17
C CYS R 250 -49.31 -38.11 -21.93
N PHE R 251 -47.98 -38.21 -22.08
CA PHE R 251 -47.05 -37.98 -20.98
C PHE R 251 -46.48 -36.57 -21.06
N VAL R 252 -46.19 -36.00 -19.90
CA VAL R 252 -45.51 -34.72 -19.79
C VAL R 252 -44.31 -34.90 -18.86
N THR R 253 -43.14 -34.47 -19.34
CA THR R 253 -41.94 -34.46 -18.51
C THR R 253 -41.80 -33.11 -17.83
N LEU R 254 -41.51 -33.13 -16.53
CA LEU R 254 -41.42 -31.92 -15.74
C LEU R 254 -40.05 -31.81 -15.10
N GLU R 255 -39.81 -30.67 -14.47
CA GLU R 255 -38.54 -30.36 -13.83
C GLU R 255 -38.82 -29.33 -12.75
N ALA R 256 -38.79 -29.75 -11.49
CA ALA R 256 -39.36 -28.97 -10.42
C ALA R 256 -38.38 -28.80 -9.27
N TRP R 257 -38.59 -27.73 -8.49
CA TRP R 257 -37.84 -27.47 -7.27
C TRP R 257 -38.82 -27.18 -6.14
N GLY R 258 -38.31 -26.74 -4.99
CA GLY R 258 -39.12 -26.52 -3.82
C GLY R 258 -39.17 -25.06 -3.39
N ASP R 259 -40.16 -24.76 -2.55
CA ASP R 259 -40.32 -23.43 -1.97
C ASP R 259 -40.80 -23.64 -0.54
N VAL R 260 -39.90 -23.45 0.42
CA VAL R 260 -40.21 -23.79 1.81
C VAL R 260 -41.23 -22.83 2.42
N SER R 261 -41.22 -21.56 2.00
CA SER R 261 -42.10 -20.57 2.63
C SER R 261 -43.57 -20.95 2.45
N SER R 262 -43.95 -21.34 1.23
CA SER R 262 -45.31 -21.79 0.96
C SER R 262 -45.45 -23.29 1.00
N GLU R 263 -44.36 -24.02 1.32
CA GLU R 263 -44.30 -25.48 1.28
C GLU R 263 -45.06 -26.06 0.08
N ARG R 264 -44.87 -25.43 -1.08
CA ARG R 264 -45.38 -25.94 -2.34
C ARG R 264 -44.23 -26.12 -3.31
N ALA R 265 -44.31 -27.18 -4.11
CA ALA R 265 -43.26 -27.54 -5.06
C ALA R 265 -43.57 -26.86 -6.40
N ILE R 266 -42.78 -25.85 -6.74
CA ILE R 266 -42.94 -25.13 -7.99
C ILE R 266 -42.39 -26.02 -9.11
N VAL R 267 -43.17 -26.20 -10.17
CA VAL R 267 -42.79 -27.05 -11.28
C VAL R 267 -42.51 -26.18 -12.50
N ARG R 268 -41.96 -26.82 -13.52
CA ARG R 268 -41.73 -26.18 -14.82
C ARG R 268 -41.76 -27.26 -15.90
N SER R 269 -42.78 -27.20 -16.74
CA SER R 269 -42.95 -28.22 -17.77
C SER R 269 -41.79 -28.21 -18.75
N ARG R 270 -41.34 -29.40 -19.14
CA ARG R 270 -40.20 -29.55 -20.03
C ARG R 270 -40.61 -29.91 -21.44
N SER R 271 -41.39 -30.99 -21.60
CA SER R 271 -41.77 -31.44 -22.93
C SER R 271 -43.13 -32.12 -22.87
N ILE R 272 -43.81 -32.13 -24.02
CA ILE R 272 -45.08 -32.82 -24.19
C ILE R 272 -44.83 -34.04 -25.07
N SER R 273 -45.38 -35.18 -24.66
CA SER R 273 -45.22 -36.43 -25.40
C SER R 273 -46.56 -37.13 -25.52
N CYS R 274 -46.88 -37.57 -26.73
CA CYS R 274 -48.12 -38.28 -26.99
C CYS R 274 -47.99 -39.02 -28.32
N LYS R 275 -48.65 -40.18 -28.40
CA LYS R 275 -48.52 -41.06 -29.56
C LYS R 275 -49.93 -41.44 -30.02
N LEU R 276 -50.52 -40.59 -30.85
CA LEU R 276 -51.88 -40.79 -31.35
C LEU R 276 -51.84 -41.68 -32.58
N GLY R 277 -52.57 -42.80 -32.52
CA GLY R 277 -52.66 -43.69 -33.66
C GLY R 277 -51.32 -44.19 -34.15
N ASP R 278 -50.92 -43.72 -35.34
CA ASP R 278 -49.64 -44.07 -35.93
C ASP R 278 -48.64 -42.92 -35.91
N ASP R 279 -49.07 -41.70 -35.56
CA ASP R 279 -48.23 -40.53 -35.62
C ASP R 279 -47.76 -40.16 -34.21
N ASP R 280 -46.64 -39.45 -34.13
CA ASP R 280 -45.96 -39.21 -32.86
C ASP R 280 -45.87 -37.72 -32.58
N ILE R 281 -46.06 -37.34 -31.32
CA ILE R 281 -45.96 -35.96 -30.87
C ILE R 281 -44.87 -35.86 -29.81
N ASP R 282 -43.95 -34.91 -30.01
CA ASP R 282 -42.89 -34.64 -29.04
C ASP R 282 -42.45 -33.20 -29.27
N GLN R 283 -42.78 -32.32 -28.33
CA GLN R 283 -42.52 -30.90 -28.47
C GLN R 283 -42.05 -30.31 -27.15
N LYS R 284 -41.41 -29.15 -27.22
CA LYS R 284 -41.02 -28.39 -26.05
C LYS R 284 -42.08 -27.35 -25.75
N ILE R 285 -42.60 -27.36 -24.52
CA ILE R 285 -43.66 -26.45 -24.10
C ILE R 285 -43.28 -25.80 -22.79
N ALA R 286 -44.01 -24.75 -22.45
CA ALA R 286 -43.83 -24.02 -21.19
C ALA R 286 -45.14 -24.01 -20.43
N GLY R 287 -45.09 -24.32 -19.15
CA GLY R 287 -46.30 -24.36 -18.34
C GLY R 287 -45.97 -24.71 -16.90
N HIS R 288 -47.01 -24.75 -16.09
CA HIS R 288 -46.91 -25.07 -14.68
C HIS R 288 -48.07 -25.97 -14.27
N VAL R 289 -48.09 -26.33 -12.99
CA VAL R 289 -49.09 -27.24 -12.44
C VAL R 289 -49.71 -26.60 -11.21
N SER R 290 -51.04 -26.62 -11.14
CA SER R 290 -51.78 -26.10 -10.01
C SER R 290 -52.51 -27.23 -9.29
N PHE R 291 -52.42 -27.24 -7.97
CA PHE R 291 -53.05 -28.26 -7.14
C PHE R 291 -54.07 -27.60 -6.23
N MET R 292 -55.28 -28.17 -6.20
CA MET R 292 -56.37 -27.69 -5.35
C MET R 292 -56.63 -26.20 -5.61
N GLY R 293 -56.64 -25.83 -6.88
CA GLY R 293 -56.95 -24.48 -7.28
C GLY R 293 -55.88 -23.45 -6.99
N LYS R 294 -54.67 -23.87 -6.62
CA LYS R 294 -53.60 -22.95 -6.25
C LYS R 294 -52.30 -23.38 -6.91
N ASN R 295 -51.42 -22.41 -7.14
CA ASN R 295 -50.18 -22.68 -7.86
C ASN R 295 -49.30 -23.64 -7.05
N GLY R 296 -48.56 -24.47 -7.76
CA GLY R 296 -47.71 -25.47 -7.14
C GLY R 296 -48.51 -26.63 -6.60
N ILE R 297 -47.81 -27.53 -5.92
CA ILE R 297 -48.40 -28.71 -5.30
C ILE R 297 -48.17 -28.64 -3.81
N LYS R 298 -49.25 -28.70 -3.04
CA LYS R 298 -49.15 -28.61 -1.58
C LYS R 298 -48.47 -29.85 -1.02
N GLY R 299 -47.65 -29.65 0.01
CA GLY R 299 -46.97 -30.75 0.68
C GLY R 299 -46.36 -30.26 1.96
N GLU R 300 -45.80 -31.20 2.72
CA GLU R 300 -45.16 -30.85 3.98
C GLU R 300 -43.65 -30.90 3.84
N VAL R 301 -42.96 -30.45 4.89
CA VAL R 301 -41.50 -30.36 4.91
C VAL R 301 -40.99 -31.45 5.86
N VAL R 302 -39.87 -32.06 5.48
CA VAL R 302 -39.23 -33.08 6.31
C VAL R 302 -37.76 -32.73 6.47
N MET R 303 -37.24 -32.92 7.67
CA MET R 303 -35.85 -32.65 7.99
C MET R 303 -35.28 -33.81 8.78
N ARG R 304 -33.97 -34.04 8.68
CA ARG R 304 -33.32 -35.17 9.31
C ARG R 304 -32.34 -34.75 10.41
N ASN R 305 -32.49 -33.53 10.93
CA ASN R 305 -31.54 -32.97 11.88
C ASN R 305 -31.75 -33.46 13.30
N GLY R 306 -32.82 -34.20 13.56
CA GLY R 306 -33.21 -34.56 14.92
C GLY R 306 -32.12 -35.11 15.80
N GLN R 307 -31.60 -36.29 15.45
CA GLN R 307 -30.58 -36.92 16.28
C GLN R 307 -29.31 -36.08 16.34
N ILE R 308 -28.89 -35.51 15.21
CA ILE R 308 -27.65 -34.75 15.19
C ILE R 308 -27.77 -33.51 16.05
N LEU R 309 -28.89 -32.80 15.94
CA LEU R 309 -29.10 -31.63 16.79
C LEU R 309 -29.18 -32.03 18.26
N LEU R 310 -29.81 -33.17 18.56
CA LEU R 310 -29.86 -33.63 19.94
C LEU R 310 -28.46 -33.88 20.49
N TYR R 311 -27.60 -34.53 19.69
CA TYR R 311 -26.23 -34.77 20.12
C TYR R 311 -25.47 -33.46 20.32
N ALA R 312 -25.63 -32.50 19.41
CA ALA R 312 -24.96 -31.22 19.56
C ALA R 312 -25.42 -30.49 20.82
N GLY R 313 -26.73 -30.52 21.08
CA GLY R 313 -27.25 -29.90 22.29
C GLY R 313 -26.74 -30.57 23.55
N GLY R 314 -26.65 -31.90 23.54
CA GLY R 314 -26.10 -32.60 24.69
C GLY R 314 -24.64 -32.25 24.93
N ALA R 315 -23.85 -32.17 23.85
CA ALA R 315 -22.44 -31.78 23.99
C ALA R 315 -22.32 -30.38 24.58
N GLY R 316 -23.10 -29.43 24.05
CA GLY R 316 -23.03 -28.08 24.58
C GLY R 316 -23.56 -27.98 26.01
N PHE R 317 -24.51 -28.85 26.36
CA PHE R 317 -24.97 -28.91 27.75
C PHE R 317 -23.86 -29.39 28.67
N LEU R 318 -23.08 -30.37 28.20
CA LEU R 318 -21.89 -30.78 28.93
C LEU R 318 -20.92 -29.62 29.07
N ASP R 319 -20.77 -28.81 28.01
CA ASP R 319 -19.95 -27.61 28.10
C ASP R 319 -20.46 -26.68 29.19
N GLY R 320 -21.77 -26.46 29.23
CA GLY R 320 -22.34 -25.55 30.20
C GLY R 320 -22.13 -26.02 31.64
N ILE R 321 -22.40 -27.30 31.89
CA ILE R 321 -22.19 -27.81 33.25
C ILE R 321 -20.71 -27.79 33.61
N GLY R 322 -19.83 -28.11 32.66
CA GLY R 322 -18.41 -28.04 32.94
C GLY R 322 -17.94 -26.64 33.28
N LYS R 323 -18.41 -25.64 32.52
CA LYS R 323 -18.02 -24.27 32.81
C LYS R 323 -18.61 -23.79 34.12
N GLY R 324 -19.82 -24.27 34.46
CA GLY R 324 -20.37 -23.97 35.77
C GLY R 324 -19.52 -24.51 36.90
N ILE R 325 -19.07 -25.77 36.77
CA ILE R 325 -18.16 -26.33 37.76
C ILE R 325 -16.80 -25.65 37.65
N GLU R 326 -16.43 -25.19 36.45
CA GLU R 326 -15.13 -24.56 36.25
C GLU R 326 -15.10 -23.17 36.88
N LYS R 327 -16.20 -22.73 37.48
CA LYS R 327 -16.25 -21.39 38.05
C LYS R 327 -15.90 -21.37 39.54
N ALA R 328 -16.50 -22.26 40.33
CA ALA R 328 -16.35 -22.22 41.78
C ALA R 328 -14.89 -22.42 42.19
N SER R 329 -14.26 -21.35 42.68
CA SER R 329 -12.84 -21.37 42.96
C SER R 329 -12.57 -20.51 44.19
N SER R 330 -11.30 -20.18 44.40
CA SER R 330 -10.89 -19.35 45.53
C SER R 330 -11.08 -17.86 45.19
N THR R 331 -10.50 -17.00 46.03
CA THR R 331 -10.59 -15.57 45.78
C THR R 331 -9.60 -15.13 44.70
N VAL R 355 -16.53 -30.72 31.80
CA VAL R 355 -15.88 -30.83 30.51
C VAL R 355 -16.31 -29.66 29.62
N SER R 356 -15.34 -29.08 28.92
CA SER R 356 -15.60 -28.04 27.95
C SER R 356 -14.97 -28.28 26.58
N SER R 357 -13.77 -28.86 26.53
CA SER R 357 -13.06 -28.99 25.25
C SER R 357 -13.72 -30.02 24.35
N ALA R 358 -14.02 -31.22 24.87
CA ALA R 358 -14.77 -32.19 24.09
C ALA R 358 -16.07 -31.57 23.59
N ALA R 359 -16.73 -30.82 24.44
CA ALA R 359 -18.00 -30.22 24.06
C ALA R 359 -17.83 -29.25 22.90
N LYS R 360 -16.84 -28.36 22.98
CA LYS R 360 -16.65 -27.38 21.91
C LYS R 360 -16.28 -28.06 20.60
N THR R 361 -15.34 -29.00 20.63
CA THR R 361 -14.91 -29.64 19.38
C THR R 361 -16.03 -30.46 18.76
N LEU R 362 -16.68 -31.33 19.54
CA LEU R 362 -17.77 -32.14 18.98
C LEU R 362 -18.95 -31.28 18.57
N SER R 363 -19.23 -30.20 19.30
CA SER R 363 -20.32 -29.31 18.90
C SER R 363 -20.02 -28.63 17.57
N ASP R 364 -18.79 -28.15 17.38
CA ASP R 364 -18.42 -27.54 16.10
C ASP R 364 -18.54 -28.57 14.97
N TYR R 365 -18.04 -29.78 15.21
CA TYR R 365 -18.11 -30.81 14.18
C TYR R 365 -19.55 -31.16 13.86
N TYR R 366 -20.40 -31.29 14.88
CA TYR R 366 -21.80 -31.63 14.67
C TYR R 366 -22.53 -30.53 13.93
N ILE R 367 -22.24 -29.27 14.25
CA ILE R 367 -22.86 -28.16 13.51
C ILE R 367 -22.44 -28.19 12.04
N LYS R 368 -21.14 -28.39 11.79
CA LYS R 368 -20.67 -28.43 10.41
C LYS R 368 -21.28 -29.59 9.65
N ARG R 369 -21.49 -30.73 10.32
CA ARG R 369 -22.04 -31.91 9.67
C ARG R 369 -23.54 -31.77 9.44
N ALA R 370 -24.25 -31.18 10.39
CA ALA R 370 -25.70 -31.03 10.27
C ALA R 370 -26.08 -29.90 9.32
N GLU R 371 -25.16 -28.95 9.08
CA GLU R 371 -25.44 -27.88 8.12
C GLU R 371 -25.68 -28.42 6.72
N GLN R 372 -25.23 -29.64 6.42
CA GLN R 372 -25.38 -30.18 5.09
C GLN R 372 -26.84 -30.36 4.70
N TYR R 373 -27.69 -30.71 5.67
CA TYR R 373 -29.07 -31.04 5.38
C TYR R 373 -29.85 -29.80 4.95
N HIS R 374 -30.88 -30.02 4.13
CA HIS R 374 -31.77 -28.97 3.66
C HIS R 374 -33.19 -29.50 3.58
N PRO R 375 -34.20 -28.62 3.62
CA PRO R 375 -35.59 -29.07 3.58
C PRO R 375 -35.88 -29.86 2.32
N VAL R 376 -36.76 -30.86 2.46
CA VAL R 376 -37.15 -31.73 1.35
C VAL R 376 -38.67 -31.82 1.33
N ILE R 377 -39.25 -31.72 0.14
CA ILE R 377 -40.70 -31.75 -0.04
C ILE R 377 -41.07 -33.08 -0.68
N PRO R 378 -41.69 -34.01 0.05
CA PRO R 378 -42.10 -35.28 -0.56
C PRO R 378 -43.42 -35.18 -1.31
N ILE R 379 -43.37 -35.27 -2.63
CA ILE R 379 -44.55 -35.19 -3.49
C ILE R 379 -44.51 -36.33 -4.49
N GLY R 380 -45.65 -36.99 -4.71
CA GLY R 380 -45.67 -38.03 -5.77
C GLY R 380 -46.85 -38.98 -5.69
N ALA R 381 -46.60 -40.29 -5.62
CA ALA R 381 -47.68 -41.32 -5.57
C ALA R 381 -48.68 -41.08 -6.70
N GLY R 382 -49.97 -40.95 -6.38
CA GLY R 382 -51.02 -40.78 -7.41
C GLY R 382 -51.97 -39.66 -7.05
N ASN R 383 -51.46 -38.50 -6.64
CA ASN R 383 -52.31 -37.36 -6.33
C ASN R 383 -52.89 -36.74 -7.60
N GLU R 384 -53.91 -35.92 -7.42
CA GLU R 384 -54.59 -35.24 -8.51
C GLU R 384 -54.08 -33.81 -8.63
N VAL R 385 -53.68 -33.42 -9.83
CA VAL R 385 -53.15 -32.09 -10.12
C VAL R 385 -53.75 -31.61 -11.44
N THR R 386 -53.49 -30.34 -11.75
CA THR R 386 -53.98 -29.72 -12.97
C THR R 386 -52.83 -29.02 -13.67
N LEU R 387 -52.73 -29.21 -14.99
CA LEU R 387 -51.66 -28.62 -15.78
C LEU R 387 -52.20 -27.45 -16.58
N VAL R 388 -51.39 -26.40 -16.70
CA VAL R 388 -51.76 -25.19 -17.44
C VAL R 388 -50.65 -24.89 -18.43
N PHE R 389 -51.02 -24.67 -19.69
CA PHE R 389 -50.07 -24.24 -20.72
C PHE R 389 -49.94 -22.73 -20.64
N GLN R 390 -48.86 -22.25 -20.04
CA GLN R 390 -48.66 -20.82 -19.84
C GLN R 390 -48.52 -20.06 -21.15
N ASP R 391 -47.93 -20.67 -22.17
CA ASP R 391 -47.71 -20.02 -23.45
C ASP R 391 -48.32 -20.85 -24.57
N GLY R 392 -48.96 -20.17 -25.51
CA GLY R 392 -49.60 -20.86 -26.61
C GLY R 392 -48.61 -21.45 -27.59
N PHE R 393 -49.04 -22.49 -28.31
CA PHE R 393 -48.21 -23.17 -29.28
C PHE R 393 -49.09 -23.94 -30.26
N GLN R 394 -48.45 -24.62 -31.20
CA GLN R 394 -49.13 -25.40 -32.23
C GLN R 394 -48.63 -26.83 -32.17
N LEU R 395 -49.56 -27.78 -31.99
CA LEU R 395 -49.20 -29.19 -32.07
C LEU R 395 -48.86 -29.55 -33.51
N GLU R 396 -47.79 -30.31 -33.68
CA GLU R 396 -47.32 -30.71 -35.00
C GLU R 396 -46.50 -31.99 -34.89
N THR R 397 -46.69 -32.87 -35.86
CA THR R 397 -46.14 -34.22 -35.82
C THR R 397 -44.64 -34.20 -36.07
N LEU R 398 -43.97 -35.29 -35.67
CA LEU R 398 -42.49 -35.39 -35.83
C LEU R 398 -42.16 -35.44 -37.32
N GLU R 399 -42.94 -36.19 -38.10
CA GLU R 399 -42.72 -36.23 -39.57
C GLU R 399 -42.94 -34.82 -40.12
N GLU R 400 -44.01 -34.15 -39.70
CA GLU R 400 -44.26 -32.76 -40.15
C GLU R 400 -43.05 -31.90 -39.79
N ALA R 401 -42.56 -32.03 -38.56
CA ALA R 401 -41.39 -31.21 -38.11
C ALA R 401 -40.20 -31.45 -39.04
N ARG R 402 -39.88 -32.71 -39.33
CA ARG R 402 -38.68 -33.00 -40.15
C ARG R 402 -38.89 -32.47 -41.57
N ALA R 403 -40.12 -32.57 -42.09
CA ALA R 403 -40.43 -32.04 -43.44
C ALA R 403 -40.19 -30.53 -43.45
N LYS R 404 -40.65 -29.84 -42.41
CA LYS R 404 -40.44 -28.36 -42.32
C LYS R 404 -38.94 -28.09 -42.24
N ALA R 405 -38.24 -28.75 -41.31
CA ALA R 405 -36.82 -28.49 -41.14
C ALA R 405 -36.08 -28.62 -42.46
N ALA R 406 -36.38 -29.65 -43.24
CA ALA R 406 -35.76 -29.81 -44.55
C ALA R 406 -36.14 -28.68 -45.49
N ALA R 407 -37.40 -28.24 -45.45
CA ALA R 407 -37.83 -27.13 -46.29
C ALA R 407 -37.08 -25.85 -45.94
N ARG R 408 -36.90 -25.58 -44.64
CA ARG R 408 -36.12 -24.41 -44.24
C ARG R 408 -34.67 -24.55 -44.67
N LYS R 409 -34.09 -25.74 -44.49
CA LYS R 409 -32.69 -25.97 -44.85
C LYS R 409 -32.49 -25.84 -46.37
N LYS R 410 -33.54 -26.03 -47.15
CA LYS R 410 -33.43 -25.91 -48.59
C LYS R 410 -33.05 -24.49 -49.02
N GLN R 411 -33.35 -23.48 -48.20
CA GLN R 411 -33.16 -22.07 -48.54
C GLN R 411 -33.83 -21.75 -49.88
N ASN R 412 -35.14 -21.99 -49.91
CA ASN R 412 -35.94 -21.80 -51.11
C ASN R 412 -36.18 -20.31 -51.32
N GLN R 413 -35.14 -19.63 -51.79
CA GLN R 413 -35.20 -18.19 -52.04
C GLN R 413 -35.84 -17.91 -53.39
N LYS S 194 -40.65 -47.83 -43.44
CA LYS S 194 -40.72 -47.66 -42.00
C LYS S 194 -39.62 -48.46 -41.30
N PRO S 195 -39.17 -47.99 -40.15
CA PRO S 195 -38.09 -48.68 -39.44
C PRO S 195 -38.59 -49.75 -38.46
N ARG S 196 -37.74 -50.74 -38.24
CA ARG S 196 -38.08 -51.82 -37.31
C ARG S 196 -38.09 -51.33 -35.86
N PHE S 197 -37.42 -50.22 -35.59
CA PHE S 197 -37.40 -49.68 -34.23
C PHE S 197 -38.34 -48.49 -34.12
N PRO S 198 -39.44 -48.61 -33.37
CA PRO S 198 -40.33 -47.47 -33.21
C PRO S 198 -39.66 -46.35 -32.43
N TRP S 199 -40.07 -45.12 -32.73
CA TRP S 199 -39.50 -43.96 -32.06
C TRP S 199 -39.82 -43.99 -30.58
N ILE S 200 -38.82 -43.71 -29.75
CA ILE S 200 -39.00 -43.65 -28.30
C ILE S 200 -39.30 -42.20 -27.93
N SER S 201 -40.44 -41.98 -27.31
CA SER S 201 -40.84 -40.63 -26.91
C SER S 201 -40.42 -40.36 -25.47
N SER S 202 -40.30 -39.07 -25.16
CA SER S 202 -39.92 -38.65 -23.82
C SER S 202 -40.97 -39.07 -22.81
N GLY S 203 -40.50 -39.40 -21.61
CA GLY S 203 -41.38 -39.82 -20.54
C GLY S 203 -41.74 -41.28 -20.54
N SER S 204 -41.30 -42.05 -21.53
CA SER S 204 -41.54 -43.48 -21.54
C SER S 204 -40.78 -44.14 -20.40
N PHE S 205 -41.43 -45.09 -19.72
CA PHE S 205 -40.86 -45.72 -18.54
C PHE S 205 -40.92 -47.23 -18.69
N VAL S 206 -40.03 -47.89 -17.96
CA VAL S 206 -39.98 -49.36 -17.93
C VAL S 206 -39.35 -49.79 -16.61
N GLU S 207 -39.88 -50.86 -16.03
CA GLU S 207 -39.38 -51.36 -14.77
C GLU S 207 -38.23 -52.35 -15.01
N ALA S 208 -37.37 -52.48 -14.00
CA ALA S 208 -36.16 -53.27 -14.15
C ALA S 208 -35.67 -53.75 -12.79
N ILE S 209 -34.63 -54.57 -12.82
CA ILE S 209 -33.98 -55.10 -11.62
C ILE S 209 -32.53 -54.65 -11.64
N VAL S 210 -32.07 -54.09 -10.51
CA VAL S 210 -30.68 -53.68 -10.38
C VAL S 210 -29.81 -54.94 -10.30
N VAL S 211 -28.77 -55.00 -11.13
CA VAL S 211 -27.89 -56.16 -11.12
C VAL S 211 -26.84 -56.04 -10.03
N GLU S 212 -26.00 -55.01 -10.12
CA GLU S 212 -24.99 -54.75 -9.11
C GLU S 212 -25.14 -53.31 -8.63
N GLY S 213 -24.95 -53.08 -7.33
CA GLY S 213 -25.15 -51.77 -6.76
C GLY S 213 -23.85 -51.07 -6.44
N ALA S 214 -23.96 -49.78 -6.14
CA ALA S 214 -22.80 -48.95 -5.78
C ALA S 214 -23.13 -48.17 -4.52
N ASP S 215 -22.08 -47.74 -3.83
CA ASP S 215 -22.22 -46.90 -2.65
C ASP S 215 -22.12 -45.45 -3.08
N ALA S 216 -23.19 -44.70 -2.84
CA ALA S 216 -23.26 -43.32 -3.30
C ALA S 216 -22.45 -42.41 -2.38
N ASN S 217 -21.61 -41.57 -2.97
CA ASN S 217 -20.84 -40.59 -2.20
C ASN S 217 -21.74 -39.41 -1.87
N ALA S 218 -22.53 -39.54 -0.82
CA ALA S 218 -23.52 -38.54 -0.43
C ALA S 218 -22.82 -37.41 0.33
N SER S 219 -22.03 -36.63 -0.40
CA SER S 219 -21.36 -35.48 0.18
C SER S 219 -21.77 -34.21 -0.58
N VAL S 220 -21.15 -33.07 -0.23
CA VAL S 220 -21.45 -31.83 -0.92
C VAL S 220 -20.95 -31.86 -2.36
N THR S 221 -19.97 -32.71 -2.66
CA THR S 221 -19.41 -32.85 -4.00
C THR S 221 -19.79 -34.19 -4.61
N GLY S 222 -21.02 -34.66 -4.35
CA GLY S 222 -21.42 -35.97 -4.83
C GLY S 222 -21.47 -36.07 -6.34
N ASP S 223 -21.98 -35.04 -7.00
CA ASP S 223 -22.24 -35.11 -8.44
C ASP S 223 -20.99 -35.19 -9.29
N LYS S 224 -19.80 -34.96 -8.72
CA LYS S 224 -18.56 -35.04 -9.47
C LYS S 224 -17.87 -36.39 -9.31
N ASN S 225 -17.57 -36.80 -8.08
CA ASN S 225 -16.93 -38.08 -7.80
C ASN S 225 -17.99 -39.16 -7.53
N THR S 226 -18.53 -39.72 -8.60
CA THR S 226 -19.64 -40.65 -8.55
C THR S 226 -19.15 -42.08 -8.75
N ALA S 227 -20.05 -43.02 -8.47
CA ALA S 227 -19.76 -44.45 -8.58
C ALA S 227 -20.74 -45.10 -9.54
N PRO S 228 -20.26 -45.77 -10.59
CA PRO S 228 -21.18 -46.36 -11.57
C PRO S 228 -21.92 -47.58 -11.02
N MET S 229 -23.08 -47.85 -11.62
CA MET S 229 -23.85 -49.04 -11.33
C MET S 229 -24.57 -49.48 -12.61
N GLN S 230 -25.03 -50.72 -12.61
CA GLN S 230 -25.61 -51.34 -13.78
C GLN S 230 -26.82 -52.18 -13.41
N LEU S 231 -27.84 -52.17 -14.27
CA LEU S 231 -29.09 -52.90 -14.04
C LEU S 231 -29.58 -53.52 -15.33
N ARG S 232 -30.41 -54.56 -15.19
CA ARG S 232 -30.94 -55.30 -16.33
C ARG S 232 -32.45 -55.09 -16.44
N LEU S 233 -32.95 -55.09 -17.67
CA LEU S 233 -34.38 -54.95 -17.92
C LEU S 233 -35.10 -56.27 -17.69
N THR S 234 -36.34 -56.18 -17.20
CA THR S 234 -37.16 -57.34 -16.96
C THR S 234 -38.62 -57.15 -17.36
N GLY S 235 -38.94 -56.07 -18.06
CA GLY S 235 -40.32 -55.81 -18.47
C GLY S 235 -40.47 -55.30 -19.88
N LYS S 236 -41.62 -54.69 -20.20
CA LYS S 236 -41.84 -54.13 -21.53
C LYS S 236 -42.00 -52.63 -21.42
N VAL S 237 -41.30 -51.88 -22.26
CA VAL S 237 -41.35 -50.44 -22.14
C VAL S 237 -42.75 -49.94 -22.36
N GLN S 238 -43.19 -49.01 -21.53
CA GLN S 238 -44.52 -48.50 -21.66
C GLN S 238 -44.45 -47.18 -22.38
N MET S 239 -44.98 -47.12 -23.60
CA MET S 239 -45.02 -45.89 -24.35
C MET S 239 -46.19 -45.09 -23.83
N PRO S 240 -46.26 -43.80 -24.16
CA PRO S 240 -47.33 -43.02 -23.55
C PRO S 240 -48.76 -43.43 -23.81
N ASN S 241 -49.17 -43.65 -25.05
CA ASN S 241 -50.56 -43.95 -25.25
C ASN S 241 -50.82 -45.43 -25.22
N ASP S 242 -50.54 -46.09 -24.10
CA ASP S 242 -50.79 -47.51 -23.97
C ASP S 242 -50.15 -48.32 -25.07
N GLU S 243 -48.92 -48.00 -25.40
CA GLU S 243 -48.21 -48.73 -26.44
C GLU S 243 -47.00 -49.38 -25.84
N GLU S 244 -46.58 -50.50 -26.41
CA GLU S 244 -45.46 -51.21 -25.86
C GLU S 244 -44.46 -51.71 -26.90
N PHE S 245 -43.19 -51.79 -26.54
CA PHE S 245 -42.20 -52.33 -27.45
C PHE S 245 -41.46 -53.30 -26.57
N ASP S 246 -40.82 -54.31 -27.15
CA ASP S 246 -40.20 -55.30 -26.30
C ASP S 246 -38.70 -55.21 -26.19
N LEU S 247 -38.22 -54.78 -25.04
CA LEU S 247 -36.80 -54.78 -24.80
C LEU S 247 -36.74 -55.53 -23.51
N THR S 248 -36.02 -56.64 -23.46
CA THR S 248 -35.87 -57.34 -22.20
C THR S 248 -34.47 -57.87 -22.17
N GLY S 249 -33.95 -58.14 -20.98
CA GLY S 249 -32.59 -58.61 -20.85
C GLY S 249 -31.53 -57.62 -21.28
N CYS S 250 -31.92 -56.45 -21.79
CA CYS S 250 -30.95 -55.44 -22.17
C CYS S 250 -30.32 -54.82 -20.94
N PHE S 251 -29.05 -54.42 -21.05
CA PHE S 251 -28.32 -53.81 -19.95
C PHE S 251 -28.32 -52.29 -20.08
N VAL S 252 -28.32 -51.61 -18.94
CA VAL S 252 -28.17 -50.16 -18.89
C VAL S 252 -27.04 -49.83 -17.93
N THR S 253 -26.10 -49.01 -18.39
CA THR S 253 -25.02 -48.51 -17.55
C THR S 253 -25.43 -47.18 -16.94
N LEU S 254 -25.21 -47.04 -15.64
CA LEU S 254 -25.61 -45.85 -14.91
C LEU S 254 -24.41 -45.21 -14.25
N GLU S 255 -24.65 -44.04 -13.66
CA GLU S 255 -23.61 -43.25 -13.02
C GLU S 255 -24.31 -42.34 -12.01
N ALA S 256 -24.17 -42.68 -10.73
CA ALA S 256 -25.04 -42.13 -9.70
C ALA S 256 -24.25 -41.55 -8.54
N TRP S 257 -24.87 -40.62 -7.84
CA TRP S 257 -24.33 -40.05 -6.61
C TRP S 257 -25.39 -40.10 -5.51
N GLY S 258 -25.13 -39.44 -4.38
CA GLY S 258 -26.01 -39.50 -3.24
C GLY S 258 -26.63 -38.16 -2.90
N ASP S 259 -27.70 -38.22 -2.09
CA ASP S 259 -28.36 -37.03 -1.58
C ASP S 259 -28.79 -37.34 -0.15
N VAL S 260 -28.07 -36.78 0.81
CA VAL S 260 -28.29 -37.17 2.21
C VAL S 260 -29.61 -36.63 2.74
N SER S 261 -30.07 -35.48 2.26
CA SER S 261 -31.28 -34.87 2.81
C SER S 261 -32.49 -35.77 2.61
N SER S 262 -32.65 -36.34 1.42
CA SER S 262 -33.72 -37.27 1.13
C SER S 262 -33.28 -38.73 1.26
N GLU S 263 -32.03 -38.97 1.64
CA GLU S 263 -31.41 -40.30 1.67
C GLU S 263 -31.84 -41.17 0.49
N ARG S 264 -31.86 -40.56 -0.69
CA ARG S 264 -32.09 -41.28 -1.93
C ARG S 264 -30.91 -41.05 -2.87
N ALA S 265 -30.56 -42.09 -3.62
CA ALA S 265 -29.41 -42.07 -4.52
C ALA S 265 -29.89 -41.62 -5.90
N ILE S 266 -29.55 -40.39 -6.27
CA ILE S 266 -29.90 -39.84 -7.58
C ILE S 266 -29.02 -40.49 -8.62
N VAL S 267 -29.62 -41.00 -9.69
CA VAL S 267 -28.90 -41.69 -10.74
C VAL S 267 -28.92 -40.84 -12.01
N ARG S 268 -28.13 -41.25 -12.98
CA ARG S 268 -28.10 -40.63 -14.29
C ARG S 268 -27.68 -41.67 -15.32
N SER S 269 -28.61 -42.05 -16.20
CA SER S 269 -28.35 -43.10 -17.17
C SER S 269 -27.23 -42.69 -18.12
N ARG S 270 -26.35 -43.64 -18.42
CA ARG S 270 -25.20 -43.37 -19.28
C ARG S 270 -25.38 -43.93 -20.69
N SER S 271 -25.69 -45.22 -20.81
CA SER S 271 -25.83 -45.84 -22.11
C SER S 271 -26.82 -46.98 -22.05
N ILE S 272 -27.41 -47.29 -23.21
CA ILE S 272 -28.31 -48.42 -23.38
C ILE S 272 -27.58 -49.49 -24.18
N SER S 273 -27.69 -50.74 -23.73
CA SER S 273 -27.03 -51.86 -24.39
C SER S 273 -28.00 -53.02 -24.51
N CYS S 274 -28.08 -53.60 -25.70
CA CYS S 274 -28.96 -54.74 -25.95
C CYS S 274 -28.50 -55.42 -27.23
N LYS S 275 -28.66 -56.74 -27.27
CA LYS S 275 -28.16 -57.56 -28.38
C LYS S 275 -29.31 -58.46 -28.85
N LEU S 276 -30.14 -57.94 -29.74
CA LEU S 276 -31.30 -58.66 -30.25
C LEU S 276 -30.88 -59.53 -31.43
N GLY S 277 -31.13 -60.82 -31.33
CA GLY S 277 -30.84 -61.74 -32.42
C GLY S 277 -29.39 -61.70 -32.85
N ASP S 278 -29.15 -61.16 -34.05
CA ASP S 278 -27.81 -61.03 -34.60
C ASP S 278 -27.31 -59.59 -34.63
N ASP S 279 -28.18 -58.61 -34.35
CA ASP S 279 -27.85 -57.20 -34.44
C ASP S 279 -27.60 -56.63 -33.05
N ASP S 280 -26.84 -55.55 -32.98
CA ASP S 280 -26.35 -55.01 -31.72
C ASP S 280 -26.84 -53.59 -31.51
N ILE S 281 -27.22 -53.26 -30.28
CA ILE S 281 -27.67 -51.93 -29.90
C ILE S 281 -26.74 -51.38 -28.83
N ASP S 282 -26.24 -50.16 -29.06
CA ASP S 282 -25.40 -49.48 -28.07
C ASP S 282 -25.52 -47.98 -28.38
N GLN S 283 -26.20 -47.25 -27.49
CA GLN S 283 -26.49 -45.84 -27.70
C GLN S 283 -26.33 -45.07 -26.40
N LYS S 284 -26.17 -43.76 -26.52
CA LYS S 284 -26.15 -42.86 -25.38
C LYS S 284 -27.54 -42.29 -25.16
N ILE S 285 -28.07 -42.45 -23.94
CA ILE S 285 -29.40 -41.99 -23.60
C ILE S 285 -29.35 -41.19 -22.32
N ALA S 286 -30.44 -40.48 -22.04
CA ALA S 286 -30.59 -39.69 -20.83
C ALA S 286 -31.85 -40.14 -20.10
N GLY S 287 -31.73 -40.36 -18.79
CA GLY S 287 -32.87 -40.82 -18.01
C GLY S 287 -32.49 -40.96 -16.56
N HIS S 288 -33.49 -41.36 -15.77
CA HIS S 288 -33.32 -41.56 -14.33
C HIS S 288 -34.07 -42.81 -13.90
N VAL S 289 -34.00 -43.10 -12.62
CA VAL S 289 -34.61 -44.30 -12.03
C VAL S 289 -35.48 -43.89 -10.85
N SER S 290 -36.70 -44.42 -10.81
CA SER S 290 -37.63 -44.17 -9.73
C SER S 290 -37.92 -45.45 -8.98
N PHE S 291 -37.87 -45.39 -7.65
CA PHE S 291 -38.11 -46.53 -6.79
C PHE S 291 -39.34 -46.28 -5.93
N MET S 292 -40.25 -47.25 -5.89
CA MET S 292 -41.47 -47.18 -5.10
C MET S 292 -42.26 -45.92 -5.45
N GLY S 293 -42.35 -45.62 -6.74
CA GLY S 293 -43.14 -44.50 -7.22
C GLY S 293 -42.55 -43.14 -6.95
N LYS S 294 -41.29 -43.06 -6.53
CA LYS S 294 -40.66 -41.79 -6.19
C LYS S 294 -39.27 -41.73 -6.80
N ASN S 295 -38.81 -40.50 -7.06
CA ASN S 295 -37.53 -40.30 -7.72
C ASN S 295 -36.40 -40.83 -6.86
N GLY S 296 -35.36 -41.34 -7.51
CA GLY S 296 -34.22 -41.92 -6.81
C GLY S 296 -34.54 -43.29 -6.24
N ILE S 297 -33.59 -43.81 -5.48
CA ILE S 297 -33.72 -45.11 -4.82
C ILE S 297 -33.58 -44.90 -3.32
N LYS S 298 -34.59 -45.33 -2.57
CA LYS S 298 -34.60 -45.14 -1.13
C LYS S 298 -33.53 -46.01 -0.48
N GLY S 299 -32.88 -45.47 0.55
CA GLY S 299 -31.87 -46.20 1.29
C GLY S 299 -31.54 -45.47 2.56
N GLU S 300 -30.70 -46.09 3.39
CA GLU S 300 -30.29 -45.48 4.63
C GLU S 300 -28.87 -44.95 4.53
N VAL S 301 -28.44 -44.24 5.58
CA VAL S 301 -27.13 -43.60 5.63
C VAL S 301 -26.29 -44.37 6.63
N VAL S 302 -25.00 -44.53 6.33
CA VAL S 302 -24.06 -45.21 7.21
C VAL S 302 -22.83 -44.31 7.39
N MET S 303 -22.34 -44.23 8.62
CA MET S 303 -21.16 -43.44 8.96
C MET S 303 -20.24 -44.28 9.82
N ARG S 304 -18.93 -43.99 9.76
CA ARG S 304 -17.92 -44.77 10.45
C ARG S 304 -17.22 -43.95 11.55
N ASN S 305 -17.83 -42.86 12.00
CA ASN S 305 -17.21 -41.94 12.95
C ASN S 305 -17.28 -42.43 14.39
N GLY S 306 -18.00 -43.51 14.67
CA GLY S 306 -18.29 -43.93 16.02
C GLY S 306 -17.11 -43.99 16.96
N GLN S 307 -16.16 -44.90 16.68
CA GLN S 307 -15.02 -45.06 17.57
C GLN S 307 -14.16 -43.80 17.61
N ILE S 308 -13.94 -43.17 16.47
CA ILE S 308 -13.08 -41.99 16.43
C ILE S 308 -13.70 -40.85 17.23
N LEU S 309 -15.00 -40.62 17.05
CA LEU S 309 -15.67 -39.59 17.84
C LEU S 309 -15.65 -39.93 19.32
N LEU S 310 -15.82 -41.21 19.67
CA LEU S 310 -15.74 -41.60 21.07
C LEU S 310 -14.37 -41.28 21.65
N TYR S 311 -13.31 -41.58 20.91
CA TYR S 311 -11.96 -41.26 21.39
C TYR S 311 -11.76 -39.75 21.54
N ALA S 312 -12.24 -38.97 20.57
CA ALA S 312 -12.11 -37.52 20.67
C ALA S 312 -12.86 -36.98 21.88
N GLY S 313 -14.08 -37.48 22.10
CA GLY S 313 -14.84 -37.06 23.27
C GLY S 313 -14.16 -37.43 24.57
N GLY S 314 -13.58 -38.63 24.64
CA GLY S 314 -12.85 -39.02 25.83
C GLY S 314 -11.64 -38.13 26.09
N ALA S 315 -10.90 -37.81 25.02
CA ALA S 315 -9.75 -36.92 25.18
C ALA S 315 -10.19 -35.54 25.69
N GLY S 316 -11.24 -34.97 25.10
CA GLY S 316 -11.72 -33.68 25.56
C GLY S 316 -12.29 -33.74 26.96
N PHE S 317 -12.86 -34.89 27.35
CA PHE S 317 -13.33 -35.05 28.72
C PHE S 317 -12.15 -35.06 29.69
N LEU S 318 -11.04 -35.67 29.28
CA LEU S 318 -9.81 -35.57 30.06
C LEU S 318 -9.36 -34.13 30.16
N ASP S 319 -9.49 -33.36 29.07
CA ASP S 319 -9.18 -31.93 29.12
C ASP S 319 -10.05 -31.23 30.15
N GLY S 320 -11.35 -31.52 30.14
CA GLY S 320 -12.26 -30.86 31.05
C GLY S 320 -11.94 -31.15 32.50
N ILE S 321 -11.72 -32.42 32.83
CA ILE S 321 -11.40 -32.76 34.22
C ILE S 321 -10.05 -32.18 34.61
N GLY S 322 -9.07 -32.16 33.70
CA GLY S 322 -7.80 -31.56 34.00
C GLY S 322 -7.90 -30.07 34.28
N LYS S 323 -8.68 -29.35 33.46
CA LYS S 323 -8.85 -27.92 33.67
C LYS S 323 -9.64 -27.65 34.95
N GLY S 324 -10.58 -28.54 35.29
CA GLY S 324 -11.26 -28.42 36.56
C GLY S 324 -10.32 -28.55 37.74
N ILE S 325 -9.43 -29.55 37.70
CA ILE S 325 -8.41 -29.68 38.74
C ILE S 325 -7.40 -28.55 38.62
N GLU S 326 -7.18 -28.04 37.40
CA GLU S 326 -6.22 -26.96 37.20
C GLU S 326 -6.72 -25.63 37.75
N LYS S 327 -7.94 -25.62 38.31
CA LYS S 327 -8.52 -24.38 38.80
C LYS S 327 -8.27 -24.17 40.29
N ALA S 328 -8.51 -25.19 41.11
CA ALA S 328 -8.46 -25.03 42.56
C ALA S 328 -7.05 -24.65 43.01
N SER S 329 -6.89 -23.40 43.46
CA SER S 329 -5.57 -22.87 43.77
C SER S 329 -5.70 -21.92 44.96
N SER S 330 -4.66 -21.12 45.19
CA SER S 330 -4.64 -20.16 46.27
C SER S 330 -5.36 -18.87 45.86
N THR S 331 -5.19 -17.81 46.66
CA THR S 331 -5.80 -16.53 46.33
C THR S 331 -5.01 -15.80 45.26
N VAL S 355 -5.00 -33.37 33.06
CA VAL S 355 -4.30 -33.27 31.78
C VAL S 355 -5.10 -32.40 30.83
N SER S 356 -4.40 -31.52 30.11
CA SER S 356 -5.00 -30.69 29.08
C SER S 356 -4.26 -30.74 27.75
N SER S 357 -2.93 -30.82 27.75
CA SER S 357 -2.17 -30.73 26.51
C SER S 357 -2.35 -31.96 25.64
N ALA S 358 -2.20 -33.16 26.23
CA ALA S 358 -2.50 -34.38 25.48
C ALA S 358 -3.90 -34.31 24.90
N ALA S 359 -4.85 -33.84 25.71
CA ALA S 359 -6.23 -33.79 25.27
C ALA S 359 -6.39 -32.87 24.07
N LYS S 360 -5.82 -31.66 24.12
CA LYS S 360 -5.97 -30.73 23.00
C LYS S 360 -5.31 -31.27 21.74
N THR S 361 -4.09 -31.79 21.84
CA THR S 361 -3.39 -32.27 20.64
C THR S 361 -4.10 -33.47 20.03
N LEU S 362 -4.41 -34.49 20.84
CA LEU S 362 -5.07 -35.67 20.30
C LEU S 362 -6.49 -35.35 19.83
N SER S 363 -7.17 -34.42 20.48
CA SER S 363 -8.50 -34.03 20.01
C SER S 363 -8.43 -33.35 18.65
N ASP S 364 -7.46 -32.45 18.46
CA ASP S 364 -7.30 -31.79 17.17
C ASP S 364 -6.97 -32.82 16.10
N TYR S 365 -6.06 -33.75 16.41
CA TYR S 365 -5.70 -34.77 15.42
C TYR S 365 -6.89 -35.66 15.10
N TYR S 366 -7.67 -36.06 16.11
CA TYR S 366 -8.83 -36.91 15.87
C TYR S 366 -9.89 -36.20 15.06
N ILE S 367 -10.10 -34.90 15.32
CA ILE S 367 -11.07 -34.16 14.51
C ILE S 367 -10.61 -34.08 13.07
N LYS S 368 -9.33 -33.78 12.85
CA LYS S 368 -8.81 -33.70 11.48
C LYS S 368 -8.91 -35.04 10.77
N ARG S 369 -8.70 -36.13 11.50
CA ARG S 369 -8.73 -37.45 10.89
C ARG S 369 -10.16 -37.91 10.62
N ALA S 370 -11.09 -37.59 11.53
CA ALA S 370 -12.48 -38.00 11.37
C ALA S 370 -13.22 -37.14 10.34
N GLU S 371 -12.71 -35.93 10.08
CA GLU S 371 -13.34 -35.09 9.07
C GLU S 371 -13.30 -35.73 7.68
N GLN S 372 -12.41 -36.71 7.47
CA GLN S 372 -12.28 -37.32 6.15
C GLN S 372 -13.56 -38.05 5.75
N TYR S 373 -14.25 -38.65 6.72
CA TYR S 373 -15.39 -39.49 6.41
C TYR S 373 -16.56 -38.67 5.90
N HIS S 374 -17.41 -39.30 5.07
CA HIS S 374 -18.59 -38.67 4.51
C HIS S 374 -19.71 -39.70 4.45
N PRO S 375 -20.97 -39.26 4.42
CA PRO S 375 -22.08 -40.22 4.36
C PRO S 375 -22.01 -41.11 3.13
N VAL S 376 -22.45 -42.36 3.30
CA VAL S 376 -22.44 -43.36 2.24
C VAL S 376 -23.82 -44.02 2.19
N ILE S 377 -24.35 -44.19 0.99
CA ILE S 377 -25.67 -44.78 0.77
C ILE S 377 -25.47 -46.18 0.19
N PRO S 378 -25.72 -47.24 0.96
CA PRO S 378 -25.60 -48.60 0.41
C PRO S 378 -26.83 -49.04 -0.37
N ILE S 379 -26.69 -49.16 -1.69
CA ILE S 379 -27.78 -49.56 -2.58
C ILE S 379 -27.27 -50.65 -3.51
N GLY S 380 -28.06 -51.70 -3.73
CA GLY S 380 -27.64 -52.71 -4.72
C GLY S 380 -28.39 -54.03 -4.62
N ALA S 381 -27.66 -55.14 -4.47
CA ALA S 381 -28.28 -56.49 -4.39
C ALA S 381 -29.25 -56.71 -5.56
N GLY S 382 -30.50 -57.06 -5.27
CA GLY S 382 -31.50 -57.34 -6.33
C GLY S 382 -32.82 -56.66 -6.06
N ASN S 383 -32.80 -55.37 -5.70
CA ASN S 383 -34.02 -54.63 -5.47
C ASN S 383 -34.74 -54.33 -6.79
N GLU S 384 -36.00 -53.95 -6.67
CA GLU S 384 -36.85 -53.61 -7.81
C GLU S 384 -36.90 -52.10 -7.99
N VAL S 385 -36.63 -51.65 -9.21
CA VAL S 385 -36.63 -50.23 -9.55
C VAL S 385 -37.31 -50.06 -10.91
N THR S 386 -37.54 -48.80 -11.29
CA THR S 386 -38.18 -48.47 -12.55
C THR S 386 -37.34 -47.41 -13.26
N LEU S 387 -37.13 -47.60 -14.55
CA LEU S 387 -36.33 -46.68 -15.35
C LEU S 387 -37.23 -45.84 -16.24
N VAL S 388 -36.89 -44.57 -16.38
CA VAL S 388 -37.64 -43.63 -17.19
C VAL S 388 -36.68 -42.97 -18.18
N PHE S 389 -37.07 -42.94 -19.45
CA PHE S 389 -36.31 -42.24 -20.48
C PHE S 389 -36.77 -40.78 -20.49
N GLN S 390 -35.97 -39.91 -19.88
CA GLN S 390 -36.34 -38.51 -19.76
C GLN S 390 -36.44 -37.80 -21.11
N ASP S 391 -35.61 -38.18 -22.08
CA ASP S 391 -35.60 -37.55 -23.39
C ASP S 391 -35.81 -38.60 -24.47
N GLY S 392 -36.61 -38.25 -25.47
CA GLY S 392 -36.90 -39.18 -26.53
C GLY S 392 -35.72 -39.39 -27.47
N PHE S 393 -35.71 -40.54 -28.13
CA PHE S 393 -34.64 -40.89 -29.06
C PHE S 393 -35.13 -41.97 -30.00
N GLN S 394 -34.23 -42.40 -30.89
CA GLN S 394 -34.53 -43.42 -31.88
C GLN S 394 -33.53 -44.56 -31.74
N LEU S 395 -34.04 -45.77 -31.54
CA LEU S 395 -33.17 -46.95 -31.53
C LEU S 395 -32.66 -47.22 -32.94
N GLU S 396 -31.37 -47.52 -33.04
CA GLU S 396 -30.73 -47.76 -34.33
C GLU S 396 -29.50 -48.63 -34.13
N THR S 397 -29.30 -49.56 -35.06
CA THR S 397 -28.29 -50.60 -34.94
C THR S 397 -26.89 -50.01 -35.15
N LEU S 398 -25.88 -50.76 -34.67
CA LEU S 398 -24.48 -50.29 -34.80
C LEU S 398 -24.09 -50.26 -36.28
N GLU S 399 -24.49 -51.29 -37.03
CA GLU S 399 -24.20 -51.31 -38.49
C GLU S 399 -24.91 -50.11 -39.13
N GLU S 400 -26.18 -49.88 -38.75
CA GLU S 400 -26.92 -48.71 -39.29
C GLU S 400 -26.14 -47.43 -38.96
N ALA S 401 -25.67 -47.32 -37.71
CA ALA S 401 -24.94 -46.11 -37.28
C ALA S 401 -23.70 -45.91 -38.16
N ARG S 402 -22.92 -46.97 -38.38
CA ARG S 402 -21.65 -46.81 -39.16
C ARG S 402 -22.01 -46.47 -40.61
N ALA S 403 -23.08 -47.05 -41.15
CA ALA S 403 -23.51 -46.72 -42.53
C ALA S 403 -23.85 -45.24 -42.61
N LYS S 404 -24.59 -44.73 -41.63
CA LYS S 404 -24.95 -43.28 -41.60
C LYS S 404 -23.66 -42.46 -41.51
N ALA S 405 -22.81 -42.76 -40.53
CA ALA S 405 -21.59 -41.98 -40.34
C ALA S 405 -20.80 -41.88 -41.64
N ALA S 406 -20.68 -42.98 -42.36
CA ALA S 406 -19.99 -42.94 -43.65
C ALA S 406 -20.73 -42.07 -44.66
N ALA S 407 -22.06 -42.15 -44.67
CA ALA S 407 -22.84 -41.31 -45.58
C ALA S 407 -22.64 -39.84 -45.28
N ARG S 408 -22.63 -39.47 -44.00
CA ARG S 408 -22.37 -38.07 -43.64
C ARG S 408 -20.95 -37.67 -44.02
N LYS S 409 -19.98 -38.55 -43.77
CA LYS S 409 -18.59 -38.24 -44.10
C LYS S 409 -18.39 -38.11 -45.60
N LYS S 410 -19.25 -38.71 -46.40
CA LYS S 410 -19.14 -38.61 -47.85
C LYS S 410 -19.31 -37.17 -48.35
N GLN S 411 -20.00 -36.32 -47.58
CA GLN S 411 -20.33 -34.96 -48.00
C GLN S 411 -21.02 -34.97 -49.36
N ASN S 412 -22.13 -35.70 -49.41
CA ASN S 412 -22.91 -35.87 -50.64
C ASN S 412 -23.68 -34.59 -50.92
N GLN S 413 -22.95 -33.59 -51.40
CA GLN S 413 -23.54 -32.29 -51.73
C GLN S 413 -24.20 -32.33 -53.11
N LYS T 194 -17.76 -61.46 -41.71
CA LYS T 194 -17.95 -61.26 -40.28
C LYS T 194 -16.66 -61.56 -39.52
N PRO T 195 -16.47 -60.90 -38.37
CA PRO T 195 -15.24 -61.11 -37.61
C PRO T 195 -15.34 -62.23 -36.58
N ARG T 196 -14.18 -62.82 -36.29
CA ARG T 196 -14.13 -63.90 -35.32
C ARG T 196 -14.38 -63.40 -33.90
N PHE T 197 -14.19 -62.10 -33.67
CA PHE T 197 -14.43 -61.55 -32.35
C PHE T 197 -15.76 -60.80 -32.32
N PRO T 198 -16.76 -61.29 -31.60
CA PRO T 198 -18.02 -60.57 -31.50
C PRO T 198 -17.85 -59.25 -30.77
N TRP T 199 -18.69 -58.28 -31.15
CA TRP T 199 -18.63 -56.97 -30.52
C TRP T 199 -18.98 -57.07 -29.05
N ILE T 200 -18.19 -56.39 -28.22
CA ILE T 200 -18.44 -56.33 -26.79
C ILE T 200 -19.28 -55.10 -26.50
N SER T 201 -20.45 -55.29 -25.91
CA SER T 201 -21.34 -54.19 -25.59
C SER T 201 -21.12 -53.71 -24.17
N SER T 202 -21.51 -52.46 -23.92
CA SER T 202 -21.37 -51.88 -22.60
C SER T 202 -22.23 -52.62 -21.59
N GLY T 203 -21.72 -52.70 -20.36
CA GLY T 203 -22.41 -53.37 -19.29
C GLY T 203 -22.19 -54.88 -19.22
N SER T 204 -21.46 -55.45 -20.16
CA SER T 204 -21.14 -56.87 -20.10
C SER T 204 -20.22 -57.14 -18.91
N PHE T 205 -20.50 -58.23 -18.19
CA PHE T 205 -19.78 -58.54 -16.98
C PHE T 205 -19.25 -59.97 -17.03
N VAL T 206 -18.21 -60.22 -16.25
CA VAL T 206 -17.61 -61.55 -16.14
C VAL T 206 -16.92 -61.65 -14.79
N GLU T 207 -17.04 -62.83 -14.16
CA GLU T 207 -16.42 -63.05 -12.87
C GLU T 207 -14.99 -63.53 -13.03
N ALA T 208 -14.18 -63.29 -12.00
CA ALA T 208 -12.75 -63.57 -12.08
C ALA T 208 -12.17 -63.76 -10.69
N ILE T 209 -10.90 -64.13 -10.65
CA ILE T 209 -10.15 -64.32 -9.41
C ILE T 209 -8.98 -63.35 -9.41
N VAL T 210 -8.82 -62.61 -8.31
CA VAL T 210 -7.69 -61.70 -8.17
C VAL T 210 -6.41 -62.53 -8.00
N VAL T 211 -5.40 -62.22 -8.79
CA VAL T 211 -4.14 -62.97 -8.71
C VAL T 211 -3.27 -62.40 -7.60
N GLU T 212 -2.86 -61.14 -7.73
CA GLU T 212 -2.07 -60.46 -6.71
C GLU T 212 -2.79 -59.18 -6.32
N GLY T 213 -2.74 -58.85 -5.03
CA GLY T 213 -3.45 -57.69 -4.54
C GLY T 213 -2.52 -56.53 -4.22
N ALA T 214 -3.11 -55.36 -3.99
CA ALA T 214 -2.38 -54.15 -3.66
C ALA T 214 -3.03 -53.50 -2.44
N ASP T 215 -2.25 -52.67 -1.75
CA ASP T 215 -2.75 -51.91 -0.62
C ASP T 215 -3.18 -50.54 -1.13
N ALA T 216 -4.47 -50.24 -0.96
CA ALA T 216 -5.04 -49.01 -1.49
C ALA T 216 -4.67 -47.84 -0.60
N ASN T 217 -4.19 -46.76 -1.22
CA ASN T 217 -3.88 -45.53 -0.49
C ASN T 217 -5.17 -44.77 -0.24
N ALA T 218 -5.90 -45.14 0.81
CA ALA T 218 -7.21 -44.57 1.11
C ALA T 218 -7.02 -43.24 1.83
N SER T 219 -6.55 -42.25 1.07
CA SER T 219 -6.40 -40.89 1.60
C SER T 219 -7.22 -39.92 0.78
N VAL T 220 -7.10 -38.62 1.08
CA VAL T 220 -7.82 -37.62 0.30
C VAL T 220 -7.27 -37.50 -1.12
N THR T 221 -6.03 -37.93 -1.35
CA THR T 221 -5.42 -37.91 -2.67
C THR T 221 -5.23 -39.32 -3.21
N GLY T 222 -6.20 -40.20 -2.96
CA GLY T 222 -6.06 -41.58 -3.37
C GLY T 222 -6.00 -41.76 -4.88
N ASP T 223 -6.84 -41.03 -5.61
CA ASP T 223 -7.01 -41.26 -7.04
C ASP T 223 -5.77 -40.89 -7.85
N LYS T 224 -4.79 -40.21 -7.26
CA LYS T 224 -3.57 -39.84 -7.98
C LYS T 224 -2.43 -40.82 -7.75
N ASN T 225 -2.05 -41.03 -6.48
CA ASN T 225 -0.98 -41.96 -6.12
C ASN T 225 -1.57 -43.34 -5.82
N THR T 226 -1.81 -44.10 -6.87
CA THR T 226 -2.49 -45.39 -6.79
C THR T 226 -1.48 -46.53 -6.90
N ALA T 227 -1.96 -47.74 -6.59
CA ALA T 227 -1.15 -48.94 -6.62
C ALA T 227 -1.78 -49.96 -7.57
N PRO T 228 -1.04 -50.45 -8.57
CA PRO T 228 -1.63 -51.38 -9.53
C PRO T 228 -1.87 -52.76 -8.94
N MET T 229 -2.81 -53.47 -9.55
CA MET T 229 -3.08 -54.86 -9.21
C MET T 229 -3.53 -55.58 -10.48
N GLN T 230 -3.50 -56.92 -10.41
CA GLN T 230 -3.75 -57.76 -11.58
C GLN T 230 -4.56 -58.98 -11.19
N LEU T 231 -5.47 -59.39 -12.06
CA LEU T 231 -6.36 -60.52 -11.83
C LEU T 231 -6.52 -61.35 -13.09
N ARG T 232 -6.91 -62.60 -12.92
CA ARG T 232 -7.07 -63.55 -14.02
C ARG T 232 -8.54 -63.93 -14.18
N LEU T 233 -8.95 -64.16 -15.42
CA LEU T 233 -10.31 -64.59 -15.71
C LEU T 233 -10.49 -66.07 -15.42
N THR T 234 -11.69 -66.44 -14.97
CA THR T 234 -12.03 -67.82 -14.68
C THR T 234 -13.43 -68.22 -15.12
N GLY T 235 -14.10 -67.36 -15.89
CA GLY T 235 -15.46 -67.66 -16.33
C GLY T 235 -15.73 -67.29 -17.78
N LYS T 236 -16.99 -67.16 -18.15
CA LYS T 236 -17.34 -66.78 -19.52
C LYS T 236 -18.06 -65.45 -19.51
N VAL T 237 -17.67 -64.54 -20.37
CA VAL T 237 -18.26 -63.22 -20.32
C VAL T 237 -19.73 -63.31 -20.60
N GLN T 238 -20.52 -62.58 -19.83
CA GLN T 238 -21.93 -62.62 -20.03
C GLN T 238 -22.34 -61.40 -20.81
N MET T 239 -22.80 -61.61 -22.04
CA MET T 239 -23.27 -60.52 -22.85
C MET T 239 -24.68 -60.19 -22.39
N PRO T 240 -25.21 -59.03 -22.79
CA PRO T 240 -26.52 -58.69 -22.24
C PRO T 240 -27.68 -59.59 -22.53
N ASN T 241 -27.93 -59.98 -23.76
CA ASN T 241 -29.11 -60.80 -23.97
C ASN T 241 -28.81 -62.27 -23.89
N ASP T 242 -28.36 -62.73 -22.73
CA ASP T 242 -28.07 -64.14 -22.53
C ASP T 242 -27.13 -64.69 -23.57
N GLU T 243 -26.08 -63.95 -23.87
CA GLU T 243 -25.11 -64.40 -24.86
C GLU T 243 -23.78 -64.55 -24.17
N GLU T 244 -22.96 -65.48 -24.65
CA GLU T 244 -21.69 -65.72 -24.01
C GLU T 244 -20.54 -65.84 -25.01
N PHE T 245 -19.35 -65.41 -24.62
CA PHE T 245 -18.19 -65.57 -25.48
C PHE T 245 -17.16 -66.13 -24.55
N ASP T 246 -16.16 -66.83 -25.07
CA ASP T 246 -15.23 -67.48 -24.17
C ASP T 246 -13.87 -66.83 -24.04
N LEU T 247 -13.62 -66.20 -22.91
CA LEU T 247 -12.31 -65.65 -22.65
C LEU T 247 -12.04 -66.27 -21.31
N THR T 248 -10.96 -67.02 -21.19
CA THR T 248 -10.61 -67.57 -19.89
C THR T 248 -9.12 -67.52 -19.79
N GLY T 249 -8.59 -67.52 -18.58
CA GLY T 249 -7.16 -67.41 -18.40
C GLY T 249 -6.54 -66.11 -18.85
N CYS T 250 -7.32 -65.20 -19.43
CA CYS T 250 -6.78 -63.92 -19.85
C CYS T 250 -6.49 -63.06 -18.63
N PHE T 251 -5.47 -62.21 -18.74
CA PHE T 251 -5.06 -61.32 -17.66
C PHE T 251 -5.63 -59.93 -17.87
N VAL T 252 -5.93 -59.24 -16.77
CA VAL T 252 -6.36 -57.84 -16.79
C VAL T 252 -5.46 -57.07 -15.83
N THR T 253 -4.88 -55.97 -16.31
CA THR T 253 -4.12 -55.07 -15.47
C THR T 253 -5.02 -53.98 -14.95
N LEU T 254 -4.93 -53.71 -13.65
CA LEU T 254 -5.78 -52.73 -13.00
C LEU T 254 -4.94 -51.65 -12.34
N GLU T 255 -5.62 -50.63 -11.83
CA GLU T 255 -4.99 -49.49 -11.21
C GLU T 255 -6.02 -48.88 -10.25
N ALA T 256 -5.81 -49.07 -8.96
CA ALA T 256 -6.88 -48.86 -7.98
C ALA T 256 -6.40 -47.97 -6.84
N TRP T 257 -7.37 -47.32 -6.20
CA TRP T 257 -7.13 -46.53 -5.00
C TRP T 257 -8.14 -46.94 -3.92
N GLY T 258 -8.20 -46.19 -2.82
CA GLY T 258 -9.04 -46.53 -1.70
C GLY T 258 -10.13 -45.51 -1.43
N ASP T 259 -11.12 -45.94 -0.66
CA ASP T 259 -12.22 -45.07 -0.23
C ASP T 259 -12.55 -45.47 1.20
N VAL T 260 -12.13 -44.63 2.15
CA VAL T 260 -12.24 -45.01 3.56
C VAL T 260 -13.69 -45.00 4.04
N SER T 261 -14.53 -44.12 3.48
CA SER T 261 -15.91 -44.01 3.98
C SER T 261 -16.68 -45.31 3.80
N SER T 262 -16.55 -45.93 2.63
CA SER T 262 -17.18 -47.22 2.38
C SER T 262 -16.24 -48.40 2.58
N GLU T 263 -15.00 -48.12 3.00
CA GLU T 263 -13.92 -49.11 3.14
C GLU T 263 -13.94 -50.13 1.99
N ARG T 264 -14.14 -49.63 0.77
CA ARG T 264 -14.03 -50.43 -0.44
C ARG T 264 -13.00 -49.81 -1.36
N ALA T 265 -12.25 -50.67 -2.03
CA ALA T 265 -11.16 -50.24 -2.91
C ALA T 265 -11.71 -50.06 -4.32
N ILE T 266 -11.84 -48.82 -4.76
CA ILE T 266 -12.32 -48.50 -6.10
C ILE T 266 -11.21 -48.80 -7.09
N VAL T 267 -11.54 -49.55 -8.13
CA VAL T 267 -10.57 -49.96 -9.14
C VAL T 267 -10.86 -49.23 -10.44
N ARG T 268 -9.93 -49.36 -11.37
CA ARG T 268 -10.08 -48.84 -12.72
C ARG T 268 -9.26 -49.67 -13.68
N SER T 269 -9.94 -50.41 -14.56
CA SER T 269 -9.25 -51.32 -15.47
C SER T 269 -8.34 -50.55 -16.41
N ARG T 270 -7.16 -51.11 -16.64
CA ARG T 270 -6.15 -50.46 -17.48
C ARG T 270 -6.06 -51.11 -18.86
N SER T 271 -5.85 -52.42 -18.92
CA SER T 271 -5.69 -53.09 -20.20
C SER T 271 -6.18 -54.53 -20.10
N ILE T 272 -6.56 -55.08 -21.25
CA ILE T 272 -6.95 -56.48 -21.38
C ILE T 272 -5.85 -57.23 -22.10
N SER T 273 -5.48 -58.40 -21.59
CA SER T 273 -4.43 -59.21 -22.17
C SER T 273 -4.88 -60.66 -22.24
N CYS T 274 -4.69 -61.27 -23.41
CA CYS T 274 -5.05 -62.66 -23.61
C CYS T 274 -4.32 -63.18 -24.85
N LYS T 275 -3.97 -64.46 -24.81
CA LYS T 275 -3.14 -65.08 -25.86
C LYS T 275 -3.85 -66.36 -26.31
N LEU T 276 -4.78 -66.24 -27.25
CA LEU T 276 -5.56 -67.37 -27.74
C LEU T 276 -4.79 -68.05 -28.87
N GLY T 277 -4.54 -69.34 -28.71
CA GLY T 277 -3.88 -70.12 -29.74
C GLY T 277 -2.53 -69.55 -30.14
N ASP T 278 -2.46 -69.01 -31.36
CA ASP T 278 -1.25 -68.40 -31.89
C ASP T 278 -1.34 -66.88 -31.97
N ASP T 279 -2.52 -66.30 -31.77
CA ASP T 279 -2.74 -64.87 -31.94
C ASP T 279 -2.80 -64.20 -30.57
N ASP T 280 -2.49 -62.90 -30.54
CA ASP T 280 -2.30 -62.17 -29.30
C ASP T 280 -3.31 -61.03 -29.18
N ILE T 281 -3.83 -60.83 -27.98
CA ILE T 281 -4.76 -59.75 -27.68
C ILE T 281 -4.15 -58.84 -26.62
N ASP T 282 -4.14 -57.53 -26.90
CA ASP T 282 -3.68 -56.54 -25.94
C ASP T 282 -4.34 -55.22 -26.31
N GLN T 283 -5.27 -54.77 -25.49
CA GLN T 283 -6.07 -53.59 -25.79
C GLN T 283 -6.26 -52.76 -24.52
N LYS T 284 -6.61 -51.49 -24.72
CA LYS T 284 -6.98 -50.61 -23.62
C LYS T 284 -8.50 -50.60 -23.46
N ILE T 285 -8.97 -50.89 -22.25
CA ILE T 285 -10.39 -50.96 -21.97
C ILE T 285 -10.70 -50.15 -20.72
N ALA T 286 -11.98 -49.89 -20.51
CA ALA T 286 -12.47 -49.18 -19.34
C ALA T 286 -13.49 -50.04 -18.62
N GLY T 287 -13.36 -50.14 -17.31
CA GLY T 287 -14.26 -50.97 -16.53
C GLY T 287 -13.93 -50.89 -15.06
N HIS T 288 -14.73 -51.60 -14.27
CA HIS T 288 -14.55 -51.67 -12.83
C HIS T 288 -14.80 -53.10 -12.35
N VAL T 289 -14.68 -53.29 -11.04
CA VAL T 289 -14.80 -54.59 -10.41
C VAL T 289 -15.80 -54.50 -9.28
N SER T 290 -16.74 -55.45 -9.23
CA SER T 290 -17.74 -55.52 -8.18
C SER T 290 -17.55 -56.79 -7.36
N PHE T 291 -17.59 -56.65 -6.04
CA PHE T 291 -17.41 -57.77 -5.12
C PHE T 291 -18.68 -57.96 -4.32
N MET T 292 -19.15 -59.21 -4.25
CA MET T 292 -20.34 -59.57 -3.48
C MET T 292 -21.54 -58.72 -3.91
N GLY T 293 -21.68 -58.55 -5.22
CA GLY T 293 -22.81 -57.83 -5.78
C GLY T 293 -22.79 -56.33 -5.58
N LYS T 294 -21.67 -55.76 -5.14
CA LYS T 294 -21.59 -54.33 -4.84
C LYS T 294 -20.30 -53.78 -5.42
N ASN T 295 -20.33 -52.48 -5.74
CA ASN T 295 -19.19 -51.83 -6.38
C ASN T 295 -17.98 -51.85 -5.46
N GLY T 296 -16.80 -51.97 -6.06
CA GLY T 296 -15.56 -52.04 -5.32
C GLY T 296 -15.37 -53.40 -4.67
N ILE T 297 -14.31 -53.49 -3.88
CA ILE T 297 -13.97 -54.71 -3.15
C ILE T 297 -13.99 -54.39 -1.66
N LYS T 298 -14.79 -55.15 -0.91
CA LYS T 298 -14.93 -54.91 0.52
C LYS T 298 -13.64 -55.29 1.24
N GLY T 299 -13.27 -54.50 2.25
CA GLY T 299 -12.10 -54.76 3.05
C GLY T 299 -12.12 -53.90 4.29
N GLU T 300 -11.14 -54.13 5.17
CA GLU T 300 -11.05 -53.36 6.40
C GLU T 300 -9.92 -52.33 6.29
N VAL T 301 -9.85 -51.47 7.30
CA VAL T 301 -8.88 -50.38 7.35
C VAL T 301 -7.84 -50.73 8.42
N VAL T 302 -6.59 -50.39 8.15
CA VAL T 302 -5.49 -50.63 9.08
C VAL T 302 -4.71 -49.33 9.24
N MET T 303 -4.33 -49.01 10.48
CA MET T 303 -3.56 -47.82 10.80
C MET T 303 -2.42 -48.20 11.73
N ARG T 304 -1.32 -47.45 11.68
CA ARG T 304 -0.12 -47.75 12.44
C ARG T 304 0.18 -46.70 13.51
N ASN T 305 -0.82 -45.90 13.88
CA ASN T 305 -0.63 -44.77 14.79
C ASN T 305 -0.58 -45.18 16.26
N GLY T 306 -0.85 -46.45 16.58
CA GLY T 306 -1.01 -46.89 17.94
C GLY T 306 0.07 -46.46 18.92
N GLN T 307 1.30 -46.95 18.70
CA GLN T 307 2.38 -46.63 19.63
C GLN T 307 2.70 -45.14 19.62
N ILE T 308 2.70 -44.51 18.44
CA ILE T 308 3.06 -43.10 18.36
C ILE T 308 2.03 -42.25 19.09
N LEU T 309 0.74 -42.54 18.87
CA LEU T 309 -0.30 -41.81 19.57
C LEU T 309 -0.22 -42.05 21.08
N LEU T 310 0.10 -43.28 21.49
CA LEU T 310 0.26 -43.56 22.92
C LEU T 310 1.38 -42.72 23.51
N TYR T 311 2.52 -42.62 22.81
CA TYR T 311 3.61 -41.80 23.30
C TYR T 311 3.23 -40.33 23.38
N ALA T 312 2.52 -39.82 22.35
CA ALA T 312 2.10 -38.43 22.38
C ALA T 312 1.14 -38.17 23.53
N GLY T 313 0.21 -39.09 23.76
CA GLY T 313 -0.71 -38.94 24.88
C GLY T 313 0.00 -38.97 26.22
N GLY T 314 0.99 -39.85 26.36
CA GLY T 314 1.76 -39.88 27.59
C GLY T 314 2.54 -38.59 27.83
N ALA T 315 3.14 -38.05 26.77
CA ALA T 315 3.86 -36.78 26.90
C ALA T 315 2.91 -35.67 27.32
N GLY T 316 1.75 -35.57 26.67
CA GLY T 316 0.80 -34.53 27.06
C GLY T 316 0.24 -34.74 28.45
N PHE T 317 0.12 -36.00 28.89
CA PHE T 317 -0.29 -36.28 30.26
C PHE T 317 0.75 -35.79 31.24
N LEU T 318 2.02 -35.96 30.90
CA LEU T 318 3.09 -35.38 31.70
C LEU T 318 2.95 -33.85 31.73
N ASP T 319 2.60 -33.25 30.59
CA ASP T 319 2.33 -31.81 30.58
C ASP T 319 1.22 -31.44 31.54
N GLY T 320 0.13 -32.20 31.52
CA GLY T 320 -1.00 -31.90 32.38
C GLY T 320 -0.66 -31.99 33.85
N ILE T 321 0.02 -33.07 34.25
CA ILE T 321 0.39 -33.21 35.66
C ILE T 321 1.40 -32.13 36.05
N GLY T 322 2.33 -31.79 35.16
CA GLY T 322 3.27 -30.73 35.46
C GLY T 322 2.60 -29.38 35.65
N LYS T 323 1.64 -29.06 34.78
CA LYS T 323 0.93 -27.78 34.91
C LYS T 323 0.06 -27.78 36.16
N GLY T 324 -0.50 -28.95 36.53
CA GLY T 324 -1.23 -29.04 37.77
C GLY T 324 -0.35 -28.76 38.98
N ILE T 325 0.85 -29.35 39.01
CA ILE T 325 1.80 -29.03 40.07
C ILE T 325 2.32 -27.60 39.92
N GLU T 326 2.37 -27.10 38.68
CA GLU T 326 2.87 -25.74 38.44
C GLU T 326 1.86 -24.69 38.91
N LYS T 327 0.72 -25.13 39.44
CA LYS T 327 -0.31 -24.17 39.85
C LYS T 327 -0.21 -23.82 41.33
N ALA T 328 -0.09 -24.82 42.20
CA ALA T 328 -0.16 -24.60 43.64
C ALA T 328 0.98 -23.68 44.10
N SER T 329 0.64 -22.46 44.49
CA SER T 329 1.65 -21.44 44.80
C SER T 329 1.11 -20.57 45.93
N SER T 330 1.76 -19.43 46.14
CA SER T 330 1.37 -18.49 47.17
C SER T 330 0.24 -17.60 46.67
N THR T 331 -0.03 -16.51 47.41
CA THR T 331 -1.07 -15.58 47.01
C THR T 331 -0.57 -14.64 45.91
N VAL T 355 6.58 -31.39 34.67
CA VAL T 355 7.24 -31.08 33.41
C VAL T 355 6.21 -30.61 32.39
N SER T 356 6.56 -29.56 31.66
CA SER T 356 5.74 -29.07 30.56
C SER T 356 6.49 -28.89 29.26
N SER T 357 7.76 -28.46 29.29
CA SER T 357 8.47 -28.13 28.06
C SER T 357 8.80 -29.38 27.25
N ALA T 358 9.37 -30.41 27.90
CA ALA T 358 9.59 -31.67 27.22
C ALA T 358 8.29 -32.18 26.62
N ALA T 359 7.20 -32.06 27.38
CA ALA T 359 5.92 -32.55 26.89
C ALA T 359 5.49 -31.81 25.64
N LYS T 360 5.55 -30.48 25.65
CA LYS T 360 5.10 -29.73 24.48
C LYS T 360 5.97 -30.03 23.25
N THR T 361 7.29 -30.03 23.41
CA THR T 361 8.16 -30.26 22.26
C THR T 361 7.99 -31.67 21.70
N LEU T 362 8.06 -32.70 22.56
CA LEU T 362 7.91 -34.06 22.07
C LEU T 362 6.51 -34.32 21.55
N SER T 363 5.48 -33.69 22.13
CA SER T 363 4.13 -33.86 21.61
C SER T 363 3.99 -33.26 20.22
N ASP T 364 4.56 -32.07 20.01
CA ASP T 364 4.51 -31.46 18.69
C ASP T 364 5.25 -32.32 17.68
N TYR T 365 6.43 -32.83 18.05
CA TYR T 365 7.19 -33.67 17.14
C TYR T 365 6.44 -34.96 16.82
N TYR T 366 5.83 -35.58 17.84
CA TYR T 366 5.10 -36.82 17.63
C TYR T 366 3.87 -36.60 16.76
N ILE T 367 3.18 -35.47 16.94
CA ILE T 367 2.04 -35.18 16.07
C ILE T 367 2.49 -35.00 14.63
N LYS T 368 3.57 -34.23 14.42
CA LYS T 368 4.06 -34.02 13.07
C LYS T 368 4.52 -35.32 12.42
N ARG T 369 5.10 -36.23 13.22
CA ARG T 369 5.59 -37.48 12.69
C ARG T 369 4.45 -38.47 12.41
N ALA T 370 3.43 -38.49 13.28
CA ALA T 370 2.31 -39.40 13.11
C ALA T 370 1.35 -38.93 12.03
N GLU T 371 1.37 -37.63 11.70
CA GLU T 371 0.51 -37.12 10.64
C GLU T 371 0.84 -37.76 9.29
N GLN T 372 2.04 -38.34 9.15
CA GLN T 372 2.45 -38.91 7.87
C GLN T 372 1.57 -40.09 7.48
N TYR T 373 1.12 -40.86 8.46
CA TYR T 373 0.38 -42.09 8.18
C TYR T 373 -0.99 -41.79 7.60
N HIS T 374 -1.49 -42.72 6.79
CA HIS T 374 -2.80 -42.63 6.16
C HIS T 374 -3.44 -44.00 6.13
N PRO T 375 -4.78 -44.08 6.05
CA PRO T 375 -5.44 -45.39 6.01
C PRO T 375 -4.99 -46.24 4.84
N VAL T 376 -4.92 -47.55 5.07
CA VAL T 376 -4.49 -48.52 4.06
C VAL T 376 -5.51 -49.65 4.02
N ILE T 377 -5.88 -50.06 2.81
CA ILE T 377 -6.87 -51.11 2.60
C ILE T 377 -6.14 -52.35 2.10
N PRO T 378 -6.01 -53.40 2.92
CA PRO T 378 -5.35 -54.63 2.44
C PRO T 378 -6.29 -55.54 1.66
N ILE T 379 -6.07 -55.65 0.35
CA ILE T 379 -6.89 -56.47 -0.53
C ILE T 379 -5.96 -57.32 -1.39
N GLY T 380 -6.30 -58.60 -1.57
CA GLY T 380 -5.48 -59.42 -2.50
C GLY T 380 -5.68 -60.92 -2.35
N ALA T 381 -4.59 -61.66 -2.12
CA ALA T 381 -4.64 -63.14 -1.98
C ALA T 381 -5.41 -63.76 -3.16
N GLY T 382 -6.45 -64.55 -2.87
CA GLY T 382 -7.22 -65.22 -3.95
C GLY T 382 -8.72 -65.08 -3.74
N ASN T 383 -9.19 -63.87 -3.45
CA ASN T 383 -10.62 -63.64 -3.29
C ASN T 383 -11.34 -63.69 -4.64
N GLU T 384 -12.67 -63.82 -4.56
CA GLU T 384 -13.52 -63.88 -5.74
C GLU T 384 -14.14 -62.51 -6.00
N VAL T 385 -14.02 -62.04 -7.24
CA VAL T 385 -14.53 -60.74 -7.66
C VAL T 385 -15.17 -60.90 -9.03
N THR T 386 -15.84 -59.84 -9.48
CA THR T 386 -16.51 -59.83 -10.78
C THR T 386 -16.10 -58.57 -11.52
N LEU T 387 -15.77 -58.71 -12.81
CA LEU T 387 -15.35 -57.60 -13.63
C LEU T 387 -16.48 -57.19 -14.59
N VAL T 388 -16.63 -55.89 -14.79
CA VAL T 388 -17.65 -55.34 -15.67
C VAL T 388 -16.98 -54.40 -16.66
N PHE T 389 -17.29 -54.59 -17.95
CA PHE T 389 -16.81 -53.69 -18.99
C PHE T 389 -17.78 -52.52 -19.09
N GLN T 390 -17.40 -51.38 -18.51
CA GLN T 390 -18.27 -50.22 -18.47
C GLN T 390 -18.58 -49.66 -19.86
N ASP T 391 -17.63 -49.73 -20.79
CA ASP T 391 -17.81 -49.20 -22.13
C ASP T 391 -17.56 -50.30 -23.16
N GLY T 392 -18.40 -50.33 -24.19
CA GLY T 392 -18.26 -51.34 -25.21
C GLY T 392 -17.06 -51.11 -26.10
N PHE T 393 -16.58 -52.20 -26.71
CA PHE T 393 -15.42 -52.15 -27.58
C PHE T 393 -15.42 -53.39 -28.48
N GLN T 394 -14.40 -53.48 -29.32
CA GLN T 394 -14.25 -54.58 -30.28
C GLN T 394 -12.90 -55.24 -30.05
N LEU T 395 -12.91 -56.54 -29.79
CA LEU T 395 -11.67 -57.30 -29.70
C LEU T 395 -11.03 -57.42 -31.07
N GLU T 396 -9.72 -57.21 -31.13
CA GLU T 396 -8.99 -57.23 -32.39
C GLU T 396 -7.53 -57.57 -32.12
N THR T 397 -6.96 -58.39 -33.00
CA THR T 397 -5.64 -58.95 -32.79
C THR T 397 -4.55 -57.90 -33.00
N LEU T 398 -3.36 -58.18 -32.47
CA LEU T 398 -2.23 -57.22 -32.58
C LEU T 398 -1.81 -57.11 -34.06
N GLU T 399 -1.77 -58.25 -34.76
CA GLU T 399 -1.44 -58.22 -36.22
C GLU T 399 -2.53 -57.41 -36.93
N GLU T 400 -3.80 -57.65 -36.60
CA GLU T 400 -4.91 -56.87 -37.21
C GLU T 400 -4.68 -55.39 -36.92
N ALA T 401 -4.35 -55.05 -35.68
CA ALA T 401 -4.14 -53.64 -35.29
C ALA T 401 -3.04 -53.02 -36.16
N ARG T 402 -1.90 -53.71 -36.30
CA ARG T 402 -0.76 -53.12 -37.07
C ARG T 402 -1.16 -52.98 -38.54
N ALA T 403 -1.91 -53.95 -39.07
CA ALA T 403 -2.37 -53.87 -40.48
C ALA T 403 -3.24 -52.64 -40.64
N LYS T 404 -4.17 -52.40 -39.71
CA LYS T 404 -5.04 -51.21 -39.77
C LYS T 404 -4.17 -49.95 -39.68
N ALA T 405 -3.30 -49.87 -38.67
CA ALA T 405 -2.49 -48.67 -38.50
C ALA T 405 -1.74 -48.33 -39.78
N ALA T 406 -1.18 -49.34 -40.45
CA ALA T 406 -0.49 -49.09 -41.72
C ALA T 406 -1.47 -48.61 -42.78
N ALA T 407 -2.67 -49.19 -42.83
CA ALA T 407 -3.68 -48.76 -43.79
C ALA T 407 -4.06 -47.30 -43.57
N ARG T 408 -4.24 -46.90 -42.32
CA ARG T 408 -4.54 -45.50 -42.03
C ARG T 408 -3.37 -44.60 -42.40
N LYS T 409 -2.15 -45.02 -42.07
CA LYS T 409 -0.96 -44.24 -42.39
C LYS T 409 -0.76 -44.09 -43.89
N LYS T 410 -1.30 -45.02 -44.67
CA LYS T 410 -1.18 -44.94 -46.13
C LYS T 410 -1.85 -43.70 -46.69
N GLN T 411 -2.85 -43.15 -45.99
CA GLN T 411 -3.66 -42.03 -46.50
C GLN T 411 -4.23 -42.35 -47.87
N ASN T 412 -4.99 -43.46 -47.91
CA ASN T 412 -5.58 -43.96 -49.14
C ASN T 412 -6.78 -43.07 -49.51
N GLN T 413 -6.46 -41.89 -50.03
CA GLN T 413 -7.49 -40.94 -50.45
C GLN T 413 -8.02 -41.27 -51.83
N LYS U 194 8.48 -65.25 -38.75
CA LYS U 194 8.17 -65.08 -37.34
C LYS U 194 9.45 -64.84 -36.54
N PRO U 195 9.33 -64.12 -35.42
CA PRO U 195 10.52 -63.81 -34.62
C PRO U 195 10.79 -64.85 -33.54
N ARG U 196 12.08 -64.94 -33.18
CA ARG U 196 12.50 -65.89 -32.16
C ARG U 196 12.02 -65.46 -30.78
N PHE U 197 11.69 -64.18 -30.61
CA PHE U 197 11.21 -63.70 -29.32
C PHE U 197 9.70 -63.50 -29.37
N PRO U 198 8.94 -64.30 -28.64
CA PRO U 198 7.48 -64.11 -28.61
C PRO U 198 7.11 -62.80 -27.95
N TRP U 199 5.99 -62.23 -28.40
CA TRP U 199 5.53 -60.96 -27.86
C TRP U 199 5.18 -61.12 -26.38
N ILE U 200 5.61 -60.17 -25.57
CA ILE U 200 5.31 -60.15 -24.14
C ILE U 200 4.05 -59.32 -23.95
N SER U 201 3.02 -59.92 -23.37
CA SER U 201 1.76 -59.23 -23.15
C SER U 201 1.73 -58.64 -21.73
N SER U 202 0.89 -57.62 -21.57
CA SER U 202 0.75 -56.96 -20.28
C SER U 202 0.20 -57.94 -19.24
N GLY U 203 0.65 -57.77 -18.00
CA GLY U 203 0.21 -58.61 -16.92
C GLY U 203 0.97 -59.91 -16.77
N SER U 204 1.91 -60.20 -17.66
CA SER U 204 2.74 -61.39 -17.50
C SER U 204 3.63 -61.25 -16.28
N PHE U 205 3.75 -62.34 -15.52
CA PHE U 205 4.49 -62.30 -14.26
C PHE U 205 5.51 -63.43 -14.23
N VAL U 206 6.54 -63.23 -13.42
CA VAL U 206 7.60 -64.23 -13.22
C VAL U 206 8.22 -64.01 -11.85
N GLU U 207 8.53 -65.10 -11.17
CA GLU U 207 9.12 -65.03 -9.85
C GLU U 207 10.64 -64.94 -9.95
N ALA U 208 11.26 -64.37 -8.91
CA ALA U 208 12.68 -64.09 -8.94
C ALA U 208 13.23 -63.99 -7.53
N ILE U 209 14.55 -63.85 -7.45
CA ILE U 209 15.27 -63.70 -6.18
C ILE U 209 15.99 -62.36 -6.21
N VAL U 210 15.81 -61.57 -5.14
CA VAL U 210 16.50 -60.29 -5.03
C VAL U 210 17.99 -60.57 -4.78
N VAL U 211 18.85 -59.94 -5.58
CA VAL U 211 20.28 -60.14 -5.42
C VAL U 211 20.84 -59.24 -4.32
N GLU U 212 20.74 -57.92 -4.51
CA GLU U 212 21.18 -56.96 -3.51
C GLU U 212 20.02 -56.03 -3.20
N GLY U 213 19.88 -55.64 -1.94
CA GLY U 213 18.77 -54.82 -1.52
C GLY U 213 19.18 -53.39 -1.25
N ALA U 214 18.18 -52.53 -1.10
CA ALA U 214 18.38 -51.12 -0.81
C ALA U 214 17.50 -50.71 0.35
N ASP U 215 17.87 -49.61 1.01
CA ASP U 215 17.08 -49.05 2.09
C ASP U 215 16.17 -47.97 1.50
N ALA U 216 14.87 -48.17 1.63
CA ALA U 216 13.90 -47.28 1.01
C ALA U 216 13.77 -46.01 1.85
N ASN U 217 13.83 -44.86 1.19
CA ASN U 217 13.63 -43.58 1.86
C ASN U 217 12.13 -43.35 2.02
N ALA U 218 11.56 -43.93 3.08
CA ALA U 218 10.13 -43.88 3.31
C ALA U 218 9.76 -42.55 3.97
N SER U 219 9.85 -41.49 3.18
CA SER U 219 9.47 -40.15 3.64
C SER U 219 8.37 -39.59 2.74
N VAL U 220 7.99 -38.33 2.97
CA VAL U 220 6.98 -37.71 2.13
C VAL U 220 7.49 -37.46 0.71
N THR U 221 8.81 -37.39 0.54
CA THR U 221 9.43 -37.20 -0.77
C THR U 221 10.16 -38.45 -1.23
N GLY U 222 9.57 -39.63 -0.96
CA GLY U 222 10.25 -40.87 -1.28
C GLY U 222 10.44 -41.06 -2.78
N ASP U 223 9.40 -40.74 -3.56
CA ASP U 223 9.40 -41.07 -4.98
C ASP U 223 10.45 -40.30 -5.79
N LYS U 224 11.07 -39.27 -5.22
CA LYS U 224 12.08 -38.50 -5.93
C LYS U 224 13.50 -38.97 -5.61
N ASN U 225 13.88 -38.97 -4.34
CA ASN U 225 15.19 -39.41 -3.89
C ASN U 225 15.16 -40.89 -3.53
N THR U 226 15.27 -41.74 -4.56
CA THR U 226 15.13 -43.18 -4.42
C THR U 226 16.49 -43.86 -4.44
N ALA U 227 16.49 -45.15 -4.07
CA ALA U 227 17.68 -45.96 -4.02
C ALA U 227 17.53 -47.17 -4.92
N PRO U 228 18.44 -47.38 -5.88
CA PRO U 228 18.29 -48.51 -6.81
C PRO U 228 18.56 -49.85 -6.14
N MET U 229 17.98 -50.90 -6.74
CA MET U 229 18.24 -52.27 -6.34
C MET U 229 18.16 -53.16 -7.57
N GLN U 230 18.68 -54.37 -7.44
CA GLN U 230 18.81 -55.30 -8.55
C GLN U 230 18.50 -56.72 -8.11
N LEU U 231 17.84 -57.47 -8.99
CA LEU U 231 17.44 -58.85 -8.71
C LEU U 231 17.66 -59.72 -9.93
N ARG U 232 17.77 -61.03 -9.71
CA ARG U 232 18.01 -62.00 -10.76
C ARG U 232 16.80 -62.93 -10.93
N LEU U 233 16.56 -63.35 -12.17
CA LEU U 233 15.48 -64.27 -12.46
C LEU U 233 15.86 -65.69 -12.10
N THR U 234 14.87 -66.46 -11.65
CA THR U 234 15.07 -67.86 -11.30
C THR U 234 13.93 -68.77 -11.75
N GLY U 235 13.02 -68.28 -12.58
CA GLY U 235 11.90 -69.08 -13.04
C GLY U 235 11.57 -68.93 -14.51
N LYS U 236 10.37 -69.35 -14.92
CA LYS U 236 9.96 -69.19 -16.31
C LYS U 236 8.81 -68.23 -16.38
N VAL U 237 8.87 -67.25 -17.27
CA VAL U 237 7.83 -66.24 -17.29
C VAL U 237 6.50 -66.87 -17.62
N GLN U 238 5.47 -66.47 -16.90
CA GLN U 238 4.18 -67.04 -17.13
C GLN U 238 3.37 -66.12 -18.01
N MET U 239 3.10 -66.55 -19.24
CA MET U 239 2.29 -65.76 -20.13
C MET U 239 0.85 -65.96 -19.71
N PRO U 240 -0.04 -65.09 -20.16
CA PRO U 240 -1.40 -65.21 -19.65
C PRO U 240 -2.15 -66.50 -19.90
N ASN U 241 -2.18 -67.01 -21.12
CA ASN U 241 -2.96 -68.21 -21.31
C ASN U 241 -2.14 -69.45 -21.13
N ASP U 242 -1.63 -69.67 -19.93
CA ASP U 242 -0.88 -70.88 -19.65
C ASP U 242 0.25 -71.12 -20.63
N GLU U 243 1.01 -70.08 -20.92
CA GLU U 243 2.12 -70.21 -21.84
C GLU U 243 3.39 -69.75 -21.17
N GLU U 244 4.52 -70.25 -21.62
CA GLU U 244 5.77 -69.91 -20.98
C GLU U 244 6.90 -69.63 -21.94
N PHE U 245 7.85 -68.79 -21.55
CA PHE U 245 9.01 -68.53 -22.38
C PHE U 245 10.13 -68.64 -21.39
N ASP U 246 11.33 -68.96 -21.84
CA ASP U 246 12.39 -69.17 -20.87
C ASP U 246 13.39 -68.06 -20.75
N LEU U 247 13.32 -67.31 -19.65
CA LEU U 247 14.31 -66.30 -19.40
C LEU U 247 14.74 -66.69 -18.02
N THR U 248 16.01 -66.97 -17.81
CA THR U 248 16.48 -67.28 -16.48
C THR U 248 17.85 -66.66 -16.35
N GLY U 249 18.28 -66.43 -15.13
CA GLY U 249 19.56 -65.79 -14.92
C GLY U 249 19.67 -64.37 -15.43
N CYS U 250 18.63 -63.86 -16.08
CA CYS U 250 18.67 -62.48 -16.55
C CYS U 250 18.57 -61.52 -15.37
N PHE U 251 19.20 -60.35 -15.51
CA PHE U 251 19.18 -59.34 -14.46
C PHE U 251 18.14 -58.27 -14.77
N VAL U 252 17.56 -57.70 -13.71
CA VAL U 252 16.64 -56.57 -13.82
C VAL U 252 17.13 -55.48 -12.88
N THR U 253 17.28 -54.27 -13.40
CA THR U 253 17.62 -53.11 -12.59
C THR U 253 16.35 -52.41 -12.15
N LEU U 254 16.29 -52.08 -10.87
CA LEU U 254 15.09 -51.47 -10.29
C LEU U 254 15.45 -50.13 -9.67
N GLU U 255 14.40 -49.42 -9.24
CA GLU U 255 14.53 -48.10 -8.66
C GLU U 255 13.32 -47.88 -7.77
N ALA U 256 13.52 -47.94 -6.45
CA ALA U 256 12.42 -48.10 -5.51
C ALA U 256 12.48 -47.05 -4.42
N TRP U 257 11.31 -46.78 -3.83
CA TRP U 257 11.18 -45.92 -2.66
C TRP U 257 10.36 -46.64 -1.59
N GLY U 258 9.98 -45.91 -0.54
CA GLY U 258 9.28 -46.51 0.59
C GLY U 258 7.87 -45.96 0.76
N ASP U 259 7.09 -46.69 1.54
CA ASP U 259 5.73 -46.28 1.89
C ASP U 259 5.51 -46.71 3.33
N VAL U 260 5.55 -45.76 4.26
CA VAL U 260 5.53 -46.08 5.68
C VAL U 260 4.16 -46.61 6.13
N SER U 261 3.07 -46.14 5.50
CA SER U 261 1.74 -46.53 5.95
C SER U 261 1.52 -48.03 5.83
N SER U 262 1.91 -48.62 4.70
CA SER U 262 1.83 -50.05 4.50
C SER U 262 3.14 -50.76 4.79
N GLU U 263 4.17 -50.03 5.23
CA GLU U 263 5.53 -50.54 5.43
C GLU U 263 5.94 -51.53 4.35
N ARG U 264 5.62 -51.19 3.10
CA ARG U 264 6.07 -51.94 1.94
C ARG U 264 6.84 -51.01 1.01
N ALA U 265 7.89 -51.55 0.39
CA ALA U 265 8.77 -50.78 -0.48
C ALA U 265 8.25 -50.89 -1.91
N ILE U 266 7.68 -49.80 -2.41
CA ILE U 266 7.16 -49.74 -3.77
C ILE U 266 8.35 -49.65 -4.72
N VAL U 267 8.37 -50.51 -5.74
CA VAL U 267 9.46 -50.56 -6.69
C VAL U 267 8.98 -50.04 -8.04
N ARG U 268 9.92 -49.85 -8.95
CA ARG U 268 9.63 -49.48 -10.32
C ARG U 268 10.76 -49.98 -11.21
N SER U 269 10.44 -50.96 -12.06
CA SER U 269 11.45 -51.58 -12.91
C SER U 269 12.05 -50.56 -13.87
N ARG U 270 13.36 -50.64 -14.05
CA ARG U 270 14.09 -49.70 -14.89
C ARG U 270 14.47 -50.32 -16.23
N SER U 271 15.15 -51.46 -16.22
CA SER U 271 15.63 -52.07 -17.45
C SER U 271 15.70 -53.58 -17.29
N ILE U 272 15.61 -54.28 -18.42
CA ILE U 272 15.78 -55.72 -18.48
C ILE U 272 17.11 -56.03 -19.14
N SER U 273 17.86 -56.95 -18.55
CA SER U 273 19.17 -57.33 -19.07
C SER U 273 19.30 -58.85 -19.07
N CYS U 274 19.76 -59.38 -20.20
CA CYS U 274 19.95 -60.83 -20.34
C CYS U 274 20.88 -61.07 -21.53
N LYS U 275 21.68 -62.13 -21.41
CA LYS U 275 22.71 -62.43 -22.41
C LYS U 275 22.56 -63.90 -22.81
N LEU U 276 21.69 -64.17 -23.77
CA LEU U 276 21.42 -65.53 -24.21
C LEU U 276 22.43 -65.92 -25.29
N GLY U 277 23.15 -67.01 -25.05
CA GLY U 277 24.09 -67.52 -26.03
C GLY U 277 25.15 -66.51 -26.42
N ASP U 278 25.05 -66.04 -27.66
CA ASP U 278 25.97 -65.03 -28.20
C ASP U 278 25.31 -63.66 -28.37
N ASP U 279 24.00 -63.57 -28.22
CA ASP U 279 23.27 -62.33 -28.47
C ASP U 279 22.90 -61.67 -27.15
N ASP U 280 22.69 -60.36 -27.18
CA ASP U 280 22.54 -59.56 -25.97
C ASP U 280 21.18 -58.88 -25.94
N ILE U 281 20.57 -58.84 -24.76
CA ILE U 281 19.28 -58.19 -24.54
C ILE U 281 19.47 -57.08 -23.52
N ASP U 282 19.00 -55.87 -23.87
CA ASP U 282 19.02 -54.73 -22.95
C ASP U 282 17.93 -53.78 -23.41
N GLN U 283 16.85 -53.68 -22.64
CA GLN U 283 15.68 -52.89 -23.02
C GLN U 283 15.14 -52.15 -21.80
N LYS U 284 14.34 -51.11 -22.07
CA LYS U 284 13.63 -50.39 -21.04
C LYS U 284 12.22 -50.95 -20.91
N ILE U 285 11.84 -51.35 -19.70
CA ILE U 285 10.53 -51.95 -19.45
C ILE U 285 9.90 -51.26 -18.25
N ALA U 286 8.60 -51.50 -18.08
CA ALA U 286 7.83 -50.97 -16.97
C ALA U 286 7.17 -52.13 -16.22
N GLY U 287 7.29 -52.13 -14.90
CA GLY U 287 6.73 -53.20 -14.10
C GLY U 287 6.95 -52.93 -12.63
N HIS U 288 6.44 -53.86 -11.82
CA HIS U 288 6.57 -53.79 -10.37
C HIS U 288 6.87 -55.18 -9.82
N VAL U 289 7.00 -55.26 -8.51
CA VAL U 289 7.34 -56.50 -7.81
C VAL U 289 6.33 -56.75 -6.71
N SER U 290 5.82 -57.96 -6.63
CA SER U 290 4.88 -58.38 -5.60
C SER U 290 5.51 -59.45 -4.72
N PHE U 291 5.35 -59.27 -3.41
CA PHE U 291 5.91 -60.20 -2.43
C PHE U 291 4.77 -60.83 -1.63
N MET U 292 4.79 -62.15 -1.51
CA MET U 292 3.80 -62.91 -0.75
C MET U 292 2.39 -62.59 -1.26
N GLY U 293 2.25 -62.54 -2.58
CA GLY U 293 0.95 -62.32 -3.19
C GLY U 293 0.40 -60.92 -3.07
N LYS U 294 1.20 -59.95 -2.64
CA LYS U 294 0.72 -58.59 -2.43
C LYS U 294 1.73 -57.61 -3.00
N ASN U 295 1.24 -56.43 -3.39
CA ASN U 295 2.07 -55.44 -4.05
C ASN U 295 3.17 -54.96 -3.10
N GLY U 296 4.33 -54.64 -3.66
CA GLY U 296 5.46 -54.21 -2.88
C GLY U 296 6.13 -55.36 -2.16
N ILE U 297 7.11 -55.02 -1.33
CA ILE U 297 7.86 -55.98 -0.53
C ILE U 297 7.65 -55.65 0.94
N LYS U 298 7.17 -56.61 1.71
CA LYS U 298 6.90 -56.39 3.12
C LYS U 298 8.21 -56.22 3.88
N GLY U 299 8.19 -55.31 4.86
CA GLY U 299 9.36 -55.07 5.70
C GLY U 299 8.95 -54.23 6.89
N GLU U 300 9.90 -54.04 7.80
CA GLU U 300 9.65 -53.25 8.98
C GLU U 300 10.31 -51.87 8.85
N VAL U 301 10.02 -51.00 9.82
CA VAL U 301 10.50 -49.63 9.83
C VAL U 301 11.54 -49.51 10.94
N VAL U 302 12.60 -48.75 10.68
CA VAL U 302 13.65 -48.51 11.65
C VAL U 302 13.89 -47.01 11.76
N MET U 303 14.07 -46.52 12.98
CA MET U 303 14.32 -45.11 13.24
C MET U 303 15.49 -45.00 14.22
N ARG U 304 16.21 -43.88 14.15
CA ARG U 304 17.41 -43.67 14.97
C ARG U 304 17.24 -42.55 15.98
N ASN U 305 16.00 -42.17 16.29
CA ASN U 305 15.72 -41.02 17.14
C ASN U 305 15.86 -41.31 18.62
N GLY U 306 16.07 -42.58 19.00
CA GLY U 306 16.03 -42.99 20.39
C GLY U 306 16.83 -42.14 21.36
N GLN U 307 18.16 -42.14 21.21
CA GLN U 307 19.00 -41.40 22.14
C GLN U 307 18.73 -39.90 22.06
N ILE U 308 18.56 -39.37 20.85
CA ILE U 308 18.35 -37.93 20.70
C ILE U 308 17.05 -37.50 21.35
N LEU U 309 15.98 -38.26 21.12
CA LEU U 309 14.71 -37.95 21.77
C LEU U 309 14.81 -38.09 23.29
N LEU U 310 15.56 -39.08 23.76
CA LEU U 310 15.75 -39.22 25.20
C LEU U 310 16.45 -37.99 25.78
N TYR U 311 17.49 -37.51 25.11
CA TYR U 311 18.18 -36.31 25.57
C TYR U 311 17.26 -35.10 25.56
N ALA U 312 16.46 -34.94 24.50
CA ALA U 312 15.54 -33.80 24.44
C ALA U 312 14.51 -33.87 25.56
N GLY U 313 13.98 -35.07 25.81
CA GLY U 313 13.03 -35.23 26.90
C GLY U 313 13.64 -34.94 28.26
N GLY U 314 14.89 -35.38 28.47
CA GLY U 314 15.57 -35.06 29.71
C GLY U 314 15.78 -33.56 29.90
N ALA U 315 16.18 -32.88 28.82
CA ALA U 315 16.36 -31.44 28.90
C ALA U 315 15.05 -30.74 29.25
N GLY U 316 13.97 -31.11 28.56
CA GLY U 316 12.69 -30.50 28.87
C GLY U 316 12.18 -30.85 30.26
N PHE U 317 12.53 -32.04 30.75
CA PHE U 317 12.19 -32.40 32.12
C PHE U 317 12.94 -31.51 33.11
N LEU U 318 14.19 -31.20 32.81
CA LEU U 318 14.92 -30.22 33.60
C LEU U 318 14.23 -28.86 33.55
N ASP U 319 13.72 -28.49 32.37
CA ASP U 319 12.93 -27.25 32.27
C ASP U 319 11.71 -27.30 33.18
N GLY U 320 11.01 -28.41 33.18
CA GLY U 320 9.80 -28.52 34.00
C GLY U 320 10.09 -28.42 35.48
N ILE U 321 11.11 -29.14 35.96
CA ILE U 321 11.45 -29.07 37.37
C ILE U 321 11.96 -27.68 37.73
N GLY U 322 12.74 -27.05 36.84
CA GLY U 322 13.19 -25.70 37.11
C GLY U 322 12.05 -24.70 37.22
N LYS U 323 11.09 -24.79 36.30
CA LYS U 323 9.94 -23.88 36.35
C LYS U 323 9.07 -24.16 37.57
N GLY U 324 9.00 -25.42 37.99
CA GLY U 324 8.30 -25.75 39.23
C GLY U 324 8.95 -25.10 40.42
N ILE U 325 10.28 -25.19 40.51
CA ILE U 325 11.00 -24.49 41.58
C ILE U 325 10.94 -22.98 41.36
N GLU U 326 10.85 -22.55 40.10
CA GLU U 326 10.82 -21.12 39.80
C GLU U 326 9.47 -20.51 40.19
N LYS U 327 8.56 -21.32 40.71
CA LYS U 327 7.23 -20.80 41.05
C LYS U 327 7.12 -20.39 42.51
N ALA U 328 7.57 -21.23 43.44
CA ALA U 328 7.37 -20.98 44.86
C ALA U 328 8.06 -19.69 45.30
N SER U 329 7.28 -18.67 45.61
CA SER U 329 7.81 -17.34 45.89
C SER U 329 6.94 -16.69 46.96
N SER U 330 7.10 -15.38 47.12
CA SER U 330 6.34 -14.61 48.09
C SER U 330 4.98 -14.23 47.52
N THR U 331 4.30 -13.31 48.20
CA THR U 331 3.00 -12.84 47.72
C THR U 331 3.15 -11.83 46.59
N VAL U 355 16.54 -25.08 36.43
CA VAL U 355 17.08 -24.61 35.18
C VAL U 355 15.99 -24.61 34.11
N SER U 356 15.96 -23.53 33.32
CA SER U 356 15.05 -23.43 32.19
C SER U 356 15.73 -23.03 30.88
N SER U 357 16.74 -22.16 30.93
CA SER U 357 17.34 -21.64 29.70
C SER U 357 18.15 -22.70 28.97
N ALA U 358 19.03 -23.41 29.69
CA ALA U 358 19.73 -24.52 29.08
C ALA U 358 18.75 -25.51 28.47
N ALA U 359 17.66 -25.78 29.19
CA ALA U 359 16.68 -26.74 28.72
C ALA U 359 16.06 -26.27 27.41
N LYS U 360 15.62 -25.01 27.34
CA LYS U 360 14.96 -24.53 26.13
C LYS U 360 15.92 -24.54 24.94
N THR U 361 17.15 -24.02 25.13
CA THR U 361 18.08 -23.97 24.01
C THR U 361 18.48 -25.36 23.53
N LEU U 362 18.89 -26.24 24.45
CA LEU U 362 19.29 -27.58 24.03
C LEU U 362 18.11 -28.38 23.48
N SER U 363 16.90 -28.15 24.01
CA SER U 363 15.73 -28.84 23.47
C SER U 363 15.44 -28.39 22.05
N ASP U 364 15.52 -27.09 21.79
CA ASP U 364 15.31 -26.59 20.42
C ASP U 364 16.36 -27.16 19.48
N TYR U 365 17.62 -27.16 19.91
CA TYR U 365 18.69 -27.69 19.07
C TYR U 365 18.48 -29.18 18.80
N TYR U 366 18.11 -29.94 19.84
CA TYR U 366 17.91 -31.38 19.68
C TYR U 366 16.72 -31.67 18.77
N ILE U 367 15.65 -30.89 18.87
CA ILE U 367 14.52 -31.08 17.96
C ILE U 367 14.93 -30.80 16.52
N LYS U 368 15.66 -29.70 16.30
CA LYS U 368 16.10 -29.37 14.95
C LYS U 368 17.02 -30.43 14.39
N ARG U 369 17.86 -31.01 15.25
CA ARG U 369 18.83 -32.01 14.79
C ARG U 369 18.14 -33.36 14.55
N ALA U 370 17.18 -33.73 15.38
CA ALA U 370 16.49 -35.01 15.24
C ALA U 370 15.47 -34.98 14.11
N GLU U 371 15.01 -33.78 13.72
CA GLU U 371 14.08 -33.68 12.60
C GLU U 371 14.68 -34.20 11.31
N GLN U 372 16.00 -34.28 11.22
CA GLN U 372 16.65 -34.72 9.98
C GLN U 372 16.28 -36.15 9.64
N TYR U 373 16.12 -37.00 10.66
CA TYR U 373 15.93 -38.43 10.41
C TYR U 373 14.56 -38.69 9.78
N HIS U 374 14.48 -39.78 9.01
CA HIS U 374 13.26 -40.20 8.37
C HIS U 374 13.19 -41.73 8.38
N PRO U 375 11.98 -42.30 8.27
CA PRO U 375 11.86 -43.77 8.31
C PRO U 375 12.65 -44.43 7.18
N VAL U 376 13.19 -45.61 7.49
CA VAL U 376 14.00 -46.38 6.54
C VAL U 376 13.49 -47.81 6.54
N ILE U 377 13.34 -48.38 5.35
CA ILE U 377 12.83 -49.74 5.17
C ILE U 377 13.99 -50.64 4.76
N PRO U 378 14.48 -51.52 5.63
CA PRO U 378 15.57 -52.43 5.24
C PRO U 378 15.07 -53.66 4.48
N ILE U 379 15.38 -53.72 3.19
CA ILE U 379 14.96 -54.83 2.33
C ILE U 379 16.16 -55.31 1.54
N GLY U 380 16.36 -56.63 1.42
CA GLY U 380 17.46 -57.11 0.56
C GLY U 380 17.82 -58.56 0.79
N ALA U 381 19.11 -58.83 1.08
CA ALA U 381 19.61 -60.21 1.30
C ALA U 381 19.18 -61.12 0.13
N GLY U 382 18.50 -62.24 0.44
CA GLY U 382 18.09 -63.20 -0.61
C GLY U 382 16.65 -63.62 -0.45
N ASN U 383 15.73 -62.67 -0.24
CA ASN U 383 14.31 -62.99 -0.12
C ASN U 383 13.73 -63.36 -1.48
N GLU U 384 12.55 -63.98 -1.44
CA GLU U 384 11.83 -64.40 -2.62
C GLU U 384 10.75 -63.39 -2.97
N VAL U 385 10.75 -62.95 -4.23
CA VAL U 385 9.79 -61.96 -4.73
C VAL U 385 9.32 -62.41 -6.10
N THR U 386 8.31 -61.70 -6.62
CA THR U 386 7.75 -61.99 -7.94
C THR U 386 7.68 -60.71 -8.74
N LEU U 387 8.09 -60.77 -10.00
CA LEU U 387 8.10 -59.61 -10.88
C LEU U 387 6.95 -59.70 -11.87
N VAL U 388 6.32 -58.57 -12.15
CA VAL U 388 5.20 -58.48 -13.08
C VAL U 388 5.51 -57.40 -14.12
N PHE U 389 5.35 -57.74 -15.39
CA PHE U 389 5.50 -56.77 -16.47
C PHE U 389 4.16 -56.06 -16.66
N GLN U 390 4.07 -54.84 -16.13
CA GLN U 390 2.81 -54.09 -16.18
C GLN U 390 2.38 -53.76 -17.59
N ASP U 391 3.33 -53.50 -18.50
CA ASP U 391 3.02 -53.13 -19.87
C ASP U 391 3.69 -54.09 -20.83
N GLY U 392 2.98 -54.47 -21.88
CA GLY U 392 3.53 -55.41 -22.84
C GLY U 392 4.59 -54.78 -23.72
N PHE U 393 5.47 -55.63 -24.25
CA PHE U 393 6.57 -55.18 -25.09
C PHE U 393 7.07 -56.36 -25.93
N GLN U 394 8.08 -56.09 -26.75
CA GLN U 394 8.67 -57.09 -27.63
C GLN U 394 10.17 -57.18 -27.34
N LEU U 395 10.63 -58.39 -27.01
CA LEU U 395 12.05 -58.62 -26.85
C LEU U 395 12.75 -58.54 -28.20
N GLU U 396 13.88 -57.85 -28.24
CA GLU U 396 14.62 -57.66 -29.48
C GLU U 396 16.09 -57.39 -29.16
N THR U 397 16.97 -57.98 -29.98
CA THR U 397 18.40 -57.99 -29.72
C THR U 397 19.00 -56.62 -29.96
N LEU U 398 20.20 -56.41 -29.38
CA LEU U 398 20.89 -55.09 -29.52
C LEU U 398 21.29 -54.89 -30.98
N GLU U 399 21.79 -55.95 -31.63
CA GLU U 399 22.14 -55.86 -33.07
C GLU U 399 20.86 -55.55 -33.86
N GLU U 400 19.77 -56.24 -33.54
CA GLU U 400 18.47 -55.97 -34.21
C GLU U 400 18.11 -54.50 -34.01
N ALA U 401 18.24 -54.01 -32.77
CA ALA U 401 17.89 -52.61 -32.46
C ALA U 401 18.70 -51.66 -33.33
N ARG U 402 20.02 -51.87 -33.42
CA ARG U 402 20.89 -50.92 -34.18
C ARG U 402 20.54 -51.01 -35.67
N ALA U 403 20.22 -52.22 -36.16
CA ALA U 403 19.82 -52.38 -37.58
C ALA U 403 18.56 -51.56 -37.83
N LYS U 404 17.58 -51.66 -36.93
CA LYS U 404 16.32 -50.88 -37.08
C LYS U 404 16.66 -49.39 -37.05
N ALA U 405 17.38 -48.95 -36.02
CA ALA U 405 17.68 -47.53 -35.89
C ALA U 405 18.29 -46.98 -37.18
N ALA U 406 19.22 -47.72 -37.78
CA ALA U 406 19.81 -47.29 -39.03
C ALA U 406 18.77 -47.26 -40.15
N ALA U 407 17.88 -48.25 -40.19
CA ALA U 407 16.83 -48.27 -41.20
C ALA U 407 15.92 -47.06 -41.06
N ARG U 408 15.54 -46.71 -39.84
CA ARG U 408 14.73 -45.51 -39.62
C ARG U 408 15.49 -44.25 -40.02
N LYS U 409 16.77 -44.17 -39.65
CA LYS U 409 17.58 -43.01 -39.97
C LYS U 409 17.77 -42.86 -41.48
N LYS U 410 17.65 -43.96 -42.22
CA LYS U 410 17.80 -43.90 -43.67
C LYS U 410 16.73 -43.02 -44.33
N GLN U 411 15.57 -42.86 -43.68
CA GLN U 411 14.42 -42.15 -44.25
C GLN U 411 14.07 -42.73 -45.63
N ASN U 412 13.78 -44.03 -45.62
CA ASN U 412 13.48 -44.77 -46.84
C ASN U 412 12.06 -44.42 -47.28
N GLN U 413 11.92 -43.23 -47.86
CA GLN U 413 10.64 -42.75 -48.34
C GLN U 413 10.33 -43.32 -49.72
N LYS V 194 34.11 -58.68 -34.97
CA LYS V 194 33.70 -58.58 -33.58
C LYS V 194 34.75 -57.84 -32.77
N PRO V 195 34.32 -57.17 -31.69
CA PRO V 195 35.27 -56.40 -30.88
C PRO V 195 35.88 -57.21 -29.74
N ARG V 196 37.09 -56.80 -29.35
CA ARG V 196 37.78 -57.47 -28.27
C ARG V 196 37.12 -57.20 -26.92
N PHE V 197 36.33 -56.14 -26.83
CA PHE V 197 35.65 -55.83 -25.59
C PHE V 197 34.18 -56.22 -25.67
N PRO V 198 33.74 -57.22 -24.92
CA PRO V 198 32.32 -57.59 -24.94
C PRO V 198 31.46 -56.49 -24.36
N TRP V 199 30.23 -56.40 -24.86
CA TRP V 199 29.30 -55.40 -24.40
C TRP V 199 28.98 -55.61 -22.92
N ILE V 200 28.98 -54.53 -22.16
CA ILE V 200 28.64 -54.57 -20.74
C ILE V 200 27.15 -54.26 -20.62
N SER V 201 26.40 -55.18 -20.03
CA SER V 201 24.97 -55.02 -19.87
C SER V 201 24.65 -54.42 -18.50
N SER V 202 23.48 -53.80 -18.41
CA SER V 202 23.05 -53.19 -17.16
C SER V 202 22.86 -54.26 -16.09
N GLY V 203 23.16 -53.88 -14.85
CA GLY V 203 23.04 -54.78 -13.72
C GLY V 203 24.23 -55.69 -13.49
N SER V 204 25.25 -55.64 -14.34
CA SER V 204 26.45 -56.41 -14.10
C SER V 204 27.17 -55.90 -12.86
N PHE V 205 27.66 -56.82 -12.05
CA PHE V 205 28.27 -56.46 -10.78
C PHE V 205 29.64 -57.11 -10.66
N VAL V 206 30.50 -56.52 -9.84
CA VAL V 206 31.83 -57.02 -9.56
C VAL V 206 32.27 -56.52 -8.19
N GLU V 207 32.94 -57.40 -7.44
CA GLU V 207 33.41 -57.05 -6.11
C GLU V 207 34.78 -56.39 -6.18
N ALA V 208 35.09 -55.58 -5.17
CA ALA V 208 36.31 -54.79 -5.19
C ALA V 208 36.72 -54.43 -3.76
N ILE V 209 37.88 -53.79 -3.65
CA ILE V 209 38.43 -53.33 -2.38
C ILE V 209 38.60 -51.82 -2.47
N VAL V 210 38.10 -51.12 -1.45
CA VAL V 210 38.24 -49.67 -1.39
C VAL V 210 39.71 -49.35 -1.10
N VAL V 211 40.30 -48.47 -1.91
CA VAL V 211 41.70 -48.11 -1.70
C VAL V 211 41.82 -47.03 -0.63
N GLU V 212 41.25 -45.85 -0.89
CA GLU V 212 41.25 -44.76 0.06
C GLU V 212 39.81 -44.32 0.28
N GLY V 213 39.48 -43.97 1.52
CA GLY V 213 38.12 -43.62 1.87
C GLY V 213 37.96 -42.12 2.08
N ALA V 214 36.69 -41.70 2.16
CA ALA V 214 36.35 -40.30 2.37
C ALA V 214 35.31 -40.21 3.49
N ASP V 215 35.23 -39.03 4.10
CA ASP V 215 34.23 -38.76 5.13
C ASP V 215 33.02 -38.14 4.46
N ALA V 216 31.88 -38.82 4.56
CA ALA V 216 30.67 -38.39 3.88
C ALA V 216 30.04 -37.23 4.65
N ASN V 217 29.69 -36.16 3.93
CA ASN V 217 28.99 -35.03 4.52
C ASN V 217 27.51 -35.38 4.64
N ALA V 218 27.15 -36.09 5.71
CA ALA V 218 25.79 -36.58 5.91
C ALA V 218 24.93 -35.46 6.48
N SER V 219 24.65 -34.47 5.63
CA SER V 219 23.77 -33.37 6.01
C SER V 219 22.58 -33.31 5.06
N VAL V 220 21.74 -32.28 5.22
CA VAL V 220 20.60 -32.12 4.32
C VAL V 220 21.04 -31.74 2.91
N THR V 221 22.25 -31.20 2.76
CA THR V 221 22.80 -30.83 1.46
C THR V 221 23.97 -31.74 1.08
N GLY V 222 23.86 -33.03 1.41
CA GLY V 222 24.97 -33.94 1.15
C GLY V 222 25.27 -34.11 -0.32
N ASP V 223 24.23 -34.23 -1.15
CA ASP V 223 24.42 -34.60 -2.55
C ASP V 223 25.12 -33.52 -3.36
N LYS V 224 25.28 -32.31 -2.84
CA LYS V 224 25.96 -31.24 -3.56
C LYS V 224 27.43 -31.13 -3.18
N ASN V 225 27.73 -30.93 -1.91
CA ASN V 225 29.10 -30.82 -1.41
C ASN V 225 29.62 -32.19 -0.97
N THR V 226 30.08 -32.96 -1.94
CA THR V 226 30.49 -34.35 -1.74
C THR V 226 32.00 -34.46 -1.69
N ALA V 227 32.47 -35.63 -1.25
CA ALA V 227 33.89 -35.93 -1.13
C ALA V 227 34.24 -37.16 -1.97
N PRO V 228 35.19 -37.04 -2.89
CA PRO V 228 35.52 -38.17 -3.76
C PRO V 228 36.24 -39.28 -3.02
N MET V 229 36.13 -40.49 -3.57
CA MET V 229 36.87 -41.65 -3.09
C MET V 229 37.18 -42.56 -4.27
N GLN V 230 38.12 -43.47 -4.07
CA GLN V 230 38.64 -44.32 -5.12
C GLN V 230 38.87 -45.74 -4.62
N LEU V 231 38.59 -46.71 -5.46
CA LEU V 231 38.72 -48.12 -5.12
C LEU V 231 39.30 -48.91 -6.29
N ARG V 232 39.88 -50.07 -5.99
CA ARG V 232 40.53 -50.91 -6.98
C ARG V 232 39.77 -52.23 -7.13
N LEU V 233 39.75 -52.76 -8.35
CA LEU V 233 39.11 -54.04 -8.62
C LEU V 233 39.98 -55.20 -8.17
N THR V 234 39.33 -56.27 -7.71
CA THR V 234 40.03 -57.47 -7.27
C THR V 234 39.35 -58.76 -7.70
N GLY V 235 38.35 -58.68 -8.58
CA GLY V 235 37.63 -59.87 -9.01
C GLY V 235 37.34 -59.91 -10.49
N LYS V 236 36.38 -60.72 -10.91
CA LYS V 236 36.00 -60.80 -12.32
C LYS V 236 34.57 -60.35 -12.46
N VAL V 237 34.29 -59.47 -13.41
CA VAL V 237 32.95 -58.93 -13.52
C VAL V 237 31.99 -60.05 -13.83
N GLN V 238 30.85 -60.04 -13.16
CA GLN V 238 29.89 -61.08 -13.40
C GLN V 238 28.84 -60.56 -14.33
N MET V 239 28.78 -61.12 -15.53
CA MET V 239 27.76 -60.74 -16.49
C MET V 239 26.49 -61.45 -16.10
N PRO V 240 25.36 -61.03 -16.64
CA PRO V 240 24.13 -61.65 -16.16
C PRO V 240 23.96 -63.14 -16.35
N ASN V 241 24.18 -63.68 -17.53
CA ASN V 241 23.92 -65.10 -17.67
C ASN V 241 25.17 -65.92 -17.41
N ASP V 242 25.66 -65.88 -16.19
CA ASP V 242 26.82 -66.69 -15.82
C ASP V 242 28.00 -66.48 -16.75
N GLU V 243 28.29 -65.23 -17.08
CA GLU V 243 29.39 -64.94 -17.98
C GLU V 243 30.36 -64.02 -17.30
N GLU V 244 31.62 -64.08 -17.69
CA GLU V 244 32.62 -63.27 -17.02
C GLU V 244 33.60 -62.62 -17.98
N PHE V 245 34.13 -61.46 -17.62
CA PHE V 245 35.14 -60.81 -18.43
C PHE V 245 36.18 -60.45 -17.42
N ASP V 246 37.42 -60.30 -17.82
CA ASP V 246 38.45 -60.07 -16.83
C ASP V 246 38.94 -58.64 -16.73
N LEU V 247 38.54 -57.95 -15.67
CA LEU V 247 39.06 -56.63 -15.44
C LEU V 247 39.56 -56.78 -14.03
N THR V 248 40.83 -56.55 -13.79
CA THR V 248 41.35 -56.62 -12.45
C THR V 248 42.37 -55.53 -12.32
N GLY V 249 42.63 -55.09 -11.10
CA GLY V 249 43.56 -54.00 -10.90
C GLY V 249 43.15 -52.67 -11.48
N CYS V 250 42.03 -52.60 -12.18
CA CYS V 250 41.55 -51.35 -12.72
C CYS V 250 41.04 -50.45 -11.60
N PHE V 251 41.19 -49.14 -11.78
CA PHE V 251 40.76 -48.16 -10.80
C PHE V 251 39.40 -47.58 -11.18
N VAL V 252 38.61 -47.23 -10.18
CA VAL V 252 37.34 -46.54 -10.36
C VAL V 252 37.34 -45.30 -9.47
N THR V 253 37.04 -44.15 -10.05
CA THR V 253 36.88 -42.92 -9.30
C THR V 253 35.43 -42.75 -8.92
N LEU V 254 35.18 -42.40 -7.66
CA LEU V 254 33.83 -42.27 -7.14
C LEU V 254 33.61 -40.86 -6.60
N GLU V 255 32.37 -40.59 -6.22
CA GLU V 255 31.96 -39.30 -5.71
C GLU V 255 30.72 -39.51 -4.86
N ALA V 256 30.88 -39.44 -3.54
CA ALA V 256 29.88 -39.97 -2.63
C ALA V 256 29.50 -38.93 -1.58
N TRP V 257 28.29 -39.10 -1.04
CA TRP V 257 27.79 -38.30 0.08
C TRP V 257 27.26 -39.23 1.16
N GLY V 258 26.59 -38.67 2.17
CA GLY V 258 26.12 -39.43 3.30
C GLY V 258 24.61 -39.45 3.43
N ASP V 259 24.13 -40.40 4.21
CA ASP V 259 22.70 -40.53 4.52
C ASP V 259 22.59 -40.95 5.98
N VAL V 260 22.22 -40.01 6.84
CA VAL V 260 22.28 -40.26 8.28
C VAL V 260 21.19 -41.24 8.72
N SER V 261 20.04 -41.25 8.05
CA SER V 261 18.93 -42.09 8.50
C SER V 261 19.30 -43.57 8.44
N SER V 262 19.93 -44.00 7.36
CA SER V 262 20.40 -45.38 7.23
C SER V 262 21.88 -45.53 7.60
N GLU V 263 22.53 -44.44 8.01
CA GLU V 263 23.98 -44.39 8.28
C GLU V 263 24.77 -45.20 7.25
N ARG V 264 24.40 -45.05 5.98
CA ARG V 264 25.15 -45.63 4.87
C ARG V 264 25.55 -44.51 3.92
N ALA V 265 26.74 -44.64 3.36
CA ALA V 265 27.30 -43.63 2.46
C ALA V 265 26.92 -43.98 1.03
N ILE V 266 26.01 -43.21 0.45
CA ILE V 266 25.57 -43.41 -0.93
C ILE V 266 26.67 -42.91 -1.85
N VAL V 267 27.06 -43.74 -2.81
CA VAL V 267 28.12 -43.41 -3.74
C VAL V 267 27.53 -43.18 -5.12
N ARG V 268 28.38 -42.67 -6.01
CA ARG V 268 28.03 -42.49 -7.42
C ARG V 268 29.30 -42.57 -8.25
N SER V 269 29.40 -43.63 -9.05
CA SER V 269 30.60 -43.86 -9.84
C SER V 269 30.82 -42.73 -10.84
N ARG V 270 32.08 -42.30 -10.99
CA ARG V 270 32.42 -41.20 -11.87
C ARG V 270 33.07 -41.68 -13.17
N SER V 271 34.13 -42.47 -13.07
CA SER V 271 34.84 -42.92 -14.26
C SER V 271 35.48 -44.28 -14.00
N ILE V 272 35.71 -45.00 -15.10
CA ILE V 272 36.40 -46.27 -15.08
C ILE V 272 37.78 -46.08 -15.69
N SER V 273 38.80 -46.62 -15.04
CA SER V 273 40.17 -46.50 -15.50
C SER V 273 40.87 -47.84 -15.42
N CYS V 274 41.54 -48.22 -16.51
CA CYS V 274 42.27 -49.48 -16.56
C CYS V 274 43.27 -49.40 -17.72
N LYS V 275 44.41 -50.07 -17.53
CA LYS V 275 45.52 -50.00 -18.48
C LYS V 275 45.96 -51.44 -18.80
N LEU V 276 45.29 -52.05 -19.77
CA LEU V 276 45.57 -53.44 -20.14
C LEU V 276 46.70 -53.45 -21.18
N GLY V 277 47.77 -54.18 -20.86
CA GLY V 277 48.87 -54.33 -21.79
C GLY V 277 49.49 -53.02 -22.22
N ASP V 278 49.27 -52.67 -23.48
CA ASP V 278 49.76 -51.41 -24.05
C ASP V 278 48.64 -50.40 -24.31
N ASP V 279 47.39 -50.81 -24.19
CA ASP V 279 46.25 -49.96 -24.53
C ASP V 279 45.61 -49.42 -23.25
N ASP V 280 44.91 -48.30 -23.35
CA ASP V 280 44.43 -47.57 -22.20
C ASP V 280 42.91 -47.45 -22.24
N ILE V 281 42.28 -47.59 -21.07
CA ILE V 281 40.84 -47.47 -20.92
C ILE V 281 40.53 -46.33 -19.95
N ASP V 282 39.67 -45.41 -20.38
CA ASP V 282 39.22 -44.31 -19.52
C ASP V 282 37.87 -43.86 -20.07
N GLN V 283 36.80 -44.15 -19.32
CA GLN V 283 35.44 -43.88 -19.76
C GLN V 283 34.61 -43.35 -18.61
N LYS V 284 33.50 -42.72 -18.94
CA LYS V 284 32.52 -42.27 -17.97
C LYS V 284 31.42 -43.32 -17.85
N ILE V 285 31.16 -43.78 -16.63
CA ILE V 285 30.18 -44.82 -16.37
C ILE V 285 29.27 -44.36 -15.23
N ALA V 286 28.16 -45.07 -15.08
CA ALA V 286 27.19 -44.84 -14.01
C ALA V 286 27.00 -46.13 -13.22
N GLY V 287 27.05 -46.02 -11.90
CA GLY V 287 26.90 -47.19 -11.06
C GLY V 287 26.95 -46.80 -9.60
N HIS V 288 26.80 -47.81 -8.75
CA HIS V 288 26.82 -47.65 -7.31
C HIS V 288 27.59 -48.80 -6.68
N VAL V 289 27.68 -48.77 -5.35
CA VAL V 289 28.45 -49.75 -4.59
C VAL V 289 27.56 -50.32 -3.49
N SER V 290 27.55 -51.64 -3.36
CA SER V 290 26.79 -52.33 -2.34
C SER V 290 27.73 -53.04 -1.39
N PHE V 291 27.48 -52.89 -0.08
CA PHE V 291 28.30 -53.50 0.95
C PHE V 291 27.45 -54.47 1.75
N MET V 292 27.98 -55.68 1.95
CA MET V 292 27.30 -56.73 2.73
C MET V 292 25.90 -56.99 2.17
N GLY V 293 25.80 -57.05 0.84
CA GLY V 293 24.55 -57.37 0.20
C GLY V 293 23.50 -56.28 0.23
N LYS V 294 23.86 -55.06 0.63
CA LYS V 294 22.90 -53.98 0.75
C LYS V 294 23.48 -52.71 0.15
N ASN V 295 22.59 -51.83 -0.32
CA ASN V 295 23.03 -50.62 -1.00
C ASN V 295 23.81 -49.72 -0.05
N GLY V 296 24.79 -49.00 -0.61
CA GLY V 296 25.64 -48.15 0.17
C GLY V 296 26.66 -48.93 0.97
N ILE V 297 27.41 -48.20 1.79
CA ILE V 297 28.43 -48.79 2.66
C ILE V 297 28.05 -48.49 4.11
N LYS V 298 27.94 -49.53 4.91
CA LYS V 298 27.55 -49.38 6.30
C LYS V 298 28.66 -48.69 7.10
N GLY V 299 28.26 -47.82 8.02
CA GLY V 299 29.21 -47.12 8.88
C GLY V 299 28.47 -46.46 10.00
N GLU V 300 29.24 -45.87 10.92
CA GLU V 300 28.66 -45.18 12.06
C GLU V 300 28.75 -43.67 11.87
N VAL V 301 28.11 -42.94 12.77
CA VAL V 301 28.04 -41.48 12.73
C VAL V 301 28.92 -40.93 13.85
N VAL V 302 29.61 -39.83 13.58
CA VAL V 302 30.46 -39.17 14.56
C VAL V 302 30.10 -37.69 14.59
N MET V 303 30.04 -37.13 15.79
CA MET V 303 29.73 -35.72 15.99
C MET V 303 30.72 -35.13 16.99
N ARG V 304 30.98 -33.82 16.87
CA ARG V 304 31.96 -33.16 17.71
C ARG V 304 31.35 -32.13 18.65
N ASN V 305 30.04 -32.23 18.91
CA ASN V 305 29.31 -31.24 19.69
C ASN V 305 29.49 -31.40 21.18
N GLY V 306 30.15 -32.47 21.64
CA GLY V 306 30.21 -32.81 23.05
C GLY V 306 30.59 -31.68 23.98
N GLN V 307 31.82 -31.19 23.86
CA GLN V 307 32.28 -30.14 24.77
C GLN V 307 31.48 -28.87 24.60
N ILE V 308 31.16 -28.49 23.37
CA ILE V 308 30.44 -27.24 23.13
C ILE V 308 29.04 -27.32 23.74
N LEU V 309 28.34 -28.43 23.52
CA LEU V 309 27.03 -28.61 24.11
C LEU V 309 27.11 -28.63 25.64
N LEU V 310 28.16 -29.24 26.19
CA LEU V 310 28.32 -29.23 27.64
C LEU V 310 28.49 -27.82 28.17
N TYR V 311 29.28 -27.00 27.49
CA TYR V 311 29.45 -25.62 27.91
C TYR V 311 28.14 -24.84 27.81
N ALA V 312 27.40 -25.04 26.72
CA ALA V 312 26.11 -24.34 26.58
C ALA V 312 25.14 -24.76 27.67
N GLY V 313 25.08 -26.05 27.98
CA GLY V 313 24.23 -26.52 29.06
C GLY V 313 24.63 -25.96 30.41
N GLY V 314 25.94 -25.88 30.67
CA GLY V 314 26.39 -25.28 31.91
C GLY V 314 26.02 -23.81 32.02
N ALA V 315 26.18 -23.07 30.92
CA ALA V 315 25.80 -21.66 30.93
C ALA V 315 24.31 -21.50 31.20
N GLY V 316 23.47 -22.28 30.51
CA GLY V 316 22.04 -22.19 30.76
C GLY V 316 21.65 -22.64 32.15
N PHE V 317 22.40 -23.59 32.72
CA PHE V 317 22.17 -24.01 34.10
C PHE V 317 22.48 -22.86 35.05
N LEU V 318 23.54 -22.10 34.76
CA LEU V 318 23.81 -20.89 35.52
C LEU V 318 22.66 -19.90 35.38
N ASP V 319 22.09 -19.79 34.17
CA ASP V 319 20.90 -18.95 33.99
C ASP V 319 19.75 -19.42 34.87
N GLY V 320 19.52 -20.73 34.92
CA GLY V 320 18.42 -21.24 35.71
C GLY V 320 18.58 -20.98 37.19
N ILE V 321 19.77 -21.25 37.72
CA ILE V 321 20.00 -20.99 39.14
C ILE V 321 19.93 -19.50 39.44
N GLY V 322 20.45 -18.65 38.53
CA GLY V 322 20.35 -17.21 38.74
C GLY V 322 18.92 -16.72 38.76
N LYS V 323 18.09 -17.22 37.84
CA LYS V 323 16.70 -16.80 37.81
C LYS V 323 15.94 -17.35 39.02
N GLY V 324 16.33 -18.53 39.50
CA GLY V 324 15.76 -19.03 40.74
C GLY V 324 16.07 -18.13 41.92
N ILE V 325 17.33 -17.71 42.04
CA ILE V 325 17.68 -16.75 43.09
C ILE V 325 17.07 -15.39 42.79
N GLU V 326 16.88 -15.07 41.50
CA GLU V 326 16.32 -13.78 41.12
C GLU V 326 14.83 -13.71 41.45
N LYS V 327 14.25 -14.78 41.99
CA LYS V 327 12.82 -14.80 42.27
C LYS V 327 12.50 -14.40 43.71
N ALA V 328 13.20 -14.96 44.69
CA ALA V 328 12.86 -14.76 46.09
C ALA V 328 12.99 -13.28 46.47
N SER V 329 11.86 -12.62 46.71
CA SER V 329 11.85 -11.19 46.93
C SER V 329 10.75 -10.86 47.94
N SER V 330 10.40 -9.58 48.04
CA SER V 330 9.37 -9.12 48.95
C SER V 330 7.98 -9.31 48.32
N THR V 331 6.97 -8.69 48.94
CA THR V 331 5.62 -8.78 48.40
C THR V 331 5.43 -7.83 47.22
N VAL V 355 23.24 -15.41 38.10
CA VAL V 355 23.62 -14.82 36.84
C VAL V 355 22.66 -15.27 35.75
N SER V 356 22.25 -14.33 34.90
CA SER V 356 21.42 -14.63 33.74
C SER V 356 21.95 -14.05 32.43
N SER V 357 22.55 -12.86 32.46
CA SER V 357 22.95 -12.20 31.22
C SER V 357 24.15 -12.91 30.56
N ALA V 358 25.19 -13.19 31.35
CA ALA V 358 26.29 -13.99 30.81
C ALA V 358 25.78 -15.29 30.23
N ALA V 359 24.85 -15.92 30.95
CA ALA V 359 24.32 -17.20 30.49
C ALA V 359 23.62 -17.06 29.15
N LYS V 360 22.74 -16.07 29.01
CA LYS V 360 22.01 -15.92 27.75
C LYS V 360 22.95 -15.61 26.59
N THR V 361 23.89 -14.67 26.79
CA THR V 361 24.77 -14.31 25.69
C THR V 361 25.68 -15.46 25.28
N LEU V 362 26.36 -16.08 26.25
CA LEU V 362 27.26 -17.18 25.92
C LEU V 362 26.48 -18.39 25.39
N SER V 363 25.25 -18.62 25.88
CA SER V 363 24.46 -19.72 25.35
C SER V 363 24.08 -19.47 23.90
N ASP V 364 23.67 -18.25 23.57
CA ASP V 364 23.34 -17.94 22.18
C ASP V 364 24.58 -18.09 21.29
N TYR V 365 25.72 -17.59 21.75
CA TYR V 365 26.94 -17.72 20.96
C TYR V 365 27.32 -19.19 20.77
N TYR V 366 27.23 -19.98 21.83
CA TYR V 366 27.59 -21.39 21.75
C TYR V 366 26.65 -22.15 20.83
N ILE V 367 25.35 -21.84 20.87
CA ILE V 367 24.42 -22.47 19.95
C ILE V 367 24.75 -22.12 18.50
N LYS V 368 25.02 -20.84 18.24
CA LYS V 368 25.35 -20.42 16.88
C LYS V 368 26.64 -21.08 16.40
N ARG V 369 27.60 -21.25 17.30
CA ARG V 369 28.88 -21.84 16.93
C ARG V 369 28.77 -23.35 16.74
N ALA V 370 27.98 -24.02 17.58
CA ALA V 370 27.83 -25.47 17.48
C ALA V 370 26.93 -25.87 16.33
N GLU V 371 26.06 -24.97 15.87
CA GLU V 371 25.21 -25.28 14.73
C GLU V 371 26.01 -25.57 13.47
N GLN V 372 27.27 -25.15 13.42
CA GLN V 372 28.09 -25.35 12.22
C GLN V 372 28.32 -26.84 11.96
N TYR V 373 28.44 -27.64 13.01
CA TYR V 373 28.81 -29.04 12.83
C TYR V 373 27.67 -29.84 12.19
N HIS V 374 28.04 -30.90 11.48
CA HIS V 374 27.09 -31.78 10.83
C HIS V 374 27.60 -33.22 10.92
N PRO V 375 26.71 -34.21 10.82
CA PRO V 375 27.15 -35.61 10.93
C PRO V 375 28.18 -35.97 9.86
N VAL V 376 29.11 -36.84 10.24
CA VAL V 376 30.18 -37.29 9.36
C VAL V 376 30.25 -38.81 9.42
N ILE V 377 30.39 -39.44 8.25
CA ILE V 377 30.43 -40.89 8.13
C ILE V 377 31.86 -41.30 7.80
N PRO V 378 32.61 -41.89 8.74
CA PRO V 378 33.98 -42.34 8.41
C PRO V 378 34.01 -43.69 7.72
N ILE V 379 34.37 -43.69 6.44
CA ILE V 379 34.44 -44.90 5.63
C ILE V 379 35.77 -44.92 4.89
N GLY V 380 36.45 -46.07 4.85
CA GLY V 380 37.69 -46.14 4.04
C GLY V 380 38.58 -47.32 4.35
N ALA V 381 39.85 -47.08 4.69
CA ALA V 381 40.83 -48.16 4.99
C ALA V 381 40.82 -49.21 3.87
N GLY V 382 40.60 -50.48 4.21
CA GLY V 382 40.62 -51.57 3.21
C GLY V 382 39.45 -52.51 3.37
N ASN V 383 38.22 -51.97 3.50
CA ASN V 383 37.03 -52.79 3.61
C ASN V 383 36.69 -53.42 2.26
N GLU V 384 35.82 -54.43 2.31
CA GLU V 384 35.37 -55.15 1.13
C GLU V 384 34.01 -54.63 0.69
N VAL V 385 33.89 -54.28 -0.59
CA VAL V 385 32.66 -53.76 -1.15
C VAL V 385 32.43 -54.40 -2.52
N THR V 386 31.27 -54.14 -3.10
CA THR V 386 30.91 -54.69 -4.40
C THR V 386 30.39 -53.55 -5.27
N LEU V 387 30.85 -53.51 -6.53
CA LEU V 387 30.45 -52.46 -7.46
C LEU V 387 29.46 -53.03 -8.48
N VAL V 388 28.47 -52.23 -8.83
CA VAL V 388 27.44 -52.61 -9.79
C VAL V 388 27.37 -51.54 -10.87
N PHE V 389 27.39 -51.96 -12.13
CA PHE V 389 27.22 -51.06 -13.26
C PHE V 389 25.72 -50.92 -13.51
N GLN V 390 25.14 -49.81 -13.06
CA GLN V 390 23.71 -49.59 -13.17
C GLN V 390 23.24 -49.50 -14.61
N ASP V 391 24.05 -48.95 -15.51
CA ASP V 391 23.68 -48.77 -16.91
C ASP V 391 24.71 -49.44 -17.80
N GLY V 392 24.25 -50.11 -18.84
CA GLY V 392 25.13 -50.81 -19.74
C GLY V 392 25.92 -49.86 -20.62
N PHE V 393 27.08 -50.33 -21.08
CA PHE V 393 27.96 -49.55 -21.93
C PHE V 393 28.90 -50.47 -22.69
N GLN V 394 29.77 -49.87 -23.50
CA GLN V 394 30.73 -50.61 -24.31
C GLN V 394 32.13 -50.11 -23.98
N LEU V 395 33.01 -51.04 -23.57
CA LEU V 395 34.41 -50.70 -23.37
C LEU V 395 35.08 -50.42 -24.71
N GLU V 396 35.86 -49.36 -24.76
CA GLU V 396 36.53 -48.95 -25.99
C GLU V 396 37.77 -48.13 -25.65
N THR V 397 38.84 -48.37 -26.41
CA THR V 397 40.15 -47.84 -26.12
C THR V 397 40.22 -46.34 -26.42
N LEU V 398 41.20 -45.67 -25.82
CA LEU V 398 41.35 -44.20 -26.01
C LEU V 398 41.71 -43.93 -27.48
N GLU V 399 42.61 -44.74 -28.06
CA GLU V 399 42.96 -44.59 -29.48
C GLU V 399 41.69 -44.81 -30.32
N GLU V 400 40.92 -45.86 -30.00
CA GLU V 400 39.65 -46.13 -30.72
C GLU V 400 38.76 -44.89 -30.59
N ALA V 401 38.63 -44.35 -29.38
CA ALA V 401 37.77 -43.17 -29.16
C ALA V 401 38.21 -42.01 -30.06
N ARG V 402 39.51 -41.71 -30.10
CA ARG V 402 39.98 -40.54 -30.89
C ARG V 402 39.75 -40.82 -32.38
N ALA V 403 39.94 -42.07 -32.82
CA ALA V 403 39.69 -42.43 -34.23
C ALA V 403 38.22 -42.17 -34.57
N LYS V 404 37.31 -42.60 -33.68
CA LYS V 404 35.86 -42.36 -33.90
C LYS V 404 35.60 -40.86 -33.94
N ALA V 405 36.07 -40.12 -32.92
CA ALA V 405 35.80 -38.70 -32.86
C ALA V 405 36.22 -38.00 -34.15
N ALA V 406 37.38 -38.36 -34.70
CA ALA V 406 37.82 -37.80 -35.97
C ALA V 406 36.89 -38.21 -37.10
N ALA V 407 36.44 -39.46 -37.10
CA ALA V 407 35.51 -39.91 -38.14
C ALA V 407 34.21 -39.13 -38.09
N ARG V 408 33.68 -38.90 -36.89
CA ARG V 408 32.46 -38.10 -36.77
C ARG V 408 32.71 -36.67 -37.21
N LYS V 409 33.84 -36.09 -36.81
CA LYS V 409 34.16 -34.71 -37.18
C LYS V 409 34.36 -34.57 -38.69
N LYS V 410 34.70 -35.66 -39.38
CA LYS V 410 34.86 -35.61 -40.82
C LYS V 410 33.57 -35.24 -41.55
N GLN V 411 32.41 -35.49 -40.94
CA GLN V 411 31.11 -35.30 -41.57
C GLN V 411 31.05 -36.02 -42.92
N ASN V 412 31.28 -37.34 -42.85
CA ASN V 412 31.33 -38.20 -44.03
C ASN V 412 29.91 -38.42 -44.53
N GLN V 413 29.36 -37.39 -45.17
CA GLN V 413 28.00 -37.46 -45.71
C GLN V 413 27.99 -38.16 -47.07
N LYS W 194 55.16 -42.76 -30.97
CA LYS W 194 54.68 -42.77 -29.60
C LYS W 194 55.34 -41.64 -28.80
N PRO W 195 54.66 -41.15 -27.77
CA PRO W 195 55.21 -40.04 -26.98
C PRO W 195 56.03 -40.51 -25.79
N ARG W 196 56.97 -39.65 -25.39
CA ARG W 196 57.83 -39.97 -24.25
C ARG W 196 57.05 -39.91 -22.95
N PHE W 197 55.91 -39.22 -22.93
CA PHE W 197 55.11 -39.14 -21.71
C PHE W 197 53.91 -40.06 -21.82
N PRO W 198 53.85 -41.13 -21.03
CA PRO W 198 52.68 -42.00 -21.06
C PRO W 198 51.44 -41.29 -20.55
N TRP W 199 50.29 -41.70 -21.09
CA TRP W 199 49.03 -41.10 -20.70
C TRP W 199 48.75 -41.36 -19.22
N ILE W 200 48.32 -40.33 -18.52
CA ILE W 200 47.96 -40.45 -17.11
C ILE W 200 46.46 -40.71 -17.04
N SER W 201 46.09 -41.83 -16.43
CA SER W 201 44.69 -42.21 -16.30
C SER W 201 44.12 -41.73 -14.97
N SER W 202 42.80 -41.58 -14.94
CA SER W 202 42.12 -41.14 -13.73
C SER W 202 42.30 -42.15 -12.61
N GLY W 203 42.39 -41.64 -11.39
CA GLY W 203 42.56 -42.47 -10.22
C GLY W 203 43.99 -42.85 -9.91
N SER W 204 44.95 -42.45 -10.74
CA SER W 204 46.35 -42.70 -10.43
C SER W 204 46.77 -41.90 -9.21
N PHE W 205 47.55 -42.54 -8.33
CA PHE W 205 47.93 -41.91 -7.07
C PHE W 205 49.44 -41.99 -6.89
N VAL W 206 49.95 -41.08 -6.08
CA VAL W 206 51.37 -41.03 -5.74
C VAL W 206 51.53 -40.35 -4.39
N GLU W 207 52.45 -40.87 -3.58
CA GLU W 207 52.70 -40.31 -2.26
C GLU W 207 53.72 -39.18 -2.34
N ALA W 208 53.66 -38.28 -1.36
CA ALA W 208 54.49 -37.08 -1.40
C ALA W 208 54.67 -36.55 0.02
N ILE W 209 55.50 -35.51 0.12
CA ILE W 209 55.79 -34.83 1.37
C ILE W 209 55.37 -33.36 1.21
N VAL W 210 54.59 -32.87 2.18
CA VAL W 210 54.19 -31.47 2.16
C VAL W 210 55.40 -30.60 2.47
N VAL W 211 55.66 -29.60 1.63
CA VAL W 211 56.81 -28.72 1.85
C VAL W 211 56.47 -27.63 2.86
N GLU W 212 55.51 -26.78 2.51
CA GLU W 212 55.05 -25.72 3.40
C GLU W 212 53.54 -25.86 3.58
N GLY W 213 53.06 -25.61 4.79
CA GLY W 213 51.66 -25.78 5.09
C GLY W 213 50.93 -24.45 5.21
N ALA W 214 49.60 -24.53 5.24
CA ALA W 214 48.74 -23.37 5.37
C ALA W 214 47.70 -23.63 6.45
N ASP W 215 47.15 -22.54 6.99
CA ASP W 215 46.09 -22.64 7.98
C ASP W 215 44.75 -22.55 7.26
N ALA W 216 43.95 -23.60 7.37
CA ALA W 216 42.69 -23.69 6.65
C ALA W 216 41.64 -22.82 7.32
N ASN W 217 40.95 -22.01 6.54
CA ASN W 217 39.85 -21.20 7.05
C ASN W 217 38.60 -22.08 7.17
N ALA W 218 38.50 -22.82 8.27
CA ALA W 218 37.42 -23.79 8.46
C ALA W 218 36.17 -23.06 8.94
N SER W 219 35.57 -22.28 8.04
CA SER W 219 34.34 -21.58 8.34
C SER W 219 33.25 -22.02 7.36
N VAL W 220 32.08 -21.37 7.44
CA VAL W 220 31.00 -21.69 6.51
C VAL W 220 31.33 -21.24 5.10
N THR W 221 32.24 -20.28 4.94
CA THR W 221 32.66 -19.80 3.63
C THR W 221 34.11 -20.21 3.33
N GLY W 222 34.48 -21.42 3.72
CA GLY W 222 35.85 -21.86 3.55
C GLY W 222 36.27 -21.96 2.10
N ASP W 223 35.39 -22.50 1.26
CA ASP W 223 35.74 -22.83 -0.12
C ASP W 223 36.03 -21.60 -0.98
N LYS W 224 35.70 -20.39 -0.52
CA LYS W 224 35.96 -19.18 -1.28
C LYS W 224 37.26 -18.50 -0.88
N ASN W 225 37.41 -18.14 0.40
CA ASN W 225 38.61 -17.51 0.91
C ASN W 225 39.59 -18.56 1.44
N THR W 226 40.35 -19.15 0.52
CA THR W 226 41.24 -20.26 0.82
C THR W 226 42.68 -19.79 0.90
N ALA W 227 43.53 -20.68 1.40
CA ALA W 227 44.95 -20.41 1.58
C ALA W 227 45.78 -21.44 0.81
N PRO W 228 46.66 -21.01 -0.08
CA PRO W 228 47.42 -21.97 -0.89
C PRO W 228 48.48 -22.69 -0.07
N MET W 229 48.86 -23.87 -0.55
CA MET W 229 49.96 -24.64 0.00
C MET W 229 50.64 -25.41 -1.12
N GLN W 230 51.84 -25.90 -0.85
CA GLN W 230 52.69 -26.53 -1.86
C GLN W 230 53.41 -27.72 -1.26
N LEU W 231 53.56 -28.77 -2.06
CA LEU W 231 54.19 -30.02 -1.64
C LEU W 231 55.08 -30.56 -2.75
N ARG W 232 56.05 -31.40 -2.37
CA ARG W 232 56.99 -31.99 -3.30
C ARG W 232 56.80 -33.49 -3.39
N LEU W 233 57.04 -34.05 -4.58
CA LEU W 233 56.93 -35.48 -4.80
C LEU W 233 58.16 -36.19 -4.27
N THR W 234 57.95 -37.41 -3.76
CA THR W 234 59.03 -38.24 -3.25
C THR W 234 58.90 -39.71 -3.62
N GLY W 235 57.99 -40.05 -4.53
CA GLY W 235 57.79 -41.44 -4.91
C GLY W 235 57.58 -41.65 -6.40
N LYS W 236 57.06 -42.81 -6.79
CA LYS W 236 56.78 -43.08 -8.20
C LYS W 236 55.30 -43.22 -8.41
N VAL W 237 54.75 -42.54 -9.40
CA VAL W 237 53.30 -42.56 -9.57
C VAL W 237 52.85 -43.97 -9.85
N GLN W 238 51.76 -44.36 -9.21
CA GLN W 238 51.26 -45.70 -9.41
C GLN W 238 50.12 -45.65 -10.39
N MET W 239 50.32 -46.24 -11.56
CA MET W 239 49.27 -46.30 -12.54
C MET W 239 48.36 -47.45 -12.16
N PRO W 240 47.16 -47.52 -12.74
CA PRO W 240 46.25 -48.54 -12.25
C PRO W 240 46.67 -49.99 -12.37
N ASN W 241 47.13 -50.45 -13.51
CA ASN W 241 47.45 -51.86 -13.59
C ASN W 241 48.90 -52.13 -13.25
N ASP W 242 49.29 -51.82 -12.03
CA ASP W 242 50.65 -52.10 -11.58
C ASP W 242 51.69 -51.53 -12.51
N GLU W 243 51.49 -50.29 -12.92
CA GLU W 243 52.45 -49.65 -13.82
C GLU W 243 52.96 -48.40 -13.17
N GLU W 244 54.17 -48.00 -13.51
CA GLU W 244 54.76 -46.83 -12.88
C GLU W 244 55.47 -45.90 -13.84
N PHE W 245 55.49 -44.61 -13.53
CA PHE W 245 56.22 -43.65 -14.36
C PHE W 245 57.00 -42.89 -13.33
N ASP W 246 58.11 -42.29 -13.71
CA ASP W 246 58.92 -41.64 -12.70
C ASP W 246 58.83 -40.13 -12.67
N LEU W 247 58.18 -39.59 -11.65
CA LEU W 247 58.15 -38.17 -11.48
C LEU W 247 58.61 -38.07 -10.06
N THR W 248 59.68 -37.36 -9.80
CA THR W 248 60.12 -37.16 -8.43
C THR W 248 60.65 -35.76 -8.34
N GLY W 249 60.69 -35.20 -7.14
CA GLY W 249 61.14 -33.84 -6.97
C GLY W 249 60.28 -32.79 -7.64
N CYS W 250 59.24 -33.19 -8.36
CA CYS W 250 58.35 -32.23 -8.99
C CYS W 250 57.50 -31.54 -7.93
N PHE W 251 57.14 -30.29 -8.18
CA PHE W 251 56.34 -29.51 -7.25
C PHE W 251 54.87 -29.49 -7.70
N VAL W 252 53.97 -29.44 -6.73
CA VAL W 252 52.54 -29.28 -6.98
C VAL W 252 52.04 -28.11 -6.16
N THR W 253 51.35 -27.18 -6.82
CA THR W 253 50.71 -26.07 -6.13
C THR W 253 49.27 -26.44 -5.80
N LEU W 254 48.87 -26.16 -4.56
CA LEU W 254 47.54 -26.54 -4.09
C LEU W 254 46.80 -25.29 -3.62
N GLU W 255 45.53 -25.50 -3.28
CA GLU W 255 44.64 -24.44 -2.85
C GLU W 255 43.53 -25.08 -2.02
N ALA W 256 43.60 -24.89 -0.71
CA ALA W 256 42.83 -25.72 0.21
C ALA W 256 42.04 -24.87 1.19
N TRP W 257 40.97 -25.46 1.71
CA TRP W 257 40.16 -24.87 2.77
C TRP W 257 39.97 -25.88 3.89
N GLY W 258 39.10 -25.57 4.86
CA GLY W 258 38.92 -26.41 6.02
C GLY W 258 37.52 -27.00 6.10
N ASP W 259 37.40 -28.02 6.94
CA ASP W 259 36.11 -28.67 7.21
C ASP W 259 36.11 -29.03 8.68
N VAL W 260 35.38 -28.27 9.50
CA VAL W 260 35.46 -28.43 10.94
C VAL W 260 34.81 -29.72 11.41
N SER W 261 33.77 -30.19 10.72
CA SER W 261 33.04 -31.37 11.18
C SER W 261 33.95 -32.61 11.22
N SER W 262 34.75 -32.81 10.18
CA SER W 262 35.71 -33.91 10.13
C SER W 262 37.11 -33.47 10.53
N GLU W 263 37.29 -32.20 10.91
CA GLU W 263 38.59 -31.60 11.20
C GLU W 263 39.68 -32.08 10.24
N ARG W 264 39.33 -32.14 8.96
CA ARG W 264 40.29 -32.44 7.90
C ARG W 264 40.27 -31.29 6.89
N ALA W 265 41.45 -30.98 6.36
CA ALA W 265 41.63 -29.87 5.43
C ALA W 265 41.47 -30.40 4.01
N ILE W 266 40.35 -30.06 3.37
CA ILE W 266 40.07 -30.47 2.00
C ILE W 266 40.94 -29.63 1.08
N VAL W 267 41.66 -30.28 0.16
CA VAL W 267 42.55 -29.62 -0.75
C VAL W 267 41.98 -29.68 -2.15
N ARG W 268 42.61 -28.93 -3.06
CA ARG W 268 42.27 -28.96 -4.47
C ARG W 268 43.51 -28.59 -5.28
N SER W 269 44.05 -29.55 -6.02
CA SER W 269 45.28 -29.33 -6.77
C SER W 269 45.09 -28.26 -7.82
N ARG W 270 46.10 -27.40 -7.96
CA ARG W 270 46.03 -26.28 -8.89
C ARG W 270 46.86 -26.53 -10.14
N SER W 271 48.14 -26.85 -9.98
CA SER W 271 49.02 -27.04 -11.13
C SER W 271 50.11 -28.05 -10.78
N ILE W 272 50.64 -28.68 -11.83
CA ILE W 272 51.77 -29.59 -11.73
C ILE W 272 53.00 -28.91 -12.32
N SER W 273 54.12 -29.00 -11.61
CA SER W 273 55.36 -28.38 -12.05
C SER W 273 56.50 -29.37 -11.89
N CYS W 274 57.32 -29.50 -12.93
CA CYS W 274 58.47 -30.39 -12.90
C CYS W 274 59.42 -29.99 -14.04
N LYS W 275 60.71 -30.17 -13.79
CA LYS W 275 61.75 -29.72 -14.72
C LYS W 275 62.71 -30.90 -14.95
N LEU W 276 62.37 -31.76 -15.90
CA LEU W 276 63.17 -32.95 -16.19
C LEU W 276 64.25 -32.58 -17.20
N GLY W 277 65.51 -32.83 -16.82
CA GLY W 277 66.63 -32.60 -17.70
C GLY W 277 66.71 -31.16 -18.19
N ASP W 278 66.43 -30.97 -19.48
CA ASP W 278 66.43 -29.65 -20.09
C ASP W 278 65.04 -29.15 -20.44
N ASP W 279 64.01 -29.99 -20.34
CA ASP W 279 62.66 -29.65 -20.74
C ASP W 279 61.81 -29.35 -19.51
N ASP W 280 60.76 -28.58 -19.69
CA ASP W 280 59.98 -28.03 -18.58
C ASP W 280 58.53 -28.50 -18.66
N ILE W 281 57.96 -28.83 -17.51
CA ILE W 281 56.56 -29.25 -17.40
C ILE W 281 55.82 -28.27 -16.50
N ASP W 282 54.68 -27.78 -16.99
CA ASP W 282 53.82 -26.89 -16.22
C ASP W 282 52.42 -27.02 -16.81
N GLN W 283 51.51 -27.65 -16.07
CA GLN W 283 50.17 -27.95 -16.55
C GLN W 283 49.16 -27.72 -15.45
N LYS W 284 47.90 -27.56 -15.85
CA LYS W 284 46.78 -27.48 -14.92
C LYS W 284 46.16 -28.86 -14.77
N ILE W 285 46.05 -29.33 -13.53
CA ILE W 285 45.52 -30.65 -13.24
C ILE W 285 44.46 -30.54 -12.15
N ALA W 286 43.69 -31.61 -11.98
CA ALA W 286 42.67 -31.71 -10.96
C ALA W 286 42.94 -32.94 -10.11
N GLY W 287 42.89 -32.77 -8.78
CA GLY W 287 43.15 -33.88 -7.88
C GLY W 287 42.99 -33.45 -6.44
N HIS W 288 43.21 -34.40 -5.54
CA HIS W 288 43.10 -34.18 -4.11
C HIS W 288 44.23 -34.91 -3.40
N VAL W 289 44.25 -34.80 -2.08
CA VAL W 289 45.29 -35.38 -1.25
C VAL W 289 44.64 -36.20 -0.14
N SER W 290 45.13 -37.42 0.06
CA SER W 290 44.63 -38.31 1.10
C SER W 290 45.73 -38.57 2.11
N PHE W 291 45.39 -38.47 3.39
CA PHE W 291 46.33 -38.68 4.48
C PHE W 291 45.89 -39.87 5.32
N MET W 292 46.82 -40.78 5.59
CA MET W 292 46.56 -41.97 6.41
C MET W 292 45.39 -42.77 5.83
N GLY W 293 45.38 -42.92 4.51
CA GLY W 293 44.36 -43.70 3.84
C GLY W 293 42.98 -43.09 3.80
N LYS W 294 42.84 -41.82 4.14
CA LYS W 294 41.53 -41.18 4.18
C LYS W 294 41.61 -39.81 3.53
N ASN W 295 40.49 -39.35 2.99
CA ASN W 295 40.45 -38.09 2.25
C ASN W 295 40.79 -36.93 3.16
N GLY W 296 41.46 -35.92 2.59
CA GLY W 296 41.89 -34.77 3.35
C GLY W 296 43.10 -35.08 4.21
N ILE W 297 43.47 -34.09 5.02
CA ILE W 297 44.61 -34.21 5.94
C ILE W 297 44.09 -34.01 7.35
N LYS W 298 44.34 -34.99 8.21
CA LYS W 298 43.86 -34.93 9.58
C LYS W 298 44.59 -33.84 10.37
N GLY W 299 43.86 -33.15 11.22
CA GLY W 299 44.44 -32.11 12.06
C GLY W 299 43.45 -31.72 13.14
N GLU W 300 43.92 -30.86 14.04
CA GLU W 300 43.06 -30.39 15.13
C GLU W 300 42.59 -28.97 14.86
N VAL W 301 41.68 -28.50 15.71
CA VAL W 301 41.07 -27.18 15.58
C VAL W 301 41.62 -26.29 16.69
N VAL W 302 41.86 -25.02 16.37
CA VAL W 302 42.35 -24.05 17.33
C VAL W 302 41.47 -22.82 17.28
N MET W 303 41.14 -22.27 18.44
CA MET W 303 40.31 -21.08 18.56
C MET W 303 40.97 -20.12 19.55
N ARG W 304 40.72 -18.82 19.37
CA ARG W 304 41.35 -17.78 20.18
C ARG W 304 40.35 -17.03 21.05
N ASN W 305 39.17 -17.62 21.29
CA ASN W 305 38.09 -16.95 22.00
C ASN W 305 38.26 -16.96 23.52
N GLY W 306 39.25 -17.68 24.04
CA GLY W 306 39.37 -17.91 25.46
C GLY W 306 39.26 -16.69 26.34
N GLN W 307 40.21 -15.77 26.23
CA GLN W 307 40.22 -14.59 27.09
C GLN W 307 38.98 -13.72 26.83
N ILE W 308 38.60 -13.54 25.57
CA ILE W 308 37.48 -12.68 25.25
C ILE W 308 36.19 -13.26 25.82
N LEU W 309 35.97 -14.56 25.66
CA LEU W 309 34.79 -15.19 26.23
C LEU W 309 34.82 -15.12 27.75
N LEU W 310 36.00 -15.27 28.36
CA LEU W 310 36.09 -15.14 29.81
C LEU W 310 35.68 -13.74 30.27
N TYR W 311 36.14 -12.71 29.56
CA TYR W 311 35.75 -11.35 29.91
C TYR W 311 34.25 -11.13 29.74
N ALA W 312 33.68 -11.65 28.65
CA ALA W 312 32.24 -11.50 28.43
C ALA W 312 31.45 -12.20 29.53
N GLY W 313 31.88 -13.41 29.91
CA GLY W 313 31.22 -14.12 30.98
C GLY W 313 31.32 -13.39 32.31
N GLY W 314 32.48 -12.81 32.60
CA GLY W 314 32.63 -12.03 33.81
C GLY W 314 31.73 -10.81 33.84
N ALA W 315 31.63 -10.11 32.70
CA ALA W 315 30.75 -8.95 32.63
C ALA W 315 29.30 -9.36 32.85
N GLY W 316 28.85 -10.43 32.19
CA GLY W 316 27.48 -10.88 32.41
C GLY W 316 27.24 -11.39 33.81
N PHE W 317 28.26 -11.95 34.44
CA PHE W 317 28.15 -12.36 35.83
C PHE W 317 27.96 -11.15 36.73
N LEU W 318 28.67 -10.06 36.43
CA LEU W 318 28.43 -8.80 37.12
C LEU W 318 26.99 -8.34 36.90
N ASP W 319 26.48 -8.50 35.68
CA ASP W 319 25.07 -8.18 35.43
C ASP W 319 24.15 -9.00 36.31
N GLY W 320 24.43 -10.31 36.42
CA GLY W 320 23.57 -11.17 37.21
C GLY W 320 23.56 -10.80 38.67
N ILE W 321 24.75 -10.57 39.25
CA ILE W 321 24.80 -10.20 40.65
C ILE W 321 24.16 -8.82 40.87
N GLY W 322 24.36 -7.89 39.93
CA GLY W 322 23.71 -6.60 40.06
C GLY W 322 22.21 -6.68 40.03
N LYS W 323 21.66 -7.48 39.11
CA LYS W 323 20.22 -7.64 39.03
C LYS W 323 19.67 -8.36 40.24
N GLY W 324 20.46 -9.30 40.80
CA GLY W 324 20.06 -9.93 42.05
C GLY W 324 19.97 -8.94 43.19
N ILE W 325 20.96 -8.06 43.31
CA ILE W 325 20.88 -6.99 44.31
C ILE W 325 19.82 -5.98 43.93
N GLU W 326 19.57 -5.81 42.62
CA GLU W 326 18.58 -4.85 42.16
C GLU W 326 17.16 -5.33 42.45
N LYS W 327 17.02 -6.52 43.04
CA LYS W 327 15.69 -7.06 43.28
C LYS W 327 15.18 -6.75 44.69
N ALA W 328 16.00 -6.97 45.71
CA ALA W 328 15.55 -6.85 47.10
C ALA W 328 15.10 -5.42 47.40
N SER W 329 13.80 -5.23 47.58
CA SER W 329 13.22 -3.89 47.72
C SER W 329 12.05 -3.97 48.69
N SER W 330 11.24 -2.92 48.71
CA SER W 330 10.07 -2.85 49.57
C SER W 330 8.89 -3.58 48.92
N THR W 331 7.70 -3.36 49.48
CA THR W 331 6.50 -3.97 48.92
C THR W 331 6.01 -3.22 47.68
N VAL W 355 25.73 -3.86 39.39
CA VAL W 355 25.91 -3.21 38.11
C VAL W 355 25.24 -4.04 37.02
N SER W 356 24.54 -3.36 36.12
CA SER W 356 23.94 -3.99 34.96
C SER W 356 24.27 -3.32 33.63
N SER W 357 24.37 -1.99 33.60
CA SER W 357 24.54 -1.28 32.34
C SER W 357 25.93 -1.50 31.75
N ALA W 358 26.98 -1.34 32.57
CA ALA W 358 28.32 -1.68 32.10
C ALA W 358 28.35 -3.10 31.58
N ALA W 359 27.71 -4.01 32.32
CA ALA W 359 27.73 -5.41 31.92
C ALA W 359 27.08 -5.61 30.55
N LYS W 360 25.89 -5.02 30.34
CA LYS W 360 25.21 -5.22 29.07
C LYS W 360 26.02 -4.62 27.91
N THR W 361 26.52 -3.39 28.07
CA THR W 361 27.24 -2.76 26.97
C THR W 361 28.54 -3.50 26.65
N LEU W 362 29.37 -3.77 27.67
CA LEU W 362 30.62 -4.48 27.41
C LEU W 362 30.38 -5.90 26.94
N SER W 363 29.32 -6.56 27.41
CA SER W 363 29.01 -7.90 26.92
C SER W 363 28.63 -7.88 25.45
N ASP W 364 27.80 -6.92 25.04
CA ASP W 364 27.44 -6.81 23.63
C ASP W 364 28.68 -6.53 22.79
N TYR W 365 29.53 -5.61 23.25
CA TYR W 365 30.74 -5.30 22.48
C TYR W 365 31.66 -6.51 22.39
N TYR W 366 31.82 -7.24 23.49
CA TYR W 366 32.69 -8.42 23.49
C TYR W 366 32.14 -9.51 22.59
N ILE W 367 30.82 -9.70 22.58
CA ILE W 367 30.24 -10.70 21.67
C ILE W 367 30.47 -10.30 20.23
N LYS W 368 30.24 -9.02 19.89
CA LYS W 368 30.45 -8.56 18.52
C LYS W 368 31.91 -8.70 18.12
N ARG W 369 32.83 -8.46 19.05
CA ARG W 369 34.25 -8.53 18.73
C ARG W 369 34.73 -9.98 18.62
N ALA W 370 34.21 -10.87 19.48
CA ALA W 370 34.63 -12.26 19.45
C ALA W 370 34.00 -13.03 18.31
N GLU W 371 32.88 -12.53 17.77
CA GLU W 371 32.25 -13.19 16.64
C GLU W 371 33.16 -13.21 15.41
N GLN W 372 34.17 -12.35 15.37
CA GLN W 372 35.04 -12.28 14.20
C GLN W 372 35.82 -13.58 14.02
N TYR W 373 36.21 -14.22 15.12
CA TYR W 373 37.07 -15.39 15.03
C TYR W 373 36.35 -16.58 14.41
N HIS W 374 37.13 -17.45 13.76
CA HIS W 374 36.61 -18.66 13.13
C HIS W 374 37.62 -19.78 13.33
N PRO W 375 37.17 -21.04 13.26
CA PRO W 375 38.10 -22.17 13.44
C PRO W 375 39.23 -22.16 12.42
N VAL W 376 40.41 -22.58 12.86
CA VAL W 376 41.61 -22.63 12.04
C VAL W 376 42.25 -24.01 12.18
N ILE W 377 42.65 -24.59 11.06
CA ILE W 377 43.25 -25.92 11.02
C ILE W 377 44.74 -25.77 10.73
N PRO W 378 45.62 -25.99 11.72
CA PRO W 378 47.07 -25.90 11.46
C PRO W 378 47.64 -27.16 10.84
N ILE W 379 48.03 -27.08 9.56
CA ILE W 379 48.58 -28.21 8.82
C ILE W 379 49.85 -27.75 8.11
N GLY W 380 50.91 -28.56 8.16
CA GLY W 380 52.12 -28.19 7.37
C GLY W 380 53.37 -28.94 7.78
N ALA W 381 54.44 -28.21 8.12
CA ALA W 381 55.74 -28.82 8.51
C ALA W 381 56.17 -29.84 7.45
N GLY W 382 56.44 -31.10 7.86
CA GLY W 382 56.91 -32.13 6.91
C GLY W 382 56.17 -33.44 7.09
N ASN W 383 54.83 -33.39 7.17
CA ASN W 383 54.04 -34.60 7.29
C ASN W 383 54.01 -35.37 5.97
N GLU W 384 53.59 -36.63 6.05
CA GLU W 384 53.49 -37.52 4.90
C GLU W 384 52.05 -37.57 4.41
N VAL W 385 51.87 -37.35 3.12
CA VAL W 385 50.55 -37.34 2.50
C VAL W 385 50.65 -38.08 1.16
N THR W 386 49.50 -38.32 0.54
CA THR W 386 49.42 -39.01 -0.74
C THR W 386 48.55 -38.19 -1.68
N LEU W 387 49.01 -38.04 -2.93
CA LEU W 387 48.28 -37.26 -3.92
C LEU W 387 47.63 -38.19 -4.93
N VAL W 388 46.41 -37.84 -5.35
CA VAL W 388 45.65 -38.63 -6.31
C VAL W 388 45.23 -37.71 -7.45
N PHE W 389 45.46 -38.15 -8.68
CA PHE W 389 45.00 -37.42 -9.86
C PHE W 389 43.58 -37.87 -10.16
N GLN W 390 42.60 -37.04 -9.78
CA GLN W 390 41.20 -37.39 -9.93
C GLN W 390 40.79 -37.55 -11.39
N ASP W 391 41.37 -36.77 -12.29
CA ASP W 391 41.02 -36.81 -13.71
C ASP W 391 42.27 -37.07 -14.53
N GLY W 392 42.12 -37.91 -15.55
CA GLY W 392 43.26 -38.25 -16.39
C GLY W 392 43.66 -37.11 -17.31
N PHE W 393 44.92 -37.13 -17.72
CA PHE W 393 45.48 -36.09 -18.58
C PHE W 393 46.73 -36.64 -19.27
N GLN W 394 47.35 -35.78 -20.09
CA GLN W 394 48.54 -36.13 -20.84
C GLN W 394 49.64 -35.13 -20.50
N LEU W 395 50.78 -35.64 -20.03
CA LEU W 395 51.94 -34.78 -19.81
C LEU W 395 52.51 -34.32 -21.15
N GLU W 396 52.84 -33.05 -21.24
CA GLU W 396 53.35 -32.46 -22.47
C GLU W 396 54.18 -31.23 -22.15
N THR W 397 55.29 -31.08 -22.87
CA THR W 397 56.29 -30.07 -22.58
C THR W 397 55.79 -28.68 -22.96
N LEU W 398 56.44 -27.66 -22.38
CA LEU W 398 56.02 -26.26 -22.65
C LEU W 398 56.32 -25.92 -24.11
N GLU W 399 57.47 -26.36 -24.62
CA GLU W 399 57.79 -26.15 -26.06
C GLU W 399 56.74 -26.87 -26.90
N GLU W 400 56.41 -28.12 -26.54
CA GLU W 400 55.37 -28.88 -27.28
C GLU W 400 54.07 -28.07 -27.24
N ALA W 401 53.71 -27.56 -26.06
CA ALA W 401 52.44 -26.78 -25.92
C ALA W 401 52.45 -25.59 -26.88
N ARG W 402 53.54 -24.82 -26.90
CA ARG W 402 53.57 -23.59 -27.74
C ARG W 402 53.52 -23.99 -29.22
N ALA W 403 54.18 -25.10 -29.58
CA ALA W 403 54.15 -25.58 -30.98
C ALA W 403 52.71 -25.92 -31.36
N LYS W 404 51.99 -26.62 -30.47
CA LYS W 404 50.57 -26.96 -30.74
C LYS W 404 49.77 -25.67 -30.86
N ALA W 405 49.88 -24.78 -29.87
CA ALA W 405 49.09 -23.55 -29.90
C ALA W 405 49.26 -22.81 -31.22
N ALA W 406 50.50 -22.72 -31.72
CA ALA W 406 50.74 -22.08 -33.01
C ALA W 406 50.09 -22.86 -34.14
N ALA W 407 50.15 -24.19 -34.08
CA ALA W 407 49.50 -25.00 -35.11
C ALA W 407 48.00 -24.78 -35.14
N ARG W 408 47.37 -24.72 -33.97
CA ARG W 408 45.94 -24.44 -33.91
C ARG W 408 45.64 -23.03 -34.43
N LYS W 409 46.45 -22.04 -34.03
CA LYS W 409 46.26 -20.67 -34.47
C LYS W 409 46.44 -20.53 -35.98
N LYS W 410 47.19 -21.44 -36.60
CA LYS W 410 47.38 -21.38 -38.04
C LYS W 410 46.08 -21.56 -38.81
N GLN W 411 45.08 -22.21 -38.22
CA GLN W 411 43.83 -22.55 -38.89
C GLN W 411 44.11 -23.30 -40.19
N ASN W 412 44.82 -24.43 -40.05
CA ASN W 412 45.22 -25.24 -41.19
C ASN W 412 44.01 -26.02 -41.70
N GLN W 413 43.15 -25.30 -42.41
CA GLN W 413 41.94 -25.90 -42.98
C GLN W 413 42.25 -26.61 -44.30
N LYS X 194 68.46 -19.91 -27.36
CA LYS X 194 67.97 -20.05 -26.00
C LYS X 194 68.12 -18.73 -25.24
N PRO X 195 67.25 -18.48 -24.27
CA PRO X 195 67.31 -17.23 -23.53
C PRO X 195 68.20 -17.29 -22.29
N ARG X 196 68.73 -16.13 -21.92
CA ARG X 196 69.59 -16.05 -20.74
C ARG X 196 68.81 -16.22 -19.45
N PHE X 197 67.49 -16.03 -19.51
CA PHE X 197 66.66 -16.20 -18.31
C PHE X 197 65.91 -17.52 -18.40
N PRO X 198 66.23 -18.49 -17.54
CA PRO X 198 65.49 -19.75 -17.56
C PRO X 198 64.04 -19.54 -17.12
N TRP X 199 63.16 -20.37 -17.66
CA TRP X 199 61.74 -20.29 -17.32
C TRP X 199 61.53 -20.56 -15.85
N ILE X 200 60.70 -19.74 -15.20
CA ILE X 200 60.36 -19.94 -13.80
C ILE X 200 59.07 -20.75 -13.74
N SER X 201 59.13 -21.90 -13.09
CA SER X 201 57.98 -22.77 -12.97
C SER X 201 57.20 -22.49 -11.68
N SER X 202 55.93 -22.86 -11.69
CA SER X 202 55.08 -22.66 -10.52
C SER X 202 55.59 -23.47 -9.33
N GLY X 203 55.42 -22.91 -8.14
CA GLY X 203 55.86 -23.57 -6.93
C GLY X 203 57.31 -23.36 -6.57
N SER X 204 58.07 -22.66 -7.40
CA SER X 204 59.45 -22.35 -7.04
C SER X 204 59.49 -21.40 -5.86
N PHE X 205 60.41 -21.65 -4.93
CA PHE X 205 60.48 -20.89 -3.70
C PHE X 205 61.89 -20.37 -3.48
N VAL X 206 62.00 -19.30 -2.70
CA VAL X 206 63.27 -18.70 -2.35
C VAL X 206 63.11 -17.96 -1.04
N GLU X 207 64.12 -18.06 -0.18
CA GLU X 207 64.08 -17.39 1.12
C GLU X 207 64.61 -15.97 1.00
N ALA X 208 64.17 -15.12 1.93
CA ALA X 208 64.49 -13.69 1.85
C ALA X 208 64.40 -13.06 3.23
N ILE X 209 64.77 -11.79 3.30
CA ILE X 209 64.72 -10.99 4.51
C ILE X 209 63.79 -9.81 4.27
N VAL X 210 62.84 -9.60 5.18
CA VAL X 210 61.94 -8.46 5.08
C VAL X 210 62.73 -7.19 5.37
N VAL X 211 62.61 -6.20 4.49
CA VAL X 211 63.34 -4.94 4.69
C VAL X 211 62.57 -4.02 5.62
N GLU X 212 61.37 -3.62 5.22
CA GLU X 212 60.51 -2.78 6.04
C GLU X 212 59.16 -3.46 6.18
N GLY X 213 58.57 -3.37 7.36
CA GLY X 213 57.32 -4.04 7.65
C GLY X 213 56.14 -3.09 7.67
N ALA X 214 54.94 -3.67 7.68
CA ALA X 214 53.70 -2.92 7.73
C ALA X 214 52.80 -3.51 8.80
N ASP X 215 51.86 -2.69 9.27
CA ASP X 215 50.87 -3.13 10.24
C ASP X 215 49.63 -3.59 9.49
N ALA X 216 49.28 -4.86 9.63
CA ALA X 216 48.18 -5.45 8.89
C ALA X 216 46.86 -5.03 9.50
N ASN X 217 45.94 -4.56 8.66
CA ASN X 217 44.59 -4.22 9.11
C ASN X 217 43.77 -5.50 9.23
N ALA X 218 43.91 -6.18 10.36
CA ALA X 218 43.27 -7.47 10.59
C ALA X 218 41.83 -7.24 11.01
N SER X 219 41.02 -6.80 10.06
CA SER X 219 39.58 -6.61 10.29
C SER X 219 38.78 -7.46 9.30
N VAL X 220 37.46 -7.31 9.32
CA VAL X 220 36.61 -8.06 8.40
C VAL X 220 36.81 -7.58 6.96
N THR X 221 37.30 -6.35 6.78
CA THR X 221 37.56 -5.79 5.45
C THR X 221 39.05 -5.63 5.21
N GLY X 222 39.84 -6.60 5.67
CA GLY X 222 41.29 -6.48 5.55
C GLY X 222 41.77 -6.49 4.11
N ASP X 223 41.20 -7.36 3.29
CA ASP X 223 41.70 -7.58 1.94
C ASP X 223 41.54 -6.38 1.02
N LYS X 224 40.77 -5.36 1.41
CA LYS X 224 40.57 -4.17 0.58
C LYS X 224 41.50 -3.03 0.98
N ASN X 225 41.45 -2.61 2.23
CA ASN X 225 42.30 -1.53 2.74
C ASN X 225 43.58 -2.11 3.35
N THR X 226 44.54 -2.40 2.48
CA THR X 226 45.78 -3.08 2.85
C THR X 226 46.93 -2.09 2.94
N ALA X 227 48.04 -2.57 3.52
CA ALA X 227 49.23 -1.78 3.71
C ALA X 227 50.42 -2.44 3.01
N PRO X 228 51.11 -1.76 2.11
CA PRO X 228 52.21 -2.39 1.38
C PRO X 228 53.44 -2.62 2.25
N MET X 229 54.25 -3.58 1.85
CA MET X 229 55.53 -3.85 2.47
C MET X 229 56.49 -4.35 1.41
N GLN X 230 57.79 -4.34 1.73
CA GLN X 230 58.84 -4.64 0.78
C GLN X 230 59.94 -5.44 1.45
N LEU X 231 60.51 -6.39 0.72
CA LEU X 231 61.55 -7.28 1.22
C LEU X 231 62.63 -7.50 0.15
N ARG X 232 63.81 -7.89 0.60
CA ARG X 232 64.96 -8.10 -0.28
C ARG X 232 65.35 -9.58 -0.29
N LEU X 233 65.82 -10.04 -1.44
CA LEU X 233 66.27 -11.42 -1.58
C LEU X 233 67.66 -11.60 -0.99
N THR X 234 67.91 -12.78 -0.42
CA THR X 234 69.20 -13.11 0.15
C THR X 234 69.66 -14.53 -0.13
N GLY X 235 68.97 -15.23 -1.04
CA GLY X 235 69.33 -16.61 -1.36
C GLY X 235 69.27 -16.94 -2.83
N LYS X 236 69.19 -18.22 -3.17
CA LYS X 236 69.10 -18.63 -4.58
C LYS X 236 67.78 -19.33 -4.81
N VAL X 237 67.08 -18.98 -5.87
CA VAL X 237 65.76 -19.56 -6.08
C VAL X 237 65.89 -21.04 -6.26
N GLN X 238 65.00 -21.79 -5.62
CA GLN X 238 65.05 -23.22 -5.75
C GLN X 238 64.03 -23.64 -6.75
N MET X 239 64.47 -24.15 -7.89
CA MET X 239 63.56 -24.64 -8.90
C MET X 239 63.13 -26.02 -8.47
N PRO X 240 62.07 -26.55 -9.07
CA PRO X 240 61.59 -27.82 -8.56
C PRO X 240 62.51 -29.02 -8.60
N ASN X 241 63.16 -29.32 -9.71
CA ASN X 241 63.98 -30.52 -9.70
C ASN X 241 65.40 -30.22 -9.32
N ASP X 242 65.62 -29.72 -8.12
CA ASP X 242 66.97 -29.43 -7.64
C ASP X 242 67.74 -28.55 -8.58
N GLU X 243 67.09 -27.51 -9.09
CA GLU X 243 67.76 -26.61 -10.00
C GLU X 243 67.77 -25.23 -9.38
N GLU X 244 68.80 -24.45 -9.68
CA GLU X 244 68.91 -23.14 -9.07
C GLU X 244 69.25 -22.05 -10.06
N PHE X 245 68.76 -20.83 -9.82
CA PHE X 245 69.11 -19.71 -10.67
C PHE X 245 69.48 -18.66 -9.68
N ASP X 246 70.29 -17.68 -10.07
CA ASP X 246 70.73 -16.72 -9.09
C ASP X 246 70.10 -15.35 -9.15
N LEU X 247 69.27 -15.03 -8.16
CA LEU X 247 68.72 -13.70 -8.08
C LEU X 247 69.04 -13.38 -6.66
N THR X 248 69.79 -12.31 -6.41
CA THR X 248 70.06 -11.91 -5.05
C THR X 248 70.01 -10.42 -5.02
N GLY X 249 69.76 -9.83 -3.86
CA GLY X 249 69.63 -8.40 -3.75
C GLY X 249 68.48 -7.79 -4.50
N CYS X 250 67.69 -8.59 -5.22
CA CYS X 250 66.53 -8.05 -5.92
C CYS X 250 65.44 -7.70 -4.91
N PHE X 251 64.65 -6.69 -5.24
CA PHE X 251 63.56 -6.23 -4.37
C PHE X 251 62.24 -6.79 -4.85
N VAL X 252 61.33 -7.05 -3.91
CA VAL X 252 59.96 -7.46 -4.20
C VAL X 252 59.02 -6.53 -3.45
N THR X 253 58.06 -5.96 -4.18
CA THR X 253 57.02 -5.14 -3.56
C THR X 253 55.82 -6.03 -3.24
N LEU X 254 55.29 -5.87 -2.03
CA LEU X 254 54.18 -6.70 -1.56
C LEU X 254 53.00 -5.81 -1.18
N GLU X 255 51.89 -6.47 -0.87
CA GLU X 255 50.64 -5.81 -0.51
C GLU X 255 49.84 -6.78 0.32
N ALA X 256 49.77 -6.53 1.63
CA ALA X 256 49.34 -7.54 2.58
C ALA X 256 48.25 -7.02 3.49
N TRP X 257 47.46 -7.95 4.02
CA TRP X 257 46.45 -7.67 5.03
C TRP X 257 46.61 -8.62 6.20
N GLY X 258 45.64 -8.63 7.12
CA GLY X 258 45.74 -9.42 8.32
C GLY X 258 44.66 -10.49 8.41
N ASP X 259 44.91 -11.46 9.30
CA ASP X 259 43.96 -12.53 9.58
C ASP X 259 44.04 -12.80 11.07
N VAL X 260 43.04 -12.34 11.82
CA VAL X 260 43.11 -12.39 13.28
C VAL X 260 42.98 -13.82 13.81
N SER X 261 42.23 -14.69 13.11
CA SER X 261 41.99 -16.03 13.62
C SER X 261 43.29 -16.82 13.74
N SER X 262 44.14 -16.75 12.73
CA SER X 262 45.45 -17.40 12.77
C SER X 262 46.56 -16.45 13.17
N GLU X 263 46.23 -15.19 13.49
CA GLU X 263 47.19 -14.13 13.77
C GLU X 263 48.42 -14.20 12.87
N ARG X 264 48.18 -14.44 11.59
CA ARG X 264 49.21 -14.40 10.56
C ARG X 264 48.81 -13.39 9.50
N ALA X 265 49.81 -12.67 8.98
CA ALA X 265 49.59 -11.62 7.99
C ALA X 265 49.70 -12.23 6.59
N ILE X 266 48.55 -12.36 5.92
CA ILE X 266 48.52 -12.91 4.57
C ILE X 266 49.04 -11.84 3.62
N VAL X 267 49.99 -12.22 2.76
CA VAL X 267 50.60 -11.29 1.82
C VAL X 267 50.15 -11.63 0.41
N ARG X 268 50.48 -10.73 -0.52
CA ARG X 268 50.24 -10.95 -1.94
C ARG X 268 51.28 -10.16 -2.73
N SER X 269 52.17 -10.89 -3.40
CA SER X 269 53.26 -10.26 -4.13
C SER X 269 52.71 -9.37 -5.25
N ARG X 270 53.33 -8.20 -5.41
CA ARG X 270 52.89 -7.23 -6.41
C ARG X 270 53.81 -7.20 -7.63
N SER X 271 55.10 -7.01 -7.42
CA SER X 271 56.03 -6.89 -8.54
C SER X 271 57.40 -7.40 -8.11
N ILE X 272 58.17 -7.82 -9.11
CA ILE X 272 59.56 -8.23 -8.93
C ILE X 272 60.47 -7.16 -9.54
N SER X 273 61.51 -6.79 -8.80
CA SER X 273 62.44 -5.76 -9.24
C SER X 273 63.87 -6.23 -9.00
N CYS X 274 64.71 -6.09 -10.02
CA CYS X 274 66.10 -6.47 -9.92
C CYS X 274 66.88 -5.80 -11.04
N LYS X 275 68.13 -5.44 -10.77
CA LYS X 275 68.96 -4.68 -11.70
C LYS X 275 70.30 -5.41 -11.84
N LEU X 276 70.35 -6.38 -12.75
CA LEU X 276 71.55 -7.19 -12.96
C LEU X 276 72.45 -6.47 -13.95
N GLY X 277 73.70 -6.22 -13.54
CA GLY X 277 74.68 -5.61 -14.41
C GLY X 277 74.23 -4.27 -14.98
N ASP X 278 73.95 -4.26 -16.28
CA ASP X 278 73.48 -3.07 -16.96
C ASP X 278 72.02 -3.15 -17.37
N ASP X 279 71.39 -4.32 -17.24
CA ASP X 279 70.02 -4.53 -17.69
C ASP X 279 69.08 -4.52 -16.50
N ASP X 280 67.80 -4.21 -16.74
CA ASP X 280 66.84 -3.96 -15.69
C ASP X 280 65.68 -4.96 -15.78
N ILE X 281 65.23 -5.42 -14.61
CA ILE X 281 64.09 -6.34 -14.50
C ILE X 281 63.00 -5.68 -13.69
N ASP X 282 61.78 -5.67 -14.22
CA ASP X 282 60.61 -5.15 -13.52
C ASP X 282 59.39 -5.81 -14.13
N GLN X 283 58.76 -6.72 -13.38
CA GLN X 283 57.65 -7.51 -13.88
C GLN X 283 56.58 -7.65 -12.81
N LYS X 284 55.38 -7.99 -13.24
CA LYS X 284 54.28 -8.31 -12.34
C LYS X 284 54.22 -9.82 -12.14
N ILE X 285 54.25 -10.24 -10.86
CA ILE X 285 54.24 -11.65 -10.52
C ILE X 285 53.18 -11.90 -9.46
N ALA X 286 52.86 -13.18 -9.25
CA ALA X 286 51.91 -13.62 -8.25
C ALA X 286 52.60 -14.61 -7.32
N GLY X 287 52.43 -14.42 -6.01
CA GLY X 287 53.06 -15.30 -5.05
C GLY X 287 52.69 -14.91 -3.65
N HIS X 288 53.21 -15.67 -2.69
CA HIS X 288 52.97 -15.44 -1.27
C HIS X 288 54.26 -15.66 -0.50
N VAL X 289 54.18 -15.49 0.81
CA VAL X 289 55.34 -15.61 1.70
C VAL X 289 54.99 -16.57 2.84
N SER X 290 55.89 -17.50 3.10
CA SER X 290 55.74 -18.46 4.19
C SER X 290 56.82 -18.24 5.24
N PHE X 291 56.41 -18.23 6.50
CA PHE X 291 57.31 -18.02 7.63
C PHE X 291 57.31 -19.25 8.51
N MET X 292 58.51 -19.73 8.86
CA MET X 292 58.69 -20.89 9.72
C MET X 292 57.93 -22.10 9.17
N GLY X 293 58.02 -22.29 7.86
CA GLY X 293 57.41 -23.44 7.21
C GLY X 293 55.90 -23.40 7.11
N LYS X 294 55.27 -22.26 7.38
CA LYS X 294 53.83 -22.15 7.36
C LYS X 294 53.41 -20.89 6.63
N ASN X 295 52.21 -20.92 6.04
CA ASN X 295 51.74 -19.80 5.24
C ASN X 295 51.58 -18.56 6.09
N GLY X 296 51.83 -17.40 5.48
CA GLY X 296 51.76 -16.14 6.19
C GLY X 296 52.96 -15.92 7.08
N ILE X 297 52.91 -14.84 7.85
CA ILE X 297 53.95 -14.47 8.80
C ILE X 297 53.35 -14.43 10.18
N LYS X 298 53.91 -15.20 11.11
CA LYS X 298 53.39 -15.27 12.46
C LYS X 298 53.63 -13.96 13.19
N GLY X 299 52.66 -13.55 14.00
CA GLY X 299 52.76 -12.35 14.80
C GLY X 299 51.66 -12.32 15.83
N GLU X 300 51.72 -11.30 16.69
CA GLU X 300 50.72 -11.15 17.73
C GLU X 300 49.75 -10.02 17.37
N VAL X 301 48.70 -9.91 18.17
CA VAL X 301 47.64 -8.92 17.96
C VAL X 301 47.77 -7.85 19.04
N VAL X 302 47.52 -6.59 18.65
CA VAL X 302 47.57 -5.47 19.57
C VAL X 302 46.29 -4.67 19.43
N MET X 303 45.73 -4.23 20.55
CA MET X 303 44.51 -3.44 20.59
C MET X 303 44.71 -2.27 21.53
N ARG X 304 44.00 -1.17 21.28
CA ARG X 304 44.15 0.06 22.05
C ARG X 304 42.91 0.41 22.86
N ASN X 305 42.03 -0.57 23.11
CA ASN X 305 40.75 -0.33 23.75
C ASN X 305 40.85 -0.21 25.27
N GLY X 306 42.01 -0.48 25.85
CA GLY X 306 42.16 -0.60 27.29
C GLY X 306 41.55 0.54 28.10
N GLN X 307 42.10 1.75 27.96
CA GLN X 307 41.61 2.87 28.75
C GLN X 307 40.17 3.20 28.42
N ILE X 308 39.79 3.16 27.14
CA ILE X 308 38.43 3.52 26.75
C ILE X 308 37.43 2.53 27.32
N LEU X 309 37.74 1.24 27.22
CA LEU X 309 36.86 0.22 27.81
C LEU X 309 36.79 0.36 29.32
N LEU X 310 37.92 0.70 29.96
CA LEU X 310 37.89 0.92 31.40
C LEU X 310 36.97 2.06 31.78
N TYR X 311 37.04 3.16 31.02
CA TYR X 311 36.15 4.29 31.29
C TYR X 311 34.69 3.91 31.07
N ALA X 312 34.39 3.18 30.00
CA ALA X 312 33.02 2.76 29.75
C ALA X 312 32.51 1.86 30.87
N GLY X 313 33.34 0.92 31.32
CA GLY X 313 32.95 0.05 32.42
C GLY X 313 32.72 0.82 33.70
N GLY X 314 33.57 1.81 33.99
CA GLY X 314 33.35 2.64 35.16
C GLY X 314 32.06 3.43 35.09
N ALA X 315 31.76 3.99 33.93
CA ALA X 315 30.51 4.72 33.76
C ALA X 315 29.31 3.80 33.99
N GLY X 316 29.33 2.61 33.37
CA GLY X 316 28.22 1.69 33.57
C GLY X 316 28.13 1.18 34.99
N PHE X 317 29.27 1.08 35.68
CA PHE X 317 29.25 0.72 37.10
C PHE X 317 28.59 1.80 37.92
N LEU X 318 28.84 3.06 37.57
CA LEU X 318 28.12 4.16 38.20
C LEU X 318 26.62 4.05 37.92
N ASP X 319 26.26 3.64 36.70
CA ASP X 319 24.85 3.40 36.39
C ASP X 319 24.27 2.32 37.29
N GLY X 320 25.02 1.23 37.49
CA GLY X 320 24.51 0.13 38.30
C GLY X 320 24.31 0.54 39.75
N ILE X 321 25.29 1.21 40.33
CA ILE X 321 25.14 1.65 41.72
C ILE X 321 24.02 2.68 41.84
N GLY X 322 23.89 3.58 40.86
CA GLY X 322 22.80 4.54 40.91
C GLY X 322 21.43 3.88 40.84
N LYS X 323 21.28 2.89 39.96
CA LYS X 323 20.00 2.20 39.85
C LYS X 323 19.72 1.37 41.09
N GLY X 324 20.78 0.83 41.72
CA GLY X 324 20.60 0.16 42.99
C GLY X 324 20.09 1.08 44.08
N ILE X 325 20.68 2.27 44.17
CA ILE X 325 20.16 3.27 45.11
C ILE X 325 18.81 3.79 44.65
N GLU X 326 18.57 3.79 43.33
CA GLU X 326 17.31 4.29 42.79
C GLU X 326 16.16 3.32 43.07
N LYS X 327 16.46 2.19 43.72
CA LYS X 327 15.42 1.19 43.97
C LYS X 327 14.78 1.35 45.34
N ALA X 328 15.58 1.50 46.40
CA ALA X 328 15.06 1.50 47.77
C ALA X 328 14.09 2.66 47.99
N SER X 329 12.81 2.34 48.11
CA SER X 329 11.77 3.36 48.17
C SER X 329 10.67 2.89 49.11
N SER X 330 9.52 3.56 49.07
CA SER X 330 8.38 3.22 49.89
C SER X 330 7.59 2.07 49.26
N THR X 331 6.38 1.84 49.77
CA THR X 331 5.53 0.80 49.23
C THR X 331 4.85 1.25 47.94
N VAL X 355 23.66 7.80 40.14
CA VAL X 355 23.64 8.41 38.81
C VAL X 355 23.37 7.34 37.77
N SER X 356 22.50 7.68 36.82
CA SER X 356 22.23 6.80 35.68
C SER X 356 22.33 7.51 34.32
N SER X 357 21.92 8.78 34.23
CA SER X 357 21.87 9.44 32.92
C SER X 357 23.26 9.73 32.38
N ALA X 358 24.14 10.32 33.21
CA ALA X 358 25.52 10.50 32.79
C ALA X 358 26.12 9.17 32.36
N ALA X 359 25.84 8.11 33.12
CA ALA X 359 26.39 6.82 32.80
C ALA X 359 25.92 6.33 31.44
N LYS X 360 24.62 6.42 31.16
CA LYS X 360 24.11 5.91 29.88
C LYS X 360 24.68 6.73 28.72
N THR X 361 24.67 8.06 28.82
CA THR X 361 25.15 8.88 27.70
C THR X 361 26.64 8.67 27.46
N LEU X 362 27.46 8.77 28.51
CA LEU X 362 28.89 8.58 28.32
C LEU X 362 29.24 7.16 27.91
N SER X 363 28.49 6.16 28.39
CA SER X 363 28.74 4.79 27.98
C SER X 363 28.43 4.60 26.50
N ASP X 364 27.32 5.17 26.02
CA ASP X 364 27.00 5.07 24.60
C ASP X 364 28.06 5.76 23.76
N TYR X 365 28.50 6.96 24.19
CA TYR X 365 29.52 7.67 23.45
C TYR X 365 30.84 6.89 23.44
N TYR X 366 31.22 6.33 24.58
CA TYR X 366 32.47 5.58 24.65
C TYR X 366 32.41 4.31 23.81
N ILE X 367 31.27 3.63 23.78
CA ILE X 367 31.13 2.46 22.92
C ILE X 367 31.26 2.85 21.45
N LYS X 368 30.58 3.93 21.05
CA LYS X 368 30.66 4.37 19.66
C LYS X 368 32.08 4.79 19.29
N ARG X 369 32.80 5.39 20.23
CA ARG X 369 34.15 5.86 19.94
C ARG X 369 35.15 4.70 19.93
N ALA X 370 34.97 3.71 20.81
CA ALA X 370 35.89 2.58 20.88
C ALA X 370 35.63 1.58 19.77
N GLU X 371 34.43 1.59 19.18
CA GLU X 371 34.15 0.70 18.06
C GLU X 371 35.05 0.97 16.87
N GLN X 372 35.65 2.16 16.79
CA GLN X 372 36.48 2.51 15.65
C GLN X 372 37.70 1.59 15.55
N TYR X 373 38.25 1.19 16.68
CA TYR X 373 39.50 0.43 16.69
C TYR X 373 39.30 -0.96 16.11
N HIS X 374 40.38 -1.50 15.53
CA HIS X 374 40.39 -2.84 14.96
C HIS X 374 41.73 -3.50 15.23
N PRO X 375 41.80 -4.83 15.22
CA PRO X 375 43.09 -5.50 15.49
C PRO X 375 44.17 -5.10 14.50
N VAL X 376 45.40 -5.05 14.99
CA VAL X 376 46.56 -4.66 14.19
C VAL X 376 47.66 -5.69 14.42
N ILE X 377 48.31 -6.11 13.34
CA ILE X 377 49.36 -7.12 13.38
C ILE X 377 50.70 -6.41 13.14
N PRO X 378 51.55 -6.25 14.15
CA PRO X 378 52.86 -5.64 13.91
C PRO X 378 53.90 -6.61 13.37
N ILE X 379 54.28 -6.44 12.10
CA ILE X 379 55.25 -7.31 11.44
C ILE X 379 56.27 -6.42 10.73
N GLY X 380 57.57 -6.77 10.83
CA GLY X 380 58.57 -6.01 10.06
C GLY X 380 60.00 -6.20 10.54
N ALA X 381 60.70 -5.11 10.86
CA ALA X 381 62.11 -5.16 11.31
C ALA X 381 62.95 -5.99 10.31
N GLY X 382 63.65 -7.02 10.80
CA GLY X 382 64.51 -7.84 9.93
C GLY X 382 64.31 -9.33 10.15
N ASN X 383 63.06 -9.78 10.21
CA ASN X 383 62.78 -11.20 10.37
C ASN X 383 63.09 -11.98 9.09
N GLU X 384 63.18 -13.29 9.24
CA GLU X 384 63.47 -14.20 8.14
C GLU X 384 62.18 -14.82 7.62
N VAL X 385 61.97 -14.73 6.32
CA VAL X 385 60.78 -15.27 5.66
C VAL X 385 61.21 -15.96 4.37
N THR X 386 60.25 -16.65 3.73
CA THR X 386 60.50 -17.36 2.49
C THR X 386 59.42 -16.98 1.49
N LEU X 387 59.84 -16.71 0.25
CA LEU X 387 58.92 -16.31 -0.81
C LEU X 387 58.71 -17.47 -1.77
N VAL X 388 57.48 -17.62 -2.24
CA VAL X 388 57.10 -18.68 -3.17
C VAL X 388 56.40 -18.04 -4.36
N PHE X 389 56.84 -18.40 -5.56
CA PHE X 389 56.18 -17.97 -6.80
C PHE X 389 55.05 -18.93 -7.10
N GLN X 390 53.82 -18.52 -6.78
CA GLN X 390 52.66 -19.39 -6.95
C GLN X 390 52.40 -19.73 -8.41
N ASP X 391 52.68 -18.84 -9.34
CA ASP X 391 52.43 -19.06 -10.75
C ASP X 391 53.71 -18.86 -11.54
N GLY X 392 53.94 -19.74 -12.51
CA GLY X 392 55.16 -19.66 -13.30
C GLY X 392 55.13 -18.49 -14.27
N PHE X 393 56.32 -18.04 -14.65
CA PHE X 393 56.48 -16.93 -15.57
C PHE X 393 57.87 -16.97 -16.18
N GLN X 394 58.15 -15.98 -17.04
CA GLN X 394 59.42 -15.88 -17.74
C GLN X 394 60.04 -14.53 -17.44
N LEU X 395 61.27 -14.55 -16.91
CA LEU X 395 62.01 -13.30 -16.72
C LEU X 395 62.41 -12.72 -18.07
N GLU X 396 62.24 -11.41 -18.22
CA GLU X 396 62.54 -10.74 -19.47
C GLU X 396 62.83 -9.26 -19.20
N THR X 397 63.83 -8.74 -19.90
CA THR X 397 64.36 -7.42 -19.64
C THR X 397 63.39 -6.33 -20.10
N LEU X 398 63.58 -5.11 -19.57
CA LEU X 398 62.68 -3.99 -19.92
C LEU X 398 62.88 -3.64 -21.40
N GLU X 399 64.13 -3.62 -21.86
CA GLU X 399 64.41 -3.37 -23.30
C GLU X 399 63.74 -4.47 -24.12
N GLU X 400 63.90 -5.72 -23.70
CA GLU X 400 63.25 -6.85 -24.41
C GLU X 400 61.74 -6.61 -24.45
N ALA X 401 61.16 -6.21 -23.31
CA ALA X 401 59.70 -5.98 -23.24
C ALA X 401 59.29 -4.91 -24.26
N ARG X 402 60.01 -3.79 -24.30
CA ARG X 402 59.61 -2.68 -25.21
C ARG X 402 59.78 -3.13 -26.66
N ALA X 403 60.82 -3.91 -26.95
CA ALA X 403 61.03 -4.43 -28.32
C ALA X 403 59.84 -5.31 -28.72
N LYS X 404 59.40 -6.18 -27.80
CA LYS X 404 58.23 -7.06 -28.09
C LYS X 404 57.00 -6.17 -28.30
N ALA X 405 56.73 -5.26 -27.35
CA ALA X 405 55.53 -4.43 -27.46
C ALA X 405 55.47 -3.74 -28.82
N ALA X 406 56.60 -3.21 -29.29
CA ALA X 406 56.64 -2.57 -30.61
C ALA X 406 56.37 -3.59 -31.71
N ALA X 407 56.92 -4.80 -31.58
CA ALA X 407 56.69 -5.84 -32.58
C ALA X 407 55.20 -6.20 -32.65
N ARG X 408 54.55 -6.33 -31.49
CA ARG X 408 53.12 -6.61 -31.49
C ARG X 408 52.33 -5.45 -32.08
N LYS X 409 52.70 -4.21 -31.73
CA LYS X 409 52.02 -3.04 -32.24
C LYS X 409 52.19 -2.90 -33.74
N LYS X 410 53.25 -3.48 -34.31
CA LYS X 410 53.47 -3.41 -35.74
C LYS X 410 52.37 -4.10 -36.53
N GLN X 411 51.66 -5.06 -35.92
CA GLN X 411 50.65 -5.89 -36.61
C GLN X 411 51.25 -6.53 -37.87
N ASN X 412 52.32 -7.29 -37.64
CA ASN X 412 53.07 -7.93 -38.72
C ASN X 412 52.26 -9.14 -39.22
N GLN X 413 51.21 -8.83 -39.99
CA GLN X 413 50.34 -9.87 -40.54
C GLN X 413 50.95 -10.46 -41.81
N LYS Y 194 71.95 6.42 -24.72
CA LYS Y 194 71.49 6.16 -23.35
C LYS Y 194 71.10 7.48 -22.67
N PRO Y 195 70.17 7.40 -21.72
CA PRO Y 195 69.72 8.63 -21.05
C PRO Y 195 70.52 8.95 -19.79
N ARG Y 196 70.55 10.24 -19.47
CA ARG Y 196 71.28 10.69 -18.29
C ARG Y 196 70.56 10.28 -17.01
N PHE Y 197 69.27 9.97 -17.11
CA PHE Y 197 68.53 9.54 -15.92
C PHE Y 197 68.32 8.03 -15.94
N PRO Y 198 68.95 7.29 -15.04
CA PRO Y 198 68.73 5.84 -15.00
C PRO Y 198 67.29 5.51 -14.61
N TRP Y 199 66.82 4.38 -15.13
CA TRP Y 199 65.46 3.94 -14.83
C TRP Y 199 65.31 3.66 -13.35
N ILE Y 200 64.21 4.13 -12.77
CA ILE Y 200 63.90 3.88 -11.36
C ILE Y 200 63.01 2.64 -11.29
N SER Y 201 63.48 1.64 -10.57
CA SER Y 201 62.74 0.39 -10.44
C SER Y 201 61.87 0.42 -9.18
N SER Y 202 60.82 -0.41 -9.20
CA SER Y 202 59.91 -0.49 -8.06
C SER Y 202 60.64 -1.01 -6.83
N GLY Y 203 60.23 -0.51 -5.67
CA GLY Y 203 60.82 -0.90 -4.41
C GLY Y 203 62.08 -0.14 -4.03
N SER Y 204 62.55 0.76 -4.87
CA SER Y 204 63.70 1.58 -4.51
C SER Y 204 63.33 2.53 -3.38
N PHE Y 205 64.23 2.67 -2.42
CA PHE Y 205 63.96 3.46 -1.22
C PHE Y 205 65.06 4.47 -1.00
N VAL Y 206 64.72 5.54 -0.28
CA VAL Y 206 65.67 6.59 0.08
C VAL Y 206 65.18 7.27 1.35
N GLU Y 207 66.12 7.60 2.22
CA GLU Y 207 65.78 8.25 3.48
C GLU Y 207 65.73 9.76 3.30
N ALA Y 208 64.97 10.42 4.17
CA ALA Y 208 64.73 11.85 4.02
C ALA Y 208 64.36 12.46 5.36
N ILE Y 209 64.21 13.78 5.37
CA ILE Y 209 63.81 14.55 6.54
C ILE Y 209 62.52 15.28 6.22
N VAL Y 210 61.53 15.15 7.10
CA VAL Y 210 60.26 15.86 6.92
C VAL Y 210 60.50 17.35 7.15
N VAL Y 211 60.07 18.18 6.22
CA VAL Y 211 60.25 19.62 6.36
C VAL Y 211 59.15 20.23 7.23
N GLU Y 212 57.91 20.13 6.78
CA GLU Y 212 56.76 20.62 7.54
C GLU Y 212 55.77 19.48 7.69
N GLY Y 213 55.13 19.39 8.84
CA GLY Y 213 54.22 18.30 9.13
C GLY Y 213 52.77 18.73 9.08
N ALA Y 214 51.88 17.75 9.10
CA ALA Y 214 50.45 17.97 9.08
C ALA Y 214 49.79 17.14 10.16
N ASP Y 215 48.59 17.55 10.56
CA ASP Y 215 47.80 16.81 11.53
C ASP Y 215 46.86 15.89 10.77
N ALA Y 216 47.01 14.58 10.98
CA ALA Y 216 46.24 13.60 10.23
C ALA Y 216 44.83 13.51 10.79
N ASN Y 217 43.84 13.56 9.91
CA ASN Y 217 42.45 13.39 10.30
C ASN Y 217 42.17 11.91 10.49
N ALA Y 218 42.50 11.37 11.65
CA ALA Y 218 42.39 9.94 11.94
C ALA Y 218 40.95 9.62 12.30
N SER Y 219 40.07 9.68 11.31
CA SER Y 219 38.66 9.33 11.50
C SER Y 219 38.28 8.20 10.54
N VAL Y 220 37.00 7.84 10.52
CA VAL Y 220 36.55 6.79 9.61
C VAL Y 220 36.60 7.25 8.17
N THR Y 221 36.60 8.56 7.93
CA THR Y 221 36.68 9.12 6.58
C THR Y 221 38.02 9.83 6.36
N GLY Y 222 39.10 9.24 6.89
CA GLY Y 222 40.39 9.90 6.81
C GLY Y 222 40.90 10.02 5.37
N ASP Y 223 40.72 8.97 4.58
CA ASP Y 223 41.34 8.90 3.26
C ASP Y 223 40.77 9.91 2.27
N LYS Y 224 39.65 10.57 2.59
CA LYS Y 224 39.06 11.56 1.70
C LYS Y 224 39.48 12.99 2.06
N ASN Y 225 39.21 13.41 3.29
CA ASN Y 225 39.58 14.75 3.76
C ASN Y 225 40.96 14.72 4.42
N THR Y 226 41.99 14.78 3.60
CA THR Y 226 43.38 14.63 4.03
C THR Y 226 44.07 15.99 4.10
N ALA Y 227 45.25 15.98 4.71
CA ALA Y 227 46.05 17.18 4.90
C ALA Y 227 47.42 16.99 4.26
N PRO Y 228 47.84 17.84 3.34
CA PRO Y 228 49.13 17.65 2.67
C PRO Y 228 50.31 17.94 3.58
N MET Y 229 51.45 17.33 3.25
CA MET Y 229 52.71 17.60 3.92
C MET Y 229 53.84 17.45 2.90
N GLN Y 230 55.01 17.98 3.26
CA GLN Y 230 56.14 18.06 2.34
C GLN Y 230 57.43 17.75 3.09
N LEU Y 231 58.34 17.06 2.42
CA LEU Y 231 59.62 16.65 2.99
C LEU Y 231 60.73 16.81 1.96
N ARG Y 232 61.97 16.92 2.45
CA ARG Y 232 63.15 17.11 1.61
C ARG Y 232 64.06 15.90 1.68
N LEU Y 233 64.73 15.60 0.58
CA LEU Y 233 65.67 14.49 0.51
C LEU Y 233 67.00 14.88 1.16
N THR Y 234 67.64 13.90 1.79
CA THR Y 234 68.94 14.11 2.41
C THR Y 234 69.91 12.95 2.20
N GLY Y 235 69.58 12.01 1.32
CA GLY Y 235 70.44 10.87 1.09
C GLY Y 235 70.62 10.48 -0.37
N LYS Y 236 71.06 9.25 -0.64
CA LYS Y 236 71.20 8.79 -2.01
C LYS Y 236 70.25 7.64 -2.23
N VAL Y 237 69.48 7.67 -3.31
CA VAL Y 237 68.48 6.63 -3.50
C VAL Y 237 69.15 5.30 -3.63
N GLN Y 238 68.59 4.30 -2.96
CA GLN Y 238 69.18 2.99 -3.00
C GLN Y 238 68.45 2.16 -4.02
N MET Y 239 69.11 1.84 -5.12
CA MET Y 239 68.52 1.01 -6.14
C MET Y 239 68.62 -0.41 -5.65
N PRO Y 240 67.84 -1.32 -6.24
CA PRO Y 240 67.85 -2.66 -5.66
C PRO Y 240 69.15 -3.42 -5.61
N ASN Y 241 69.90 -3.51 -6.69
CA ASN Y 241 71.11 -4.31 -6.60
C ASN Y 241 72.30 -3.48 -6.21
N ASP Y 242 72.29 -2.92 -5.01
CA ASP Y 242 73.43 -2.16 -4.52
C ASP Y 242 73.86 -1.07 -5.48
N GLU Y 243 72.89 -0.33 -5.99
CA GLU Y 243 73.20 0.74 -6.93
C GLU Y 243 72.64 2.03 -6.39
N GLU Y 244 73.24 3.15 -6.76
CA GLU Y 244 72.80 4.43 -6.24
C GLU Y 244 72.74 5.52 -7.29
N PHE Y 245 71.84 6.48 -7.13
CA PHE Y 245 71.79 7.61 -8.04
C PHE Y 245 71.72 8.78 -7.10
N ASP Y 246 72.15 9.96 -7.54
CA ASP Y 246 72.19 11.06 -6.61
C ASP Y 246 71.07 12.06 -6.74
N LEU Y 247 70.12 12.04 -5.82
CA LEU Y 247 69.09 13.03 -5.81
C LEU Y 247 69.19 13.51 -4.39
N THR Y 248 69.43 14.79 -4.18
CA THR Y 248 69.46 15.32 -2.84
C THR Y 248 68.85 16.68 -2.89
N GLY Y 249 68.39 17.18 -1.76
CA GLY Y 249 67.73 18.47 -1.73
C GLY Y 249 66.45 18.57 -2.54
N CYS Y 250 66.07 17.50 -3.23
CA CYS Y 250 64.81 17.53 -3.98
C CYS Y 250 63.63 17.47 -3.02
N PHE Y 251 62.53 18.11 -3.42
CA PHE Y 251 61.32 18.15 -2.60
C PHE Y 251 60.32 17.11 -3.09
N VAL Y 252 59.54 16.57 -2.15
CA VAL Y 252 58.44 15.66 -2.44
C VAL Y 252 57.18 16.20 -1.78
N THR Y 253 56.11 16.33 -2.55
CA THR Y 253 54.82 16.72 -2.01
C THR Y 253 54.02 15.46 -1.66
N LEU Y 254 53.43 15.45 -0.48
CA LEU Y 254 52.70 14.30 0.01
C LEU Y 254 51.26 14.67 0.31
N GLU Y 255 50.47 13.66 0.64
CA GLU Y 255 49.05 13.82 0.93
C GLU Y 255 48.64 12.64 1.79
N ALA Y 256 48.42 12.90 3.08
CA ALA Y 256 48.37 11.84 4.08
C ALA Y 256 47.12 11.95 4.93
N TRP Y 257 46.72 10.81 5.49
CA TRP Y 257 45.63 10.74 6.46
C TRP Y 257 46.10 9.96 7.69
N GLY Y 258 45.17 9.62 8.59
CA GLY Y 258 45.51 8.97 9.84
C GLY Y 258 44.91 7.58 9.95
N ASP Y 259 45.46 6.82 10.90
CA ASP Y 259 44.96 5.48 11.21
C ASP Y 259 45.08 5.31 12.71
N VAL Y 260 43.95 5.39 13.42
CA VAL Y 260 43.98 5.43 14.87
C VAL Y 260 44.38 4.08 15.46
N SER Y 261 44.04 2.97 14.81
CA SER Y 261 44.30 1.65 15.38
C SER Y 261 45.79 1.42 15.58
N SER Y 262 46.60 1.77 14.59
CA SER Y 262 48.05 1.66 14.69
C SER Y 262 48.70 2.98 15.07
N GLU Y 263 47.91 4.03 15.31
CA GLU Y 263 48.39 5.40 15.55
C GLU Y 263 49.59 5.76 14.68
N ARG Y 264 49.51 5.38 13.41
CA ARG Y 264 50.49 5.78 12.41
C ARG Y 264 49.78 6.51 11.28
N ALA Y 265 50.46 7.53 10.74
CA ALA Y 265 49.90 8.38 9.70
C ALA Y 265 50.29 7.80 8.34
N ILE Y 266 49.32 7.22 7.65
CA ILE Y 266 49.54 6.65 6.33
C ILE Y 266 49.66 7.80 5.34
N VAL Y 267 50.71 7.77 4.52
CA VAL Y 267 50.97 8.82 3.55
C VAL Y 267 50.74 8.28 2.14
N ARG Y 268 50.75 9.20 1.18
CA ARG Y 268 50.68 8.86 -0.22
C ARG Y 268 51.36 9.93 -1.04
N SER Y 269 52.49 9.57 -1.65
CA SER Y 269 53.29 10.55 -2.39
C SER Y 269 52.51 11.10 -3.56
N ARG Y 270 52.63 12.42 -3.77
CA ARG Y 270 51.90 13.11 -4.83
C ARG Y 270 52.79 13.43 -6.02
N SER Y 271 53.91 14.11 -5.79
CA SER Y 271 54.77 14.53 -6.89
C SER Y 271 56.21 14.59 -6.42
N ILE Y 272 57.13 14.45 -7.38
CA ILE Y 272 58.56 14.60 -7.15
C ILE Y 272 59.02 15.91 -7.78
N SER Y 273 59.81 16.68 -7.05
CA SER Y 273 60.31 17.96 -7.52
C SER Y 273 61.79 18.08 -7.22
N CYS Y 274 62.55 18.49 -8.22
CA CYS Y 274 64.00 18.66 -8.08
C CYS Y 274 64.50 19.53 -9.21
N LYS Y 275 65.52 20.34 -8.93
CA LYS Y 275 66.04 21.33 -9.88
C LYS Y 275 67.56 21.15 -9.95
N LEU Y 276 68.00 20.24 -10.81
CA LEU Y 276 69.43 19.94 -10.95
C LEU Y 276 70.04 20.90 -11.95
N GLY Y 277 71.07 21.62 -11.52
CA GLY Y 277 71.79 22.53 -12.40
C GLY Y 277 70.90 23.56 -13.04
N ASP Y 278 70.69 23.42 -14.36
CA ASP Y 278 69.83 24.32 -15.12
C ASP Y 278 68.52 23.68 -15.55
N ASP Y 279 68.37 22.36 -15.37
CA ASP Y 279 67.20 21.63 -15.84
C ASP Y 279 66.28 21.33 -14.66
N ASP Y 280 65.00 21.12 -14.96
CA ASP Y 280 63.96 21.03 -13.95
C ASP Y 280 63.27 19.68 -14.01
N ILE Y 281 62.98 19.11 -12.83
CA ILE Y 281 62.27 17.84 -12.70
C ILE Y 281 60.98 18.08 -11.94
N ASP Y 282 59.87 17.60 -12.52
CA ASP Y 282 58.56 17.67 -11.86
C ASP Y 282 57.71 16.57 -12.46
N GLN Y 283 57.43 15.52 -11.67
CA GLN Y 283 56.72 14.34 -12.16
C GLN Y 283 55.74 13.85 -11.11
N LYS Y 284 54.77 13.06 -11.56
CA LYS Y 284 53.84 12.39 -10.66
C LYS Y 284 54.34 10.98 -10.37
N ILE Y 285 54.47 10.66 -9.09
CA ILE Y 285 54.98 9.36 -8.67
C ILE Y 285 54.06 8.78 -7.62
N ALA Y 286 54.24 7.49 -7.35
CA ALA Y 286 53.48 6.76 -6.35
C ALA Y 286 54.45 6.13 -5.36
N GLY Y 287 54.17 6.30 -4.06
CA GLY Y 287 55.04 5.76 -3.04
C GLY Y 287 54.49 6.04 -1.67
N HIS Y 288 55.22 5.57 -0.66
CA HIS Y 288 54.85 5.75 0.74
C HIS Y 288 56.10 6.06 1.55
N VAL Y 289 55.91 6.25 2.86
CA VAL Y 289 56.98 6.62 3.77
C VAL Y 289 56.98 5.65 4.94
N SER Y 290 58.15 5.13 5.29
CA SER Y 290 58.33 4.23 6.41
C SER Y 290 59.20 4.88 7.47
N PHE Y 291 58.76 4.80 8.72
CA PHE Y 291 59.48 5.38 9.86
C PHE Y 291 59.90 4.27 10.81
N MET Y 292 61.17 4.30 11.20
CA MET Y 292 61.75 3.33 12.13
C MET Y 292 61.52 1.90 11.63
N GLY Y 293 61.74 1.70 10.33
CA GLY Y 293 61.62 0.38 9.73
C GLY Y 293 60.22 -0.15 9.59
N LYS Y 294 59.20 0.67 9.79
CA LYS Y 294 57.82 0.22 9.73
C LYS Y 294 56.99 1.20 8.93
N ASN Y 295 55.92 0.70 8.31
CA ASN Y 295 55.09 1.51 7.44
C ASN Y 295 54.44 2.65 8.22
N GLY Y 296 54.27 3.79 7.56
CA GLY Y 296 53.69 4.95 8.19
C GLY Y 296 54.68 5.64 9.10
N ILE Y 297 54.19 6.66 9.81
CA ILE Y 297 54.99 7.43 10.76
C ILE Y 297 54.35 7.29 12.13
N LYS Y 298 55.13 6.83 13.10
CA LYS Y 298 54.62 6.63 14.45
C LYS Y 298 54.31 7.96 15.11
N GLY Y 299 53.22 7.99 15.87
CA GLY Y 299 52.83 9.19 16.60
C GLY Y 299 51.76 8.85 17.61
N GLU Y 300 51.40 9.84 18.42
CA GLU Y 300 50.37 9.64 19.43
C GLU Y 300 49.06 10.30 18.98
N VAL Y 301 48.01 10.06 19.76
CA VAL Y 301 46.67 10.55 19.47
C VAL Y 301 46.34 11.64 20.49
N VAL Y 302 45.66 12.68 20.03
CA VAL Y 302 45.24 13.78 20.89
C VAL Y 302 43.76 14.02 20.68
N MET Y 303 43.03 14.27 21.77
CA MET Y 303 41.60 14.54 21.73
C MET Y 303 41.31 15.74 22.62
N ARG Y 304 40.24 16.48 22.29
CA ARG Y 304 39.90 17.70 23.00
C ARG Y 304 38.58 17.59 23.75
N ASN Y 305 38.13 16.36 24.03
CA ASN Y 305 36.82 16.12 24.63
C ASN Y 305 36.80 16.33 26.15
N GLY Y 306 37.97 16.55 26.77
CA GLY Y 306 38.08 16.56 28.21
C GLY Y 306 37.06 17.40 28.95
N GLN Y 307 37.12 18.72 28.75
CA GLN Y 307 36.21 19.61 29.46
C GLN Y 307 34.76 19.35 29.10
N ILE Y 308 34.48 19.13 27.81
CA ILE Y 308 33.10 18.93 27.37
C ILE Y 308 32.53 17.66 27.98
N LEU Y 309 33.30 16.57 27.95
CA LEU Y 309 32.85 15.33 28.56
C LEU Y 309 32.67 15.50 30.07
N LEU Y 310 33.56 16.26 30.72
CA LEU Y 310 33.40 16.50 32.14
C LEU Y 310 32.10 17.23 32.43
N TYR Y 311 31.77 18.24 31.62
CA TYR Y 311 30.51 18.96 31.81
C TYR Y 311 29.31 18.05 31.58
N ALA Y 312 29.36 17.21 30.53
CA ALA Y 312 28.25 16.30 30.28
C ALA Y 312 28.07 15.31 31.43
N GLY Y 313 29.18 14.78 31.95
CA GLY Y 313 29.10 13.88 33.08
C GLY Y 313 28.54 14.55 34.32
N GLY Y 314 28.95 15.80 34.57
CA GLY Y 314 28.39 16.53 35.69
C GLY Y 314 26.89 16.77 35.56
N ALA Y 315 26.45 17.14 34.35
CA ALA Y 315 25.03 17.33 34.13
C ALA Y 315 24.25 16.03 34.36
N GLY Y 316 24.74 14.91 33.82
CA GLY Y 316 24.06 13.65 34.05
C GLY Y 316 24.11 13.20 35.49
N PHE Y 317 25.17 13.56 36.20
CA PHE Y 317 25.24 13.28 37.63
C PHE Y 317 24.17 14.07 38.39
N LEU Y 318 23.95 15.31 37.98
CA LEU Y 318 22.84 16.08 38.52
C LEU Y 318 21.52 15.40 38.22
N ASP Y 319 21.38 14.85 37.01
CA ASP Y 319 20.18 14.06 36.69
C ASP Y 319 20.02 12.88 37.64
N GLY Y 320 21.11 12.16 37.90
CA GLY Y 320 21.02 11.00 38.76
C GLY Y 320 20.61 11.35 40.18
N ILE Y 321 21.25 12.37 40.75
CA ILE Y 321 20.89 12.78 42.10
C ILE Y 321 19.45 13.31 42.15
N GLY Y 322 19.04 14.06 41.12
CA GLY Y 322 17.66 14.53 41.09
C GLY Y 322 16.65 13.40 41.02
N LYS Y 323 16.91 12.40 40.19
CA LYS Y 323 16.00 11.27 40.10
C LYS Y 323 16.00 10.45 41.37
N GLY Y 324 17.16 10.37 42.05
CA GLY Y 324 17.20 9.73 43.35
C GLY Y 324 16.33 10.44 44.37
N ILE Y 325 16.42 11.77 44.43
CA ILE Y 325 15.53 12.54 45.29
C ILE Y 325 14.10 12.48 44.77
N GLU Y 326 13.93 12.34 43.45
CA GLU Y 326 12.60 12.30 42.86
C GLU Y 326 11.89 10.98 43.17
N LYS Y 327 12.57 10.07 43.88
CA LYS Y 327 11.97 8.77 44.16
C LYS Y 327 11.26 8.73 45.50
N ALA Y 328 11.90 9.22 46.57
CA ALA Y 328 11.37 9.08 47.91
C ALA Y 328 10.03 9.78 48.06
N SER Y 329 8.95 9.02 48.17
CA SER Y 329 7.60 9.57 48.15
C SER Y 329 6.72 8.75 49.09
N SER Y 330 5.41 8.93 48.97
CA SER Y 330 4.44 8.22 49.79
C SER Y 330 4.18 6.83 49.21
N THR Y 331 3.12 6.19 49.71
CA THR Y 331 2.75 4.87 49.20
C THR Y 331 2.00 4.99 47.88
N VAL Y 355 17.27 17.85 40.16
CA VAL Y 355 17.06 18.35 38.81
C VAL Y 355 17.27 17.22 37.81
N SER Y 356 16.38 17.15 36.83
CA SER Y 356 16.50 16.20 35.73
C SER Y 356 16.39 16.83 34.34
N SER Y 357 15.53 17.85 34.17
CA SER Y 357 15.29 18.39 32.84
C SER Y 357 16.49 19.17 32.31
N ALA Y 358 17.05 20.07 33.13
CA ALA Y 358 18.28 20.74 32.74
C ALA Y 358 19.35 19.73 32.38
N ALA Y 359 19.45 18.68 33.20
CA ALA Y 359 20.47 17.67 32.96
C ALA Y 359 20.28 16.99 31.61
N LYS Y 360 19.04 16.56 31.31
CA LYS Y 360 18.82 15.86 30.05
C LYS Y 360 19.09 16.77 28.84
N THR Y 361 18.57 18.00 28.88
CA THR Y 361 18.76 18.89 27.74
C THR Y 361 20.22 19.26 27.52
N LEU Y 362 20.90 19.70 28.59
CA LEU Y 362 22.31 20.07 28.44
C LEU Y 362 23.18 18.87 28.13
N SER Y 363 22.83 17.68 28.64
CA SER Y 363 23.59 16.49 28.30
C SER Y 363 23.45 16.14 26.83
N ASP Y 364 22.22 16.22 26.30
CA ASP Y 364 22.03 15.95 24.87
C ASP Y 364 22.79 16.95 24.03
N TYR Y 365 22.72 18.24 24.40
CA TYR Y 365 23.43 19.26 23.64
C TYR Y 365 24.93 19.04 23.70
N TYR Y 366 25.47 18.71 24.88
CA TYR Y 366 26.89 18.49 25.03
C TYR Y 366 27.36 17.26 24.25
N ILE Y 367 26.55 16.20 24.23
CA ILE Y 367 26.91 15.03 23.43
C ILE Y 367 26.93 15.39 21.95
N LYS Y 368 25.92 16.11 21.47
CA LYS Y 368 25.87 16.49 20.06
C LYS Y 368 27.05 17.39 19.71
N ARG Y 369 27.45 18.26 20.63
CA ARG Y 369 28.54 19.20 20.35
C ARG Y 369 29.90 18.50 20.41
N ALA Y 370 30.07 17.56 21.36
CA ALA Y 370 31.34 16.86 21.50
C ALA Y 370 31.53 15.79 20.43
N GLU Y 371 30.43 15.33 19.82
CA GLU Y 371 30.56 14.34 18.75
C GLU Y 371 31.34 14.89 17.56
N GLN Y 372 31.45 16.21 17.44
CA GLN Y 372 32.14 16.80 16.29
C GLN Y 372 33.61 16.41 16.28
N TYR Y 373 34.23 16.29 17.45
CA TYR Y 373 35.67 16.07 17.52
C TYR Y 373 36.04 14.68 17.01
N HIS Y 374 37.26 14.56 16.49
CA HIS Y 374 37.80 13.31 15.98
C HIS Y 374 39.28 13.23 16.32
N PRO Y 375 39.84 12.01 16.38
CA PRO Y 375 41.27 11.89 16.71
C PRO Y 375 42.17 12.62 15.73
N VAL Y 376 43.26 13.17 16.24
CA VAL Y 376 44.22 13.93 15.45
C VAL Y 376 45.62 13.41 15.76
N ILE Y 377 46.43 13.21 14.72
CA ILE Y 377 47.78 12.68 14.85
C ILE Y 377 48.76 13.82 14.58
N PRO Y 378 49.44 14.34 15.60
CA PRO Y 378 50.43 15.40 15.37
C PRO Y 378 51.79 14.86 14.91
N ILE Y 379 52.12 15.12 13.64
CA ILE Y 379 53.37 14.66 13.05
C ILE Y 379 54.02 15.82 12.32
N GLY Y 380 55.35 16.00 12.47
CA GLY Y 380 56.01 17.06 11.68
C GLY Y 380 57.39 17.44 12.20
N ALA Y 381 57.61 18.73 12.49
CA ALA Y 381 58.92 19.22 12.97
C ALA Y 381 60.05 18.74 12.04
N GLY Y 382 61.07 18.07 12.58
CA GLY Y 382 62.21 17.60 11.78
C GLY Y 382 62.58 16.17 12.08
N ASN Y 383 61.59 15.27 12.13
CA ASN Y 383 61.85 13.85 12.36
C ASN Y 383 62.49 13.21 11.13
N GLU Y 384 63.06 12.03 11.35
CA GLU Y 384 63.73 11.25 10.31
C GLU Y 384 62.78 10.17 9.80
N VAL Y 385 62.61 10.12 8.48
CA VAL Y 385 61.74 9.16 7.82
C VAL Y 385 62.44 8.61 6.59
N THR Y 386 61.84 7.59 5.97
CA THR Y 386 62.39 6.98 4.76
C THR Y 386 61.30 6.89 3.72
N LEU Y 387 61.62 7.23 2.48
CA LEU Y 387 60.67 7.21 1.38
C LEU Y 387 60.95 6.03 0.48
N VAL Y 388 59.89 5.39 0.00
CA VAL Y 388 59.98 4.24 -0.89
C VAL Y 388 59.14 4.52 -2.13
N PHE Y 389 59.73 4.30 -3.30
CA PHE Y 389 59.01 4.42 -4.58
C PHE Y 389 58.33 3.08 -4.84
N GLN Y 390 57.03 3.01 -4.58
CA GLN Y 390 56.29 1.76 -4.73
C GLN Y 390 56.24 1.28 -6.17
N ASP Y 391 56.20 2.18 -7.14
CA ASP Y 391 56.11 1.81 -8.55
C ASP Y 391 57.26 2.45 -9.32
N GLY Y 392 57.84 1.69 -10.23
CA GLY Y 392 58.96 2.19 -11.00
C GLY Y 392 58.54 3.22 -12.03
N PHE Y 393 59.49 4.07 -12.40
CA PHE Y 393 59.26 5.14 -13.37
C PHE Y 393 60.58 5.59 -13.96
N GLN Y 394 60.50 6.57 -14.86
CA GLN Y 394 61.67 7.12 -15.53
C GLN Y 394 61.73 8.62 -15.29
N LEU Y 395 62.84 9.09 -14.73
CA LEU Y 395 63.05 10.53 -14.59
C LEU Y 395 63.27 11.16 -15.95
N GLU Y 396 62.62 12.30 -16.18
CA GLU Y 396 62.71 12.99 -17.46
C GLU Y 396 62.40 14.47 -17.26
N THR Y 397 63.16 15.30 -17.97
CA THR Y 397 63.13 16.74 -17.76
C THR Y 397 61.84 17.36 -18.31
N LEU Y 398 61.54 18.57 -17.84
CA LEU Y 398 60.30 19.26 -18.27
C LEU Y 398 60.41 19.60 -19.75
N GLU Y 399 61.59 20.06 -20.18
CA GLU Y 399 61.81 20.36 -21.63
C GLU Y 399 61.64 19.04 -22.41
N GLU Y 400 62.24 17.96 -21.92
CA GLU Y 400 62.09 16.64 -22.58
C GLU Y 400 60.61 16.30 -22.67
N ALA Y 401 59.87 16.50 -21.57
CA ALA Y 401 58.43 16.15 -21.54
C ALA Y 401 57.70 16.95 -22.63
N ARG Y 402 57.94 18.27 -22.71
CA ARG Y 402 57.18 19.10 -23.68
C ARG Y 402 57.57 18.68 -25.11
N ALA Y 403 58.84 18.35 -25.33
CA ALA Y 403 59.29 17.89 -26.66
C ALA Y 403 58.53 16.61 -27.04
N LYS Y 404 58.43 15.67 -26.10
CA LYS Y 404 57.67 14.41 -26.35
C LYS Y 404 56.21 14.76 -26.64
N ALA Y 405 55.58 15.53 -25.75
CA ALA Y 405 54.16 15.84 -25.93
C ALA Y 405 53.90 16.41 -27.33
N ALA Y 406 54.77 17.31 -27.80
CA ALA Y 406 54.62 17.85 -29.15
C ALA Y 406 54.80 16.76 -30.20
N ALA Y 407 55.77 15.87 -30.00
CA ALA Y 407 55.98 14.78 -30.94
C ALA Y 407 54.74 13.87 -31.02
N ARG Y 408 54.13 13.55 -29.88
CA ARG Y 408 52.92 12.75 -29.89
C ARG Y 408 51.78 13.51 -30.57
N LYS Y 409 51.64 14.80 -30.26
CA LYS Y 409 50.58 15.60 -30.87
C LYS Y 409 50.75 15.74 -32.37
N LYS Y 410 51.98 15.59 -32.87
CA LYS Y 410 52.22 15.67 -34.30
C LYS Y 410 51.49 14.58 -35.09
N GLN Y 411 51.17 13.45 -34.44
CA GLN Y 411 50.59 12.29 -35.10
C GLN Y 411 51.43 11.87 -36.31
N ASN Y 412 52.69 11.57 -36.02
CA ASN Y 412 53.67 11.22 -37.05
C ASN Y 412 53.39 9.78 -37.50
N GLN Y 413 52.34 9.64 -38.30
CA GLN Y 413 51.96 8.33 -38.83
C GLN Y 413 52.79 7.96 -40.05
N LYS Z 194 65.17 32.22 -23.40
CA LYS Z 194 64.78 31.87 -22.04
C LYS Z 194 63.90 32.96 -21.43
N PRO Z 195 63.03 32.58 -20.51
CA PRO Z 195 62.12 33.57 -19.91
C PRO Z 195 62.68 34.21 -18.65
N ARG Z 196 62.21 35.44 -18.40
CA ARG Z 196 62.66 36.18 -17.23
C ARG Z 196 62.11 35.58 -15.95
N PHE Z 197 61.03 34.80 -16.06
CA PHE Z 197 60.45 34.17 -14.87
C PHE Z 197 60.84 32.69 -14.81
N PRO Z 198 61.66 32.28 -13.85
CA PRO Z 198 62.01 30.86 -13.75
C PRO Z 198 60.79 30.03 -13.37
N TRP Z 199 60.80 28.78 -13.83
CA TRP Z 199 59.69 27.88 -13.54
C TRP Z 199 59.60 27.62 -12.05
N ILE Z 200 58.38 27.66 -11.52
CA ILE Z 200 58.13 27.37 -10.12
C ILE Z 200 57.78 25.90 -10.01
N SER Z 201 58.55 25.16 -9.21
CA SER Z 201 58.33 23.74 -9.03
C SER Z 201 57.46 23.49 -7.80
N SER Z 202 56.81 22.33 -7.80
CA SER Z 202 55.96 21.95 -6.68
C SER Z 202 56.77 21.80 -5.40
N GLY Z 203 56.16 22.16 -4.29
CA GLY Z 203 56.80 22.07 -2.99
C GLY Z 203 57.66 23.25 -2.62
N SER Z 204 57.80 24.24 -3.51
CA SER Z 204 58.53 25.45 -3.16
C SER Z 204 57.77 26.23 -2.09
N PHE Z 205 58.51 26.75 -1.11
CA PHE Z 205 57.91 27.42 0.03
C PHE Z 205 58.55 28.78 0.22
N VAL Z 206 57.80 29.67 0.87
CA VAL Z 206 58.26 31.02 1.19
C VAL Z 206 57.50 31.51 2.42
N GLU Z 207 58.21 32.20 3.29
CA GLU Z 207 57.60 32.73 4.51
C GLU Z 207 56.99 34.11 4.24
N ALA Z 208 56.00 34.46 5.06
CA ALA Z 208 55.24 35.68 4.83
C ALA Z 208 54.61 36.16 6.13
N ILE Z 209 53.98 37.33 6.06
CA ILE Z 209 53.27 37.94 7.18
C ILE Z 209 51.81 38.10 6.78
N VAL Z 210 50.91 37.65 7.65
CA VAL Z 210 49.48 37.82 7.41
C VAL Z 210 49.13 39.29 7.57
N VAL Z 211 48.45 39.86 6.58
CA VAL Z 211 48.07 41.27 6.65
C VAL Z 211 46.79 41.44 7.45
N GLU Z 212 45.70 40.86 6.98
CA GLU Z 212 44.42 40.91 7.69
C GLU Z 212 43.92 39.49 7.87
N GLY Z 213 43.32 39.21 9.02
CA GLY Z 213 42.88 37.88 9.35
C GLY Z 213 41.37 37.72 9.24
N ALA Z 214 40.92 36.47 9.29
CA ALA Z 214 39.51 36.14 9.22
C ALA Z 214 39.17 35.16 10.33
N ASP Z 215 37.89 35.10 10.68
CA ASP Z 215 37.40 34.16 11.68
C ASP Z 215 36.91 32.91 10.94
N ALA Z 216 37.53 31.77 11.23
CA ALA Z 216 37.23 30.54 10.52
C ALA Z 216 35.93 29.95 11.06
N ASN Z 217 35.03 29.58 10.14
CA ASN Z 217 33.80 28.91 10.52
C ASN Z 217 34.09 27.44 10.76
N ALA Z 218 34.56 27.12 11.97
CA ALA Z 218 34.97 25.77 12.32
C ALA Z 218 33.75 24.94 12.68
N SER Z 219 32.95 24.62 11.66
CA SER Z 219 31.79 23.77 11.83
C SER Z 219 31.90 22.54 10.94
N VAL Z 220 30.84 21.71 10.91
CA VAL Z 220 30.86 20.54 10.05
C VAL Z 220 30.79 20.94 8.58
N THR Z 221 30.30 22.13 8.26
CA THR Z 221 30.23 22.62 6.90
C THR Z 221 31.21 23.77 6.67
N GLY Z 222 32.40 23.67 7.26
CA GLY Z 222 33.36 24.76 7.16
C GLY Z 222 33.83 25.00 5.74
N ASP Z 223 34.11 23.93 5.00
CA ASP Z 223 34.76 24.05 3.70
C ASP Z 223 33.89 24.73 2.65
N LYS Z 224 32.59 24.93 2.91
CA LYS Z 224 31.71 25.58 1.95
C LYS Z 224 31.54 27.07 2.24
N ASN Z 225 31.09 27.42 3.44
CA ASN Z 225 30.90 28.81 3.84
C ASN Z 225 32.16 29.33 4.54
N THR Z 226 33.12 29.75 3.73
CA THR Z 226 34.45 30.15 4.20
C THR Z 226 34.58 31.67 4.21
N ALA Z 227 35.64 32.14 4.86
CA ALA Z 227 35.92 33.56 4.99
C ALA Z 227 37.29 33.87 4.41
N PRO Z 228 37.38 34.79 3.44
CA PRO Z 228 38.68 35.07 2.82
C PRO Z 228 39.63 35.82 3.74
N MET Z 229 40.92 35.68 3.47
CA MET Z 229 41.96 36.43 4.15
C MET Z 229 43.10 36.68 3.16
N GLN Z 230 43.97 37.63 3.52
CA GLN Z 230 45.02 38.09 2.63
C GLN Z 230 46.31 38.33 3.42
N LEU Z 231 47.44 38.01 2.80
CA LEU Z 231 48.75 38.14 3.43
C LEU Z 231 49.76 38.67 2.41
N ARG Z 232 50.85 39.26 2.92
CA ARG Z 232 51.90 39.84 2.10
C ARG Z 232 53.19 39.07 2.26
N LEU Z 233 53.97 39.01 1.18
CA LEU Z 233 55.26 38.34 1.21
C LEU Z 233 56.32 39.23 1.85
N THR Z 234 57.26 38.60 2.55
CA THR Z 234 58.35 39.30 3.19
C THR Z 234 59.69 38.60 3.07
N GLY Z 235 59.78 37.55 2.24
CA GLY Z 235 61.03 36.81 2.09
C GLY Z 235 61.36 36.46 0.66
N LYS Z 236 62.24 35.48 0.46
CA LYS Z 236 62.59 35.04 -0.89
C LYS Z 236 62.17 33.60 -1.07
N VAL Z 237 61.49 33.30 -2.17
CA VAL Z 237 60.96 31.95 -2.33
C VAL Z 237 62.11 30.97 -2.36
N GLN Z 238 61.94 29.86 -1.65
CA GLN Z 238 62.99 28.89 -1.62
C GLN Z 238 62.66 27.78 -2.60
N MET Z 239 63.45 27.67 -3.65
CA MET Z 239 63.25 26.62 -4.63
C MET Z 239 63.86 25.36 -4.05
N PRO Z 240 63.53 24.21 -4.62
CA PRO Z 240 64.03 22.99 -3.97
C PRO Z 240 65.52 22.80 -3.84
N ASN Z 241 66.28 22.98 -4.91
CA ASN Z 241 67.70 22.70 -4.75
C ASN Z 241 68.47 23.93 -4.38
N ASP Z 242 68.19 24.49 -3.21
CA ASP Z 242 68.92 25.65 -2.73
C ASP Z 242 68.93 26.78 -3.72
N GLU Z 243 67.79 27.07 -4.32
CA GLU Z 243 67.72 28.14 -5.30
C GLU Z 243 66.69 29.13 -4.86
N GLU Z 244 66.85 30.38 -5.27
CA GLU Z 244 65.93 31.42 -4.84
C GLU Z 244 65.52 32.36 -5.95
N PHE Z 245 64.31 32.91 -5.86
CA PHE Z 245 63.87 33.89 -6.83
C PHE Z 245 63.31 34.97 -5.95
N ASP Z 246 63.28 36.20 -6.43
CA ASP Z 246 62.85 37.27 -5.53
C ASP Z 246 61.46 37.78 -5.77
N LEU Z 247 60.55 37.46 -4.86
CA LEU Z 247 59.22 38.01 -4.93
C LEU Z 247 59.08 38.56 -3.53
N THR Z 248 58.82 39.85 -3.41
CA THR Z 248 58.62 40.41 -2.09
C THR Z 248 57.54 41.44 -2.23
N GLY Z 249 56.86 41.76 -1.15
CA GLY Z 249 55.76 42.70 -1.19
C GLY Z 249 54.57 42.28 -2.04
N CYS Z 250 54.64 41.12 -2.68
CA CYS Z 250 53.51 40.64 -3.46
C CYS Z 250 52.39 40.18 -2.53
N PHE Z 251 51.16 40.33 -2.98
CA PHE Z 251 49.99 39.95 -2.20
C PHE Z 251 49.47 38.58 -2.65
N VAL Z 252 48.91 37.82 -1.70
CA VAL Z 252 48.25 36.55 -1.98
C VAL Z 252 46.86 36.61 -1.36
N THR Z 253 45.86 36.29 -2.16
CA THR Z 253 44.49 36.17 -1.67
C THR Z 253 44.22 34.73 -1.29
N LEU Z 254 43.62 34.55 -0.11
CA LEU Z 254 43.36 33.22 0.42
C LEU Z 254 41.87 33.03 0.67
N GLU Z 255 41.50 31.81 1.03
CA GLU Z 255 40.13 31.43 1.28
C GLU Z 255 40.15 30.23 2.20
N ALA Z 256 39.80 30.43 3.47
CA ALA Z 256 40.11 29.47 4.52
C ALA Z 256 38.88 29.13 5.34
N TRP Z 257 38.91 27.95 5.95
CA TRP Z 257 37.90 27.51 6.90
C TRP Z 257 38.57 27.02 8.17
N GLY Z 258 37.80 26.39 9.07
CA GLY Z 258 38.31 25.97 10.35
C GLY Z 258 38.28 24.46 10.53
N ASP Z 259 39.04 24.00 11.52
CA ASP Z 259 39.08 22.59 11.90
C ASP Z 259 39.19 22.55 13.42
N VAL Z 260 38.08 22.22 14.08
CA VAL Z 260 38.04 22.32 15.54
C VAL Z 260 38.89 21.25 16.21
N SER Z 261 39.01 20.07 15.60
CA SER Z 261 39.73 18.98 16.26
C SER Z 261 41.19 19.34 16.50
N SER Z 262 41.85 19.92 15.50
CA SER Z 262 43.23 20.38 15.64
C SER Z 262 43.32 21.86 15.97
N GLU Z 263 42.18 22.54 16.13
CA GLU Z 263 42.10 23.99 16.32
C GLU Z 263 43.11 24.75 15.45
N ARG Z 264 43.22 24.32 14.20
CA ARG Z 264 44.03 25.02 13.20
C ARG Z 264 43.15 25.38 12.02
N ALA Z 265 43.40 26.55 11.45
CA ALA Z 265 42.61 27.09 10.35
C ALA Z 265 43.24 26.65 9.03
N ILE Z 266 42.59 25.71 8.35
CA ILE Z 266 43.07 25.21 7.07
C ILE Z 266 42.79 26.27 6.01
N VAL Z 267 43.80 26.61 5.23
CA VAL Z 267 43.69 27.64 4.21
C VAL Z 267 43.73 27.00 2.84
N ARG Z 268 43.44 27.80 1.83
CA ARG Z 268 43.55 27.40 0.43
C ARG Z 268 43.81 28.63 -0.42
N SER Z 269 45.02 28.70 -0.99
CA SER Z 269 45.42 29.87 -1.76
C SER Z 269 44.53 30.05 -2.98
N ARG Z 270 44.17 31.30 -3.26
CA ARG Z 270 43.26 31.62 -4.36
C ARG Z 270 44.02 32.20 -5.56
N SER Z 271 44.79 33.27 -5.34
CA SER Z 271 45.48 33.93 -6.44
C SER Z 271 46.77 34.56 -5.94
N ILE Z 272 47.71 34.74 -6.86
CA ILE Z 272 48.97 35.43 -6.61
C ILE Z 272 48.91 36.78 -7.30
N SER Z 273 49.33 37.83 -6.59
CA SER Z 273 49.32 39.18 -7.12
C SER Z 273 50.64 39.87 -6.79
N CYS Z 274 51.23 40.49 -7.80
CA CYS Z 274 52.50 41.21 -7.63
C CYS Z 274 52.68 42.15 -8.80
N LYS Z 275 53.30 43.31 -8.53
CA LYS Z 275 53.45 44.37 -9.53
C LYS Z 275 54.92 44.79 -9.55
N LEU Z 276 55.72 44.07 -10.35
CA LEU Z 276 57.15 44.33 -10.44
C LEU Z 276 57.40 45.41 -11.48
N GLY Z 277 58.06 46.48 -11.06
CA GLY Z 277 58.42 47.55 -11.98
C GLY Z 277 57.23 48.15 -12.71
N ASP Z 278 57.14 47.89 -14.00
CA ASP Z 278 56.05 48.36 -14.83
C ASP Z 278 55.09 47.24 -15.26
N ASP Z 279 55.45 45.98 -15.01
CA ASP Z 279 54.66 44.85 -15.46
C ASP Z 279 53.87 44.27 -14.31
N ASP Z 280 52.78 43.57 -14.61
CA ASP Z 280 51.81 43.14 -13.62
C ASP Z 280 51.69 41.63 -13.62
N ILE Z 281 51.58 41.04 -12.43
CA ILE Z 281 51.40 39.60 -12.24
C ILE Z 281 50.08 39.36 -11.53
N ASP Z 282 49.25 38.47 -12.10
CA ASP Z 282 48.00 38.07 -11.47
C ASP Z 282 47.65 36.69 -12.04
N GLN Z 283 47.76 35.66 -11.21
CA GLN Z 283 47.58 34.29 -11.64
C GLN Z 283 46.81 33.51 -10.58
N LYS Z 284 46.23 32.38 -11.01
CA LYS Z 284 45.57 31.45 -10.11
C LYS Z 284 46.56 30.36 -9.73
N ILE Z 285 46.75 30.15 -8.42
CA ILE Z 285 47.70 29.16 -7.92
C ILE Z 285 47.02 28.31 -6.87
N ALA Z 286 47.66 27.19 -6.54
CA ALA Z 286 47.19 26.28 -5.50
C ALA Z 286 48.28 26.12 -4.46
N GLY Z 287 47.91 26.22 -3.19
CA GLY Z 287 48.87 26.09 -2.12
C GLY Z 287 48.19 26.20 -0.77
N HIS Z 288 49.02 26.09 0.28
CA HIS Z 288 48.55 26.18 1.65
C HIS Z 288 49.56 26.96 2.47
N VAL Z 289 49.26 27.11 3.76
CA VAL Z 289 50.07 27.90 4.68
C VAL Z 289 50.38 27.05 5.91
N SER Z 290 51.66 27.04 6.30
CA SER Z 290 52.10 26.31 7.48
C SER Z 290 52.62 27.29 8.53
N PHE Z 291 52.20 27.09 9.77
CA PHE Z 291 52.59 27.94 10.89
C PHE Z 291 53.36 27.12 11.90
N MET Z 292 54.52 27.65 12.33
CA MET Z 292 55.37 27.00 13.32
C MET Z 292 55.72 25.58 12.89
N GLY Z 293 56.05 25.43 11.61
CA GLY Z 293 56.47 24.14 11.08
C GLY Z 293 55.38 23.11 10.93
N LYS Z 294 54.12 23.49 11.06
CA LYS Z 294 53.02 22.54 11.00
C LYS Z 294 51.91 23.10 10.12
N ASN Z 295 51.13 22.21 9.52
CA ASN Z 295 50.09 22.61 8.57
C ASN Z 295 49.02 23.44 9.29
N GLY Z 296 48.47 24.40 8.56
CA GLY Z 296 47.47 25.30 9.12
C GLY Z 296 48.09 26.35 10.01
N ILE Z 297 47.22 27.13 10.65
CA ILE Z 297 47.63 28.18 11.58
C ILE Z 297 47.03 27.87 12.93
N LYS Z 298 47.88 27.78 13.95
CA LYS Z 298 47.44 27.45 15.29
C LYS Z 298 46.62 28.59 15.87
N GLY Z 299 45.57 28.24 16.61
CA GLY Z 299 44.73 29.23 17.27
C GLY Z 299 43.83 28.54 18.27
N GLU Z 300 43.08 29.36 19.01
CA GLU Z 300 42.16 28.82 20.00
C GLU Z 300 40.72 28.92 19.50
N VAL Z 301 39.81 28.33 20.26
CA VAL Z 301 38.39 28.27 19.91
C VAL Z 301 37.64 29.19 20.86
N VAL Z 302 36.63 29.88 20.34
CA VAL Z 302 35.80 30.77 21.13
C VAL Z 302 34.34 30.43 20.87
N MET Z 303 33.53 30.41 21.93
CA MET Z 303 32.11 30.13 21.84
C MET Z 303 31.34 31.16 22.66
N ARG Z 304 30.10 31.42 22.26
CA ARG Z 304 29.28 32.46 22.90
C ARG Z 304 28.07 31.88 23.63
N ASN Z 305 28.10 30.59 23.96
CA ASN Z 305 26.96 29.89 24.55
C ASN Z 305 26.80 30.14 26.04
N GLY Z 306 27.78 30.80 26.67
CA GLY Z 306 27.81 30.92 28.12
C GLY Z 306 26.53 31.35 28.78
N GLN Z 307 26.09 32.58 28.52
CA GLN Z 307 24.88 33.09 29.17
C GLN Z 307 23.66 32.28 28.77
N ILE Z 308 23.54 31.91 27.50
CA ILE Z 308 22.35 31.19 27.04
C ILE Z 308 22.27 29.82 27.69
N LEU Z 309 23.41 29.10 27.75
CA LEU Z 309 23.42 27.81 28.42
C LEU Z 309 23.14 27.95 29.91
N LEU Z 310 23.65 29.02 30.53
CA LEU Z 310 23.34 29.25 31.95
C LEU Z 310 21.85 29.44 32.16
N TYR Z 311 21.19 30.22 31.29
CA TYR Z 311 19.75 30.41 31.41
C TYR Z 311 19.00 29.12 31.20
N ALA Z 312 19.41 28.32 30.21
CA ALA Z 312 18.74 27.03 29.98
C ALA Z 312 18.89 26.11 31.17
N GLY Z 313 20.10 26.06 31.75
CA GLY Z 313 20.32 25.24 32.93
C GLY Z 313 19.50 25.70 34.12
N GLY Z 314 19.39 27.01 34.31
CA GLY Z 314 18.55 27.52 35.38
C GLY Z 314 17.09 27.18 35.19
N ALA Z 315 16.59 27.29 33.96
CA ALA Z 315 15.21 26.92 33.68
C ALA Z 315 14.98 25.44 33.98
N GLY Z 316 15.87 24.57 33.50
CA GLY Z 316 15.71 23.15 33.78
C GLY Z 316 15.86 22.82 35.25
N PHE Z 317 16.68 23.58 35.97
CA PHE Z 317 16.79 23.41 37.42
C PHE Z 317 15.47 23.76 38.10
N LEU Z 318 14.82 24.82 37.61
CA LEU Z 318 13.48 25.12 38.10
C LEU Z 318 12.52 23.98 37.80
N ASP Z 319 12.65 23.36 36.62
CA ASP Z 319 11.86 22.18 36.31
C ASP Z 319 12.11 21.07 37.32
N GLY Z 320 13.37 20.82 37.64
CA GLY Z 320 13.71 19.74 38.56
C GLY Z 320 13.14 19.98 39.94
N ILE Z 321 13.30 21.19 40.47
CA ILE Z 321 12.77 21.47 41.80
C ILE Z 321 11.24 21.43 41.78
N GLY Z 322 10.62 21.91 40.71
CA GLY Z 322 9.17 21.84 40.61
C GLY Z 322 8.66 20.40 40.60
N LYS Z 323 9.32 19.54 39.82
CA LYS Z 323 8.90 18.14 39.76
C LYS Z 323 9.16 17.44 41.09
N GLY Z 324 10.23 17.84 41.80
CA GLY Z 324 10.46 17.30 43.12
C GLY Z 324 9.35 17.68 44.09
N ILE Z 325 8.93 18.95 44.07
CA ILE Z 325 7.77 19.34 44.88
C ILE Z 325 6.50 18.74 44.33
N GLU Z 326 6.45 18.49 43.01
CA GLU Z 326 5.25 17.92 42.40
C GLU Z 326 5.09 16.45 42.76
N LYS Z 327 6.02 15.89 43.54
CA LYS Z 327 5.95 14.47 43.87
C LYS Z 327 5.25 14.21 45.20
N ALA Z 328 5.62 14.95 46.25
CA ALA Z 328 5.12 14.67 47.59
C ALA Z 328 3.60 14.83 47.66
N SER Z 329 2.89 13.72 47.79
CA SER Z 329 1.44 13.72 47.71
C SER Z 329 0.90 12.67 48.67
N SER Z 330 -0.38 12.32 48.52
CA SER Z 330 -1.03 11.34 49.36
C SER Z 330 -0.74 9.93 48.83
N THR Z 331 -1.48 8.95 49.34
CA THR Z 331 -1.32 7.58 48.89
C THR Z 331 -2.00 7.34 47.55
N VAL Z 355 7.58 24.70 39.51
CA VAL Z 355 7.26 25.04 38.14
C VAL Z 355 7.92 24.03 37.20
N SER Z 356 7.16 23.59 36.19
CA SER Z 356 7.68 22.72 35.15
C SER Z 356 7.39 23.19 33.74
N SER Z 357 6.23 23.80 33.49
CA SER Z 357 5.85 24.15 32.12
C SER Z 357 6.70 25.31 31.59
N ALA Z 358 6.83 26.39 32.36
CA ALA Z 358 7.74 27.46 31.96
C ALA Z 358 9.12 26.91 31.69
N ALA Z 359 9.58 26.01 32.55
CA ALA Z 359 10.91 25.47 32.40
C ALA Z 359 11.05 24.70 31.09
N LYS Z 360 10.08 23.82 30.77
CA LYS Z 360 10.20 23.04 29.55
C LYS Z 360 10.14 23.93 28.31
N THR Z 361 9.20 24.88 28.26
CA THR Z 361 9.08 25.73 27.08
C THR Z 361 10.31 26.61 26.89
N LEU Z 362 10.72 27.32 27.94
CA LEU Z 362 11.89 28.19 27.81
C LEU Z 362 13.16 27.39 27.57
N SER Z 363 13.27 26.20 28.15
CA SER Z 363 14.45 25.36 27.89
C SER Z 363 14.50 24.92 26.43
N ASP Z 364 13.35 24.51 25.87
CA ASP Z 364 13.34 24.13 24.46
C ASP Z 364 13.70 25.32 23.58
N TYR Z 365 13.13 26.49 23.88
CA TYR Z 365 13.43 27.68 23.08
C TYR Z 365 14.91 28.04 23.19
N TYR Z 366 15.47 27.98 24.40
CA TYR Z 366 16.87 28.32 24.59
C TYR Z 366 17.79 27.34 23.89
N ILE Z 367 17.46 26.05 23.91
CA ILE Z 367 18.26 25.07 23.18
C ILE Z 367 18.21 25.35 21.68
N LYS Z 368 17.02 25.61 21.15
CA LYS Z 368 16.89 25.89 19.72
C LYS Z 368 17.65 27.15 19.33
N ARG Z 369 17.65 28.15 20.22
CA ARG Z 369 18.32 29.41 19.92
C ARG Z 369 19.85 29.29 20.05
N ALA Z 370 20.31 28.53 21.05
CA ALA Z 370 21.75 28.37 21.26
C ALA Z 370 22.37 27.41 20.25
N GLU Z 371 21.56 26.53 19.64
CA GLU Z 371 22.09 25.63 18.62
C GLU Z 371 22.65 26.38 17.43
N GLN Z 372 22.27 27.65 17.23
CA GLN Z 372 22.72 28.40 16.08
C GLN Z 372 24.24 28.61 16.11
N TYR Z 373 24.81 28.78 17.30
CA TYR Z 373 26.22 29.12 17.41
C TYR Z 373 27.11 27.95 16.99
N HIS Z 374 28.30 28.28 16.50
CA HIS Z 374 29.29 27.30 16.08
C HIS Z 374 30.68 27.80 16.45
N PRO Z 375 31.66 26.91 16.59
CA PRO Z 375 33.01 27.33 16.97
C PRO Z 375 33.60 28.32 15.96
N VAL Z 376 34.39 29.26 16.48
CA VAL Z 376 35.02 30.29 15.66
C VAL Z 376 36.50 30.36 16.04
N ILE Z 377 37.36 30.43 15.03
CA ILE Z 377 38.80 30.46 15.21
C ILE Z 377 39.29 31.88 14.91
N PRO Z 378 39.70 32.66 15.91
CA PRO Z 378 40.22 34.00 15.64
C PRO Z 378 41.68 34.01 15.24
N ILE Z 379 41.95 34.31 13.97
CA ILE Z 379 43.31 34.35 13.43
C ILE Z 379 43.50 35.64 12.66
N GLY Z 380 44.65 36.31 12.83
CA GLY Z 380 44.90 37.51 12.00
C GLY Z 380 46.00 38.40 12.53
N ALA Z 381 45.72 39.68 12.74
CA ALA Z 381 46.73 40.66 13.23
C ALA Z 381 47.98 40.60 12.35
N GLY Z 382 49.15 40.39 12.96
CA GLY Z 382 50.43 40.37 12.20
C GLY Z 382 51.30 39.19 12.59
N ASN Z 383 50.72 37.98 12.67
CA ASN Z 383 51.48 36.79 12.98
C ASN Z 383 52.37 36.38 11.80
N GLU Z 384 53.33 35.52 12.09
CA GLU Z 384 54.27 35.01 11.12
C GLU Z 384 53.84 33.64 10.64
N VAL Z 385 53.75 33.46 9.32
CA VAL Z 385 53.34 32.21 8.70
C VAL Z 385 54.25 31.93 7.51
N THR Z 386 54.10 30.74 6.93
CA THR Z 386 54.90 30.33 5.78
C THR Z 386 53.96 29.77 4.72
N LEU Z 387 54.18 30.18 3.47
CA LEU Z 387 53.35 29.75 2.35
C LEU Z 387 54.09 28.72 1.52
N VAL Z 388 53.37 27.72 1.04
CA VAL Z 388 53.92 26.65 0.23
C VAL Z 388 53.10 26.53 -1.04
N PHE Z 389 53.78 26.51 -2.19
CA PHE Z 389 53.13 26.28 -3.48
C PHE Z 389 53.01 24.78 -3.69
N GLN Z 390 51.82 24.23 -3.46
CA GLN Z 390 51.62 22.79 -3.55
C GLN Z 390 51.82 22.27 -4.96
N ASP Z 391 51.47 23.05 -5.98
CA ASP Z 391 51.59 22.63 -7.37
C ASP Z 391 52.44 23.61 -8.15
N GLY Z 392 53.30 23.09 -9.01
CA GLY Z 392 54.18 23.95 -9.78
C GLY Z 392 53.45 24.70 -10.86
N PHE Z 393 54.03 25.83 -11.27
CA PHE Z 393 53.44 26.69 -12.29
C PHE Z 393 54.52 27.59 -12.88
N GLN Z 394 54.12 28.42 -13.82
CA GLN Z 394 55.01 29.35 -14.50
C GLN Z 394 54.49 30.77 -14.34
N LEU Z 395 55.32 31.65 -13.78
CA LEU Z 395 54.97 33.06 -13.71
C LEU Z 395 54.99 33.67 -15.11
N GLU Z 396 53.96 34.47 -15.41
CA GLU Z 396 53.83 35.08 -16.71
C GLU Z 396 52.99 36.34 -16.60
N THR Z 397 53.39 37.37 -17.35
CA THR Z 397 52.82 38.71 -17.21
C THR Z 397 51.43 38.77 -17.83
N LEU Z 398 50.66 39.78 -17.42
CA LEU Z 398 49.27 39.93 -17.92
C LEU Z 398 49.31 40.24 -19.43
N GLU Z 399 50.24 41.10 -19.85
CA GLU Z 399 50.39 41.38 -21.30
C GLU Z 399 50.77 40.09 -22.02
N GLU Z 400 51.71 39.32 -21.45
CA GLU Z 400 52.10 38.02 -22.04
C GLU Z 400 50.85 37.13 -22.16
N ALA Z 401 50.06 37.08 -21.08
CA ALA Z 401 48.85 36.23 -21.07
C ALA Z 401 47.92 36.63 -22.20
N ARG Z 402 47.65 37.94 -22.36
CA ARG Z 402 46.68 38.39 -23.39
C ARG Z 402 47.24 38.08 -24.78
N ALA Z 403 48.56 38.24 -24.96
CA ALA Z 403 49.20 37.94 -26.26
C ALA Z 403 48.99 36.46 -26.57
N LYS Z 404 49.21 35.58 -25.59
CA LYS Z 404 49.02 34.13 -25.80
C LYS Z 404 47.54 33.88 -26.13
N ALA Z 405 46.62 34.39 -25.31
CA ALA Z 405 45.20 34.14 -25.54
C ALA Z 405 44.81 34.50 -26.96
N ALA Z 406 45.29 35.64 -27.46
CA ALA Z 406 45.00 36.03 -28.83
C ALA Z 406 45.61 35.05 -29.83
N ALA Z 407 46.84 34.59 -29.55
CA ALA Z 407 47.49 33.62 -30.43
C ALA Z 407 46.69 32.33 -30.50
N ARG Z 408 46.21 31.85 -29.34
CA ARG Z 408 45.39 30.64 -29.35
C ARG Z 408 44.08 30.88 -30.08
N LYS Z 409 43.44 32.04 -29.86
CA LYS Z 409 42.18 32.35 -30.52
C LYS Z 409 42.35 32.47 -32.02
N LYS Z 410 43.57 32.78 -32.49
CA LYS Z 410 43.82 32.89 -33.92
C LYS Z 410 43.59 31.57 -34.65
N GLN Z 411 43.69 30.44 -33.96
CA GLN Z 411 43.61 29.11 -34.56
C GLN Z 411 44.60 29.00 -35.74
N ASN Z 412 45.88 29.22 -35.40
CA ASN Z 412 46.96 29.20 -36.38
C ASN Z 412 47.26 27.77 -36.77
N GLN Z 413 46.38 27.20 -37.59
CA GLN Z 413 46.54 25.82 -38.05
C GLN Z 413 47.49 25.75 -39.23
N LYS AA 194 49.08 53.53 -23.60
CA LYS AA 194 48.80 53.11 -22.24
C LYS AA 194 47.54 53.81 -21.72
N PRO AA 195 46.84 53.17 -20.79
CA PRO AA 195 45.60 53.76 -20.27
C PRO AA 195 45.83 54.62 -19.03
N ARG AA 196 44.92 55.59 -18.86
CA ARG AA 196 45.01 56.50 -17.71
C ARG AA 196 44.67 55.78 -16.42
N PHE AA 197 43.98 54.64 -16.50
CA PHE AA 197 43.63 53.89 -15.30
C PHE AA 197 44.54 52.68 -15.16
N PRO AA 198 45.42 52.65 -14.16
CA PRO AA 198 46.26 51.47 -13.97
C PRO AA 198 45.45 50.25 -13.57
N TRP AA 199 45.94 49.09 -13.96
CA TRP AA 199 45.24 47.85 -13.65
C TRP AA 199 45.20 47.63 -12.15
N ILE AA 200 44.03 47.23 -11.66
CA ILE AA 200 43.85 46.93 -10.24
C ILE AA 200 44.08 45.43 -10.06
N SER AA 201 45.03 45.08 -9.21
CA SER AA 201 45.36 43.69 -8.96
C SER AA 201 44.60 43.18 -7.73
N SER AA 202 44.44 41.86 -7.68
CA SER AA 202 43.74 41.24 -6.57
C SER AA 202 44.50 41.46 -5.26
N GLY AA 203 43.75 41.60 -4.18
CA GLY AA 203 44.33 41.81 -2.88
C GLY AA 203 44.66 43.25 -2.54
N SER AA 204 44.45 44.18 -3.48
CA SER AA 204 44.66 45.59 -3.18
C SER AA 204 43.62 46.06 -2.17
N PHE AA 205 44.08 46.87 -1.22
CA PHE AA 205 43.22 47.31 -0.13
C PHE AA 205 43.28 48.82 0.01
N VAL AA 206 42.22 49.38 0.59
CA VAL AA 206 42.13 50.82 0.85
C VAL AA 206 41.19 51.04 2.03
N GLU AA 207 41.55 51.99 2.89
CA GLU AA 207 40.73 52.28 4.06
C GLU AA 207 39.67 53.32 3.71
N ALA AA 208 38.57 53.30 4.48
CA ALA AA 208 37.43 54.13 4.16
C ALA AA 208 36.61 54.39 5.43
N ILE AA 209 35.58 55.22 5.28
CA ILE AA 209 34.66 55.56 6.35
C ILE AA 209 33.25 55.15 5.91
N VAL AA 210 32.56 54.42 6.78
CA VAL AA 210 31.18 54.02 6.49
C VAL AA 210 30.30 55.27 6.57
N VAL AA 211 29.49 55.49 5.52
CA VAL AA 211 28.60 56.65 5.51
C VAL AA 211 27.32 56.36 6.29
N GLU AA 212 26.54 55.39 5.81
CA GLU AA 212 25.32 54.97 6.49
C GLU AA 212 25.39 53.47 6.74
N GLY AA 213 24.89 53.04 7.90
CA GLY AA 213 24.97 51.65 8.27
C GLY AA 213 23.64 50.94 8.15
N ALA AA 214 23.70 49.61 8.24
CA ALA AA 214 22.52 48.77 8.17
C ALA AA 214 22.54 47.78 9.32
N ASP AA 215 21.36 47.25 9.64
CA ASP AA 215 21.22 46.23 10.68
C ASP AA 215 21.26 44.87 10.01
N ALA AA 216 22.26 44.07 10.37
CA ALA AA 216 22.47 42.78 9.72
C ALA AA 216 21.48 41.76 10.26
N ASN AA 217 20.82 41.05 9.34
CA ASN AA 217 19.91 39.97 9.73
C ASN AA 217 20.73 38.73 10.06
N ALA AA 218 21.23 38.66 11.29
CA ALA AA 218 22.11 37.59 11.72
C ALA AA 218 21.28 36.37 12.10
N SER AA 219 20.70 35.73 11.08
CA SER AA 219 19.94 34.51 11.27
C SER AA 219 20.54 33.38 10.45
N VAL AA 220 19.88 32.22 10.44
CA VAL AA 220 20.37 31.10 9.64
C VAL AA 220 20.23 31.38 8.15
N THR AA 221 19.34 32.28 7.77
CA THR AA 221 19.13 32.67 6.37
C THR AA 221 19.62 34.08 6.11
N GLY AA 222 20.73 34.46 6.72
CA GLY AA 222 21.21 35.83 6.59
C GLY AA 222 21.62 36.18 5.17
N ASP AA 223 22.31 35.26 4.49
CA ASP AA 223 22.92 35.56 3.21
C ASP AA 223 21.90 35.82 2.10
N LYS AA 224 20.62 35.52 2.32
CA LYS AA 224 19.60 35.75 1.31
C LYS AA 224 18.86 37.07 1.51
N ASN AA 225 18.26 37.27 2.68
CA ASN AA 225 17.54 38.51 3.00
C ASN AA 225 18.49 39.49 3.70
N THR AA 226 19.26 40.21 2.89
CA THR AA 226 20.30 41.11 3.37
C THR AA 226 19.84 42.56 3.30
N ALA AA 227 20.62 43.42 3.95
CA ALA AA 227 20.35 44.85 4.00
C ALA AA 227 21.52 45.63 3.43
N PRO AA 228 21.30 46.48 2.43
CA PRO AA 228 22.42 47.20 1.81
C PRO AA 228 22.98 48.29 2.72
N MET AA 229 24.24 48.64 2.48
CA MET AA 229 24.88 49.75 3.14
C MET AA 229 25.88 50.37 2.17
N GLN AA 230 26.32 51.59 2.49
CA GLN AA 230 27.16 52.39 1.61
C GLN AA 230 28.21 53.13 2.40
N LEU AA 231 29.41 53.24 1.84
CA LEU AA 231 30.55 53.88 2.48
C LEU AA 231 31.33 54.71 1.47
N ARG AA 232 32.09 55.69 1.97
CA ARG AA 232 32.87 56.59 1.15
C ARG AA 232 34.35 56.38 1.38
N LEU AA 233 35.14 56.57 0.32
CA LEU AA 233 36.59 56.45 0.41
C LEU AA 233 37.20 57.69 1.03
N THR AA 234 38.28 57.49 1.78
CA THR AA 234 39.00 58.59 2.41
C THR AA 234 40.51 58.44 2.36
N GLY AA 235 41.02 57.48 1.59
CA GLY AA 235 42.46 57.26 1.49
C GLY AA 235 42.96 56.99 0.09
N LYS AA 236 44.16 56.42 -0.04
CA LYS AA 236 44.70 56.09 -1.35
C LYS AA 236 44.86 54.58 -1.46
N VAL AA 237 44.41 54.00 -2.55
CA VAL AA 237 44.46 52.54 -2.64
C VAL AA 237 45.88 52.07 -2.60
N GLN AA 238 46.12 51.02 -1.85
CA GLN AA 238 47.45 50.50 -1.73
C GLN AA 238 47.60 49.32 -2.65
N MET AA 239 48.41 49.47 -3.69
CA MET AA 239 48.66 48.38 -4.60
C MET AA 239 49.68 47.47 -3.95
N PRO AA 240 49.85 46.26 -4.47
CA PRO AA 240 50.75 45.35 -3.75
C PRO AA 240 52.19 45.76 -3.58
N ASN AA 241 52.89 46.19 -4.62
CA ASN AA 241 54.28 46.50 -4.42
C ASN AA 241 54.50 47.95 -4.08
N ASP AA 242 53.96 48.40 -2.97
CA ASP AA 242 54.16 49.78 -2.54
C ASP AA 242 53.79 50.79 -3.60
N GLU AA 243 52.66 50.59 -4.25
CA GLU AA 243 52.23 51.50 -5.29
C GLU AA 243 50.88 52.04 -4.94
N GLU AA 244 50.58 53.24 -5.39
CA GLU AA 244 49.32 53.87 -5.03
C GLU AA 244 48.63 54.54 -6.21
N PHE AA 245 47.29 54.58 -6.18
CA PHE AA 245 46.55 55.28 -7.22
C PHE AA 245 45.60 56.11 -6.41
N ASP AA 246 45.11 57.20 -6.95
CA ASP AA 246 44.27 58.06 -6.12
C ASP AA 246 42.79 57.98 -6.40
N LEU AA 247 42.06 57.37 -5.48
CA LEU AA 247 40.61 57.35 -5.60
C LEU AA 247 40.22 57.87 -4.25
N THR AA 248 39.50 58.97 -4.19
CA THR AA 248 39.04 59.47 -2.92
C THR AA 248 37.65 60.02 -3.14
N GLY AA 249 36.86 60.11 -2.09
CA GLY AA 249 35.50 60.57 -2.22
C GLY AA 249 34.60 59.69 -3.06
N CYS AA 250 35.12 58.62 -3.64
CA CYS AA 250 34.29 57.70 -4.41
C CYS AA 250 33.40 56.90 -3.49
N PHE AA 251 32.21 56.55 -3.98
CA PHE AA 251 31.24 55.78 -3.20
C PHE AA 251 31.30 54.31 -3.58
N VAL AA 252 31.03 53.45 -2.61
CA VAL AA 252 30.92 52.01 -2.83
C VAL AA 252 29.58 51.55 -2.25
N THR AA 253 28.80 50.84 -3.07
CA THR AA 253 27.57 50.23 -2.59
C THR AA 253 27.84 48.81 -2.13
N LEU AA 254 27.31 48.46 -0.97
CA LEU AA 254 27.55 47.15 -0.37
C LEU AA 254 26.23 46.44 -0.14
N GLU AA 255 26.35 45.19 0.27
CA GLU AA 255 25.19 44.32 0.51
C GLU AA 255 25.63 43.25 1.50
N ALA AA 256 25.19 43.37 2.75
CA ALA AA 256 25.79 42.63 3.84
C ALA AA 256 24.74 41.90 4.66
N TRP AA 257 25.20 40.84 5.34
CA TRP AA 257 24.38 40.08 6.28
C TRP AA 257 25.14 39.93 7.59
N GLY AA 258 24.63 39.10 8.51
CA GLY AA 258 25.20 38.96 9.82
C GLY AA 258 25.74 37.56 10.08
N ASP AA 259 26.58 37.47 11.11
CA ASP AA 259 27.12 36.19 11.57
C ASP AA 259 27.18 36.26 13.09
N VAL AA 260 26.26 35.56 13.74
CA VAL AA 260 26.11 35.70 15.19
C VAL AA 260 27.28 35.06 15.94
N SER AA 261 27.86 33.99 15.40
CA SER AA 261 28.92 33.28 16.13
C SER AA 261 30.12 34.18 16.39
N SER AA 262 30.55 34.92 15.37
CA SER AA 262 31.64 35.87 15.52
C SER AA 262 31.16 37.29 15.77
N GLU AA 263 29.84 37.49 15.86
CA GLU AA 263 29.20 38.82 15.97
C GLU AA 263 29.90 39.86 15.09
N ARG AA 264 30.22 39.46 13.86
CA ARG AA 264 30.73 40.36 12.85
C ARG AA 264 29.82 40.32 11.63
N ALA AA 265 29.64 41.47 11.01
CA ALA AA 265 28.76 41.62 9.85
C ALA AA 265 29.56 41.40 8.58
N ILE AA 266 29.34 40.26 7.93
CA ILE AA 266 30.03 39.93 6.70
C ILE AA 266 29.41 40.77 5.58
N VAL AA 267 30.25 41.43 4.80
CA VAL AA 267 29.80 42.30 3.72
C VAL AA 267 30.14 41.66 2.39
N ARG AA 268 29.60 42.25 1.33
CA ARG AA 268 29.92 41.86 -0.04
C ARG AA 268 29.74 43.06 -0.95
N SER AA 269 30.84 43.56 -1.49
CA SER AA 269 30.81 44.76 -2.32
C SER AA 269 29.97 44.54 -3.56
N ARG AA 270 29.17 45.54 -3.92
CA ARG AA 270 28.26 45.45 -5.07
C ARG AA 270 28.79 46.22 -6.27
N SER AA 271 29.09 47.51 -6.09
CA SER AA 271 29.52 48.33 -7.21
C SER AA 271 30.46 49.43 -6.71
N ILE AA 272 31.29 49.91 -7.63
CA ILE AA 272 32.18 51.04 -7.38
C ILE AA 272 31.66 52.24 -8.14
N SER AA 273 31.62 53.39 -7.48
CA SER AA 273 31.12 54.62 -8.09
C SER AA 273 32.06 55.76 -7.76
N CYS AA 274 32.43 56.53 -8.79
CA CYS AA 274 33.31 57.68 -8.63
C CYS AA 274 33.16 58.57 -9.85
N LYS AA 275 33.30 59.88 -9.62
CA LYS AA 275 33.08 60.89 -10.67
C LYS AA 275 34.29 61.82 -10.69
N LEU AA 276 35.32 61.44 -11.42
CA LEU AA 276 36.55 62.21 -11.50
C LEU AA 276 36.42 63.26 -12.60
N GLY AA 277 36.61 64.53 -12.23
CA GLY AA 277 36.58 65.62 -13.19
C GLY AA 277 35.28 65.69 -13.96
N ASP AA 278 35.35 65.35 -15.25
CA ASP AA 278 34.19 65.34 -16.13
C ASP AA 278 33.75 63.93 -16.51
N ASP AA 279 34.54 62.91 -16.19
CA ASP AA 279 34.26 61.54 -16.61
C ASP AA 279 33.70 60.75 -15.43
N ASP AA 280 32.97 59.68 -15.73
CA ASP AA 280 32.20 58.96 -14.73
C ASP AA 280 32.65 57.50 -14.65
N ILE AA 281 32.72 56.97 -13.43
CA ILE AA 281 33.09 55.60 -13.18
C ILE AA 281 31.94 54.89 -12.47
N ASP AA 282 31.53 53.74 -13.02
CA ASP AA 282 30.49 52.92 -12.40
C ASP AA 282 30.72 51.49 -12.90
N GLN AA 283 31.17 50.62 -12.01
CA GLN AA 283 31.54 49.25 -12.37
C GLN AA 283 31.08 48.28 -11.30
N LYS AA 284 30.98 47.01 -11.67
CA LYS AA 284 30.69 45.93 -10.74
C LYS AA 284 32.01 45.31 -10.28
N ILE AA 285 32.21 45.25 -8.97
CA ILE AA 285 33.44 44.71 -8.38
C ILE AA 285 33.08 43.71 -7.30
N ALA AA 286 34.08 42.94 -6.89
CA ALA AA 286 33.96 41.96 -5.82
C ALA AA 286 34.98 42.26 -4.74
N GLY AA 287 34.55 42.27 -3.49
CA GLY AA 287 35.44 42.56 -2.39
C GLY AA 287 34.72 42.46 -1.07
N HIS AA 288 35.48 42.71 0.00
CA HIS AA 288 34.96 42.67 1.36
C HIS AA 288 35.56 43.82 2.16
N VAL AA 289 35.17 43.89 3.43
CA VAL AA 289 35.59 44.97 4.32
C VAL AA 289 36.15 44.36 5.59
N SER AA 290 37.31 44.84 6.02
CA SER AA 290 37.95 44.38 7.25
C SER AA 290 38.01 45.53 8.25
N PHE AA 291 37.65 45.23 9.50
CA PHE AA 291 37.64 46.23 10.56
C PHE AA 291 38.63 45.80 11.64
N MET AA 292 39.48 46.74 12.06
CA MET AA 292 40.47 46.51 13.11
C MET AA 292 41.35 45.31 12.77
N GLY AA 293 41.77 45.24 11.50
CA GLY AA 293 42.66 44.19 11.06
C GLY AA 293 42.06 42.81 10.94
N LYS AA 294 40.74 42.69 11.02
CA LYS AA 294 40.07 41.39 10.97
C LYS AA 294 38.87 41.46 10.05
N ASN AA 295 38.53 40.31 9.47
CA ASN AA 295 37.44 40.25 8.49
C ASN AA 295 36.11 40.64 9.14
N GLY AA 296 35.26 41.29 8.35
CA GLY AA 296 33.98 41.76 8.82
C GLY AA 296 34.12 43.00 9.68
N ILE AA 297 33.00 43.43 10.25
CA ILE AA 297 32.94 44.59 11.13
C ILE AA 297 32.44 44.13 12.49
N LYS AA 298 33.23 44.41 13.53
CA LYS AA 298 32.89 43.99 14.88
C LYS AA 298 31.66 44.76 15.38
N GLY AA 299 30.80 44.08 16.11
CA GLY AA 299 29.62 44.69 16.70
C GLY AA 299 29.00 43.76 17.70
N GLU AA 300 27.98 44.26 18.38
CA GLU AA 300 27.29 43.46 19.38
C GLU AA 300 25.94 42.99 18.85
N VAL AA 301 25.30 42.11 19.62
CA VAL AA 301 24.02 41.51 19.24
C VAL AA 301 22.94 42.12 20.13
N VAL AA 302 21.76 42.35 19.55
CA VAL AA 302 20.62 42.89 20.27
C VAL AA 302 19.41 42.00 19.99
N MET AA 303 18.63 41.73 21.03
CA MET AA 303 17.42 40.92 20.92
C MET AA 303 16.29 41.62 21.67
N ARG AA 304 15.06 41.37 21.23
CA ARG AA 304 13.89 42.05 21.79
C ARG AA 304 12.95 41.08 22.53
N ASN AA 305 13.46 39.91 22.93
CA ASN AA 305 12.64 38.87 23.53
C ASN AA 305 12.34 39.10 24.99
N GLY AA 306 12.96 40.10 25.61
CA GLY AA 306 12.90 40.28 27.06
C GLY AA 306 11.51 40.22 27.66
N GLN AA 307 10.65 41.18 27.32
CA GLN AA 307 9.31 41.22 27.92
C GLN AA 307 8.50 39.98 27.54
N ILE AA 308 8.59 39.55 26.28
CA ILE AA 308 7.78 38.42 25.84
C ILE AA 308 8.20 37.15 26.57
N LEU AA 309 9.51 36.92 26.68
CA LEU AA 309 10.00 35.77 27.42
C LEU AA 309 9.62 35.85 28.89
N LEU AA 310 9.65 37.05 29.47
CA LEU AA 310 9.23 37.20 30.87
C LEU AA 310 7.77 36.82 31.03
N TYR AA 311 6.90 37.27 30.11
CA TYR AA 311 5.50 36.90 30.19
C TYR AA 311 5.30 35.40 30.04
N ALA AA 312 6.01 34.78 29.09
CA ALA AA 312 5.89 33.34 28.92
C ALA AA 312 6.34 32.58 30.16
N GLY AA 313 7.44 33.01 30.76
CA GLY AA 313 7.91 32.39 31.99
C GLY AA 313 6.93 32.56 33.13
N GLY AA 314 6.32 33.74 33.25
CA GLY AA 314 5.31 33.93 34.27
C GLY AA 314 4.10 33.05 34.08
N ALA AA 315 3.64 32.92 32.83
CA ALA AA 315 2.52 32.03 32.54
C ALA AA 315 2.84 30.59 32.91
N GLY AA 316 4.02 30.11 32.50
CA GLY AA 316 4.40 28.75 32.85
C GLY AA 316 4.61 28.55 34.34
N PHE AA 317 5.04 29.61 35.04
CA PHE AA 317 5.15 29.55 36.49
C PHE AA 317 3.77 29.41 37.13
N LEU AA 318 2.78 30.10 36.58
CA LEU AA 318 1.41 29.90 37.00
C LEU AA 318 0.96 28.47 36.75
N ASP AA 319 1.37 27.90 35.61
CA ASP AA 319 1.10 26.48 35.34
C ASP AA 319 1.71 25.60 36.41
N GLY AA 320 2.96 25.86 36.78
CA GLY AA 320 3.63 25.03 37.76
C GLY AA 320 2.96 25.09 39.13
N ILE AA 321 2.64 26.30 39.58
CA ILE AA 321 1.98 26.41 40.89
C ILE AA 321 0.59 25.80 40.84
N GLY AA 322 -0.13 25.96 39.72
CA GLY AA 322 -1.43 25.32 39.61
C GLY AA 322 -1.37 23.82 39.65
N LYS AA 323 -0.40 23.23 38.93
CA LYS AA 323 -0.26 21.78 38.95
C LYS AA 323 0.20 21.29 40.31
N GLY AA 324 1.01 22.08 41.02
CA GLY AA 324 1.36 21.74 42.39
C GLY AA 324 0.15 21.70 43.29
N ILE AA 325 -0.71 22.71 43.20
CA ILE AA 325 -1.97 22.68 43.96
C ILE AA 325 -2.90 21.60 43.41
N GLU AA 326 -2.79 21.31 42.11
CA GLU AA 326 -3.66 20.30 41.50
C GLU AA 326 -3.26 18.89 41.94
N LYS AA 327 -2.22 18.77 42.77
CA LYS AA 327 -1.77 17.45 43.17
C LYS AA 327 -2.37 16.99 44.50
N ALA AA 328 -2.35 17.85 45.52
CA ALA AA 328 -2.76 17.46 46.86
C ALA AA 328 -4.23 17.04 46.88
N SER AA 329 -4.47 15.75 47.06
CA SER AA 329 -5.82 15.19 46.95
C SER AA 329 -5.96 14.05 47.96
N SER AA 330 -7.00 13.25 47.79
CA SER AA 330 -7.27 12.12 48.66
C SER AA 330 -6.44 10.92 48.23
N THR AA 331 -6.79 9.75 48.77
CA THR AA 331 -6.09 8.52 48.40
C THR AA 331 -6.58 7.99 47.05
N VAL AA 355 -3.95 27.34 38.31
CA VAL AA 355 -4.31 27.46 36.91
C VAL AA 355 -3.28 26.74 36.04
N SER AA 356 -3.77 26.01 35.05
CA SER AA 356 -2.92 25.35 34.07
C SER AA 356 -3.30 25.63 32.62
N SER AA 357 -4.61 25.74 32.32
CA SER AA 357 -5.03 25.87 30.93
C SER AA 357 -4.67 27.23 30.34
N ALA AA 358 -4.98 28.31 31.06
CA ALA AA 358 -4.53 29.63 30.62
C ALA AA 358 -3.03 29.64 30.42
N ALA AA 359 -2.30 29.02 31.33
CA ALA AA 359 -0.85 29.01 31.24
C ALA AA 359 -0.39 28.30 29.98
N LYS AA 360 -0.93 27.12 29.69
CA LYS AA 360 -0.49 26.38 28.51
C LYS AA 360 -0.82 27.13 27.22
N THR AA 361 -2.05 27.65 27.10
CA THR AA 361 -2.43 28.34 25.87
C THR AA 361 -1.62 29.61 25.66
N LEU AA 362 -1.55 30.48 26.69
CA LEU AA 362 -0.79 31.71 26.53
C LEU AA 362 0.70 31.44 26.36
N SER AA 363 1.23 30.40 27.01
CA SER AA 363 2.63 30.06 26.82
C SER AA 363 2.92 29.62 25.40
N ASP AA 364 2.04 28.78 24.83
CA ASP AA 364 2.22 28.37 23.44
C ASP AA 364 2.14 29.56 22.50
N TYR AA 365 1.16 30.44 22.73
CA TYR AA 365 1.03 31.62 21.88
C TYR AA 365 2.25 32.53 22.00
N TYR AA 366 2.74 32.73 23.22
CA TYR AA 366 3.90 33.59 23.43
C TYR AA 366 5.15 33.00 22.80
N ILE AA 367 5.33 31.68 22.88
CA ILE AA 367 6.46 31.05 22.22
C ILE AA 367 6.38 31.24 20.71
N LYS AA 368 5.19 31.00 20.14
CA LYS AA 368 5.04 31.14 18.69
C LYS AA 368 5.27 32.59 18.26
N ARG AA 369 4.87 33.55 19.09
CA ARG AA 369 5.03 34.95 18.74
C ARG AA 369 6.47 35.41 18.91
N ALA AA 370 7.15 34.94 19.96
CA ALA AA 370 8.53 35.33 20.20
C ALA AA 370 9.51 34.65 19.27
N GLU AA 371 9.11 33.51 18.69
CA GLU AA 371 9.98 32.83 17.73
C GLU AA 371 10.27 33.68 16.51
N GLN AA 372 9.44 34.71 16.25
CA GLN AA 372 9.64 35.53 15.06
C GLN AA 372 10.95 36.29 15.11
N TYR AA 373 11.37 36.71 16.31
CA TYR AA 373 12.53 37.57 16.42
C TYR AA 373 13.81 36.82 16.09
N HIS AA 374 14.82 37.55 15.61
CA HIS AA 374 16.12 37.00 15.27
C HIS AA 374 17.20 38.01 15.64
N PRO AA 375 18.44 37.56 15.85
CA PRO AA 375 19.52 38.48 16.24
C PRO AA 375 19.72 39.57 15.19
N VAL AA 376 20.08 40.77 15.67
CA VAL AA 376 20.31 41.92 14.82
C VAL AA 376 21.64 42.56 15.22
N ILE AA 377 22.45 42.92 14.22
CA ILE AA 377 23.77 43.50 14.43
C ILE AA 377 23.69 44.98 14.07
N PRO AA 378 23.73 45.90 15.05
CA PRO AA 378 23.71 47.33 14.71
C PRO AA 378 25.09 47.87 14.34
N ILE AA 379 25.28 48.20 13.07
CA ILE AA 379 26.54 48.72 12.55
C ILE AA 379 26.25 49.96 11.71
N GLY AA 380 27.05 51.02 11.88
CA GLY AA 380 26.87 52.19 11.00
C GLY AA 380 27.54 53.46 11.49
N ALA AA 381 26.77 54.54 11.64
CA ALA AA 381 27.31 55.85 12.09
C ALA AA 381 28.54 56.24 11.24
N GLY AA 382 29.68 56.51 11.90
CA GLY AA 382 30.89 56.94 11.16
C GLY AA 382 32.13 56.19 11.64
N ASN AA 383 32.04 54.86 11.76
CA ASN AA 383 33.19 54.07 12.16
C ASN AA 383 34.22 53.98 11.03
N GLU AA 384 35.43 53.55 11.39
CA GLU AA 384 36.53 53.41 10.45
C GLU AA 384 36.66 51.95 10.04
N VAL AA 385 36.70 51.70 8.74
CA VAL AA 385 36.82 50.36 8.18
C VAL AA 385 37.81 50.40 7.02
N THR AA 386 38.16 49.22 6.51
CA THR AA 386 39.09 49.09 5.40
C THR AA 386 38.47 48.18 4.35
N LEU AA 387 38.58 48.59 3.08
CA LEU AA 387 38.02 47.83 1.98
C LEU AA 387 39.13 47.13 1.21
N VAL AA 388 38.86 45.91 0.78
CA VAL AA 388 39.81 45.09 0.03
C VAL AA 388 39.14 44.62 -1.25
N PHE AA 389 39.83 44.80 -2.38
CA PHE AA 389 39.36 44.30 -3.67
C PHE AA 389 39.83 42.86 -3.80
N GLN AA 390 38.93 41.91 -3.57
CA GLN AA 390 39.28 40.50 -3.59
C GLN AA 390 39.72 40.02 -4.96
N ASP AA 391 39.16 40.58 -6.04
CA ASP AA 391 39.48 40.17 -7.40
C ASP AA 391 39.92 41.38 -8.20
N GLY AA 392 40.96 41.19 -9.02
CA GLY AA 392 41.49 42.28 -9.81
C GLY AA 392 40.56 42.65 -10.96
N PHE AA 393 40.69 43.89 -11.40
CA PHE AA 393 39.87 44.42 -12.48
C PHE AA 393 40.55 45.64 -13.09
N GLN AA 394 39.89 46.23 -14.09
CA GLN AA 394 40.41 47.39 -14.80
C GLN AA 394 39.38 48.51 -14.73
N LEU AA 395 39.79 49.66 -14.20
CA LEU AA 395 38.93 50.84 -14.21
C LEU AA 395 38.76 51.35 -15.64
N GLU AA 396 37.54 51.69 -16.01
CA GLU AA 396 37.24 52.14 -17.35
C GLU AA 396 35.97 53.00 -17.32
N THR AA 397 35.99 54.07 -18.10
CA THR AA 397 34.96 55.09 -18.06
C THR AA 397 33.67 54.59 -18.70
N LEU AA 398 32.56 55.26 -18.37
CA LEU AA 398 31.24 54.85 -18.92
C LEU AA 398 31.21 55.08 -20.43
N GLU AA 399 31.77 56.21 -20.88
CA GLU AA 399 31.86 56.48 -22.34
C GLU AA 399 32.73 55.39 -22.97
N GLU AA 400 33.86 55.06 -22.34
CA GLU AA 400 34.74 53.98 -22.87
C GLU AA 400 33.93 52.69 -22.95
N ALA AA 401 33.17 52.38 -21.89
CA ALA AA 401 32.37 51.14 -21.86
C ALA AA 401 31.40 51.11 -23.04
N ARG AA 402 30.67 52.20 -23.27
CA ARG AA 402 29.64 52.21 -24.35
C ARG AA 402 30.35 52.10 -25.70
N ALA AA 403 31.50 52.74 -25.86
CA ALA AA 403 32.27 52.64 -27.13
C ALA AA 403 32.65 51.17 -27.37
N LYS AA 404 33.14 50.49 -26.33
CA LYS AA 404 33.51 49.06 -26.46
C LYS AA 404 32.26 48.26 -26.82
N ALA AA 405 31.18 48.42 -26.04
CA ALA AA 405 29.98 47.64 -26.29
C ALA AA 405 29.53 47.76 -27.74
N ALA AA 406 29.56 48.98 -28.29
CA ALA AA 406 29.21 49.17 -29.70
C ALA AA 406 30.20 48.46 -30.61
N ALA AA 407 31.49 48.51 -30.28
CA ALA AA 407 32.49 47.83 -31.09
C ALA AA 407 32.24 46.32 -31.11
N ARG AA 408 31.93 45.74 -29.95
CA ARG AA 408 31.62 44.32 -29.90
C ARG AA 408 30.35 44.01 -30.69
N LYS AA 409 29.32 44.85 -30.53
CA LYS AA 409 28.07 44.63 -31.23
C LYS AA 409 28.23 44.76 -32.75
N LYS AA 410 29.26 45.48 -33.20
CA LYS AA 410 29.51 45.60 -34.62
C LYS AA 410 29.82 44.28 -35.29
N GLN AA 411 30.33 43.30 -34.53
CA GLN AA 411 30.78 42.01 -35.07
C GLN AA 411 31.79 42.23 -36.21
N ASN AA 412 32.86 42.94 -35.86
CA ASN AA 412 33.91 43.30 -36.81
C ASN AA 412 34.75 42.06 -37.11
N GLN AA 413 34.19 41.16 -37.92
CA GLN AA 413 34.86 39.93 -38.30
C GLN AA 413 35.83 40.18 -39.45
N LYS BA 194 26.19 67.12 -25.31
CA LYS BA 194 26.02 66.68 -23.92
C LYS BA 194 24.59 66.88 -23.47
N PRO BA 195 24.13 66.04 -22.53
CA PRO BA 195 22.74 66.15 -22.06
C PRO BA 195 22.57 67.08 -20.87
N ARG BA 196 21.37 67.64 -20.78
CA ARG BA 196 21.06 68.55 -19.69
C ARG BA 196 20.95 67.82 -18.36
N PHE BA 197 20.75 66.50 -18.40
CA PHE BA 197 20.66 65.73 -17.16
C PHE BA 197 21.95 64.95 -16.93
N PRO BA 198 22.73 65.31 -15.92
CA PRO BA 198 23.96 64.55 -15.63
C PRO BA 198 23.64 63.13 -15.20
N TRP BA 199 24.55 62.21 -15.51
CA TRP BA 199 24.37 60.81 -15.16
C TRP BA 199 24.34 60.66 -13.64
N ILE BA 200 23.39 59.87 -13.16
CA ILE BA 200 23.28 59.58 -11.73
C ILE BA 200 24.05 58.29 -11.46
N SER BA 201 25.03 58.36 -10.57
CA SER BA 201 25.85 57.21 -10.24
C SER BA 201 25.29 56.50 -9.01
N SER BA 202 25.63 55.22 -8.89
CA SER BA 202 25.18 54.43 -7.76
C SER BA 202 25.75 54.98 -6.45
N GLY BA 203 24.95 54.87 -5.39
CA GLY BA 203 25.35 55.34 -4.09
C GLY BA 203 25.10 56.81 -3.83
N SER BA 204 24.59 57.55 -4.82
CA SER BA 204 24.24 58.94 -4.59
C SER BA 204 23.06 59.03 -3.63
N PHE BA 205 23.13 59.98 -2.71
CA PHE BA 205 22.13 60.10 -1.66
C PHE BA 205 21.61 61.53 -1.61
N VAL BA 206 20.40 61.67 -1.08
CA VAL BA 206 19.76 62.98 -0.90
C VAL BA 206 18.75 62.88 0.24
N GLU BA 207 18.69 63.92 1.05
CA GLU BA 207 17.78 63.94 2.18
C GLU BA 207 16.41 64.47 1.75
N ALA BA 208 15.38 64.08 2.49
CA ALA BA 208 14.01 64.40 2.12
C ALA BA 208 13.11 64.38 3.34
N ILE BA 209 11.85 64.75 3.12
CA ILE BA 209 10.82 64.76 4.15
C ILE BA 209 9.70 63.82 3.70
N VAL BA 210 9.29 62.93 4.59
CA VAL BA 210 8.18 62.02 4.30
C VAL BA 210 6.89 62.83 4.29
N VAL BA 211 6.10 62.69 3.21
CA VAL BA 211 4.85 63.43 3.12
C VAL BA 211 3.74 62.71 3.87
N GLU BA 212 3.40 61.50 3.44
CA GLU BA 212 2.40 60.68 4.11
C GLU BA 212 3.03 59.33 4.44
N GLY BA 213 2.67 58.79 5.60
CA GLY BA 213 3.26 57.55 6.06
C GLY BA 213 2.31 56.38 5.94
N ALA BA 214 2.85 55.18 6.11
CA ALA BA 214 2.08 53.95 6.06
C ALA BA 214 2.42 53.09 7.26
N ASP BA 215 1.52 52.17 7.58
CA ASP BA 215 1.74 51.21 8.66
C ASP BA 215 2.31 49.95 8.07
N ALA BA 216 3.53 49.60 8.49
CA ALA BA 216 4.24 48.46 7.93
C ALA BA 216 3.67 47.16 8.48
N ASN BA 217 3.38 46.21 7.60
CA ASN BA 217 2.93 44.89 8.02
C ASN BA 217 4.14 44.07 8.44
N ALA BA 218 4.57 44.25 9.69
CA ALA BA 218 5.78 43.61 10.20
C ALA BA 218 5.46 42.18 10.62
N SER BA 219 5.21 41.34 9.62
CA SER BA 219 4.95 39.92 9.86
C SER BA 219 5.97 39.08 9.12
N VAL BA 220 5.80 37.75 9.15
CA VAL BA 220 6.71 36.87 8.43
C VAL BA 220 6.54 37.00 6.92
N THR BA 221 5.38 37.50 6.47
CA THR BA 221 5.11 37.70 5.05
C THR BA 221 5.03 39.19 4.72
N GLY BA 222 5.89 39.99 5.35
CA GLY BA 222 5.83 41.43 5.15
C GLY BA 222 6.13 41.85 3.72
N ASP BA 223 7.15 41.23 3.11
CA ASP BA 223 7.65 41.69 1.82
C ASP BA 223 6.66 41.49 0.67
N LYS BA 224 5.58 40.74 0.89
CA LYS BA 224 4.58 40.52 -0.15
C LYS BA 224 3.40 41.48 -0.05
N ASN BA 225 2.72 41.48 1.10
CA ASN BA 225 1.57 42.36 1.33
C ASN BA 225 2.04 43.66 2.00
N THR BA 226 2.52 44.59 1.17
CA THR BA 226 3.13 45.83 1.63
C THR BA 226 2.16 46.99 1.47
N ALA BA 227 2.53 48.12 2.08
CA ALA BA 227 1.73 49.33 2.06
C ALA BA 227 2.55 50.47 1.47
N PRO BA 228 2.06 51.13 0.43
CA PRO BA 228 2.85 52.20 -0.20
C PRO BA 228 2.91 53.46 0.65
N MET BA 229 3.96 54.24 0.42
CA MET BA 229 4.11 55.55 1.04
C MET BA 229 4.84 56.46 0.06
N GLN BA 230 4.77 57.77 0.33
CA GLN BA 230 5.28 58.79 -0.59
C GLN BA 230 5.94 59.91 0.20
N LEU BA 231 7.03 60.44 -0.35
CA LEU BA 231 7.82 61.49 0.28
C LEU BA 231 8.26 62.51 -0.76
N ARG BA 232 8.57 63.72 -0.28
CA ARG BA 232 8.99 64.82 -1.14
C ARG BA 232 10.44 65.20 -0.86
N LEU BA 233 11.14 65.62 -1.91
CA LEU BA 233 12.52 66.06 -1.78
C LEU BA 233 12.60 67.47 -1.22
N THR BA 234 13.64 67.72 -0.43
CA THR BA 234 13.86 69.04 0.15
C THR BA 234 15.32 69.47 0.14
N GLY BA 235 16.18 68.75 -0.57
CA GLY BA 235 17.59 69.09 -0.62
C GLY BA 235 18.23 68.98 -1.99
N LYS BA 236 19.54 68.88 -2.06
CA LYS BA 236 20.24 68.73 -3.34
C LYS BA 236 20.95 67.40 -3.36
N VAL BA 237 20.81 66.66 -4.44
CA VAL BA 237 21.40 65.32 -4.47
C VAL BA 237 22.89 65.43 -4.35
N GLN BA 238 23.48 64.55 -3.56
CA GLN BA 238 24.91 64.59 -3.38
C GLN BA 238 25.51 63.52 -4.25
N MET BA 239 26.25 63.93 -5.26
CA MET BA 239 26.93 62.97 -6.12
C MET BA 239 28.19 62.55 -5.39
N PRO BA 240 28.82 61.46 -5.83
CA PRO BA 240 29.95 60.99 -5.04
C PRO BA 240 31.14 61.90 -4.87
N ASN BA 241 31.67 62.50 -5.92
CA ASN BA 241 32.84 63.32 -5.70
C ASN BA 241 32.49 64.75 -5.44
N ASP BA 242 31.76 65.01 -4.37
CA ASP BA 242 31.40 66.37 -4.01
C ASP BA 242 30.74 67.12 -5.14
N GLU BA 243 29.82 66.47 -5.83
CA GLU BA 243 29.14 67.11 -6.93
C GLU BA 243 27.66 67.16 -6.61
N GLU BA 244 26.97 68.16 -7.12
CA GLU BA 244 25.57 68.30 -6.81
C GLU BA 244 24.70 68.61 -8.02
N PHE BA 245 23.46 68.14 -8.01
CA PHE BA 245 22.53 68.47 -9.09
C PHE BA 245 21.31 68.87 -8.35
N ASP BA 246 20.44 69.67 -8.96
CA ASP BA 246 19.31 70.16 -8.20
C ASP BA 246 17.97 69.54 -8.52
N LEU BA 247 17.44 68.74 -7.60
CA LEU BA 247 16.12 68.21 -7.77
C LEU BA 247 15.51 68.60 -6.45
N THR BA 248 14.44 69.36 -6.46
CA THR BA 248 13.78 69.68 -5.22
C THR BA 248 12.30 69.66 -5.50
N GLY BA 249 11.50 69.46 -4.47
CA GLY BA 249 10.07 69.35 -4.65
C GLY BA 249 9.60 68.16 -5.46
N CYS BA 250 10.52 67.35 -5.98
CA CYS BA 250 10.13 66.16 -6.72
C CYS BA 250 9.56 65.12 -5.78
N PHE BA 251 8.61 64.32 -6.26
CA PHE BA 251 7.98 63.27 -5.47
C PHE BA 251 8.61 61.92 -5.77
N VAL BA 252 8.65 61.05 -4.77
CA VAL BA 252 9.08 59.67 -4.91
C VAL BA 252 8.00 58.77 -4.34
N THR BA 253 7.58 57.78 -5.13
CA THR BA 253 6.65 56.77 -4.65
C THR BA 253 7.42 55.59 -4.11
N LEU BA 254 7.02 55.11 -2.94
CA LEU BA 254 7.70 54.02 -2.26
C LEU BA 254 6.74 52.86 -2.04
N GLU BA 255 7.30 51.76 -1.54
CA GLU BA 255 6.56 50.53 -1.29
C GLU BA 255 7.33 49.75 -0.23
N ALA BA 256 6.81 49.74 1.00
CA ALA BA 256 7.60 49.35 2.14
C ALA BA 256 6.88 48.30 2.98
N TRP BA 257 7.67 47.52 3.72
CA TRP BA 257 7.17 46.55 4.67
C TRP BA 257 7.87 46.76 6.01
N GLY BA 258 7.67 45.83 6.96
CA GLY BA 258 8.20 45.97 8.29
C GLY BA 258 9.22 44.89 8.65
N ASP BA 259 9.98 45.16 9.71
CA ASP BA 259 10.95 44.21 10.23
C ASP BA 259 10.92 44.35 11.75
N VAL BA 260 10.30 43.39 12.43
CA VAL BA 260 10.05 43.53 13.85
C VAL BA 260 11.34 43.41 14.66
N SER BA 261 12.31 42.62 14.20
CA SER BA 261 13.52 42.39 14.98
C SER BA 261 14.28 43.69 15.22
N SER BA 262 14.44 44.50 14.18
CA SER BA 262 15.08 45.80 14.30
C SER BA 262 14.09 46.94 14.46
N GLU BA 263 12.78 46.63 14.51
CA GLU BA 263 11.70 47.61 14.54
C GLU BA 263 11.98 48.80 13.61
N ARG BA 264 12.48 48.50 12.42
CA ARG BA 264 12.66 49.50 11.37
C ARG BA 264 11.88 49.05 10.14
N ALA BA 265 11.31 50.03 9.44
CA ALA BA 265 10.48 49.78 8.27
C ALA BA 265 11.36 49.82 7.03
N ILE BA 266 11.62 48.67 6.43
CA ILE BA 266 12.43 48.56 5.23
C ILE BA 266 11.59 49.06 4.06
N VAL BA 267 12.15 49.95 3.26
CA VAL BA 267 11.45 50.54 2.13
C VAL BA 267 12.06 50.03 0.84
N ARG BA 268 11.38 50.33 -0.26
CA ARG BA 268 11.88 50.03 -1.60
C ARG BA 268 11.29 51.05 -2.58
N SER BA 269 12.15 51.89 -3.12
CA SER BA 269 11.70 52.96 -4.00
C SER BA 269 11.06 52.38 -5.26
N ARG BA 270 9.96 52.99 -5.69
CA ARG BA 270 9.21 52.52 -6.84
C ARG BA 270 9.44 53.38 -8.08
N SER BA 271 9.23 54.69 -7.96
CA SER BA 271 9.36 55.57 -9.11
C SER BA 271 9.80 56.96 -8.66
N ILE BA 272 10.42 57.68 -9.57
CA ILE BA 272 10.82 59.07 -9.36
C ILE BA 272 9.91 59.95 -10.21
N SER BA 273 9.41 61.03 -9.61
CA SER BA 273 8.51 61.95 -10.29
C SER BA 273 8.94 63.38 -10.01
N CYS BA 274 9.03 64.18 -11.07
CA CYS BA 274 9.41 65.59 -10.95
C CYS BA 274 8.99 66.31 -12.22
N LYS BA 275 8.60 67.58 -12.07
CA LYS BA 275 8.06 68.38 -13.17
C LYS BA 275 8.82 69.70 -13.21
N LEU BA 276 9.97 69.71 -13.89
CA LEU BA 276 10.81 70.89 -13.99
C LEU BA 276 10.34 71.76 -15.14
N GLY BA 277 10.02 73.02 -14.83
CA GLY BA 277 9.62 73.96 -15.85
C GLY BA 277 8.42 73.51 -16.67
N ASP BA 278 8.67 73.18 -17.93
CA ASP BA 278 7.64 72.68 -18.83
C ASP BA 278 7.78 71.20 -19.15
N ASP BA 279 8.89 70.57 -18.76
CA ASP BA 279 9.16 69.19 -19.09
C ASP BA 279 8.89 68.29 -17.89
N ASP BA 280 8.63 67.02 -18.15
CA ASP BA 280 8.15 66.09 -17.14
C ASP BA 280 9.11 64.93 -16.96
N ILE BA 281 9.32 64.52 -15.72
CA ILE BA 281 10.18 63.39 -15.38
C ILE BA 281 9.36 62.33 -14.67
N ASP BA 282 9.43 61.09 -15.15
CA ASP BA 282 8.77 59.96 -14.52
C ASP BA 282 9.52 58.70 -14.94
N GLN BA 283 10.24 58.11 -13.99
CA GLN BA 283 11.11 56.97 -14.27
C GLN BA 283 11.00 55.94 -13.16
N LYS BA 284 11.41 54.71 -13.46
CA LYS BA 284 11.51 53.65 -12.48
C LYS BA 284 12.95 53.59 -11.96
N ILE BA 285 13.09 53.67 -10.64
CA ILE BA 285 14.41 53.66 -10.00
C ILE BA 285 14.42 52.64 -8.87
N ALA BA 286 15.62 52.33 -8.39
CA ALA BA 286 15.82 51.41 -7.28
C ALA BA 286 16.61 52.13 -6.20
N GLY BA 287 16.16 52.02 -4.95
CA GLY BA 287 16.82 52.69 -3.85
C GLY BA 287 16.14 52.37 -2.55
N HIS BA 288 16.70 52.92 -1.48
CA HIS BA 288 16.18 52.75 -0.13
C HIS BA 288 16.27 54.07 0.63
N VAL BA 289 15.83 54.05 1.88
CA VAL BA 289 15.77 55.24 2.72
C VAL BA 289 16.46 54.93 4.04
N SER BA 290 17.34 55.84 4.47
CA SER BA 290 18.05 55.72 5.72
C SER BA 290 17.64 56.84 6.67
N PHE BA 291 17.36 56.48 7.92
CA PHE BA 291 16.93 57.43 8.94
C PHE BA 291 17.96 57.47 10.06
N MET BA 292 18.37 58.67 10.44
CA MET BA 292 19.33 58.88 11.53
C MET BA 292 20.61 58.09 11.26
N GLY BA 293 21.08 58.13 10.02
CA GLY BA 293 22.32 57.49 9.66
C GLY BA 293 22.28 55.97 9.60
N LYS BA 294 21.10 55.36 9.65
CA LYS BA 294 20.99 53.91 9.66
C LYS BA 294 19.88 53.48 8.71
N ASN BA 295 20.02 52.25 8.19
CA ASN BA 295 19.09 51.75 7.19
C ASN BA 295 17.69 51.64 7.77
N GLY BA 296 16.69 51.88 6.93
CA GLY BA 296 15.30 51.84 7.36
C GLY BA 296 14.93 53.09 8.14
N ILE BA 297 13.70 53.07 8.67
CA ILE BA 297 13.18 54.16 9.48
C ILE BA 297 12.84 53.61 10.85
N LYS BA 298 13.41 54.21 11.89
CA LYS BA 298 13.19 53.74 13.25
C LYS BA 298 11.76 54.02 13.68
N GLY BA 299 11.17 53.08 14.43
CA GLY BA 299 9.83 53.23 14.95
C GLY BA 299 9.57 52.17 16.00
N GLU BA 300 8.41 52.27 16.62
CA GLU BA 300 8.03 51.32 17.65
C GLU BA 300 6.98 50.34 17.11
N VAL BA 301 6.68 49.33 17.91
CA VAL BA 301 5.75 48.27 17.54
C VAL BA 301 4.48 48.45 18.35
N VAL BA 302 3.32 48.21 17.73
CA VAL BA 302 2.04 48.30 18.40
C VAL BA 302 1.27 47.01 18.14
N MET BA 303 0.60 46.51 19.18
CA MET BA 303 -0.20 45.30 19.10
C MET BA 303 -1.55 45.54 19.77
N ARG BA 304 -2.58 44.83 19.32
CA ARG BA 304 -3.94 45.03 19.82
C ARG BA 304 -4.46 43.81 20.58
N ASN BA 305 -3.57 42.94 21.05
CA ASN BA 305 -3.96 41.69 21.69
C ASN BA 305 -4.39 41.85 23.14
N GLY BA 306 -4.22 43.04 23.72
CA GLY BA 306 -4.41 43.24 25.14
C GLY BA 306 -5.69 42.68 25.73
N GLN BA 307 -6.84 43.23 25.31
CA GLN BA 307 -8.11 42.78 25.87
C GLN BA 307 -8.38 41.32 25.54
N ILE BA 308 -8.09 40.90 24.31
CA ILE BA 308 -8.39 39.53 23.91
C ILE BA 308 -7.55 38.55 24.71
N LEU BA 309 -6.25 38.84 24.87
CA LEU BA 309 -5.40 37.97 25.68
C LEU BA 309 -5.85 37.98 27.14
N LEU BA 310 -6.29 39.12 27.66
CA LEU BA 310 -6.80 39.16 29.03
C LEU BA 310 -8.01 38.26 29.18
N TYR BA 311 -8.93 38.30 28.22
CA TYR BA 311 -10.11 37.43 28.28
C TYR BA 311 -9.72 35.96 28.20
N ALA BA 312 -8.78 35.62 27.32
CA ALA BA 312 -8.34 34.23 27.21
C ALA BA 312 -7.70 33.76 28.51
N GLY BA 313 -6.86 34.61 29.11
CA GLY BA 313 -6.24 34.26 30.38
C GLY BA 313 -7.27 34.08 31.49
N GLY BA 314 -8.28 34.95 31.53
CA GLY BA 314 -9.33 34.80 32.52
C GLY BA 314 -10.11 33.50 32.34
N ALA BA 315 -10.43 33.16 31.09
CA ALA BA 315 -11.12 31.90 30.82
C ALA BA 315 -10.29 30.71 31.28
N GLY BA 316 -9.00 30.69 30.93
CA GLY BA 316 -8.16 29.59 31.35
C GLY BA 316 -7.96 29.55 32.86
N PHE BA 317 -7.97 30.72 33.51
CA PHE BA 317 -7.92 30.76 34.96
C PHE BA 317 -9.16 30.13 35.57
N LEU BA 318 -10.31 30.39 34.96
CA LEU BA 318 -11.53 29.70 35.37
C LEU BA 318 -11.39 28.19 35.18
N ASP BA 319 -10.74 27.78 34.08
CA ASP BA 319 -10.46 26.35 33.89
C ASP BA 319 -9.60 25.80 35.02
N GLY BA 320 -8.56 26.54 35.41
CA GLY BA 320 -7.66 26.08 36.45
C GLY BA 320 -8.36 25.93 37.79
N ILE BA 321 -9.14 26.94 38.18
CA ILE BA 321 -9.85 26.86 39.45
C ILE BA 321 -10.89 25.74 39.40
N GLY BA 322 -11.58 25.58 38.26
CA GLY BA 322 -12.55 24.50 38.15
C GLY BA 322 -11.91 23.13 38.28
N LYS BA 323 -10.77 22.92 37.61
CA LYS BA 323 -10.08 21.64 37.71
C LYS BA 323 -9.53 21.41 39.11
N GLY BA 324 -9.12 22.49 39.79
CA GLY BA 324 -8.72 22.36 41.18
C GLY BA 324 -9.86 21.90 42.07
N ILE BA 325 -11.04 22.50 41.89
CA ILE BA 325 -12.21 22.03 42.63
C ILE BA 325 -12.65 20.66 42.11
N GLU BA 326 -12.38 20.38 40.84
CA GLU BA 326 -12.78 19.08 40.26
C GLU BA 326 -11.90 17.95 40.78
N LYS BA 327 -10.94 18.26 41.64
CA LYS BA 327 -10.02 17.24 42.13
C LYS BA 327 -10.47 16.65 43.46
N ALA BA 328 -10.82 17.50 44.43
CA ALA BA 328 -11.11 17.03 45.78
C ALA BA 328 -12.30 16.08 45.80
N SER BA 329 -12.04 14.80 46.04
CA SER BA 329 -13.07 13.77 45.93
C SER BA 329 -12.81 12.71 46.99
N SER BA 330 -13.48 11.57 46.84
CA SER BA 330 -13.33 10.45 47.77
C SER BA 330 -12.09 9.63 47.42
N THR BA 331 -12.00 8.45 48.02
CA THR BA 331 -10.87 7.56 47.73
C THR BA 331 -11.07 6.83 46.41
N VAL BA 355 -15.57 25.35 36.69
CA VAL BA 355 -15.90 25.27 35.27
C VAL BA 355 -14.64 24.96 34.48
N SER BA 356 -14.77 24.06 33.51
CA SER BA 356 -13.69 23.73 32.58
C SER BA 356 -14.09 23.78 31.12
N SER BA 357 -15.32 23.37 30.78
CA SER BA 357 -15.71 23.27 29.37
C SER BA 357 -15.86 24.65 28.72
N ALA BA 358 -16.58 25.56 29.38
CA ALA BA 358 -16.65 26.93 28.88
C ALA BA 358 -15.26 27.50 28.71
N ALA BA 359 -14.39 27.24 29.67
CA ALA BA 359 -13.05 27.77 29.61
C ALA BA 359 -12.29 27.24 28.40
N LYS BA 360 -12.34 25.93 28.16
CA LYS BA 360 -11.60 25.38 27.04
C LYS BA 360 -12.13 25.88 25.71
N THR BA 361 -13.46 25.89 25.53
CA THR BA 361 -14.02 26.33 24.25
C THR BA 361 -13.75 27.81 24.00
N LEU BA 362 -14.05 28.67 24.97
CA LEU BA 362 -13.81 30.11 24.77
C LEU BA 362 -12.32 30.41 24.65
N SER BA 363 -11.47 29.68 25.36
CA SER BA 363 -10.03 29.89 25.23
C SER BA 363 -9.55 29.53 23.83
N ASP BA 364 -10.02 28.40 23.29
CA ASP BA 364 -9.63 28.02 21.93
C ASP BA 364 -10.12 29.06 20.93
N TYR BA 365 -11.37 29.51 21.08
CA TYR BA 365 -11.89 30.51 20.17
C TYR BA 365 -11.11 31.82 20.27
N TYR BA 366 -10.79 32.24 21.49
CA TYR BA 366 -10.05 33.49 21.68
C TYR BA 366 -8.64 33.39 21.11
N ILE BA 367 -7.99 32.24 21.26
CA ILE BA 367 -6.66 32.06 20.67
C ILE BA 367 -6.75 32.14 19.14
N LYS BA 368 -7.73 31.45 18.56
CA LYS BA 368 -7.88 31.46 17.11
C LYS BA 368 -8.18 32.87 16.60
N ARG BA 369 -8.95 33.63 17.37
CA ARG BA 369 -9.33 34.98 16.95
C ARG BA 369 -8.18 35.96 17.12
N ALA BA 370 -7.41 35.82 18.21
CA ALA BA 370 -6.29 36.73 18.47
C ALA BA 370 -5.09 36.42 17.59
N GLU BA 371 -4.99 35.20 17.06
CA GLU BA 371 -3.89 34.86 16.17
C GLU BA 371 -3.90 35.71 14.91
N GLN BA 372 -5.03 36.32 14.58
CA GLN BA 372 -5.13 37.11 13.35
C GLN BA 372 -4.19 38.31 13.39
N TYR BA 373 -4.02 38.92 14.57
CA TYR BA 373 -3.26 40.16 14.67
C TYR BA 373 -1.78 39.93 14.41
N HIS BA 374 -1.12 40.97 13.91
CA HIS BA 374 0.31 40.95 13.62
C HIS BA 374 0.92 42.30 13.98
N PRO BA 375 2.22 42.36 14.24
CA PRO BA 375 2.84 43.64 14.59
C PRO BA 375 2.67 44.68 13.49
N VAL BA 376 2.54 45.94 13.91
CA VAL BA 376 2.34 47.06 13.01
C VAL BA 376 3.32 48.17 13.40
N ILE BA 377 3.97 48.76 12.41
CA ILE BA 377 4.96 49.82 12.62
C ILE BA 377 4.35 51.15 12.17
N PRO BA 378 3.99 52.04 13.10
CA PRO BA 378 3.45 53.34 12.69
C PRO BA 378 4.53 54.35 12.32
N ILE BA 379 4.64 54.67 11.03
CA ILE BA 379 5.63 55.61 10.53
C ILE BA 379 4.94 56.62 9.61
N GLY BA 380 5.27 57.91 9.75
CA GLY BA 380 4.69 58.88 8.78
C GLY BA 380 4.82 60.32 9.23
N ALA BA 381 3.70 61.05 9.31
CA ALA BA 381 3.68 62.48 9.69
C ALA BA 381 4.70 63.26 8.86
N GLY BA 382 5.63 63.99 9.51
CA GLY BA 382 6.61 64.80 8.80
C GLY BA 382 8.01 64.61 9.34
N ASN BA 383 8.44 63.35 9.53
CA ASN BA 383 9.79 63.07 10.00
C ASN BA 383 10.81 63.33 8.90
N GLU BA 384 12.08 63.41 9.31
CA GLU BA 384 13.19 63.64 8.40
C GLU BA 384 13.89 62.32 8.08
N VAL BA 385 14.07 62.07 6.79
CA VAL BA 385 14.70 60.85 6.30
C VAL BA 385 15.66 61.21 5.17
N THR BA 386 16.44 60.23 4.74
CA THR BA 386 17.40 60.42 3.65
C THR BA 386 17.22 59.30 2.64
N LEU BA 387 17.22 59.66 1.36
CA LEU BA 387 17.04 58.71 0.28
C LEU BA 387 18.36 58.45 -0.42
N VAL BA 388 18.59 57.19 -0.80
CA VAL BA 388 19.80 56.78 -1.47
C VAL BA 388 19.42 56.03 -2.74
N PHE BA 389 20.03 56.42 -3.86
CA PHE BA 389 19.84 55.71 -5.14
C PHE BA 389 20.84 54.56 -5.18
N GLN BA 390 20.35 53.35 -4.91
CA GLN BA 390 21.20 52.17 -4.85
C GLN BA 390 21.85 51.85 -6.19
N ASP BA 391 21.16 52.10 -7.30
CA ASP BA 391 21.67 51.80 -8.62
C ASP BA 391 21.66 53.04 -9.48
N GLY BA 392 22.73 53.23 -10.26
CA GLY BA 392 22.83 54.40 -11.10
C GLY BA 392 21.88 54.35 -12.29
N PHE BA 393 21.55 55.53 -12.80
CA PHE BA 393 20.64 55.66 -13.93
C PHE BA 393 20.84 57.01 -14.58
N GLN BA 394 20.05 57.26 -15.63
CA GLN BA 394 20.12 58.51 -16.38
C GLN BA 394 18.74 59.16 -16.39
N LEU BA 395 18.66 60.40 -15.92
CA LEU BA 395 17.42 61.16 -16.01
C LEU BA 395 17.14 61.52 -17.48
N GLU BA 396 15.89 61.35 -17.88
CA GLU BA 396 15.49 61.60 -19.26
C GLU BA 396 14.00 61.91 -19.31
N THR BA 397 13.64 62.88 -20.15
CA THR BA 397 12.30 63.43 -20.19
C THR BA 397 11.33 62.45 -20.83
N LEU BA 398 10.03 62.67 -20.57
CA LEU BA 398 8.98 61.76 -21.11
C LEU BA 398 8.94 61.90 -22.63
N GLU BA 399 9.05 63.13 -23.13
CA GLU BA 399 9.09 63.35 -24.60
C GLU BA 399 10.33 62.65 -25.15
N GLU BA 400 11.48 62.81 -24.49
CA GLU BA 400 12.73 62.13 -24.93
C GLU BA 400 12.46 60.61 -24.96
N ALA BA 401 11.84 60.08 -23.90
CA ALA BA 401 11.57 58.63 -23.82
C ALA BA 401 10.73 58.20 -25.02
N ARG BA 402 9.64 58.92 -25.32
CA ARG BA 402 8.74 58.49 -26.42
C ARG BA 402 9.49 58.59 -27.76
N ALA BA 403 10.33 59.62 -27.92
CA ALA BA 403 11.13 59.76 -29.16
C ALA BA 403 12.04 58.54 -29.32
N LYS BA 404 12.71 58.15 -28.23
CA LYS BA 404 13.59 56.95 -28.28
C LYS BA 404 12.75 55.73 -28.62
N ALA BA 405 11.67 55.50 -27.88
CA ALA BA 405 10.85 54.31 -28.11
C ALA BA 405 10.46 54.19 -29.57
N ALA BA 406 10.05 55.30 -30.19
CA ALA BA 406 9.72 55.29 -31.61
C ALA BA 406 10.93 54.97 -32.46
N ALA BA 407 12.09 55.52 -32.11
CA ALA BA 407 13.31 55.24 -32.86
C ALA BA 407 13.65 53.75 -32.80
N ARG BA 408 13.54 53.14 -31.61
CA ARG BA 408 13.79 51.71 -31.50
C ARG BA 408 12.76 50.91 -32.29
N LYS BA 409 11.48 51.31 -32.21
CA LYS BA 409 10.43 50.60 -32.93
C LYS BA 409 10.61 50.72 -34.44
N LYS BA 410 11.31 51.75 -34.90
CA LYS BA 410 11.54 51.91 -36.34
C LYS BA 410 12.37 50.77 -36.92
N GLN BA 411 13.17 50.08 -36.09
CA GLN BA 411 14.09 49.04 -36.55
C GLN BA 411 14.99 49.59 -37.68
N ASN BA 412 15.70 50.66 -37.35
CA ASN BA 412 16.58 51.35 -38.29
C ASN BA 412 17.84 50.52 -38.51
N GLN BA 413 17.68 49.44 -39.27
CA GLN BA 413 18.79 48.54 -39.57
C GLN BA 413 19.64 49.09 -40.71
N LYS CA 194 -0.06 70.90 -28.31
CA LYS CA 194 -0.11 70.50 -26.91
C LYS CA 194 -1.54 70.15 -26.51
N PRO CA 195 -1.68 69.26 -25.53
CA PRO CA 195 -3.01 68.84 -25.10
C PRO CA 195 -3.58 69.69 -23.97
N ARG CA 196 -4.92 69.74 -23.93
CA ARG CA 196 -5.59 70.52 -22.89
C ARG CA 196 -5.46 69.86 -21.53
N PHE CA 197 -5.15 68.56 -21.50
CA PHE CA 197 -4.98 67.87 -20.23
C PHE CA 197 -3.51 67.65 -19.94
N PRO CA 198 -2.96 68.31 -18.92
CA PRO CA 198 -1.55 68.08 -18.57
C PRO CA 198 -1.33 66.67 -18.07
N TRP CA 199 -0.13 66.16 -18.31
CA TRP CA 199 0.22 64.81 -17.88
C TRP CA 199 0.18 64.72 -16.36
N ILE CA 200 -0.42 63.65 -15.86
CA ILE CA 200 -0.46 63.40 -14.42
C ILE CA 200 0.72 62.51 -14.06
N SER CA 201 1.57 62.99 -13.16
CA SER CA 201 2.74 62.24 -12.74
C SER CA 201 2.45 61.43 -11.49
N SER CA 202 3.23 60.38 -11.30
CA SER CA 202 3.07 59.52 -10.14
C SER CA 202 3.33 60.30 -8.85
N GLY CA 203 2.60 59.94 -7.81
CA GLY CA 203 2.73 60.58 -6.52
C GLY CA 203 1.93 61.85 -6.34
N SER CA 204 1.23 62.31 -7.38
CA SER CA 204 0.37 63.47 -7.24
C SER CA 204 -0.79 63.15 -6.31
N PHE CA 205 -1.13 64.10 -5.43
CA PHE CA 205 -2.14 63.88 -4.43
C PHE CA 205 -3.17 65.00 -4.46
N VAL CA 206 -4.37 64.69 -3.97
CA VAL CA 206 -5.45 65.65 -3.87
C VAL CA 206 -6.39 65.23 -2.75
N GLU CA 207 -6.87 66.20 -1.99
CA GLU CA 207 -7.77 65.92 -0.89
C GLU CA 207 -9.22 65.88 -1.38
N ALA CA 208 -10.06 65.15 -0.63
CA ALA CA 208 -11.42 64.92 -1.07
C ALA CA 208 -12.30 64.60 0.14
N ILE CA 209 -13.60 64.47 -0.12
CA ILE CA 209 -14.61 64.12 0.88
C ILE CA 209 -15.27 62.83 0.46
N VAL CA 210 -15.34 61.87 1.39
CA VAL CA 210 -16.01 60.60 1.11
C VAL CA 210 -17.52 60.87 1.03
N VAL CA 211 -18.15 60.39 -0.05
CA VAL CA 211 -19.58 60.59 -0.21
C VAL CA 211 -20.36 59.54 0.55
N GLU CA 212 -20.20 58.28 0.18
CA GLU CA 212 -20.85 57.17 0.87
C GLU CA 212 -19.77 56.17 1.29
N GLY CA 213 -19.95 55.59 2.46
CA GLY CA 213 -18.95 54.68 3.01
C GLY CA 213 -19.39 53.23 2.93
N ALA CA 214 -18.44 52.34 3.18
CA ALA CA 214 -18.68 50.90 3.17
C ALA CA 214 -18.09 50.29 4.43
N ASP CA 215 -18.60 49.10 4.78
CA ASP CA 215 -18.09 48.36 5.92
C ASP CA 215 -17.04 47.37 5.40
N ALA CA 216 -15.80 47.53 5.87
CA ALA CA 216 -14.70 46.73 5.38
C ALA CA 216 -14.76 45.33 6.00
N ASN CA 217 -14.63 44.31 5.16
CA ASN CA 217 -14.57 42.93 5.64
C ASN CA 217 -13.16 42.65 6.13
N ALA CA 218 -12.87 43.03 7.37
CA ALA CA 218 -11.53 42.92 7.94
C ALA CA 218 -11.31 41.49 8.44
N SER CA 219 -11.18 40.57 7.48
CA SER CA 219 -10.90 39.18 7.79
C SER CA 219 -9.60 38.75 7.12
N VAL CA 220 -9.27 37.46 7.22
CA VAL CA 220 -8.06 36.96 6.56
C VAL CA 220 -8.21 36.96 5.05
N THR CA 221 -9.44 36.96 4.55
CA THR CA 221 -9.71 36.99 3.11
C THR CA 221 -10.33 38.32 2.70
N GLY CA 222 -9.86 39.41 3.30
CA GLY CA 222 -10.46 40.71 3.02
C GLY CA 222 -10.28 41.15 1.58
N ASP CA 223 -9.08 40.94 1.03
CA ASP CA 223 -8.74 41.50 -0.27
C ASP CA 223 -9.53 40.90 -1.42
N LYS CA 224 -10.26 39.80 -1.20
CA LYS CA 224 -11.05 39.18 -2.25
C LYS CA 224 -12.51 39.62 -2.22
N ASN CA 225 -13.19 39.41 -1.10
CA ASN CA 225 -14.59 39.81 -0.93
C ASN CA 225 -14.68 41.21 -0.32
N THR CA 226 -14.55 42.21 -1.19
CA THR CA 226 -14.47 43.60 -0.79
C THR CA 226 -15.80 44.31 -1.03
N ALA CA 227 -15.91 45.52 -0.47
CA ALA CA 227 -17.10 46.33 -0.58
C ALA CA 227 -16.76 47.68 -1.21
N PRO CA 228 -17.41 48.06 -2.30
CA PRO CA 228 -17.06 49.32 -2.97
C PRO CA 228 -17.51 50.54 -2.18
N MET CA 229 -16.83 51.66 -2.43
CA MET CA 229 -17.21 52.95 -1.88
C MET CA 229 -16.83 54.02 -2.89
N GLN CA 230 -17.40 55.22 -2.70
CA GLN CA 230 -17.28 56.32 -3.65
C GLN CA 230 -17.12 57.63 -2.91
N LEU CA 231 -16.28 58.51 -3.46
CA LEU CA 231 -15.99 59.81 -2.87
C LEU CA 231 -15.91 60.88 -3.94
N ARG CA 232 -16.10 62.13 -3.54
CA ARG CA 232 -16.10 63.28 -4.44
C ARG CA 232 -14.92 64.18 -4.16
N LEU CA 233 -14.38 64.80 -5.21
CA LEU CA 233 -13.28 65.73 -5.07
C LEU CA 233 -13.76 67.09 -4.58
N THR CA 234 -12.93 67.75 -3.79
CA THR CA 234 -13.24 69.08 -3.27
C THR CA 234 -12.05 70.02 -3.28
N GLY CA 235 -10.95 69.66 -3.92
CA GLY CA 235 -9.76 70.50 -3.96
C GLY CA 235 -9.09 70.60 -5.30
N LYS CA 236 -7.83 71.04 -5.33
CA LYS CA 236 -7.08 71.11 -6.58
C LYS CA 236 -5.93 70.16 -6.52
N VAL CA 237 -5.75 69.34 -7.56
CA VAL CA 237 -4.71 68.33 -7.49
C VAL CA 237 -3.37 68.98 -7.38
N GLN CA 238 -2.54 68.45 -6.50
CA GLN CA 238 -1.24 69.02 -6.31
C GLN CA 238 -0.22 68.24 -7.10
N MET CA 239 0.32 68.86 -8.14
CA MET CA 239 1.34 68.21 -8.93
C MET CA 239 2.63 68.32 -8.15
N PRO CA 240 3.63 67.51 -8.49
CA PRO CA 240 4.82 67.53 -7.65
C PRO CA 240 5.59 68.81 -7.50
N ASN CA 241 5.91 69.51 -8.57
CA ASN CA 241 6.69 70.71 -8.37
C ASN CA 241 5.83 71.93 -8.21
N ASP CA 242 5.05 71.98 -7.14
CA ASP CA 242 4.23 73.15 -6.86
C ASP CA 242 3.36 73.55 -8.02
N GLU CA 243 2.72 72.58 -8.65
CA GLU CA 243 1.86 72.87 -9.79
C GLU CA 243 0.48 72.34 -9.52
N GLU CA 244 -0.52 72.93 -10.16
CA GLU CA 244 -1.89 72.51 -9.90
C GLU CA 244 -2.74 72.42 -11.14
N PHE CA 245 -3.74 71.54 -11.13
CA PHE CA 245 -4.66 71.44 -12.26
C PHE CA 245 -5.99 71.43 -11.58
N ASP CA 246 -7.05 71.83 -12.26
CA ASP CA 246 -8.32 71.92 -11.56
C ASP CA 246 -9.29 70.81 -11.87
N LEU CA 247 -9.48 69.90 -10.93
CA LEU CA 247 -10.49 68.88 -11.08
C LEU CA 247 -11.25 69.05 -9.81
N THR CA 248 -12.53 69.30 -9.88
CA THR CA 248 -13.32 69.38 -8.68
C THR CA 248 -14.67 68.78 -8.99
N GLY CA 249 -15.39 68.37 -7.96
CA GLY CA 249 -16.66 67.72 -8.17
C GLY CA 249 -16.61 66.42 -8.92
N CYS CA 250 -15.44 65.99 -9.38
CA CYS CA 250 -15.32 64.71 -10.06
C CYS CA 250 -15.49 63.57 -9.07
N PHE CA 251 -16.05 62.45 -9.54
CA PHE CA 251 -16.27 61.28 -8.71
C PHE CA 251 -15.17 60.25 -8.92
N VAL CA 252 -14.85 59.51 -7.87
CA VAL CA 252 -13.91 58.39 -7.93
C VAL CA 252 -14.60 57.17 -7.33
N THR CA 253 -14.58 56.07 -8.08
CA THR CA 253 -15.09 54.80 -7.57
C THR CA 253 -13.94 54.01 -6.95
N LEU CA 254 -14.19 53.47 -5.76
CA LEU CA 254 -13.17 52.75 -5.01
C LEU CA 254 -13.63 51.33 -4.74
N GLU CA 255 -12.71 50.55 -4.18
CA GLU CA 255 -12.95 49.14 -3.88
C GLU CA 255 -11.98 48.75 -2.77
N ALA CA 256 -12.51 48.60 -1.55
CA ALA CA 256 -11.68 48.58 -0.36
C ALA CA 256 -11.98 47.37 0.51
N TRP CA 257 -10.99 46.98 1.31
CA TRP CA 257 -11.13 45.93 2.31
C TRP CA 257 -10.61 46.45 3.64
N GLY CA 258 -10.48 45.55 4.64
CA GLY CA 258 -10.10 45.94 5.97
C GLY CA 258 -8.77 45.34 6.40
N ASP CA 259 -8.21 45.93 7.45
CA ASP CA 259 -6.97 45.44 8.06
C ASP CA 259 -7.13 45.61 9.56
N VAL CA 260 -7.36 44.51 10.28
CA VAL CA 260 -7.70 44.60 11.69
C VAL CA 260 -6.50 45.02 12.54
N SER CA 261 -5.28 44.64 12.13
CA SER CA 261 -4.11 44.92 12.96
C SER CA 261 -3.91 46.42 13.14
N SER CA 262 -4.02 47.19 12.06
CA SER CA 262 -3.92 48.64 12.14
C SER CA 262 -5.27 49.32 12.21
N GLU CA 263 -6.36 48.54 12.24
CA GLU CA 263 -7.74 49.04 12.20
C GLU CA 263 -7.89 50.21 11.21
N ARG CA 264 -7.27 50.07 10.04
CA ARG CA 264 -7.43 51.01 8.95
C ARG CA 264 -7.94 50.26 7.72
N ALA CA 265 -8.80 50.91 6.97
CA ALA CA 265 -9.43 50.32 5.79
C ALA CA 265 -8.57 50.65 4.57
N ILE CA 266 -7.88 49.65 4.05
CA ILE CA 266 -7.04 49.81 2.87
C ILE CA 266 -7.96 49.90 1.65
N VAL CA 267 -7.74 50.91 0.82
CA VAL CA 267 -8.58 51.14 -0.36
C VAL CA 267 -7.76 50.84 -1.60
N ARG CA 268 -8.45 50.82 -2.73
CA ARG CA 268 -7.83 50.67 -4.04
C ARG CA 268 -8.71 51.34 -5.09
N SER CA 269 -8.21 52.44 -5.65
CA SER CA 269 -9.00 53.21 -6.60
C SER CA 269 -9.31 52.38 -7.84
N ARG CA 270 -10.55 52.52 -8.33
CA ARG CA 270 -11.03 51.75 -9.47
C ARG CA 270 -11.08 52.58 -10.74
N SER CA 271 -11.77 53.72 -10.70
CA SER CA 271 -11.94 54.53 -11.90
C SER CA 271 -12.08 56.00 -11.50
N ILE CA 272 -11.74 56.87 -12.45
CA ILE CA 272 -11.91 58.31 -12.30
C ILE CA 272 -13.04 58.74 -13.22
N SER CA 273 -13.94 59.57 -12.69
CA SER CA 273 -15.09 60.06 -13.44
C SER CA 273 -15.24 61.55 -13.23
N CYS CA 274 -15.42 62.29 -14.32
CA CYS CA 274 -15.60 63.73 -14.27
C CYS CA 274 -16.22 64.19 -15.59
N LYS CA 275 -17.05 65.22 -15.51
CA LYS CA 275 -17.81 65.72 -16.67
C LYS CA 275 -17.60 67.22 -16.76
N LEU CA 276 -16.52 67.64 -17.42
CA LEU CA 276 -16.18 69.04 -17.56
C LEU CA 276 -16.89 69.62 -18.76
N GLY CA 277 -17.67 70.68 -18.53
CA GLY CA 277 -18.36 71.36 -19.61
C GLY CA 277 -19.26 70.45 -20.42
N ASP CA 278 -18.86 70.18 -21.66
CA ASP CA 278 -19.59 69.30 -22.56
C ASP CA 278 -18.90 67.96 -22.79
N ASP CA 279 -17.65 67.82 -22.34
CA ASP CA 279 -16.85 66.63 -22.60
C ASP CA 279 -16.82 65.75 -21.36
N ASP CA 280 -16.56 64.47 -21.55
CA ASP CA 280 -16.70 63.46 -20.50
C ASP CA 280 -15.38 62.76 -20.24
N ILE CA 281 -15.08 62.51 -18.97
CA ILE CA 281 -13.88 61.81 -18.56
C ILE CA 281 -14.28 60.54 -17.80
N ASP CA 282 -13.71 59.41 -18.22
CA ASP CA 282 -13.93 58.13 -17.55
C ASP CA 282 -12.74 57.24 -17.88
N GLN CA 283 -11.88 57.01 -16.88
CA GLN CA 283 -10.64 56.27 -17.08
C GLN CA 283 -10.40 55.33 -15.92
N LYS CA 284 -9.54 54.33 -16.15
CA LYS CA 284 -9.09 53.43 -15.10
C LYS CA 284 -7.76 53.93 -14.55
N ILE CA 285 -7.71 54.12 -13.23
CA ILE CA 285 -6.51 54.64 -12.56
C ILE CA 285 -6.18 53.74 -11.38
N ALA CA 286 -4.96 53.94 -10.87
CA ALA CA 286 -4.48 53.21 -9.70
C ALA CA 286 -4.05 54.22 -8.64
N GLY CA 287 -4.49 54.00 -7.41
CA GLY CA 287 -4.15 54.91 -6.33
C GLY CA 287 -4.73 54.41 -5.02
N HIS CA 288 -4.46 55.18 -3.97
CA HIS CA 288 -4.94 54.88 -2.63
C HIS CA 288 -5.39 56.16 -1.95
N VAL CA 289 -5.83 56.02 -0.70
CA VAL CA 289 -6.37 57.14 0.07
C VAL CA 289 -5.67 57.18 1.42
N SER CA 290 -5.22 58.36 1.82
CA SER CA 290 -4.55 58.57 3.10
C SER CA 290 -5.40 59.49 3.98
N PHE CA 291 -5.58 59.11 5.24
CA PHE CA 291 -6.37 59.87 6.18
C PHE CA 291 -5.48 60.33 7.32
N MET CA 292 -5.57 61.62 7.65
CA MET CA 292 -4.80 62.22 8.75
C MET CA 292 -3.30 61.96 8.56
N GLY CA 293 -2.84 62.13 7.32
CA GLY CA 293 -1.43 61.99 7.02
C GLY CA 293 -0.90 60.57 7.04
N LYS CA 294 -1.76 59.56 7.10
CA LYS CA 294 -1.32 58.18 7.20
C LYS CA 294 -2.14 57.32 6.24
N ASN CA 295 -1.53 56.22 5.78
CA ASN CA 295 -2.17 55.36 4.79
C ASN CA 295 -3.44 54.75 5.36
N GLY CA 296 -4.42 54.56 4.48
CA GLY CA 296 -5.70 54.02 4.88
C GLY CA 296 -6.56 55.06 5.59
N ILE CA 297 -7.70 54.60 6.08
CA ILE CA 297 -8.64 55.45 6.82
C ILE CA 297 -8.80 54.86 8.21
N LYS CA 298 -8.53 55.68 9.23
CA LYS CA 298 -8.62 55.22 10.61
C LYS CA 298 -10.07 54.95 11.00
N GLY CA 299 -10.28 53.89 11.78
CA GLY CA 299 -11.60 53.54 12.26
C GLY CA 299 -11.48 52.52 13.35
N GLU CA 300 -12.63 52.19 13.95
CA GLU CA 300 -12.66 51.20 15.02
C GLU CA 300 -13.25 49.88 14.51
N VAL CA 301 -13.17 48.86 15.35
CA VAL CA 301 -13.61 47.52 15.02
C VAL CA 301 -14.89 47.24 15.81
N VAL CA 302 -15.84 46.55 15.16
CA VAL CA 302 -17.09 46.17 15.80
C VAL CA 302 -17.32 44.68 15.60
N MET CA 303 -17.78 44.00 16.65
CA MET CA 303 -18.06 42.58 16.60
C MET CA 303 -19.43 42.33 17.23
N ARG CA 304 -20.09 41.25 16.80
CA ARG CA 304 -21.45 40.94 17.25
C ARG CA 304 -21.51 39.66 18.08
N ASN CA 305 -20.38 39.21 18.62
CA ASN CA 305 -20.29 37.93 19.30
C ASN CA 305 -20.80 37.97 20.73
N GLY CA 306 -21.12 39.17 21.25
CA GLY CA 306 -21.43 39.34 22.66
C GLY CA 306 -22.43 38.35 23.24
N GLN CA 307 -23.68 38.41 22.78
CA GLN CA 307 -24.71 37.54 23.33
C GLN CA 307 -24.40 36.07 23.07
N ILE CA 308 -23.92 35.74 21.87
CA ILE CA 308 -23.65 34.35 21.55
C ILE CA 308 -22.54 33.79 22.42
N LEU CA 309 -21.46 34.56 22.59
CA LEU CA 309 -20.38 34.12 23.47
C LEU CA 309 -20.86 34.00 24.90
N LEU CA 310 -21.72 34.92 25.35
CA LEU CA 310 -22.26 34.82 26.71
C LEU CA 310 -23.05 33.54 26.88
N TYR CA 311 -23.88 33.18 25.90
CA TYR CA 311 -24.64 31.94 25.98
C TYR CA 311 -23.72 30.73 25.98
N ALA CA 312 -22.68 30.73 25.14
CA ALA CA 312 -21.76 29.60 25.13
C ALA CA 312 -21.03 29.47 26.46
N GLY CA 313 -20.60 30.59 27.03
CA GLY CA 313 -19.95 30.56 28.34
C GLY CA 313 -20.88 30.05 29.42
N GLY CA 314 -22.14 30.47 29.40
CA GLY CA 314 -23.10 29.97 30.37
C GLY CA 314 -23.32 28.48 30.24
N ALA CA 315 -23.44 27.98 29.00
CA ALA CA 315 -23.60 26.55 28.79
C ALA CA 315 -22.40 25.78 29.33
N GLY CA 316 -21.18 26.24 29.01
CA GLY CA 316 -20.01 25.56 29.51
C GLY CA 316 -19.87 25.66 31.03
N PHE CA 317 -20.35 26.75 31.61
CA PHE CA 317 -20.37 26.88 33.06
C PHE CA 317 -21.31 25.85 33.67
N LEU CA 318 -22.45 25.62 33.03
CA LEU CA 318 -23.33 24.54 33.44
C LEU CA 318 -22.62 23.20 33.34
N ASP CA 319 -21.83 23.01 32.28
CA ASP CA 319 -21.01 21.80 32.16
C ASP CA 319 -20.06 21.66 33.35
N GLY CA 320 -19.39 22.76 33.71
CA GLY CA 320 -18.43 22.70 34.80
C GLY CA 320 -19.07 22.36 36.13
N ILE CA 321 -20.19 23.02 36.45
CA ILE CA 321 -20.87 22.72 37.70
C ILE CA 321 -21.42 21.30 37.70
N GLY CA 322 -21.94 20.84 36.55
CA GLY CA 322 -22.42 19.46 36.47
C GLY CA 322 -21.32 18.45 36.69
N LYS CA 323 -20.16 18.67 36.07
CA LYS CA 323 -19.05 17.74 36.25
C LYS CA 323 -18.51 17.80 37.66
N GLY CA 324 -18.55 18.97 38.29
CA GLY CA 324 -18.20 19.06 39.70
C GLY CA 324 -19.11 18.25 40.58
N ILE CA 325 -20.43 18.34 40.35
CA ILE CA 325 -21.37 17.50 41.08
C ILE CA 325 -21.23 16.04 40.64
N GLU CA 326 -20.82 15.82 39.38
CA GLU CA 326 -20.68 14.46 38.87
C GLU CA 326 -19.46 13.76 39.47
N LYS CA 327 -18.71 14.46 40.33
CA LYS CA 327 -17.50 13.87 40.89
C LYS CA 327 -17.75 13.22 42.25
N ALA CA 328 -18.44 13.91 43.16
CA ALA CA 328 -18.59 13.42 44.53
C ALA CA 328 -19.33 12.09 44.57
N SER CA 329 -18.62 11.01 44.88
CA SER CA 329 -19.18 9.67 44.80
C SER CA 329 -18.58 8.84 45.93
N SER CA 330 -18.76 7.52 45.83
CA SER CA 330 -18.25 6.58 46.81
C SER CA 330 -16.77 6.28 46.54
N THR CA 331 -16.26 5.24 47.20
CA THR CA 331 -14.87 4.83 46.99
C THR CA 331 -14.73 4.03 45.71
N VAL CA 355 -25.48 19.05 34.90
CA VAL CA 355 -25.70 18.79 33.49
C VAL CA 355 -24.38 18.95 32.74
N SER CA 356 -24.12 18.02 31.82
CA SER CA 356 -22.96 18.09 30.94
C SER CA 356 -23.29 17.93 29.46
N SER CA 357 -24.27 17.07 29.11
CA SER CA 357 -24.52 16.77 27.71
C SER CA 357 -25.16 17.96 26.98
N ALA CA 358 -26.21 18.56 27.57
CA ALA CA 358 -26.76 19.77 26.99
C ALA CA 358 -25.68 20.82 26.82
N ALA CA 359 -24.81 20.95 27.82
CA ALA CA 359 -23.76 21.95 27.77
C ALA CA 359 -22.83 21.70 26.60
N LYS CA 360 -22.36 20.46 26.43
CA LYS CA 360 -21.42 20.18 25.35
C LYS CA 360 -22.06 20.39 23.98
N THR CA 361 -23.28 19.89 23.78
CA THR CA 361 -23.90 20.03 22.47
C THR CA 361 -24.21 21.48 22.14
N LEU CA 362 -24.85 22.21 23.06
CA LEU CA 362 -25.16 23.61 22.79
C LEU CA 362 -23.90 24.46 22.68
N SER CA 363 -22.85 24.13 23.45
CA SER CA 363 -21.60 24.88 23.34
C SER CA 363 -20.96 24.66 21.98
N ASP CA 364 -20.94 23.41 21.49
CA ASP CA 364 -20.40 23.16 20.16
C ASP CA 364 -21.19 23.89 19.09
N TYR CA 365 -22.52 23.84 19.19
CA TYR CA 365 -23.35 24.53 18.22
C TYR CA 365 -23.13 26.03 18.26
N TYR CA 366 -23.03 26.61 19.46
CA TYR CA 366 -22.83 28.04 19.60
C TYR CA 366 -21.47 28.47 19.07
N ILE CA 367 -20.43 27.65 19.30
CA ILE CA 367 -19.12 27.96 18.74
C ILE CA 367 -19.16 27.93 17.22
N LYS CA 368 -19.78 26.90 16.65
CA LYS CA 368 -19.87 26.80 15.19
C LYS CA 368 -20.66 27.97 14.61
N ARG CA 369 -21.70 28.41 15.31
CA ARG CA 369 -22.53 29.50 14.81
C ARG CA 369 -21.84 30.86 14.96
N ALA CA 370 -21.11 31.06 16.07
CA ALA CA 370 -20.45 32.33 16.31
C ALA CA 370 -19.18 32.46 15.48
N GLU CA 371 -18.61 31.34 15.02
CA GLU CA 371 -17.42 31.41 14.17
C GLU CA 371 -17.70 32.14 12.86
N GLN CA 372 -18.97 32.26 12.47
CA GLN CA 372 -19.30 32.91 11.20
C GLN CA 372 -18.89 34.38 11.19
N TYR CA 373 -19.00 35.05 12.35
CA TYR CA 373 -18.79 36.48 12.40
C TYR CA 373 -17.31 36.82 12.17
N HIS CA 374 -17.07 38.02 11.64
CA HIS CA 374 -15.73 38.53 11.39
C HIS CA 374 -15.70 40.02 11.68
N PRO CA 375 -14.52 40.58 11.96
CA PRO CA 375 -14.44 42.02 12.27
C PRO CA 375 -14.94 42.87 11.11
N VAL CA 376 -15.56 43.99 11.46
CA VAL CA 376 -16.13 44.93 10.49
C VAL CA 376 -15.66 46.33 10.85
N ILE CA 377 -15.24 47.09 9.83
CA ILE CA 377 -14.73 48.45 10.01
C ILE CA 377 -15.77 49.42 9.49
N PRO CA 378 -16.49 50.15 10.35
CA PRO CA 378 -17.45 51.14 9.86
C PRO CA 378 -16.82 52.46 9.46
N ILE CA 379 -16.79 52.75 8.15
CA ILE CA 379 -16.21 53.97 7.62
C ILE CA 379 -17.19 54.60 6.64
N GLY CA 380 -17.37 55.93 6.71
CA GLY CA 380 -18.23 56.57 5.69
C GLY CA 380 -18.69 57.97 6.06
N ALA CA 381 -20.00 58.21 6.07
CA ALA CA 381 -20.58 59.55 6.38
C ALA CA 381 -19.89 60.63 5.53
N GLY CA 382 -19.33 61.67 6.16
CA GLY CA 382 -18.70 62.77 5.42
C GLY CA 382 -17.34 63.14 6.01
N ASN CA 383 -16.49 62.14 6.27
CA ASN CA 383 -15.15 62.41 6.78
C ASN CA 383 -14.26 63.00 5.70
N GLU CA 384 -13.14 63.57 6.13
CA GLU CA 384 -12.16 64.17 5.24
C GLU CA 384 -11.01 63.20 5.00
N VAL CA 385 -10.68 62.98 3.74
CA VAL CA 385 -9.62 62.07 3.33
C VAL CA 385 -8.83 62.73 2.20
N THR CA 386 -7.71 62.09 1.83
CA THR CA 386 -6.85 62.59 0.77
C THR CA 386 -6.55 61.45 -0.19
N LEU CA 387 -6.64 61.72 -1.49
CA LEU CA 387 -6.41 60.73 -2.52
C LEU CA 387 -5.05 60.96 -3.18
N VAL CA 388 -4.36 59.88 -3.48
CA VAL CA 388 -3.04 59.92 -4.11
C VAL CA 388 -3.07 59.03 -5.34
N PHE CA 389 -2.60 59.57 -6.47
CA PHE CA 389 -2.46 58.80 -7.70
C PHE CA 389 -1.11 58.10 -7.66
N GLN CA 390 -1.11 56.81 -7.34
CA GLN CA 390 0.12 56.06 -7.20
C GLN CA 390 0.90 55.95 -8.50
N ASP CA 391 0.21 55.87 -9.63
CA ASP CA 391 0.85 55.72 -10.93
C ASP CA 391 0.41 56.84 -11.86
N GLY CA 392 1.36 57.38 -12.63
CA GLY CA 392 1.04 58.47 -13.53
C GLY CA 392 0.24 58.01 -14.72
N PHE CA 393 -0.50 58.95 -15.31
CA PHE CA 393 -1.34 58.68 -16.46
C PHE CA 393 -1.65 59.99 -17.19
N GLN CA 394 -2.42 59.88 -18.25
CA GLN CA 394 -2.80 61.02 -19.08
C GLN CA 394 -4.32 61.10 -19.16
N LEU CA 395 -4.88 62.24 -18.76
CA LEU CA 395 -6.31 62.46 -18.92
C LEU CA 395 -6.64 62.62 -20.39
N GLU CA 396 -7.73 61.97 -20.83
CA GLU CA 396 -8.13 62.00 -22.22
C GLU CA 396 -9.62 61.72 -22.32
N THR CA 397 -10.28 62.45 -23.21
CA THR CA 397 -11.73 62.45 -23.31
C THR CA 397 -12.24 61.15 -23.92
N LEU CA 398 -13.53 60.87 -23.69
CA LEU CA 398 -14.13 59.61 -24.22
C LEU CA 398 -14.17 59.66 -25.74
N GLU CA 399 -14.51 60.82 -26.31
CA GLU CA 399 -14.49 60.98 -27.79
C GLU CA 399 -13.05 60.78 -28.27
N GLU CA 400 -12.09 61.39 -27.59
CA GLU CA 400 -10.65 61.21 -27.96
C GLU CA 400 -10.33 59.71 -27.92
N ALA CA 401 -10.75 59.03 -26.84
CA ALA CA 401 -10.45 57.59 -26.70
C ALA CA 401 -11.02 56.81 -27.90
N ARG CA 402 -12.28 57.06 -28.25
CA ARG CA 402 -12.91 56.28 -29.35
C ARG CA 402 -12.20 56.59 -30.67
N ALA CA 403 -11.80 57.86 -30.87
CA ALA CA 403 -11.08 58.24 -32.10
C ALA CA 403 -9.76 57.46 -32.17
N LYS CA 404 -9.03 57.38 -31.05
CA LYS CA 404 -7.76 56.62 -31.01
C LYS CA 404 -8.07 55.15 -31.31
N ALA CA 405 -9.02 54.55 -30.58
CA ALA CA 405 -9.31 53.15 -30.76
C ALA CA 405 -9.57 52.83 -32.23
N ALA CA 406 -10.34 53.67 -32.91
CA ALA CA 406 -10.60 53.47 -34.34
C ALA CA 406 -9.31 53.60 -35.14
N ALA CA 407 -8.46 54.57 -34.79
CA ALA CA 407 -7.19 54.73 -35.50
C ALA CA 407 -6.32 53.49 -35.35
N ARG CA 408 -6.25 52.94 -34.14
CA ARG CA 408 -5.48 51.72 -33.94
C ARG CA 408 -6.10 50.55 -34.71
N LYS CA 409 -7.43 50.44 -34.68
CA LYS CA 409 -8.11 49.35 -35.38
C LYS CA 409 -7.92 49.46 -36.90
N LYS CA 410 -7.65 50.67 -37.40
CA LYS CA 410 -7.43 50.84 -38.82
C LYS CA 410 -6.22 50.07 -39.33
N GLN CA 411 -5.25 49.77 -38.46
CA GLN CA 411 -3.99 49.15 -38.83
C GLN CA 411 -3.31 49.94 -39.97
N ASN CA 412 -3.07 51.22 -39.68
CA ASN CA 412 -2.48 52.15 -40.64
C ASN CA 412 -0.99 51.85 -40.78
N GLN CA 413 -0.70 50.76 -41.49
CA GLN CA 413 0.67 50.34 -41.72
C GLN CA 413 1.31 51.13 -42.87
N LYS DA 194 -25.69 64.36 -32.10
CA LYS DA 194 -25.64 64.02 -30.68
C LYS DA 194 -26.85 63.17 -30.29
N PRO DA 195 -26.68 62.33 -29.27
CA PRO DA 195 -27.78 61.46 -28.85
C PRO DA 195 -28.66 62.08 -27.78
N ARG DA 196 -29.92 61.62 -27.77
CA ARG DA 196 -30.88 62.13 -26.80
C ARG DA 196 -30.56 61.62 -25.40
N PHE DA 197 -29.79 60.54 -25.29
CA PHE DA 197 -29.43 60.01 -23.98
C PHE DA 197 -28.00 60.39 -23.64
N PRO DA 198 -27.78 61.25 -22.65
CA PRO DA 198 -26.41 61.59 -22.26
C PRO DA 198 -25.69 60.38 -21.67
N TRP DA 199 -24.37 60.36 -21.86
CA TRP DA 199 -23.57 59.26 -21.35
C TRP DA 199 -23.62 59.23 -19.83
N ILE DA 200 -23.79 58.03 -19.28
CA ILE DA 200 -23.80 57.84 -17.83
C ILE DA 200 -22.38 57.48 -17.40
N SER DA 201 -21.82 58.28 -16.51
CA SER DA 201 -20.47 58.06 -16.03
C SER DA 201 -20.49 57.24 -14.74
N SER DA 202 -19.37 56.58 -14.47
CA SER DA 202 -19.24 55.77 -13.27
C SER DA 202 -19.35 56.64 -12.02
N GLY DA 203 -19.93 56.08 -10.97
CA GLY DA 203 -20.11 56.77 -9.72
C GLY DA 203 -21.33 57.66 -9.64
N SER DA 204 -22.11 57.76 -10.71
CA SER DA 204 -23.35 58.52 -10.65
C SER DA 204 -24.35 57.81 -9.73
N PHE DA 205 -25.04 58.60 -8.93
CA PHE DA 205 -25.94 58.05 -7.92
C PHE DA 205 -27.32 58.70 -8.04
N VAL DA 206 -28.33 57.99 -7.56
CA VAL DA 206 -29.70 58.47 -7.54
C VAL DA 206 -30.45 57.76 -6.42
N GLU DA 207 -31.30 58.52 -5.72
CA GLU DA 207 -32.08 57.96 -4.62
C GLU DA 207 -33.37 57.34 -5.14
N ALA DA 208 -33.91 56.39 -4.38
CA ALA DA 208 -35.07 55.64 -4.83
C ALA DA 208 -35.81 55.06 -3.63
N ILE DA 209 -36.94 54.44 -3.92
CA ILE DA 209 -37.78 53.78 -2.92
C ILE DA 209 -37.88 52.30 -3.28
N VAL DA 210 -37.63 51.43 -2.31
CA VAL DA 210 -37.77 50.00 -2.53
C VAL DA 210 -39.25 49.66 -2.67
N VAL DA 211 -39.62 48.94 -3.72
CA VAL DA 211 -41.01 48.57 -3.93
C VAL DA 211 -41.37 47.34 -3.13
N GLU DA 212 -40.72 46.22 -3.43
CA GLU DA 212 -40.93 44.98 -2.70
C GLU DA 212 -39.57 44.48 -2.21
N GLY DA 213 -39.56 43.92 -1.00
CA GLY DA 213 -38.32 43.48 -0.38
C GLY DA 213 -38.18 41.97 -0.40
N ALA DA 214 -36.97 41.51 -0.08
CA ALA DA 214 -36.65 40.10 -0.01
C ALA DA 214 -35.92 39.80 1.29
N ASP DA 215 -35.96 38.54 1.69
CA ASP DA 215 -35.25 38.09 2.88
C ASP DA 215 -33.89 37.55 2.43
N ALA DA 216 -32.83 38.18 2.93
CA ALA DA 216 -31.48 37.84 2.51
C ALA DA 216 -31.03 36.57 3.20
N ASN DA 217 -30.50 35.63 2.42
CA ASN DA 217 -29.93 34.40 2.97
C ASN DA 217 -28.54 34.69 3.51
N ALA DA 218 -28.48 35.21 4.73
CA ALA DA 218 -27.22 35.63 5.35
C ALA DA 218 -26.49 34.42 5.91
N SER DA 219 -26.00 33.57 5.01
CA SER DA 219 -25.21 32.41 5.41
C SER DA 219 -23.82 32.48 4.78
N VAL DA 220 -23.03 31.42 4.96
CA VAL DA 220 -21.70 31.39 4.37
C VAL DA 220 -21.77 31.27 2.85
N THR DA 221 -22.89 30.78 2.31
CA THR DA 221 -23.10 30.64 0.88
C THR DA 221 -24.15 31.61 0.38
N GLY DA 222 -24.16 32.83 0.92
CA GLY DA 222 -25.19 33.79 0.57
C GLY DA 222 -25.13 34.22 -0.88
N ASP DA 223 -23.92 34.46 -1.40
CA ASP DA 223 -23.75 35.05 -2.72
C ASP DA 223 -24.22 34.14 -3.86
N LYS DA 224 -24.48 32.86 -3.59
CA LYS DA 224 -24.93 31.94 -4.62
C LYS DA 224 -26.45 31.79 -4.65
N ASN DA 225 -27.05 31.39 -3.53
CA ASN DA 225 -28.50 31.22 -3.42
C ASN DA 225 -29.14 32.52 -2.89
N THR DA 226 -29.36 33.45 -3.80
CA THR DA 226 -29.83 34.79 -3.48
C THR DA 226 -31.32 34.93 -3.78
N ALA DA 227 -31.90 36.03 -3.30
CA ALA DA 227 -33.32 36.32 -3.47
C ALA DA 227 -33.47 37.67 -4.17
N PRO DA 228 -34.17 37.73 -5.29
CA PRO DA 228 -34.30 38.99 -6.02
C PRO DA 228 -35.20 39.99 -5.31
N MET DA 229 -34.99 41.27 -5.60
CA MET DA 229 -35.85 42.34 -5.13
C MET DA 229 -35.88 43.44 -6.19
N GLN DA 230 -36.86 44.33 -6.07
CA GLN DA 230 -37.12 45.35 -7.08
C GLN DA 230 -37.50 46.66 -6.41
N LEU DA 231 -37.04 47.77 -6.99
CA LEU DA 231 -37.28 49.10 -6.46
C LEU DA 231 -37.57 50.08 -7.60
N ARG DA 232 -38.23 51.18 -7.26
CA ARG DA 232 -38.63 52.20 -8.23
C ARG DA 232 -37.88 53.51 -7.97
N LEU DA 233 -37.58 54.23 -9.03
CA LEU DA 233 -36.91 55.52 -8.93
C LEU DA 233 -37.90 56.60 -8.53
N THR DA 234 -37.41 57.56 -7.74
CA THR DA 234 -38.22 58.69 -7.31
C THR DA 234 -37.48 60.03 -7.33
N GLY DA 235 -36.29 60.08 -7.93
CA GLY DA 235 -35.52 61.31 -7.97
C GLY DA 235 -34.86 61.57 -9.31
N LYS DA 236 -33.84 62.43 -9.33
CA LYS DA 236 -33.13 62.73 -10.57
C LYS DA 236 -31.69 62.29 -10.43
N VAL DA 237 -31.17 61.57 -11.42
CA VAL DA 237 -29.82 61.04 -11.27
C VAL DA 237 -28.85 62.18 -11.15
N GLN DA 238 -27.91 62.04 -10.23
CA GLN DA 238 -26.94 63.08 -10.04
C GLN DA 238 -25.67 62.70 -10.75
N MET DA 239 -25.33 63.44 -11.80
CA MET DA 239 -24.10 63.20 -12.52
C MET DA 239 -22.98 63.81 -11.72
N PRO DA 240 -21.73 63.45 -12.02
CA PRO DA 240 -20.67 63.95 -11.16
C PRO DA 240 -20.49 65.45 -11.06
N ASN DA 241 -20.43 66.18 -12.15
CA ASN DA 241 -20.17 67.60 -12.00
C ASN DA 241 -21.45 68.39 -11.91
N ASP DA 242 -22.24 68.14 -10.88
CA ASP DA 242 -23.48 68.90 -10.69
C ASP DA 242 -24.38 68.89 -11.90
N GLU DA 243 -24.55 67.72 -12.50
CA GLU DA 243 -25.39 67.63 -13.68
C GLU DA 243 -26.47 66.62 -13.42
N GLU DA 244 -27.60 66.78 -14.09
CA GLU DA 244 -28.72 65.89 -13.85
C GLU DA 244 -29.43 65.43 -15.11
N PHE DA 245 -29.99 64.23 -15.09
CA PHE DA 245 -30.76 63.76 -16.22
C PHE DA 245 -32.00 63.25 -15.55
N ASP DA 246 -33.11 63.20 -16.26
CA ASP DA 246 -34.34 62.82 -15.58
C ASP DA 246 -34.82 61.42 -15.85
N LEU DA 247 -34.71 60.55 -14.86
CA LEU DA 247 -35.25 59.22 -14.99
C LEU DA 247 -36.08 59.14 -13.75
N THR DA 248 -37.38 58.90 -13.87
CA THR DA 248 -38.20 58.74 -12.70
C THR DA 248 -39.19 57.67 -13.02
N GLY DA 249 -39.75 57.03 -12.00
CA GLY DA 249 -40.68 55.94 -12.20
C GLY DA 249 -40.11 54.73 -12.89
N CYS DA 250 -38.84 54.75 -13.28
CA CYS DA 250 -38.22 53.59 -13.90
C CYS DA 250 -37.99 52.51 -12.85
N PHE DA 251 -38.05 51.25 -13.27
CA PHE DA 251 -37.85 50.11 -12.37
C PHE DA 251 -36.44 49.58 -12.52
N VAL DA 252 -35.90 49.06 -11.41
CA VAL DA 252 -34.61 48.38 -11.39
C VAL DA 252 -34.81 47.01 -10.75
N THR DA 253 -34.35 45.96 -11.43
CA THR DA 253 -34.36 44.62 -10.86
C THR DA 253 -33.03 44.36 -10.17
N LEU DA 254 -33.10 43.81 -8.97
CA LEU DA 254 -31.91 43.56 -8.17
C LEU DA 254 -31.81 42.08 -7.82
N GLU DA 255 -30.70 41.73 -7.20
CA GLU DA 255 -30.39 40.36 -6.82
C GLU DA 255 -29.40 40.40 -5.67
N ALA DA 256 -29.88 40.11 -4.46
CA ALA DA 256 -29.15 40.46 -3.26
C ALA DA 256 -29.01 39.26 -2.33
N TRP DA 257 -27.98 39.32 -1.50
CA TRP DA 257 -27.75 38.34 -0.44
C TRP DA 257 -27.53 39.06 0.88
N GLY DA 258 -27.11 38.33 1.93
CA GLY DA 258 -26.96 38.88 3.25
C GLY DA 258 -25.52 38.85 3.73
N ASP DA 259 -25.26 39.65 4.77
CA ASP DA 259 -23.97 39.69 5.43
C ASP DA 259 -24.23 39.87 6.92
N VAL DA 260 -24.07 38.78 7.68
CA VAL DA 260 -24.47 38.80 9.09
C VAL DA 260 -23.55 39.67 9.93
N SER DA 261 -22.26 39.76 9.58
CA SER DA 261 -21.31 40.51 10.41
C SER DA 261 -21.70 41.97 10.51
N SER DA 262 -22.05 42.60 9.40
CA SER DA 262 -22.51 43.98 9.39
C SER DA 262 -24.03 44.10 9.40
N GLU DA 263 -24.74 42.97 9.45
CA GLU DA 263 -26.20 42.91 9.34
C GLU DA 263 -26.75 43.88 8.30
N ARG DA 264 -26.07 43.94 7.15
CA ARG DA 264 -26.53 44.71 6.01
C ARG DA 264 -26.65 43.78 4.81
N ALA DA 265 -27.68 44.02 4.00
CA ALA DA 265 -27.98 43.18 2.84
C ALA DA 265 -27.28 43.76 1.63
N ILE DA 266 -26.22 43.07 1.18
CA ILE DA 266 -25.46 43.50 0.00
C ILE DA 266 -26.29 43.18 -1.23
N VAL DA 267 -26.45 44.16 -2.11
CA VAL DA 267 -27.25 44.01 -3.31
C VAL DA 267 -26.34 44.00 -4.53
N ARG DA 268 -26.91 43.67 -5.68
CA ARG DA 268 -26.23 43.72 -6.95
C ARG DA 268 -27.26 43.95 -8.05
N SER DA 269 -27.19 45.13 -8.67
CA SER DA 269 -28.16 45.51 -9.68
C SER DA 269 -28.09 44.57 -10.88
N ARG DA 270 -29.27 44.20 -11.39
CA ARG DA 270 -29.36 43.26 -12.50
C ARG DA 270 -29.68 43.96 -13.82
N SER DA 271 -30.75 44.75 -13.86
CA SER DA 271 -31.17 45.40 -15.10
C SER DA 271 -31.87 46.71 -14.79
N ILE DA 272 -31.83 47.60 -15.76
CA ILE DA 272 -32.55 48.88 -15.71
C ILE DA 272 -33.73 48.81 -16.67
N SER DA 273 -34.89 49.27 -16.21
CA SER DA 273 -36.10 49.25 -17.01
C SER DA 273 -36.82 50.57 -16.88
N CYS DA 274 -37.22 51.14 -18.01
CA CYS DA 274 -37.94 52.40 -18.05
C CYS DA 274 -38.62 52.54 -19.40
N LYS DA 275 -39.78 53.18 -19.40
CA LYS DA 275 -40.62 53.30 -20.59
C LYS DA 275 -41.00 54.77 -20.76
N LEU DA 276 -40.13 55.53 -21.42
CA LEU DA 276 -40.34 56.96 -21.63
C LEU DA 276 -41.17 57.17 -22.88
N GLY DA 277 -42.30 57.86 -22.72
CA GLY DA 277 -43.15 58.19 -23.85
C GLY DA 277 -43.61 56.97 -24.64
N ASP DA 278 -43.08 56.82 -25.85
CA ASP DA 278 -43.39 55.70 -26.71
C ASP DA 278 -42.23 54.72 -26.86
N ASP DA 279 -41.04 55.08 -26.37
CA ASP DA 279 -39.84 54.26 -26.55
C ASP DA 279 -39.52 53.52 -25.25
N ASP DA 280 -38.81 52.41 -25.38
CA ASP DA 280 -38.59 51.48 -24.28
C ASP DA 280 -37.11 51.36 -23.96
N ILE DA 281 -36.79 51.29 -22.66
CA ILE DA 281 -35.43 51.11 -22.18
C ILE DA 281 -35.35 49.82 -21.38
N ASP DA 282 -34.39 48.97 -21.73
CA ASP DA 282 -34.14 47.74 -20.98
C ASP DA 282 -32.68 47.35 -21.23
N GLN DA 283 -31.84 47.49 -20.20
CA GLN DA 283 -30.41 47.27 -20.34
C GLN DA 283 -29.87 46.55 -19.12
N LYS DA 284 -28.70 45.95 -19.28
CA LYS DA 284 -27.98 45.32 -18.17
C LYS DA 284 -26.97 46.31 -17.62
N ILE DA 285 -27.04 46.57 -16.31
CA ILE DA 285 -26.16 47.52 -15.66
C ILE DA 285 -25.55 46.88 -14.41
N ALA DA 286 -24.53 47.53 -13.88
CA ALA DA 286 -23.86 47.10 -12.66
C ALA DA 286 -23.89 48.23 -11.65
N GLY DA 287 -24.26 47.91 -10.42
CA GLY DA 287 -24.34 48.92 -9.38
C GLY DA 287 -24.74 48.30 -8.06
N HIS DA 288 -24.83 49.16 -7.05
CA HIS DA 288 -25.20 48.76 -5.70
C HIS DA 288 -26.13 49.80 -5.10
N VAL DA 289 -26.55 49.55 -3.86
CA VAL DA 289 -27.49 50.41 -3.16
C VAL DA 289 -26.91 50.77 -1.80
N SER DA 290 -26.97 52.05 -1.46
CA SER DA 290 -26.49 52.55 -0.17
C SER DA 290 -27.65 53.11 0.62
N PHE DA 291 -27.73 52.74 1.90
CA PHE DA 291 -28.79 53.19 2.79
C PHE DA 291 -28.18 54.00 3.92
N MET DA 292 -28.77 55.17 4.18
CA MET DA 292 -28.33 56.06 5.26
C MET DA 292 -26.84 56.38 5.11
N GLY DA 293 -26.42 56.65 3.89
CA GLY DA 293 -25.05 57.05 3.63
C GLY DA 293 -24.02 55.95 3.73
N LYS DA 294 -24.44 54.69 3.83
CA LYS DA 294 -23.52 53.58 4.00
C LYS DA 294 -23.91 52.44 3.08
N ASN DA 295 -22.91 51.64 2.70
CA ASN DA 295 -23.14 50.56 1.74
C ASN DA 295 -24.11 49.53 2.30
N GLY DA 296 -24.90 48.95 1.42
CA GLY DA 296 -25.90 47.98 1.81
C GLY DA 296 -27.11 48.64 2.45
N ILE DA 297 -28.02 47.80 2.94
CA ILE DA 297 -29.23 48.26 3.61
C ILE DA 297 -29.22 47.72 5.03
N LYS DA 298 -29.33 48.61 6.01
CA LYS DA 298 -29.29 48.21 7.40
C LYS DA 298 -30.54 47.43 7.78
N GLY DA 299 -30.37 46.41 8.60
CA GLY DA 299 -31.48 45.60 9.07
C GLY DA 299 -31.03 44.74 10.23
N GLU DA 300 -31.99 44.03 10.82
CA GLU DA 300 -31.69 43.15 11.93
C GLU DA 300 -31.71 41.69 11.47
N VAL DA 301 -31.29 40.81 12.38
CA VAL DA 301 -31.18 39.38 12.11
C VAL DA 301 -32.28 38.67 12.88
N VAL DA 302 -32.88 37.64 12.26
CA VAL DA 302 -33.92 36.85 12.88
C VAL DA 302 -33.55 35.38 12.75
N MET DA 303 -33.77 34.61 13.82
CA MET DA 303 -33.49 33.19 13.86
C MET DA 303 -34.69 32.46 14.47
N ARG DA 304 -34.88 31.20 14.08
CA ARG DA 304 -36.02 30.42 14.52
C ARG DA 304 -35.64 29.25 15.40
N ASN DA 305 -34.44 29.28 15.99
CA ASN DA 305 -33.90 28.16 16.75
C ASN DA 305 -34.45 28.07 18.17
N GLY DA 306 -35.22 29.06 18.61
CA GLY DA 306 -35.63 29.17 20.00
C GLY DA 306 -36.20 27.91 20.62
N GLN DA 307 -37.36 27.46 20.12
CA GLN DA 307 -38.01 26.29 20.69
C GLN DA 307 -37.15 25.04 20.53
N ILE DA 308 -36.54 24.87 19.36
CA ILE DA 308 -35.75 23.66 19.10
C ILE DA 308 -34.55 23.61 20.04
N LEU DA 309 -33.85 24.73 20.19
CA LEU DA 309 -32.72 24.78 21.10
C LEU DA 309 -33.17 24.55 22.54
N LEU DA 310 -34.34 25.10 22.92
CA LEU DA 310 -34.85 24.85 24.26
C LEU DA 310 -35.11 23.37 24.49
N TYR DA 311 -35.70 22.69 23.51
CA TYR DA 311 -35.94 21.25 23.64
C TYR DA 311 -34.63 20.47 23.74
N ALA DA 312 -33.64 20.84 22.91
CA ALA DA 312 -32.35 20.16 22.98
C ALA DA 312 -31.69 20.35 24.34
N GLY DA 313 -31.74 21.58 24.85
CA GLY DA 313 -31.18 21.84 26.17
C GLY DA 313 -31.89 21.08 27.27
N GLY DA 314 -33.22 20.98 27.18
CA GLY DA 314 -33.95 20.19 28.16
C GLY DA 314 -33.59 18.73 28.11
N ALA DA 315 -33.45 18.17 26.90
CA ALA DA 315 -33.05 16.78 26.77
C ALA DA 315 -31.67 16.55 27.37
N GLY DA 316 -30.72 17.41 27.06
CA GLY DA 316 -29.38 17.26 27.61
C GLY DA 316 -29.36 17.47 29.12
N PHE DA 317 -30.25 18.32 29.64
CA PHE DA 317 -30.37 18.49 31.08
C PHE DA 317 -30.87 17.21 31.72
N LEU DA 318 -31.82 16.54 31.06
CA LEU DA 318 -32.24 15.22 31.51
C LEU DA 318 -31.06 14.24 31.50
N ASP DA 319 -30.22 14.32 30.47
CA ASP DA 319 -29.00 13.51 30.45
C ASP DA 319 -28.12 13.80 31.66
N GLY DA 320 -27.93 15.07 31.97
CA GLY DA 320 -27.06 15.43 33.08
C GLY DA 320 -27.58 14.92 34.41
N ILE DA 321 -28.88 15.12 34.67
CA ILE DA 321 -29.44 14.65 35.92
C ILE DA 321 -29.41 13.11 35.98
N GLY DA 322 -29.68 12.45 34.86
CA GLY DA 322 -29.60 11.00 34.84
C GLY DA 322 -28.20 10.48 35.13
N LYS DA 323 -27.19 11.10 34.53
CA LYS DA 323 -25.82 10.67 34.78
C LYS DA 323 -25.41 10.99 36.21
N GLY DA 324 -25.92 12.08 36.77
CA GLY DA 324 -25.68 12.36 38.17
C GLY DA 324 -26.26 11.29 39.08
N ILE DA 325 -27.49 10.88 38.82
CA ILE DA 325 -28.07 9.77 39.57
C ILE DA 325 -27.38 8.46 39.21
N GLU DA 326 -26.86 8.36 37.97
CA GLU DA 326 -26.20 7.14 37.54
C GLU DA 326 -24.84 6.97 38.20
N LYS DA 327 -24.45 7.93 39.05
CA LYS DA 327 -23.13 7.88 39.66
C LYS DA 327 -23.16 7.24 41.04
N ALA DA 328 -24.09 7.64 41.90
CA ALA DA 328 -24.11 7.19 43.30
C ALA DA 328 -24.29 5.69 43.39
N SER DA 329 -23.24 4.98 43.77
CA SER DA 329 -23.24 3.52 43.75
C SER DA 329 -22.42 3.02 44.93
N SER DA 330 -22.09 1.73 44.91
CA SER DA 330 -21.30 1.10 45.95
C SER DA 330 -19.81 1.37 45.72
N THR DA 331 -18.97 0.63 46.45
CA THR DA 331 -17.52 0.78 46.29
C THR DA 331 -17.03 0.04 45.06
N VAL DA 355 -32.20 9.39 33.22
CA VAL DA 355 -32.25 9.01 31.82
C VAL DA 355 -31.06 9.62 31.10
N SER DA 356 -30.44 8.82 30.23
CA SER DA 356 -29.36 9.29 29.37
C SER DA 356 -29.54 8.95 27.89
N SER DA 357 -30.10 7.79 27.57
CA SER DA 357 -30.17 7.35 26.18
C SER DA 357 -31.18 8.18 25.38
N ALA DA 358 -32.39 8.35 25.91
CA ALA DA 358 -33.34 9.25 25.27
C ALA DA 358 -32.73 10.61 25.05
N ALA DA 359 -32.02 11.10 26.08
CA ALA DA 359 -31.43 12.42 25.98
C ALA DA 359 -30.41 12.50 24.85
N LYS DA 360 -29.50 11.52 24.77
CA LYS DA 360 -28.48 11.57 23.73
C LYS DA 360 -29.09 11.48 22.33
N THR DA 361 -30.03 10.53 22.13
CA THR DA 361 -30.62 10.37 20.80
C THR DA 361 -31.42 11.60 20.38
N LEU DA 362 -32.33 12.06 21.24
CA LEU DA 362 -33.14 13.23 20.89
C LEU DA 362 -32.28 14.48 20.77
N SER DA 363 -31.23 14.61 21.58
CA SER DA 363 -30.34 15.77 21.45
C SER DA 363 -29.62 15.75 20.12
N ASP DA 364 -29.12 14.59 19.69
CA ASP DA 364 -28.45 14.51 18.40
C ASP DA 364 -29.42 14.84 17.27
N TYR DA 365 -30.64 14.29 17.35
CA TYR DA 365 -31.62 14.57 16.31
C TYR DA 365 -31.98 16.05 16.28
N TYR DA 366 -32.17 16.66 17.45
CA TYR DA 366 -32.52 18.07 17.52
C TYR DA 366 -31.40 18.96 17.00
N ILE DA 367 -30.15 18.61 17.30
CA ILE DA 367 -29.03 19.37 16.75
C ILE DA 367 -28.99 19.27 15.24
N LYS DA 368 -29.16 18.05 14.70
CA LYS DA 368 -29.14 17.87 13.25
C LYS DA 368 -30.28 18.62 12.59
N ARG DA 369 -31.44 18.67 13.25
CA ARG DA 369 -32.60 19.34 12.67
C ARG DA 369 -32.48 20.85 12.76
N ALA DA 370 -31.93 21.36 13.88
CA ALA DA 370 -31.80 22.81 14.05
C ALA DA 370 -30.64 23.37 13.25
N GLU DA 371 -29.67 22.54 12.86
CA GLU DA 371 -28.58 23.02 12.04
C GLU DA 371 -29.06 23.53 10.69
N GLN DA 372 -30.26 23.15 10.26
CA GLN DA 372 -30.76 23.57 8.95
C GLN DA 372 -30.93 25.08 8.88
N TYR DA 373 -31.34 25.70 9.99
CA TYR DA 373 -31.67 27.11 9.97
C TYR DA 373 -30.43 27.98 9.77
N HIS DA 374 -30.64 29.16 9.17
CA HIS DA 374 -29.58 30.11 8.92
C HIS DA 374 -30.13 31.53 9.14
N PRO DA 375 -29.27 32.50 9.42
CA PRO DA 375 -29.74 33.87 9.63
C PRO DA 375 -30.49 34.43 8.42
N VAL DA 376 -31.50 35.23 8.70
CA VAL DA 376 -32.34 35.85 7.68
C VAL DA 376 -32.44 37.34 7.96
N ILE DA 377 -32.31 38.16 6.92
CA ILE DA 377 -32.35 39.61 7.04
C ILE DA 377 -33.67 40.09 6.43
N PRO DA 378 -34.64 40.54 7.24
CA PRO DA 378 -35.89 41.06 6.68
C PRO DA 378 -35.78 42.51 6.23
N ILE DA 379 -35.81 42.72 4.91
CA ILE DA 379 -35.71 44.06 4.32
C ILE DA 379 -36.82 44.22 3.29
N GLY DA 380 -37.49 45.38 3.27
CA GLY DA 380 -38.49 45.60 2.20
C GLY DA 380 -39.45 46.75 2.49
N ALA DA 381 -40.76 46.47 2.46
CA ALA DA 381 -41.80 47.50 2.68
C ALA DA 381 -41.54 48.72 1.79
N GLY DA 382 -41.44 49.92 2.38
CA GLY DA 382 -41.24 51.15 1.60
C GLY DA 382 -40.15 52.03 2.18
N ASN DA 383 -39.00 51.45 2.53
CA ASN DA 383 -37.89 52.23 3.05
C ASN DA 383 -37.24 53.06 1.95
N GLU DA 384 -36.43 54.03 2.39
CA GLU DA 384 -35.72 54.93 1.49
C GLU DA 384 -34.28 54.45 1.33
N VAL DA 385 -33.85 54.33 0.08
CA VAL DA 385 -32.50 53.87 -0.25
C VAL DA 385 -31.96 54.72 -1.39
N THR DA 386 -30.68 54.55 -1.70
CA THR DA 386 -30.02 55.29 -2.77
C THR DA 386 -29.29 54.30 -3.66
N LEU DA 387 -29.42 54.49 -4.98
CA LEU DA 387 -28.78 53.60 -5.94
C LEU DA 387 -27.59 54.30 -6.58
N VAL DA 388 -26.52 53.55 -6.81
CA VAL DA 388 -25.30 54.06 -7.41
C VAL DA 388 -24.94 53.19 -8.60
N PHE DA 389 -24.66 53.82 -9.74
CA PHE DA 389 -24.19 53.10 -10.92
C PHE DA 389 -22.67 52.98 -10.81
N GLN DA 390 -22.21 51.79 -10.43
CA GLN DA 390 -20.78 51.57 -10.22
C GLN DA 390 -19.96 51.71 -11.49
N ASP DA 391 -20.53 51.33 -12.64
CA ASP DA 391 -19.83 51.39 -13.92
C ASP DA 391 -20.62 52.21 -14.91
N GLY DA 392 -19.91 53.04 -15.68
CA GLY DA 392 -20.58 53.89 -16.64
C GLY DA 392 -21.11 53.11 -17.83
N PHE DA 393 -22.12 53.68 -18.48
CA PHE DA 393 -22.75 53.07 -19.63
C PHE DA 393 -23.49 54.12 -20.44
N GLN DA 394 -24.13 53.69 -21.52
CA GLN DA 394 -24.87 54.57 -22.41
C GLN DA 394 -26.31 54.05 -22.53
N LEU DA 395 -27.26 54.91 -22.20
CA LEU DA 395 -28.66 54.57 -22.40
C LEU DA 395 -28.98 54.53 -23.89
N GLU DA 396 -29.71 53.50 -24.32
CA GLU DA 396 -30.04 53.31 -25.72
C GLU DA 396 -31.31 52.49 -25.83
N THR DA 397 -32.16 52.88 -26.78
CA THR DA 397 -33.50 52.32 -26.91
C THR DA 397 -33.45 50.90 -27.46
N LEU DA 398 -34.54 50.16 -27.26
CA LEU DA 398 -34.61 48.74 -27.72
C LEU DA 398 -34.59 48.72 -29.25
N GLU DA 399 -35.33 49.64 -29.88
CA GLU DA 399 -35.31 49.73 -31.36
C GLU DA 399 -33.89 50.07 -31.80
N GLU DA 400 -33.24 51.03 -31.14
CA GLU DA 400 -31.84 51.39 -31.47
C GLU DA 400 -30.97 50.13 -31.33
N ALA DA 401 -31.15 49.38 -30.24
CA ALA DA 401 -30.34 48.17 -30.00
C ALA DA 401 -30.51 47.19 -31.17
N ARG DA 402 -31.76 46.92 -31.57
CA ARG DA 402 -31.99 45.92 -32.64
C ARG DA 402 -31.41 46.43 -33.96
N ALA DA 403 -31.51 47.74 -34.21
CA ALA DA 403 -30.93 48.32 -35.44
C ALA DA 403 -29.42 48.09 -35.45
N LYS DA 404 -28.77 48.34 -34.31
CA LYS DA 404 -27.31 48.13 -34.20
C LYS DA 404 -27.01 46.63 -34.42
N ALA DA 405 -27.70 45.76 -33.68
CA ALA DA 405 -27.42 44.33 -33.79
C ALA DA 405 -27.49 43.87 -35.25
N ALA DA 406 -28.49 44.34 -35.99
CA ALA DA 406 -28.60 44.00 -37.41
C ALA DA 406 -27.42 44.58 -38.19
N ALA DA 407 -27.02 45.80 -37.88
CA ALA DA 407 -25.88 46.40 -38.57
C ALA DA 407 -24.61 45.61 -38.33
N ARG DA 408 -24.38 45.17 -37.09
CA ARG DA 408 -23.22 44.33 -36.80
C ARG DA 408 -23.31 42.99 -37.53
N LYS DA 409 -24.50 42.38 -37.51
CA LYS DA 409 -24.69 41.09 -38.18
C LYS DA 409 -24.50 41.20 -39.69
N LYS DA 410 -24.68 42.39 -40.25
CA LYS DA 410 -24.49 42.58 -41.68
C LYS DA 410 -23.05 42.31 -42.11
N GLN DA 411 -22.08 42.44 -41.21
CA GLN DA 411 -20.66 42.34 -41.53
C GLN DA 411 -20.29 43.27 -42.68
N ASN DA 412 -20.56 44.55 -42.45
CA ASN DA 412 -20.33 45.59 -43.46
C ASN DA 412 -18.83 45.88 -43.54
N GLN DA 413 -18.12 44.96 -44.18
CA GLN DA 413 -16.68 45.08 -44.36
C GLN DA 413 -16.35 45.99 -45.53
N LYS EA 194 -46.73 48.42 -36.08
CA LYS EA 194 -46.62 48.20 -34.65
C LYS EA 194 -47.42 46.97 -34.23
N PRO EA 195 -47.00 46.29 -33.17
CA PRO EA 195 -47.70 45.09 -32.73
C PRO EA 195 -48.80 45.38 -31.71
N ARG EA 196 -49.79 44.48 -31.71
CA ARG EA 196 -50.92 44.62 -30.77
C ARG EA 196 -50.48 44.33 -29.35
N PHE EA 197 -49.37 43.62 -29.17
CA PHE EA 197 -48.89 43.33 -27.82
C PHE EA 197 -47.72 44.23 -27.47
N PRO EA 198 -47.88 45.15 -26.53
CA PRO EA 198 -46.76 46.00 -26.12
C PRO EA 198 -45.66 45.18 -25.45
N TRP EA 199 -44.43 45.65 -25.61
CA TRP EA 199 -43.28 44.97 -25.02
C TRP EA 199 -43.39 44.98 -23.51
N ILE EA 200 -43.12 43.84 -22.90
CA ILE EA 200 -43.12 43.71 -21.45
C ILE EA 200 -41.69 43.93 -20.97
N SER EA 201 -41.50 44.92 -20.10
CA SER EA 201 -40.19 45.24 -19.57
C SER EA 201 -39.95 44.54 -18.25
N SER EA 202 -38.68 44.37 -17.92
CA SER EA 202 -38.30 43.72 -16.67
C SER EA 202 -38.78 44.53 -15.47
N GLY EA 203 -39.15 43.82 -14.42
CA GLY EA 203 -39.63 44.45 -13.21
C GLY EA 203 -41.09 44.81 -13.19
N SER EA 204 -41.81 44.57 -14.29
CA SER EA 204 -43.25 44.80 -14.30
C SER EA 204 -43.94 43.82 -13.37
N PHE EA 205 -44.92 44.31 -12.61
CA PHE EA 205 -45.59 43.50 -11.61
C PHE EA 205 -47.09 43.58 -11.79
N VAL EA 206 -47.79 42.55 -11.30
CA VAL EA 206 -49.24 42.48 -11.34
C VAL EA 206 -49.71 41.59 -10.20
N GLU EA 207 -50.81 41.99 -9.56
CA GLU EA 207 -51.36 41.23 -8.45
C GLU EA 207 -52.31 40.15 -8.97
N ALA EA 208 -52.47 39.10 -8.16
CA ALA EA 208 -53.24 37.94 -8.60
C ALA EA 208 -53.76 37.17 -7.39
N ILE EA 209 -54.56 36.15 -7.67
CA ILE EA 209 -55.13 35.27 -6.65
C ILE EA 209 -54.66 33.85 -6.94
N VAL EA 210 -54.14 33.18 -5.91
CA VAL EA 210 -53.71 31.80 -6.06
C VAL EA 210 -54.95 30.92 -6.20
N VAL EA 211 -54.97 30.07 -7.24
CA VAL EA 211 -56.11 29.20 -7.46
C VAL EA 211 -56.02 27.95 -6.60
N GLU EA 212 -54.98 27.14 -6.82
CA GLU EA 212 -54.74 25.95 -6.03
C GLU EA 212 -53.32 26.02 -5.47
N GLY EA 213 -53.14 25.56 -4.24
CA GLY EA 213 -51.85 25.65 -3.58
C GLY EA 213 -51.15 24.31 -3.50
N ALA EA 214 -49.88 24.36 -3.14
CA ALA EA 214 -49.04 23.17 -2.99
C ALA EA 214 -48.32 23.23 -1.66
N ASP EA 215 -47.90 22.06 -1.19
CA ASP EA 215 -47.11 21.96 0.04
C ASP EA 215 -45.64 21.97 -0.34
N ALA EA 216 -44.91 22.97 0.13
CA ALA EA 216 -43.52 23.15 -0.23
C ALA EA 216 -42.64 22.17 0.54
N ASN EA 217 -41.76 21.47 -0.18
CA ASN EA 217 -40.80 20.57 0.46
C ASN EA 217 -39.65 21.39 1.00
N ALA EA 218 -39.83 21.95 2.20
CA ALA EA 218 -38.86 22.84 2.81
C ALA EA 218 -37.75 22.01 3.47
N SER EA 219 -36.93 21.39 2.62
CA SER EA 219 -35.78 20.62 3.09
C SER EA 219 -34.50 21.18 2.50
N VAL EA 220 -33.37 20.52 2.76
CA VAL EA 220 -32.11 20.97 2.19
C VAL EA 220 -32.06 20.77 0.68
N THR EA 221 -32.90 19.86 0.15
CA THR EA 221 -32.97 19.60 -1.28
C THR EA 221 -34.30 20.08 -1.85
N GLY EA 222 -34.79 21.23 -1.37
CA GLY EA 222 -36.09 21.71 -1.81
C GLY EA 222 -36.13 22.06 -3.28
N ASP EA 223 -35.08 22.72 -3.78
CA ASP EA 223 -35.10 23.27 -5.12
C ASP EA 223 -35.14 22.21 -6.22
N LYS EA 224 -34.90 20.94 -5.89
CA LYS EA 224 -34.94 19.88 -6.89
C LYS EA 224 -36.29 19.16 -6.93
N ASN EA 225 -36.73 18.61 -5.81
CA ASN EA 225 -38.02 17.91 -5.72
C ASN EA 225 -39.11 18.89 -5.28
N THR EA 226 -39.64 19.64 -6.25
CA THR EA 226 -40.60 20.70 -6.01
C THR EA 226 -42.01 20.25 -6.36
N ALA EA 227 -42.97 21.06 -5.94
CA ALA EA 227 -44.38 20.81 -6.16
C ALA EA 227 -45.02 21.96 -6.94
N PRO EA 228 -45.64 21.70 -8.08
CA PRO EA 228 -46.21 22.80 -8.88
C PRO EA 228 -47.45 23.40 -8.23
N MET EA 229 -47.72 24.66 -8.59
CA MET EA 229 -48.95 25.33 -8.21
C MET EA 229 -49.34 26.30 -9.32
N GLN EA 230 -50.59 26.76 -9.27
CA GLN EA 230 -51.16 27.56 -10.34
C GLN EA 230 -52.05 28.65 -9.75
N LEU EA 231 -52.01 29.83 -10.38
CA LEU EA 231 -52.76 31.00 -9.93
C LEU EA 231 -53.34 31.74 -11.12
N ARG EA 232 -54.39 32.52 -10.85
CA ARG EA 232 -55.09 33.27 -11.88
C ARG EA 232 -54.91 34.77 -11.67
N LEU EA 233 -54.87 35.51 -12.77
CA LEU EA 233 -54.74 36.96 -12.72
C LEU EA 233 -56.08 37.61 -12.39
N THR EA 234 -56.02 38.72 -11.66
CA THR EA 234 -57.21 39.47 -11.30
C THR EA 234 -57.03 40.98 -11.39
N GLY EA 235 -55.92 41.45 -11.96
CA GLY EA 235 -55.67 42.88 -12.06
C GLY EA 235 -55.10 43.32 -13.39
N LYS EA 236 -54.51 44.52 -13.43
CA LYS EA 236 -53.91 45.02 -14.67
C LYS EA 236 -52.42 45.16 -14.47
N VAL EA 237 -51.63 44.64 -15.41
CA VAL EA 237 -50.19 44.66 -15.22
C VAL EA 237 -49.71 46.08 -15.14
N GLN EA 238 -48.81 46.35 -14.19
CA GLN EA 238 -48.32 47.69 -14.04
C GLN EA 238 -46.97 47.78 -14.71
N MET EA 239 -46.88 48.56 -15.77
CA MET EA 239 -45.62 48.76 -16.45
C MET EA 239 -44.86 49.80 -15.66
N PRO EA 240 -43.56 49.94 -15.91
CA PRO EA 240 -42.82 50.86 -15.05
C PRO EA 240 -43.22 52.31 -15.02
N ASN EA 241 -43.40 52.96 -16.16
CA ASN EA 241 -43.73 54.38 -16.08
C ASN EA 241 -45.21 54.61 -16.06
N ASP EA 242 -45.89 54.12 -15.04
CA ASP EA 242 -47.32 54.35 -14.91
C ASP EA 242 -48.09 53.96 -16.14
N GLU EA 243 -47.77 52.80 -16.69
CA GLU EA 243 -48.46 52.33 -17.89
C GLU EA 243 -49.08 51.00 -17.60
N GLU EA 244 -50.17 50.69 -18.29
CA GLU EA 244 -50.87 49.45 -18.02
C GLU EA 244 -51.29 48.70 -19.27
N PHE EA 245 -51.36 47.38 -19.19
CA PHE EA 245 -51.85 46.59 -20.32
C PHE EA 245 -52.84 45.68 -19.65
N ASP EA 246 -53.81 45.18 -20.39
CA ASP EA 246 -54.83 44.39 -19.73
C ASP EA 246 -54.72 42.89 -19.93
N LEU EA 247 -54.34 42.18 -18.89
CA LEU EA 247 -54.33 40.74 -18.96
C LEU EA 247 -55.13 40.41 -17.73
N THR EA 248 -56.22 39.69 -17.88
CA THR EA 248 -56.98 39.29 -16.72
C THR EA 248 -57.49 37.90 -16.98
N GLY EA 249 -57.81 37.16 -15.93
CA GLY EA 249 -58.25 35.79 -16.10
C GLY EA 249 -57.23 34.86 -16.70
N CYS EA 250 -56.05 35.35 -17.07
CA CYS EA 250 -55.01 34.47 -17.60
C CYS EA 250 -54.43 33.62 -16.50
N PHE EA 251 -54.00 32.40 -16.85
CA PHE EA 251 -53.43 31.47 -15.90
C PHE EA 251 -51.91 31.50 -15.97
N VAL EA 252 -51.27 31.26 -14.83
CA VAL EA 252 -49.81 31.13 -14.74
C VAL EA 252 -49.51 29.82 -14.03
N THR EA 253 -48.66 28.99 -14.65
CA THR EA 253 -48.19 27.78 -14.01
C THR EA 253 -46.89 28.06 -13.28
N LEU EA 254 -46.79 27.58 -12.04
CA LEU EA 254 -45.64 27.83 -11.20
C LEU EA 254 -44.99 26.52 -10.78
N GLU EA 255 -43.85 26.64 -10.12
CA GLU EA 255 -43.07 25.49 -9.66
C GLU EA 255 -42.23 25.97 -8.49
N ALA EA 256 -42.60 25.57 -7.28
CA ALA EA 256 -42.11 26.22 -6.08
C ALA EA 256 -41.57 25.20 -5.09
N TRP EA 257 -40.67 25.68 -4.22
CA TRP EA 257 -40.14 24.90 -3.11
C TRP EA 257 -40.25 25.70 -1.83
N GLY EA 258 -39.63 25.23 -0.74
CA GLY EA 258 -39.75 25.85 0.55
C GLY EA 258 -38.43 26.39 1.07
N ASP EA 259 -38.53 27.27 2.07
CA ASP EA 259 -37.37 27.82 2.75
C ASP EA 259 -37.75 27.95 4.22
N VAL EA 260 -37.22 27.05 5.05
CA VAL EA 260 -37.66 26.96 6.44
C VAL EA 260 -37.18 28.16 7.26
N SER EA 261 -36.00 28.71 6.93
CA SER EA 261 -35.44 29.79 7.74
C SER EA 261 -36.36 31.00 7.76
N SER EA 262 -36.87 31.41 6.60
CA SER EA 262 -37.82 32.50 6.51
C SER EA 262 -39.26 32.04 6.47
N GLU EA 263 -39.50 30.73 6.57
CA GLU EA 263 -40.83 30.11 6.44
C GLU EA 263 -41.65 30.77 5.33
N ARG EA 264 -41.00 31.04 4.20
CA ARG EA 264 -41.66 31.52 3.00
C ARG EA 264 -41.38 30.56 1.85
N ALA EA 265 -42.40 30.36 1.01
CA ALA EA 265 -42.31 29.42 -0.11
C ALA EA 265 -41.81 30.18 -1.34
N ILE EA 266 -40.57 29.92 -1.73
CA ILE EA 266 -39.98 30.55 -2.90
C ILE EA 266 -40.58 29.89 -4.14
N VAL EA 267 -41.05 30.71 -5.07
CA VAL EA 267 -41.69 30.21 -6.28
C VAL EA 267 -40.79 30.50 -7.47
N ARG EA 268 -41.15 29.92 -8.61
CA ARG EA 268 -40.49 30.18 -9.88
C ARG EA 268 -41.47 29.96 -11.01
N SER EA 269 -41.83 31.06 -11.68
CA SER EA 269 -42.83 30.99 -12.73
C SER EA 269 -42.37 30.10 -13.88
N ARG EA 270 -43.29 29.29 -14.40
CA ARG EA 270 -42.98 28.34 -15.47
C ARG EA 270 -43.48 28.82 -16.82
N SER EA 271 -44.77 29.14 -16.93
CA SER EA 271 -45.34 29.53 -18.21
C SER EA 271 -46.50 30.49 -17.98
N ILE EA 272 -46.77 31.29 -19.01
CA ILE EA 272 -47.91 32.20 -19.04
C ILE EA 272 -48.94 31.65 -20.02
N SER EA 273 -50.20 31.64 -19.60
CA SER EA 273 -51.28 31.14 -20.43
C SER EA 273 -52.45 32.09 -20.40
N CYS EA 274 -52.99 32.42 -21.57
CA CYS EA 274 -54.13 33.31 -21.69
C CYS EA 274 -54.75 33.13 -23.05
N LYS EA 275 -56.08 33.28 -23.12
CA LYS EA 275 -56.85 33.02 -24.34
C LYS EA 275 -57.74 34.23 -24.59
N LEU EA 276 -57.20 35.24 -25.27
CA LEU EA 276 -57.92 36.47 -25.56
C LEU EA 276 -58.73 36.30 -26.84
N GLY EA 277 -60.04 36.52 -26.74
CA GLY EA 277 -60.90 36.45 -27.91
C GLY EA 277 -60.83 35.13 -28.63
N ASP EA 278 -60.24 35.14 -29.82
CA ASP EA 278 -60.06 33.94 -30.63
C ASP EA 278 -58.61 33.48 -30.69
N ASP EA 279 -57.67 34.27 -30.20
CA ASP EA 279 -56.24 33.97 -30.31
C ASP EA 279 -55.72 33.46 -28.97
N ASP EA 280 -54.63 32.70 -29.02
CA ASP EA 280 -54.14 31.97 -27.87
C ASP EA 280 -52.72 32.41 -27.50
N ILE EA 281 -52.47 32.52 -26.21
CA ILE EA 281 -51.15 32.90 -25.69
C ILE EA 281 -50.63 31.77 -24.81
N ASP EA 282 -49.40 31.33 -25.08
CA ASP EA 282 -48.73 30.32 -24.27
C ASP EA 282 -47.23 30.50 -24.47
N GLN EA 283 -46.55 31.00 -23.44
CA GLN EA 283 -45.14 31.33 -23.53
C GLN EA 283 -44.42 30.92 -22.26
N LYS EA 284 -43.10 30.79 -22.35
CA LYS EA 284 -42.25 30.53 -21.21
C LYS EA 284 -41.71 31.86 -20.68
N ILE EA 285 -41.92 32.12 -19.39
CA ILE EA 285 -41.49 33.36 -18.76
C ILE EA 285 -40.74 33.04 -17.48
N ALA EA 286 -40.06 34.07 -16.96
CA ALA EA 286 -39.33 33.97 -15.70
C ALA EA 286 -39.82 35.05 -14.75
N GLY EA 287 -40.10 34.66 -13.52
CA GLY EA 287 -40.60 35.60 -12.54
C GLY EA 287 -40.78 34.94 -11.19
N HIS EA 288 -41.23 35.74 -10.23
CA HIS EA 288 -41.48 35.28 -8.88
C HIS EA 288 -42.76 35.92 -8.36
N VAL EA 289 -43.10 35.58 -7.11
CA VAL EA 289 -44.34 36.05 -6.48
C VAL EA 289 -43.99 36.65 -5.13
N SER EA 290 -44.53 37.83 -4.86
CA SER EA 290 -44.34 38.52 -3.59
C SER EA 290 -45.66 38.63 -2.85
N PHE EA 291 -45.64 38.32 -1.56
CA PHE EA 291 -46.82 38.36 -0.72
C PHE EA 291 -46.61 39.39 0.38
N MET EA 292 -47.61 40.26 0.57
CA MET EA 292 -47.59 41.30 1.61
C MET EA 292 -46.32 42.15 1.48
N GLY EA 293 -45.98 42.52 0.24
CA GLY EA 293 -44.86 43.38 -0.01
C GLY EA 293 -43.49 42.77 0.18
N LYS EA 294 -43.41 41.45 0.33
CA LYS EA 294 -42.15 40.78 0.60
C LYS EA 294 -42.04 39.54 -0.28
N ASN EA 295 -40.79 39.16 -0.59
CA ASN EA 295 -40.55 38.04 -1.50
C ASN EA 295 -41.10 36.74 -0.90
N GLY EA 296 -41.57 35.85 -1.77
CA GLY EA 296 -42.16 34.60 -1.34
C GLY EA 296 -43.55 34.79 -0.77
N ILE EA 297 -44.09 33.70 -0.26
CA ILE EA 297 -45.40 33.67 0.36
C ILE EA 297 -45.25 33.24 1.81
N LYS EA 298 -45.73 34.07 2.73
CA LYS EA 298 -45.61 33.77 4.15
C LYS EA 298 -46.48 32.58 4.53
N GLY EA 299 -45.97 31.74 5.42
CA GLY EA 299 -46.72 30.59 5.91
C GLY EA 299 -46.02 30.01 7.11
N GLU EA 300 -46.66 29.02 7.72
CA GLU EA 300 -46.10 28.37 8.88
C GLU EA 300 -45.54 27.00 8.51
N VAL EA 301 -44.87 26.37 9.47
CA VAL EA 301 -44.21 25.08 9.28
C VAL EA 301 -45.00 24.04 10.05
N VAL EA 302 -45.13 22.85 9.48
CA VAL EA 302 -45.82 21.74 10.13
C VAL EA 302 -44.93 20.51 10.09
N MET EA 303 -44.89 19.77 11.18
CA MET EA 303 -44.08 18.56 11.30
C MET EA 303 -44.94 17.46 11.92
N ARG EA 304 -44.63 16.20 11.60
CA ARG EA 304 -45.42 15.06 12.05
C ARG EA 304 -44.65 14.16 13.01
N ASN EA 305 -43.58 14.67 13.63
CA ASN EA 305 -42.69 13.87 14.45
C ASN EA 305 -43.22 13.64 15.86
N GLY EA 306 -44.33 14.28 16.23
CA GLY EA 306 -44.80 14.28 17.61
C GLY EA 306 -44.88 12.93 18.27
N GLN EA 307 -45.77 12.06 17.77
CA GLN EA 307 -45.95 10.75 18.40
C GLN EA 307 -44.68 9.91 18.31
N ILE EA 308 -43.99 9.94 17.17
CA ILE EA 308 -42.81 9.11 17.01
C ILE EA 308 -41.71 9.56 17.96
N LEU EA 309 -41.49 10.87 18.07
CA LEU EA 309 -40.50 11.37 19.01
C LEU EA 309 -40.90 11.05 20.44
N LEU EA 310 -42.19 11.13 20.76
CA LEU EA 310 -42.63 10.76 22.10
C LEU EA 310 -42.32 9.30 22.41
N TYR EA 311 -42.58 8.41 21.46
CA TYR EA 311 -42.26 6.99 21.66
C TYR EA 311 -40.76 6.78 21.82
N ALA EA 312 -39.95 7.46 21.01
CA ALA EA 312 -38.50 7.32 21.14
C ALA EA 312 -38.01 7.81 22.49
N GLY EA 313 -38.54 8.94 22.95
CA GLY EA 313 -38.18 9.45 24.26
C GLY EA 313 -38.58 8.52 25.38
N GLY EA 314 -39.79 7.93 25.28
CA GLY EA 314 -40.20 6.96 26.27
C GLY EA 314 -39.31 5.73 26.31
N ALA EA 315 -38.93 5.23 25.13
CA ALA EA 315 -38.03 4.08 25.08
C ALA EA 315 -36.68 4.42 25.73
N GLY EA 316 -36.12 5.57 25.39
CA GLY EA 316 -34.85 5.95 25.99
C GLY EA 316 -34.96 6.22 27.48
N PHE EA 317 -36.13 6.69 27.93
CA PHE EA 317 -36.36 6.86 29.36
C PHE EA 317 -36.38 5.51 30.06
N LEU EA 318 -36.97 4.50 29.41
CA LEU EA 318 -36.88 3.14 29.93
C LEU EA 318 -35.43 2.69 29.99
N ASP EA 319 -34.64 3.05 28.98
CA ASP EA 319 -33.20 2.74 29.02
C ASP EA 319 -32.54 3.40 30.23
N GLY EA 320 -32.86 4.66 30.48
CA GLY EA 320 -32.23 5.36 31.59
C GLY EA 320 -32.59 4.75 32.94
N ILE EA 321 -33.88 4.46 33.15
CA ILE EA 321 -34.26 3.86 34.43
C ILE EA 321 -33.67 2.45 34.56
N GLY EA 322 -33.60 1.69 33.47
CA GLY EA 322 -32.99 0.38 33.53
C GLY EA 322 -31.51 0.44 33.89
N LYS EA 323 -30.78 1.37 33.27
CA LYS EA 323 -29.36 1.51 33.58
C LYS EA 323 -29.16 2.01 34.99
N GLY EA 324 -30.07 2.86 35.48
CA GLY EA 324 -30.01 3.26 36.88
C GLY EA 324 -30.17 2.10 37.82
N ILE EA 325 -31.16 1.23 37.56
CA ILE EA 325 -31.30 0.01 38.36
C ILE EA 325 -30.16 -0.95 38.08
N GLU EA 326 -29.59 -0.90 36.87
CA GLU EA 326 -28.50 -1.80 36.51
C GLU EA 326 -27.20 -1.39 37.22
N LYS EA 327 -27.23 -0.32 38.01
CA LYS EA 327 -26.02 0.14 38.66
C LYS EA 327 -25.86 -0.41 40.08
N ALA EA 328 -26.92 -0.34 40.89
CA ALA EA 328 -26.82 -0.70 42.30
C ALA EA 328 -26.43 -2.17 42.47
N SER EA 329 -25.20 -2.41 42.92
CA SER EA 329 -24.65 -3.76 42.98
C SER EA 329 -23.76 -3.87 44.21
N SER EA 330 -22.95 -4.92 44.25
CA SER EA 330 -22.02 -5.17 45.35
C SER EA 330 -20.74 -4.36 45.14
N THR EA 331 -19.72 -4.70 45.93
CA THR EA 331 -18.43 -4.02 45.79
C THR EA 331 -17.64 -4.57 44.60
N VAL EA 355 -34.72 -2.16 31.95
CA VAL EA 355 -34.56 -2.59 30.57
C VAL EA 355 -33.66 -1.60 29.83
N SER EA 356 -32.74 -2.14 29.03
CA SER EA 356 -31.89 -1.33 28.18
C SER EA 356 -31.87 -1.78 26.71
N SER EA 357 -31.93 -3.08 26.45
CA SER EA 357 -31.78 -3.57 25.08
C SER EA 357 -32.99 -3.21 24.21
N ALA EA 358 -34.19 -3.49 24.70
CA ALA EA 358 -35.39 -3.05 23.98
C ALA EA 358 -35.33 -1.56 23.72
N ALA EA 359 -34.90 -0.80 24.72
CA ALA EA 359 -34.85 0.64 24.57
C ALA EA 359 -33.89 1.05 23.46
N LYS EA 360 -32.68 0.49 23.45
CA LYS EA 360 -31.71 0.87 22.43
C LYS EA 360 -32.18 0.49 21.03
N THR EA 361 -32.68 -0.73 20.86
CA THR EA 361 -33.11 -1.17 19.52
C THR EA 361 -34.30 -0.35 19.03
N LEU EA 362 -35.36 -0.23 19.84
CA LEU EA 362 -36.52 0.52 19.41
C LEU EA 362 -36.20 2.00 19.24
N SER EA 363 -35.30 2.55 20.06
CA SER EA 363 -34.92 3.95 19.90
C SER EA 363 -34.18 4.16 18.58
N ASP EA 364 -33.26 3.26 18.24
CA ASP EA 364 -32.56 3.38 16.96
C ASP EA 364 -33.54 3.27 15.80
N TYR EA 365 -34.47 2.30 15.87
CA TYR EA 365 -35.44 2.15 14.80
C TYR EA 365 -36.34 3.38 14.69
N TYR EA 366 -36.78 3.92 15.82
CA TYR EA 366 -37.64 5.10 15.80
C TYR EA 366 -36.92 6.31 15.25
N ILE EA 367 -35.64 6.48 15.59
CA ILE EA 367 -34.87 7.60 15.04
C ILE EA 367 -34.73 7.45 13.53
N LYS EA 368 -34.40 6.24 13.07
CA LYS EA 368 -34.25 6.02 11.63
C LYS EA 368 -35.58 6.25 10.90
N ARG EA 369 -36.69 5.89 11.52
CA ARG EA 369 -37.99 6.03 10.89
C ARG EA 369 -38.46 7.48 10.90
N ALA EA 370 -38.19 8.21 12.00
CA ALA EA 370 -38.61 9.60 12.10
C ALA EA 370 -37.73 10.54 11.29
N GLU EA 371 -36.51 10.11 10.97
CA GLU EA 371 -35.63 10.94 10.14
C GLU EA 371 -36.21 11.18 8.77
N GLN EA 372 -37.16 10.35 8.32
CA GLN EA 372 -37.73 10.49 6.99
C GLN EA 372 -38.46 11.82 6.83
N TYR EA 373 -39.11 12.28 7.90
CA TYR EA 373 -39.96 13.46 7.79
C TYR EA 373 -39.12 14.72 7.57
N HIS EA 374 -39.74 15.70 6.90
CA HIS EA 374 -39.11 16.99 6.64
C HIS EA 374 -40.16 18.10 6.75
N PRO EA 375 -39.73 19.34 7.00
CA PRO EA 375 -40.70 20.43 7.14
C PRO EA 375 -41.55 20.61 5.89
N VAL EA 376 -42.80 20.99 6.09
CA VAL EA 376 -43.77 21.20 5.01
C VAL EA 376 -44.45 22.54 5.22
N ILE EA 377 -44.58 23.30 4.14
CA ILE EA 377 -45.18 24.64 4.17
C ILE EA 377 -46.55 24.56 3.52
N PRO EA 378 -47.65 24.65 4.28
CA PRO EA 378 -48.98 24.62 3.65
C PRO EA 378 -49.41 25.99 3.13
N ILE EA 379 -49.46 26.13 1.80
CA ILE EA 379 -49.85 27.37 1.15
C ILE EA 379 -50.90 27.06 0.08
N GLY EA 380 -51.95 27.87 -0.01
CA GLY EA 380 -52.91 27.66 -1.11
C GLY EA 380 -54.24 28.36 -0.91
N ALA EA 381 -55.36 27.61 -0.96
CA ALA EA 381 -56.72 28.18 -0.81
C ALA EA 381 -56.90 29.37 -1.77
N GLY EA 382 -57.29 30.54 -1.24
CA GLY EA 382 -57.54 31.72 -2.08
C GLY EA 382 -56.88 32.97 -1.51
N ASN EA 383 -55.61 32.88 -1.11
CA ASN EA 383 -54.90 34.04 -0.61
C ASN EA 383 -54.55 35.02 -1.73
N GLU EA 384 -54.20 36.24 -1.34
CA GLU EA 384 -53.84 37.30 -2.27
C GLU EA 384 -52.32 37.40 -2.37
N VAL EA 385 -51.81 37.39 -3.59
CA VAL EA 385 -50.39 37.47 -3.87
C VAL EA 385 -50.18 38.42 -5.05
N THR EA 386 -48.91 38.73 -5.32
CA THR EA 386 -48.53 39.61 -6.41
C THR EA 386 -47.44 38.95 -7.23
N LEU EA 387 -47.57 39.01 -8.56
CA LEU EA 387 -46.61 38.39 -9.46
C LEU EA 387 -45.75 39.48 -10.11
N VAL EA 388 -44.47 39.17 -10.27
CA VAL EA 388 -43.50 40.09 -10.87
C VAL EA 388 -42.79 39.36 -11.99
N PHE EA 389 -42.72 40.00 -13.16
CA PHE EA 389 -41.97 39.47 -14.30
C PHE EA 389 -40.53 39.94 -14.15
N GLN EA 390 -39.67 39.03 -13.69
CA GLN EA 390 -38.27 39.38 -13.44
C GLN EA 390 -37.52 39.75 -14.69
N ASP EA 391 -37.85 39.14 -15.83
CA ASP EA 391 -37.16 39.41 -17.09
C ASP EA 391 -38.17 39.84 -18.15
N GLY EA 392 -37.79 40.83 -18.95
CA GLY EA 392 -38.69 41.33 -19.97
C GLY EA 392 -38.83 40.36 -21.13
N PHE EA 393 -39.96 40.47 -21.83
CA PHE EA 393 -40.26 39.61 -22.96
C PHE EA 393 -41.32 40.28 -23.84
N GLN EA 394 -41.69 39.59 -24.90
CA GLN EA 394 -42.68 40.08 -25.87
C GLN EA 394 -43.81 39.06 -25.98
N LEU EA 395 -45.04 39.50 -25.72
CA LEU EA 395 -46.20 38.65 -25.94
C LEU EA 395 -46.40 38.44 -27.43
N GLU EA 396 -46.68 37.19 -27.82
CA GLU EA 396 -46.85 36.84 -29.21
C GLU EA 396 -47.71 35.59 -29.31
N THR EA 397 -48.60 35.58 -30.30
CA THR EA 397 -49.62 34.56 -30.43
C THR EA 397 -49.02 33.23 -30.90
N LEU EA 398 -49.77 32.15 -30.68
CA LEU EA 398 -49.27 30.79 -31.07
C LEU EA 398 -49.19 30.72 -32.59
N GLU EA 399 -50.19 31.26 -33.29
CA GLU EA 399 -50.14 31.29 -34.78
C GLU EA 399 -48.94 32.13 -35.20
N GLU EA 400 -48.73 33.28 -34.57
CA GLU EA 400 -47.55 34.13 -34.89
C GLU EA 400 -46.28 33.30 -34.67
N ALA EA 401 -46.21 32.60 -33.54
CA ALA EA 401 -45.01 31.79 -33.22
C ALA EA 401 -44.76 30.77 -34.34
N ARG EA 402 -45.79 30.04 -34.75
CA ARG EA 402 -45.59 28.97 -35.77
C ARG EA 402 -45.18 29.60 -37.10
N ALA EA 403 -45.76 30.77 -37.43
CA ALA EA 403 -45.39 31.48 -38.68
C ALA EA 403 -43.91 31.84 -38.63
N LYS EA 404 -43.45 32.36 -37.49
CA LYS EA 404 -42.01 32.72 -37.34
C LYS EA 404 -41.17 31.44 -37.47
N ALA EA 405 -41.50 30.41 -36.70
CA ALA EA 405 -40.71 29.19 -36.73
C ALA EA 405 -40.53 28.68 -38.16
N ALA EA 406 -41.61 28.70 -38.95
CA ALA EA 406 -41.52 28.29 -40.35
C ALA EA 406 -40.62 29.23 -41.14
N ALA EA 407 -40.72 30.53 -40.88
CA ALA EA 407 -39.86 31.49 -41.57
C ALA EA 407 -38.39 31.24 -41.26
N ARG EA 408 -38.07 30.97 -39.99
CA ARG EA 408 -36.69 30.66 -39.64
C ARG EA 408 -36.25 29.35 -40.29
N LYS EA 409 -37.11 28.33 -40.28
CA LYS EA 409 -36.78 27.04 -40.87
C LYS EA 409 -36.59 27.16 -42.38
N LYS EA 410 -37.17 28.17 -43.01
CA LYS EA 410 -37.01 28.36 -44.44
C LYS EA 410 -35.56 28.63 -44.83
N GLN EA 411 -34.75 29.15 -43.91
CA GLN EA 411 -33.38 29.58 -44.18
C GLN EA 411 -33.34 30.53 -45.38
N ASN EA 412 -34.08 31.64 -45.23
CA ASN EA 412 -34.22 32.63 -46.28
C ASN EA 412 -32.94 33.47 -46.35
N GLN EA 413 -31.91 32.85 -46.93
CA GLN EA 413 -30.61 33.51 -47.07
C GLN EA 413 -30.61 34.44 -48.29
N LYS FA 194 -60.04 25.58 -39.66
CA LYS FA 194 -59.91 25.47 -38.21
C LYS FA 194 -60.21 24.05 -37.75
N PRO FA 195 -59.61 23.63 -36.63
CA PRO FA 195 -59.81 22.27 -36.15
C PRO FA 195 -60.98 22.16 -35.17
N ARG FA 196 -61.56 20.95 -35.14
CA ARG FA 196 -62.69 20.69 -34.26
C ARG FA 196 -62.24 20.65 -32.80
N PHE FA 197 -60.95 20.43 -32.56
CA PHE FA 197 -60.45 20.38 -31.19
C PHE FA 197 -59.72 21.68 -30.86
N PRO FA 198 -60.26 22.51 -29.96
CA PRO FA 198 -59.56 23.74 -29.58
C PRO FA 198 -58.26 23.42 -28.85
N TRP FA 199 -57.30 24.33 -29.01
CA TRP FA 199 -56.00 24.15 -28.36
C TRP FA 199 -56.16 24.18 -26.85
N ILE FA 200 -55.50 23.25 -26.17
CA ILE FA 200 -55.51 23.19 -24.72
C ILE FA 200 -54.30 23.96 -24.21
N SER FA 201 -54.54 24.98 -23.40
CA SER FA 201 -53.47 25.80 -22.87
C SER FA 201 -53.04 25.29 -21.49
N SER FA 202 -51.80 25.63 -21.12
CA SER FA 202 -51.27 25.22 -19.84
C SER FA 202 -52.07 25.84 -18.70
N GLY FA 203 -52.18 25.09 -17.60
CA GLY FA 203 -52.91 25.55 -16.44
C GLY FA 203 -54.41 25.31 -16.49
N SER FA 204 -54.93 24.78 -17.58
CA SER FA 204 -56.35 24.44 -17.64
C SER FA 204 -56.65 23.30 -16.68
N PHE FA 205 -57.78 23.42 -15.97
CA PHE FA 205 -58.12 22.46 -14.93
C PHE FA 205 -59.54 21.95 -15.15
N VAL FA 206 -59.81 20.76 -14.62
CA VAL FA 206 -61.13 20.15 -14.69
C VAL FA 206 -61.28 19.19 -13.52
N GLU FA 207 -62.47 19.16 -12.94
CA GLU FA 207 -62.74 18.29 -11.80
C GLU FA 207 -63.19 16.92 -12.28
N ALA FA 208 -62.97 15.92 -11.42
CA ALA FA 208 -63.22 14.54 -11.81
C ALA FA 208 -63.47 13.69 -10.57
N ILE FA 209 -63.82 12.43 -10.81
CA ILE FA 209 -64.05 11.44 -9.76
C ILE FA 209 -63.07 10.30 -9.97
N VAL FA 210 -62.37 9.91 -8.90
CA VAL FA 210 -61.44 8.79 -8.96
C VAL FA 210 -62.25 7.51 -9.09
N VAL FA 211 -61.91 6.67 -10.07
CA VAL FA 211 -62.64 5.42 -10.26
C VAL FA 211 -62.10 4.34 -9.34
N GLU FA 212 -60.83 3.98 -9.49
CA GLU FA 212 -60.18 3.00 -8.63
C GLU FA 212 -58.92 3.63 -8.06
N GLY FA 213 -58.64 3.32 -6.79
CA GLY FA 213 -57.51 3.92 -6.11
C GLY FA 213 -56.35 2.94 -5.95
N ALA FA 214 -55.21 3.49 -5.55
CA ALA FA 214 -54.00 2.71 -5.33
C ALA FA 214 -53.40 3.10 -3.98
N ASP FA 215 -52.59 2.20 -3.44
CA ASP FA 215 -51.87 2.45 -2.19
C ASP FA 215 -50.50 3.00 -2.54
N ALA FA 216 -50.23 4.22 -2.10
CA ALA FA 216 -48.99 4.91 -2.45
C ALA FA 216 -47.84 4.36 -1.61
N ASN FA 217 -46.73 4.02 -2.27
CA ASN FA 217 -45.54 3.58 -1.57
C ASN FA 217 -44.80 4.79 -1.04
N ALA FA 218 -45.23 5.29 0.13
CA ALA FA 218 -44.68 6.51 0.71
C ALA FA 218 -43.38 6.19 1.43
N SER FA 219 -42.35 5.88 0.65
CA SER FA 219 -41.02 5.63 1.18
C SER FA 219 -40.02 6.62 0.59
N VAL FA 220 -38.74 6.44 0.91
CA VAL FA 220 -37.71 7.32 0.34
C VAL FA 220 -37.53 7.07 -1.15
N THR FA 221 -37.94 5.91 -1.65
CA THR FA 221 -37.85 5.58 -3.07
C THR FA 221 -39.24 5.50 -3.70
N GLY FA 222 -40.14 6.39 -3.29
CA GLY FA 222 -41.51 6.33 -3.78
C GLY FA 222 -41.62 6.57 -5.27
N ASP FA 223 -40.87 7.56 -5.77
CA ASP FA 223 -41.05 8.01 -7.15
C ASP FA 223 -40.64 6.97 -8.19
N LYS FA 224 -39.95 5.90 -7.79
CA LYS FA 224 -39.55 4.86 -8.72
C LYS FA 224 -40.52 3.69 -8.76
N ASN FA 225 -40.77 3.05 -7.63
CA ASN FA 225 -41.70 1.93 -7.52
C ASN FA 225 -43.10 2.42 -7.16
N THR FA 226 -43.83 2.88 -8.18
CA THR FA 226 -45.13 3.52 -8.02
C THR FA 226 -46.25 2.55 -8.38
N ALA FA 227 -47.47 2.95 -8.02
CA ALA FA 227 -48.66 2.16 -8.27
C ALA FA 227 -49.65 2.95 -9.10
N PRO FA 228 -50.08 2.44 -10.25
CA PRO FA 228 -50.99 3.21 -11.11
C PRO FA 228 -52.39 3.31 -10.54
N MET FA 229 -53.10 4.36 -10.97
CA MET FA 229 -54.50 4.53 -10.64
C MET FA 229 -55.18 5.24 -11.81
N GLN FA 230 -56.52 5.19 -11.82
CA GLN FA 230 -57.31 5.66 -12.94
C GLN FA 230 -58.56 6.37 -12.43
N LEU FA 231 -58.95 7.44 -13.12
CA LEU FA 231 -60.10 8.25 -12.75
C LEU FA 231 -60.88 8.67 -14.00
N ARG FA 232 -62.15 9.00 -13.79
CA ARG FA 232 -63.05 9.39 -14.88
C ARG FA 232 -63.46 10.85 -14.74
N LEU FA 233 -63.64 11.51 -15.88
CA LEU FA 233 -64.07 12.90 -15.90
C LEU FA 233 -65.57 13.00 -15.65
N THR FA 234 -65.96 14.08 -14.97
CA THR FA 234 -67.37 14.33 -14.68
C THR FA 234 -67.77 15.80 -14.84
N GLY FA 235 -66.90 16.63 -15.42
CA GLY FA 235 -67.20 18.04 -15.59
C GLY FA 235 -66.80 18.61 -16.94
N LYS FA 236 -66.67 19.93 -17.03
CA LYS FA 236 -66.24 20.56 -18.28
C LYS FA 236 -64.93 21.27 -18.06
N VAL FA 237 -63.97 21.07 -18.95
CA VAL FA 237 -62.65 21.64 -18.73
C VAL FA 237 -62.76 23.15 -18.69
N GLN FA 238 -62.06 23.75 -17.76
CA GLN FA 238 -62.10 25.19 -17.66
C GLN FA 238 -60.87 25.75 -18.31
N MET FA 239 -61.05 26.46 -19.40
CA MET FA 239 -59.92 27.09 -20.07
C MET FA 239 -59.64 28.37 -19.32
N PRO FA 240 -58.47 28.98 -19.54
CA PRO FA 240 -58.16 30.15 -18.73
C PRO FA 240 -59.07 31.34 -18.79
N ASN FA 241 -59.43 31.83 -19.96
CA ASN FA 241 -60.26 33.02 -19.96
C ASN FA 241 -61.71 32.69 -19.99
N ASP FA 242 -62.19 32.00 -18.97
CA ASP FA 242 -63.61 31.67 -18.88
C ASP FA 242 -64.13 30.97 -20.11
N GLU FA 243 -63.36 30.02 -20.62
CA GLU FA 243 -63.77 29.29 -21.80
C GLU FA 243 -63.90 27.83 -21.45
N GLU FA 244 -64.79 27.12 -22.11
CA GLU FA 244 -65.02 25.74 -21.78
C GLU FA 244 -65.09 24.83 -22.99
N PHE FA 245 -64.64 23.59 -22.85
CA PHE FA 245 -64.75 22.62 -23.93
C PHE FA 245 -65.33 21.42 -23.24
N ASP FA 246 -66.00 20.54 -23.96
CA ASP FA 246 -66.64 19.44 -23.28
C ASP FA 246 -66.00 18.09 -23.42
N LEU FA 247 -65.41 17.60 -22.34
CA LEU FA 247 -64.88 16.26 -22.34
C LEU FA 247 -65.53 15.71 -21.11
N THR FA 248 -66.29 14.64 -21.23
CA THR FA 248 -66.89 14.04 -20.06
C THR FA 248 -66.82 12.55 -20.27
N GLY FA 249 -66.86 11.79 -19.19
CA GLY FA 249 -66.74 10.35 -19.29
C GLY FA 249 -65.42 9.84 -19.82
N CYS FA 250 -64.50 10.73 -20.19
CA CYS FA 250 -63.19 10.30 -20.65
C CYS FA 250 -62.37 9.77 -19.49
N PHE FA 251 -61.50 8.80 -19.77
CA PHE FA 251 -60.65 8.19 -18.75
C PHE FA 251 -59.26 8.79 -18.80
N VAL FA 252 -58.62 8.87 -17.63
CA VAL FA 252 -57.23 9.29 -17.50
C VAL FA 252 -56.48 8.23 -16.72
N THR FA 253 -55.37 7.77 -17.26
CA THR FA 253 -54.48 6.85 -16.56
C THR FA 253 -53.42 7.64 -15.82
N LEU FA 254 -53.21 7.27 -14.56
CA LEU FA 254 -52.26 7.98 -13.70
C LEU FA 254 -51.19 7.02 -13.19
N GLU FA 255 -50.21 7.60 -12.50
CA GLU FA 255 -49.07 6.86 -11.98
C GLU FA 255 -48.52 7.66 -10.81
N ALA FA 256 -48.77 7.20 -9.59
CA ALA FA 256 -48.61 8.03 -8.41
C ALA FA 256 -47.76 7.34 -7.35
N TRP FA 257 -47.14 8.16 -6.51
CA TRP FA 257 -46.40 7.69 -5.34
C TRP FA 257 -46.87 8.44 -4.10
N GLY FA 258 -46.16 8.28 -2.99
CA GLY FA 258 -46.56 8.86 -1.72
C GLY FA 258 -45.57 9.88 -1.21
N ASP FA 259 -46.04 10.69 -0.26
CA ASP FA 259 -45.20 11.68 0.43
C ASP FA 259 -45.65 11.71 1.88
N VAL FA 260 -44.86 11.10 2.76
CA VAL FA 260 -45.28 10.92 4.13
C VAL FA 260 -45.32 12.24 4.91
N SER FA 261 -44.43 13.19 4.57
CA SER FA 261 -44.36 14.42 5.35
C SER FA 261 -45.67 15.21 5.28
N SER FA 262 -46.24 15.33 4.08
CA SER FA 262 -47.53 15.99 3.91
C SER FA 262 -48.69 15.00 3.87
N GLU FA 263 -48.42 13.71 4.04
CA GLU FA 263 -49.40 12.63 3.90
C GLU FA 263 -50.38 12.88 2.74
N ARG FA 264 -49.83 13.32 1.61
CA ARG FA 264 -50.58 13.47 0.38
C ARG FA 264 -49.90 12.64 -0.71
N ALA FA 265 -50.73 12.04 -1.56
CA ALA FA 265 -50.25 11.17 -2.63
C ALA FA 265 -50.02 12.00 -3.89
N ILE FA 266 -48.77 12.22 -4.23
CA ILE FA 266 -48.40 12.98 -5.43
C ILE FA 266 -48.66 12.09 -6.64
N VAL FA 267 -49.36 12.62 -7.62
CA VAL FA 267 -49.72 11.88 -8.82
C VAL FA 267 -48.94 12.44 -10.00
N ARG FA 268 -49.01 11.72 -11.12
CA ARG FA 268 -48.44 12.16 -12.38
C ARG FA 268 -49.24 11.54 -13.53
N SER FA 269 -49.94 12.38 -14.27
CA SER FA 269 -50.81 11.90 -15.34
C SER FA 269 -49.99 11.20 -16.42
N ARG FA 270 -50.52 10.08 -16.91
CA ARG FA 270 -49.83 9.28 -17.92
C ARG FA 270 -50.42 9.47 -19.31
N SER FA 271 -51.72 9.28 -19.46
CA SER FA 271 -52.35 9.37 -20.77
C SER FA 271 -53.79 9.83 -20.63
N ILE FA 272 -54.30 10.42 -21.70
CA ILE FA 272 -55.70 10.84 -21.80
C ILE FA 272 -56.40 9.90 -22.78
N SER FA 273 -57.59 9.42 -22.39
CA SER FA 273 -58.35 8.51 -23.22
C SER FA 273 -59.81 8.95 -23.25
N CYS FA 274 -60.38 9.01 -24.45
CA CYS FA 274 -61.76 9.40 -24.65
C CYS FA 274 -62.22 8.93 -26.02
N LYS FA 275 -63.50 8.57 -26.12
CA LYS FA 275 -64.06 7.99 -27.34
C LYS FA 275 -65.34 8.75 -27.68
N LEU FA 276 -65.18 9.86 -28.39
CA LEU FA 276 -66.30 10.72 -28.77
C LEU FA 276 -66.93 10.20 -30.05
N GLY FA 277 -68.22 9.91 -30.00
CA GLY FA 277 -68.96 9.47 -31.18
C GLY FA 277 -68.36 8.24 -31.82
N ASP FA 278 -67.76 8.43 -33.01
CA ASP FA 278 -67.12 7.35 -33.74
C ASP FA 278 -65.60 7.47 -33.76
N ASP FA 279 -65.04 8.58 -33.29
CA ASP FA 279 -63.61 8.85 -33.34
C ASP FA 279 -63.00 8.62 -31.97
N ASP FA 280 -61.69 8.33 -31.95
CA ASP FA 280 -61.01 7.89 -30.75
C ASP FA 280 -59.89 8.85 -30.37
N ILE FA 281 -59.74 9.11 -29.08
CA ILE FA 281 -58.69 9.97 -28.55
C ILE FA 281 -57.81 9.16 -27.61
N ASP FA 282 -56.50 9.22 -27.83
CA ASP FA 282 -55.54 8.57 -26.95
C ASP FA 282 -54.21 9.31 -27.12
N GLN FA 283 -53.81 10.05 -26.10
CA GLN FA 283 -52.63 10.90 -26.17
C GLN FA 283 -51.85 10.84 -24.87
N LYS FA 284 -50.58 11.23 -24.94
CA LYS FA 284 -49.75 11.35 -23.75
C LYS FA 284 -49.77 12.81 -23.28
N ILE FA 285 -50.11 13.02 -22.02
CA ILE FA 285 -50.22 14.35 -21.45
C ILE FA 285 -49.46 14.40 -20.13
N ALA FA 286 -49.23 15.62 -19.65
CA ALA FA 286 -48.56 15.87 -18.37
C ALA FA 286 -49.48 16.71 -17.50
N GLY FA 287 -49.63 16.29 -16.25
CA GLY FA 287 -50.49 17.02 -15.33
C GLY FA 287 -50.47 16.39 -13.96
N HIS FA 288 -51.23 16.99 -13.05
CA HIS FA 288 -51.33 16.53 -11.68
C HIS FA 288 -52.78 16.66 -11.22
N VAL FA 289 -53.03 16.27 -9.97
CA VAL FA 289 -54.37 16.25 -9.39
C VAL FA 289 -54.32 17.00 -8.07
N SER FA 290 -55.29 17.90 -7.87
CA SER FA 290 -55.42 18.67 -6.64
C SER FA 290 -56.72 18.30 -5.93
N PHE FA 291 -56.63 18.07 -4.63
CA PHE FA 291 -57.78 17.69 -3.81
C PHE FA 291 -58.02 18.77 -2.76
N MET FA 292 -59.28 19.20 -2.65
CA MET FA 292 -59.69 20.21 -1.68
C MET FA 292 -58.84 21.47 -1.82
N GLY FA 293 -58.61 21.89 -3.06
CA GLY FA 293 -57.88 23.11 -3.34
C GLY FA 293 -56.40 23.06 -3.08
N LYS FA 294 -55.83 21.88 -2.85
CA LYS FA 294 -54.42 21.75 -2.53
C LYS FA 294 -53.81 20.61 -3.34
N ASN FA 295 -52.51 20.71 -3.59
CA ASN FA 295 -51.83 19.74 -4.43
C ASN FA 295 -51.86 18.36 -3.78
N GLY FA 296 -51.94 17.33 -4.62
CA GLY FA 296 -52.01 15.96 -4.13
C GLY FA 296 -53.39 15.63 -3.61
N ILE FA 297 -53.50 14.43 -3.06
CA ILE FA 297 -54.74 13.94 -2.46
C ILE FA 297 -54.49 13.66 -0.99
N LYS FA 298 -55.28 14.28 -0.13
CA LYS FA 298 -55.11 14.10 1.32
C LYS FA 298 -55.50 12.70 1.74
N GLY FA 299 -54.74 12.14 2.68
CA GLY FA 299 -55.02 10.82 3.22
C GLY FA 299 -54.20 10.60 4.46
N GLU FA 300 -54.45 9.46 5.10
CA GLU FA 300 -53.73 9.11 6.32
C GLU FA 300 -52.68 8.04 6.03
N VAL FA 301 -51.86 7.77 7.04
CA VAL FA 301 -50.76 6.81 6.93
C VAL FA 301 -51.13 5.58 7.74
N VAL FA 302 -50.77 4.40 7.23
CA VAL FA 302 -51.02 3.14 7.91
C VAL FA 302 -49.72 2.35 7.96
N MET FA 303 -49.44 1.72 9.10
CA MET FA 303 -48.25 0.91 9.30
C MET FA 303 -48.65 -0.40 9.96
N ARG FA 304 -47.88 -1.46 9.71
CA ARG FA 304 -48.20 -2.79 10.21
C ARG FA 304 -47.18 -3.29 11.22
N ASN FA 305 -46.42 -2.39 11.84
CA ASN FA 305 -45.32 -2.75 12.72
C ASN FA 305 -45.79 -3.12 14.13
N GLY FA 306 -47.06 -2.93 14.44
CA GLY FA 306 -47.57 -3.06 15.80
C GLY FA 306 -47.15 -4.32 16.54
N GLN FA 307 -47.62 -5.47 16.07
CA GLN FA 307 -47.32 -6.72 16.76
C GLN FA 307 -45.82 -7.02 16.75
N ILE FA 308 -45.15 -6.78 15.62
CA ILE FA 308 -43.73 -7.10 15.52
C ILE FA 308 -42.92 -6.24 16.48
N LEU FA 309 -43.23 -4.94 16.52
CA LEU FA 309 -42.54 -4.05 17.46
C LEU FA 309 -42.84 -4.45 18.90
N LEU FA 310 -44.08 -4.86 19.19
CA LEU FA 310 -44.41 -5.31 20.53
C LEU FA 310 -43.58 -6.52 20.93
N TYR FA 311 -43.43 -7.49 20.01
CA TYR FA 311 -42.62 -8.65 20.29
C TYR FA 311 -41.15 -8.28 20.51
N ALA FA 312 -40.63 -7.39 19.67
CA ALA FA 312 -39.23 -6.96 19.84
C ALA FA 312 -39.03 -6.26 21.19
N GLY FA 313 -39.97 -5.40 21.57
CA GLY FA 313 -39.88 -4.74 22.85
C GLY FA 313 -39.96 -5.70 24.01
N GLY FA 314 -40.83 -6.71 23.91
CA GLY FA 314 -40.90 -7.72 24.96
C GLY FA 314 -39.61 -8.51 25.07
N ALA FA 315 -39.01 -8.89 23.93
CA ALA FA 315 -37.74 -9.60 23.97
C ALA FA 315 -36.66 -8.76 24.62
N GLY FA 316 -36.55 -7.50 24.23
CA GLY FA 316 -35.55 -6.64 24.85
C GLY FA 316 -35.82 -6.37 26.32
N PHE FA 317 -37.10 -6.35 26.71
CA PHE FA 317 -37.44 -6.23 28.13
C PHE FA 317 -36.97 -7.45 28.89
N LEU FA 318 -37.11 -8.64 28.29
CA LEU FA 318 -36.53 -9.84 28.88
C LEU FA 318 -35.01 -9.71 29.00
N ASP FA 319 -34.37 -9.12 27.98
CA ASP FA 319 -32.94 -8.85 28.09
C ASP FA 319 -32.63 -7.95 29.27
N GLY FA 320 -33.41 -6.89 29.45
CA GLY FA 320 -33.15 -5.95 30.53
C GLY FA 320 -33.29 -6.60 31.89
N ILE FA 321 -34.37 -7.35 32.10
CA ILE FA 321 -34.56 -8.01 33.39
C ILE FA 321 -33.48 -9.07 33.61
N GLY FA 322 -33.10 -9.79 32.56
CA GLY FA 322 -32.03 -10.77 32.71
C GLY FA 322 -30.71 -10.14 33.09
N LYS FA 323 -30.36 -9.02 32.45
CA LYS FA 323 -29.11 -8.35 32.78
C LYS FA 323 -29.16 -7.75 34.17
N GLY FA 324 -30.35 -7.29 34.59
CA GLY FA 324 -30.50 -6.84 35.97
C GLY FA 324 -30.26 -7.94 36.98
N ILE FA 325 -30.82 -9.12 36.73
CA ILE FA 325 -30.54 -10.27 37.58
C ILE FA 325 -29.10 -10.74 37.39
N GLU FA 326 -28.55 -10.52 36.18
CA GLU FA 326 -27.18 -10.95 35.91
C GLU FA 326 -26.16 -10.07 36.61
N LYS FA 327 -26.62 -9.06 37.35
CA LYS FA 327 -25.71 -8.13 38.01
C LYS FA 327 -25.41 -8.53 39.45
N ALA FA 328 -26.45 -8.83 40.23
CA ALA FA 328 -26.27 -9.07 41.66
C ALA FA 328 -25.37 -10.27 41.93
N SER FA 329 -24.16 -10.01 42.41
CA SER FA 329 -23.15 -11.05 42.55
C SER FA 329 -22.32 -10.76 43.80
N SER FA 330 -21.19 -11.43 43.92
CA SER FA 330 -20.28 -11.26 45.05
C SER FA 330 -19.39 -10.03 44.83
N THR FA 331 -18.35 -9.92 45.66
CA THR FA 331 -17.41 -8.82 45.52
C THR FA 331 -16.42 -9.07 44.37
N VAL FA 355 -32.61 -13.85 31.23
CA VAL FA 355 -32.25 -14.23 29.87
C VAL FA 355 -31.75 -13.01 29.11
N SER FA 356 -30.67 -13.19 28.36
CA SER FA 356 -30.15 -12.16 27.48
C SER FA 356 -29.90 -12.62 26.05
N SER FA 357 -29.46 -13.86 25.85
CA SER FA 357 -29.08 -14.31 24.51
C SER FA 357 -30.29 -14.47 23.60
N ALA FA 358 -31.33 -15.17 24.07
CA ALA FA 358 -32.56 -15.25 23.31
C ALA FA 358 -33.06 -13.85 22.97
N ALA FA 359 -32.99 -12.95 23.93
CA ALA FA 359 -33.48 -11.60 23.71
C ALA FA 359 -32.71 -10.91 22.60
N LYS FA 360 -31.38 -10.97 22.65
CA LYS FA 360 -30.58 -10.28 21.63
C LYS FA 360 -30.82 -10.88 20.24
N THR FA 361 -30.81 -12.21 20.12
CA THR FA 361 -30.99 -12.81 18.80
C THR FA 361 -32.37 -12.54 18.24
N LEU FA 362 -33.43 -12.80 19.02
CA LEU FA 362 -34.77 -12.56 18.52
C LEU FA 362 -35.03 -11.07 18.29
N SER FA 363 -34.44 -10.19 19.10
CA SER FA 363 -34.61 -8.76 18.86
C SER FA 363 -33.96 -8.33 17.55
N ASP FA 364 -32.75 -8.83 17.28
CA ASP FA 364 -32.09 -8.51 16.01
C ASP FA 364 -32.91 -9.03 14.84
N TYR FA 365 -33.40 -10.27 14.94
CA TYR FA 365 -34.20 -10.83 13.86
C TYR FA 365 -35.49 -10.04 13.66
N TYR FA 366 -36.15 -9.65 14.75
CA TYR FA 366 -37.39 -8.90 14.65
C TYR FA 366 -37.16 -7.52 14.06
N ILE FA 367 -36.06 -6.86 14.42
CA ILE FA 367 -35.74 -5.57 13.82
C ILE FA 367 -35.50 -5.72 12.33
N LYS FA 368 -34.71 -6.73 11.93
CA LYS FA 368 -34.44 -6.93 10.52
C LYS FA 368 -35.71 -7.25 9.74
N ARG FA 369 -36.63 -7.99 10.37
CA ARG FA 369 -37.87 -8.37 9.69
C ARG FA 369 -38.85 -7.20 9.61
N ALA FA 370 -38.92 -6.39 10.67
CA ALA FA 370 -39.85 -5.26 10.69
C ALA FA 370 -39.35 -4.09 9.86
N GLU FA 371 -38.04 -4.04 9.59
CA GLU FA 371 -37.51 -2.97 8.74
C GLU FA 371 -38.08 -3.03 7.33
N GLN FA 372 -38.63 -4.17 6.92
CA GLN FA 372 -39.15 -4.31 5.57
C GLN FA 372 -40.32 -3.37 5.32
N TYR FA 373 -41.14 -3.13 6.34
CA TYR FA 373 -42.37 -2.37 6.16
C TYR FA 373 -42.07 -0.90 5.89
N HIS FA 374 -42.98 -0.25 5.16
CA HIS FA 374 -42.87 1.16 4.84
C HIS FA 374 -44.26 1.79 4.87
N PRO FA 375 -44.35 3.11 5.06
CA PRO FA 375 -45.67 3.76 5.12
C PRO FA 375 -46.46 3.55 3.84
N VAL FA 376 -47.78 3.44 4.00
CA VAL FA 376 -48.70 3.22 2.88
C VAL FA 376 -49.84 4.21 3.00
N ILE FA 377 -50.21 4.82 1.89
CA ILE FA 377 -51.26 5.83 1.84
C ILE FA 377 -52.48 5.21 1.15
N PRO FA 378 -53.56 4.90 1.88
CA PRO FA 378 -54.75 4.35 1.23
C PRO FA 378 -55.65 5.43 0.63
N ILE FA 379 -55.70 5.48 -0.71
CA ILE FA 379 -56.50 6.46 -1.44
C ILE FA 379 -57.31 5.73 -2.51
N GLY FA 380 -58.59 6.08 -2.67
CA GLY FA 380 -59.35 5.47 -3.78
C GLY FA 380 -60.85 5.62 -3.64
N ALA FA 381 -61.59 4.50 -3.68
CA ALA FA 381 -63.07 4.52 -3.60
C ALA FA 381 -63.65 5.51 -4.61
N GLY FA 382 -64.48 6.47 -4.16
CA GLY FA 382 -65.12 7.43 -5.07
C GLY FA 382 -65.02 8.85 -4.55
N ASN FA 383 -63.82 9.27 -4.12
CA ASN FA 383 -63.61 10.64 -3.66
C ASN FA 383 -63.63 11.61 -4.83
N GLU FA 384 -63.77 12.90 -4.50
CA GLU FA 384 -63.80 13.98 -5.47
C GLU FA 384 -62.43 14.64 -5.55
N VAL FA 385 -61.91 14.78 -6.75
CA VAL FA 385 -60.60 15.38 -7.00
C VAL FA 385 -60.71 16.28 -8.22
N THR FA 386 -59.65 17.05 -8.48
CA THR FA 386 -59.60 17.96 -9.61
C THR FA 386 -58.30 17.74 -10.37
N LEU FA 387 -58.39 17.68 -11.70
CA LEU FA 387 -57.24 17.44 -12.55
C LEU FA 387 -56.82 18.74 -13.22
N VAL FA 388 -55.50 18.94 -13.34
CA VAL FA 388 -54.94 20.13 -13.96
C VAL FA 388 -53.96 19.68 -15.04
N PHE FA 389 -54.10 20.24 -16.23
CA PHE FA 389 -53.15 20.00 -17.33
C PHE FA 389 -51.99 20.98 -17.17
N GLN FA 390 -50.88 20.49 -16.64
CA GLN FA 390 -49.73 21.35 -16.37
C GLN FA 390 -49.11 21.94 -17.64
N ASP FA 391 -49.15 21.21 -18.74
CA ASP FA 391 -48.56 21.66 -20.00
C ASP FA 391 -49.61 21.62 -21.10
N GLY FA 392 -49.61 22.65 -21.94
CA GLY FA 392 -50.59 22.73 -23.01
C GLY FA 392 -50.31 21.73 -24.12
N PHE FA 393 -51.36 21.39 -24.85
CA PHE FA 393 -51.26 20.43 -25.94
C PHE FA 393 -52.46 20.61 -26.87
N GLN FA 394 -52.50 19.79 -27.91
CA GLN FA 394 -53.56 19.83 -28.91
C GLN FA 394 -54.21 18.45 -29.00
N LEU FA 395 -55.53 18.41 -28.80
CA LEU FA 395 -56.27 17.16 -29.00
C LEU FA 395 -56.32 16.83 -30.48
N GLU FA 396 -56.09 15.56 -30.80
CA GLU FA 396 -56.06 15.10 -32.19
C GLU FA 396 -56.37 13.62 -32.24
N THR FA 397 -57.15 13.24 -33.24
CA THR FA 397 -57.71 11.89 -33.34
C THR FA 397 -56.63 10.88 -33.73
N LEU FA 398 -56.91 9.61 -33.47
CA LEU FA 398 -55.93 8.53 -33.77
C LEU FA 398 -55.76 8.43 -35.28
N GLU FA 399 -56.87 8.52 -36.03
CA GLU FA 399 -56.77 8.50 -37.52
C GLU FA 399 -55.96 9.72 -37.96
N GLU FA 400 -56.23 10.89 -37.39
CA GLU FA 400 -55.45 12.10 -37.72
C GLU FA 400 -53.97 11.84 -37.43
N ALA FA 401 -53.68 11.25 -36.27
CA ALA FA 401 -52.28 10.97 -35.87
C ALA FA 401 -51.61 10.08 -36.93
N ARG FA 402 -52.28 9.00 -37.32
CA ARG FA 402 -51.64 8.04 -38.27
C ARG FA 402 -51.45 8.73 -39.63
N ALA FA 403 -52.41 9.57 -40.03
CA ALA FA 403 -52.29 10.31 -41.31
C ALA FA 403 -51.05 11.22 -41.25
N LYS FA 404 -50.87 11.92 -40.14
CA LYS FA 404 -49.69 12.81 -39.96
C LYS FA 404 -48.42 11.94 -40.01
N ALA FA 405 -48.37 10.89 -39.19
CA ALA FA 405 -47.17 10.06 -39.14
C ALA FA 405 -46.77 9.60 -40.54
N ALA FA 406 -47.73 9.17 -41.35
CA ALA FA 406 -47.44 8.77 -42.72
C ALA FA 406 -46.92 9.94 -43.54
N ALA FA 407 -47.52 11.13 -43.36
CA ALA FA 407 -47.06 12.32 -44.08
C ALA FA 407 -45.62 12.65 -43.72
N ARG FA 408 -45.27 12.57 -42.44
CA ARG FA 408 -43.89 12.82 -42.04
C ARG FA 408 -42.97 11.75 -42.61
N LYS FA 409 -43.38 10.49 -42.56
CA LYS FA 409 -42.56 9.40 -43.08
C LYS FA 409 -42.36 9.51 -44.58
N LYS FA 410 -43.27 10.20 -45.27
CA LYS FA 410 -43.13 10.38 -46.72
C LYS FA 410 -41.87 11.17 -47.09
N GLN FA 411 -41.36 12.00 -46.18
CA GLN FA 411 -40.23 12.90 -46.44
C GLN FA 411 -40.52 13.75 -47.68
N ASN FA 412 -41.62 14.48 -47.61
CA ASN FA 412 -42.09 15.32 -48.72
C ASN FA 412 -41.21 16.56 -48.80
N GLN FA 413 -40.00 16.38 -49.32
CA GLN FA 413 -39.05 17.46 -49.47
C GLN FA 413 -39.34 18.27 -50.73
#